data_7WRT
#
_entry.id   7WRT
#
_cell.length_a   72.680
_cell.length_b   88.860
_cell.length_c   117.370
_cell.angle_alpha   72.308
_cell.angle_beta   88.696
_cell.angle_gamma   73.459
#
_symmetry.space_group_name_H-M   'P 1'
#
loop_
_entity.id
_entity.type
_entity.pdbx_description
1 polymer Transketolase
2 non-polymer 'THIAMINE DIPHOSPHATE'
3 non-polymer 'CALCIUM ION'
4 non-polymer ERYTHOSE-4-PHOSPHATE
5 water water
#
_entity_poly.entity_id   1
_entity_poly.type   'polypeptide(L)'
_entity_poly.pdbx_seq_one_letter_code
;MGSSHHHHHHSSGLVPRGSHSMKETRDLETLSVNAIRFLAIDAVEKARSGHPGMPMGMAPLAYLLFREVMRHNPLDPDWP
DRDRFVLSAGHGSMLLYAVLHLTGYDLPLEELKSFRQWGSKTPGHPERGHTPGVEVTTGPLGQGISTAVGLALAERKLAA
EFNRPGHVVVDHYTYVLASDGDLMEGVSGEAASLAGHWGLSKLIVFWDDNRISIDGPTDLAFTEDVLARYRAYGWQTLRV
EDVNDLEALRKAIKLAKLDERPTLIAVRSHIGFGSPKQDSAKAHGEPLGPEAVEATRRNLGWPYPPFVVPEEVYRHMDMR
EKGRAWQEAWEKALEAYARAYPDLHQELMRRLRGELPPLPEEPPSFDKPIATRAASGRALNLLAPRLPELLGGSADLTPS
NNTKAEGMEDFSRANPLGRYLHFGVREHAMGAILNGLNLHGGYRAYGGTFLVFSDYMRPAIRLAALMGVPTVFVFTHDSI
ALGEDGPTHQPVEHLMSLRAMPNLFVIRPADAYETFYAWLVALRRKEGPTALVLTRQAVPLLSPEKARGLLRGGYVLEDV
EEPQGVLVATGSEVHLALRAQALLREKGVRVRVVSLPSFELFAAQPEAYRKEVLPPGLPVVAVEAGASLGWERYAHKVVA
LDRFGASAPYPEVYERLGFTPERVAEAFLSLV
;
_entity_poly.pdbx_strand_id   A,B,C,D
#
# COMPACT_ATOMS: atom_id res chain seq x y z
N LYS A 23 -41.86 -41.97 59.88
CA LYS A 23 -42.58 -41.08 58.92
C LYS A 23 -42.57 -39.61 59.41
N GLU A 24 -42.32 -39.34 60.70
CA GLU A 24 -42.10 -37.96 61.23
C GLU A 24 -40.67 -37.52 60.89
N THR A 25 -39.71 -38.46 60.84
CA THR A 25 -38.33 -38.29 60.29
C THR A 25 -38.41 -38.10 58.76
N ARG A 26 -39.16 -38.98 58.08
CA ARG A 26 -39.38 -38.96 56.60
C ARG A 26 -40.14 -37.69 56.19
N ASP A 27 -41.20 -37.31 56.93
CA ASP A 27 -42.03 -36.09 56.65
C ASP A 27 -41.17 -34.84 56.85
N LEU A 28 -40.24 -34.84 57.81
CA LEU A 28 -39.34 -33.70 58.11
C LEU A 28 -38.24 -33.59 57.03
N GLU A 29 -37.66 -34.73 56.65
CA GLU A 29 -36.83 -34.92 55.43
C GLU A 29 -37.61 -34.36 54.22
N THR A 30 -38.80 -34.90 53.94
CA THR A 30 -39.67 -34.50 52.80
C THR A 30 -40.00 -33.01 52.92
N LEU A 31 -40.36 -32.55 54.10
CA LEU A 31 -40.78 -31.14 54.30
C LEU A 31 -39.57 -30.26 53.97
N SER A 32 -38.41 -30.69 54.46
CA SER A 32 -37.13 -29.94 54.36
C SER A 32 -36.69 -29.90 52.89
N VAL A 33 -36.65 -31.08 52.23
CA VAL A 33 -36.37 -31.23 50.77
C VAL A 33 -37.30 -30.33 49.98
N ASN A 34 -38.58 -30.29 50.32
CA ASN A 34 -39.55 -29.45 49.56
C ASN A 34 -39.30 -27.98 49.83
N ALA A 35 -38.84 -27.65 51.04
CA ALA A 35 -38.51 -26.25 51.39
C ALA A 35 -37.44 -25.78 50.40
N ILE A 36 -36.44 -26.65 50.15
CA ILE A 36 -35.34 -26.35 49.17
C ILE A 36 -35.98 -26.17 47.81
N ARG A 37 -36.93 -27.04 47.47
CA ARG A 37 -37.52 -27.09 46.12
C ARG A 37 -38.22 -25.75 45.89
N PHE A 38 -39.03 -25.29 46.84
CA PHE A 38 -39.99 -24.17 46.60
C PHE A 38 -39.27 -22.82 46.74
N LEU A 39 -38.27 -22.73 47.62
CA LEU A 39 -37.41 -21.52 47.69
C LEU A 39 -36.78 -21.30 46.31
N ALA A 40 -36.32 -22.37 45.65
CA ALA A 40 -35.73 -22.24 44.30
C ALA A 40 -36.83 -21.86 43.31
N ILE A 41 -37.96 -22.56 43.36
CA ILE A 41 -39.08 -22.33 42.39
C ILE A 41 -39.48 -20.85 42.47
N ASP A 42 -39.76 -20.36 43.68
CA ASP A 42 -40.32 -19.00 43.91
C ASP A 42 -39.28 -17.90 43.68
N ALA A 43 -38.01 -18.15 44.00
CA ALA A 43 -36.94 -17.14 43.82
C ALA A 43 -36.79 -16.94 42.30
N VAL A 44 -36.80 -18.01 41.53
CA VAL A 44 -36.74 -17.94 40.04
C VAL A 44 -37.98 -17.22 39.53
N GLU A 45 -39.15 -17.61 40.05
CA GLU A 45 -40.46 -17.03 39.67
C GLU A 45 -40.44 -15.51 39.92
N LYS A 46 -40.10 -15.08 41.14
CA LYS A 46 -40.07 -13.64 41.48
C LYS A 46 -38.93 -12.93 40.71
N ALA A 47 -37.82 -13.60 40.37
CA ALA A 47 -36.78 -13.04 39.45
C ALA A 47 -37.28 -13.01 37.99
N ARG A 48 -38.18 -13.92 37.61
CA ARG A 48 -38.67 -14.05 36.21
C ARG A 48 -37.45 -14.36 35.34
N SER A 49 -36.57 -15.18 35.91
CA SER A 49 -35.20 -15.43 35.38
C SER A 49 -34.54 -16.46 36.30
N GLY A 50 -33.96 -17.48 35.69
CA GLY A 50 -33.09 -18.44 36.39
C GLY A 50 -33.43 -19.84 35.98
N HIS A 51 -32.91 -20.80 36.76
CA HIS A 51 -32.89 -22.24 36.47
C HIS A 51 -33.60 -23.02 37.58
N PRO A 52 -34.90 -23.37 37.41
CA PRO A 52 -35.63 -24.09 38.46
C PRO A 52 -35.49 -25.61 38.40
N GLY A 53 -35.38 -26.11 37.17
CA GLY A 53 -35.40 -27.54 36.83
C GLY A 53 -34.44 -28.32 37.68
N MET A 54 -33.14 -28.02 37.60
CA MET A 54 -32.14 -28.87 38.32
C MET A 54 -32.27 -28.71 39.85
N PRO A 55 -32.46 -27.50 40.44
CA PRO A 55 -32.64 -27.42 41.90
C PRO A 55 -33.77 -28.35 42.35
N MET A 56 -34.90 -28.36 41.62
CA MET A 56 -36.06 -29.26 41.87
C MET A 56 -35.65 -30.74 41.92
N GLY A 57 -34.86 -31.23 40.96
CA GLY A 57 -34.41 -32.63 40.98
C GLY A 57 -33.32 -32.92 42.01
N MET A 58 -32.43 -31.96 42.27
CA MET A 58 -31.26 -32.25 43.15
C MET A 58 -31.49 -31.79 44.60
N ALA A 59 -32.65 -31.20 44.95
CA ALA A 59 -32.95 -30.75 46.34
C ALA A 59 -32.59 -31.81 47.38
N PRO A 60 -32.91 -33.11 47.15
CA PRO A 60 -32.57 -34.14 48.12
C PRO A 60 -31.08 -34.34 48.44
N LEU A 61 -30.23 -34.15 47.44
CA LEU A 61 -28.76 -34.28 47.61
C LEU A 61 -28.27 -33.03 48.35
N ALA A 62 -28.80 -31.85 48.03
CA ALA A 62 -28.44 -30.63 48.77
C ALA A 62 -28.79 -30.84 50.25
N TYR A 63 -29.99 -31.39 50.54
CA TYR A 63 -30.45 -31.63 51.92
C TYR A 63 -29.44 -32.54 52.60
N LEU A 64 -29.05 -33.61 51.91
CA LEU A 64 -28.30 -34.69 52.58
C LEU A 64 -26.89 -34.19 52.88
N LEU A 65 -26.34 -33.30 52.03
CA LEU A 65 -24.94 -32.87 52.18
C LEU A 65 -24.85 -31.84 53.30
N PHE A 66 -25.75 -30.86 53.29
CA PHE A 66 -25.71 -29.70 54.21
C PHE A 66 -26.27 -30.06 55.58
N ARG A 67 -27.20 -31.03 55.68
CA ARG A 67 -27.81 -31.47 56.96
C ARG A 67 -27.01 -32.61 57.60
N GLU A 68 -26.54 -33.61 56.87
CA GLU A 68 -26.06 -34.88 57.48
C GLU A 68 -24.60 -35.19 57.17
N VAL A 69 -24.14 -35.00 55.92
CA VAL A 69 -22.84 -35.59 55.45
C VAL A 69 -21.69 -34.63 55.73
N MET A 70 -21.87 -33.34 55.49
CA MET A 70 -20.72 -32.40 55.50
C MET A 70 -20.52 -31.82 56.90
N ARG A 71 -19.28 -31.79 57.38
CA ARG A 71 -18.92 -30.92 58.53
C ARG A 71 -18.70 -29.52 57.96
N HIS A 72 -19.47 -28.56 58.42
CA HIS A 72 -19.22 -27.16 57.98
C HIS A 72 -19.80 -26.29 59.06
N ASN A 73 -19.57 -24.99 58.98
CA ASN A 73 -19.99 -24.05 60.04
C ASN A 73 -20.57 -22.80 59.40
N PRO A 74 -21.92 -22.61 59.47
CA PRO A 74 -22.57 -21.44 58.87
C PRO A 74 -22.15 -20.12 59.53
N LEU A 75 -21.56 -20.19 60.74
CA LEU A 75 -21.08 -18.99 61.49
C LEU A 75 -19.71 -18.62 60.92
N ASP A 76 -18.93 -19.60 60.44
CA ASP A 76 -17.59 -19.30 59.85
C ASP A 76 -17.38 -20.10 58.57
N PRO A 77 -17.85 -19.59 57.39
CA PRO A 77 -17.62 -20.27 56.11
C PRO A 77 -16.14 -20.57 55.82
N ASP A 78 -15.19 -19.87 56.48
CA ASP A 78 -13.73 -19.96 56.19
C ASP A 78 -13.06 -20.92 57.19
N TRP A 79 -13.84 -21.68 57.94
CA TRP A 79 -13.25 -22.71 58.84
C TRP A 79 -12.37 -23.61 57.98
N PRO A 80 -11.01 -23.53 58.10
CA PRO A 80 -10.13 -24.21 57.15
C PRO A 80 -10.36 -25.72 57.05
N ASP A 81 -11.01 -26.35 58.03
CA ASP A 81 -11.13 -27.84 58.02
C ASP A 81 -12.55 -28.27 57.67
N ARG A 82 -13.39 -27.33 57.21
CA ARG A 82 -14.70 -27.68 56.62
C ARG A 82 -14.55 -28.62 55.41
N ASP A 83 -15.53 -29.47 55.20
CA ASP A 83 -15.86 -30.02 53.87
C ASP A 83 -16.19 -28.87 52.89
N ARG A 84 -15.75 -29.03 51.65
CA ARG A 84 -15.92 -28.04 50.54
C ARG A 84 -16.98 -28.62 49.60
N PHE A 85 -18.04 -27.87 49.33
CA PHE A 85 -19.03 -28.22 48.28
C PHE A 85 -18.82 -27.29 47.08
N VAL A 86 -18.72 -27.88 45.89
CA VAL A 86 -18.61 -27.13 44.61
C VAL A 86 -19.84 -27.41 43.74
N LEU A 87 -20.63 -26.39 43.49
CA LEU A 87 -21.74 -26.49 42.52
C LEU A 87 -21.17 -26.21 41.13
N SER A 88 -20.60 -27.22 40.46
CA SER A 88 -20.03 -27.07 39.10
C SER A 88 -21.16 -26.69 38.14
N ALA A 89 -22.36 -27.20 38.41
CA ALA A 89 -23.61 -26.91 37.68
C ALA A 89 -24.15 -25.57 38.18
N GLY A 90 -23.39 -24.52 37.93
CA GLY A 90 -23.62 -23.14 38.39
C GLY A 90 -25.06 -22.68 38.23
N HIS A 91 -25.66 -22.98 37.08
CA HIS A 91 -26.99 -22.45 36.69
C HIS A 91 -28.03 -22.81 37.77
N GLY A 92 -27.79 -23.88 38.52
CA GLY A 92 -28.61 -24.31 39.65
C GLY A 92 -28.27 -23.56 40.92
N SER A 93 -27.90 -22.28 40.81
CA SER A 93 -27.49 -21.43 41.94
C SER A 93 -28.51 -21.53 43.08
N MET A 94 -29.81 -21.51 42.79
CA MET A 94 -30.85 -21.41 43.86
C MET A 94 -30.88 -22.67 44.72
N LEU A 95 -30.44 -23.81 44.22
CA LEU A 95 -30.28 -25.02 45.08
C LEU A 95 -29.30 -24.71 46.22
N LEU A 96 -28.24 -23.99 45.90
CA LEU A 96 -27.18 -23.66 46.89
C LEU A 96 -27.70 -22.54 47.80
N TYR A 97 -28.29 -21.47 47.27
CA TYR A 97 -28.81 -20.34 48.10
C TYR A 97 -29.87 -20.87 49.10
N ALA A 98 -30.80 -21.71 48.65
CA ALA A 98 -31.88 -22.28 49.49
C ALA A 98 -31.25 -22.99 50.68
N VAL A 99 -30.25 -23.82 50.42
CA VAL A 99 -29.71 -24.72 51.47
C VAL A 99 -28.76 -23.96 52.40
N LEU A 100 -28.00 -22.98 51.91
CA LEU A 100 -27.21 -22.06 52.76
C LEU A 100 -28.18 -21.35 53.71
N HIS A 101 -29.23 -20.76 53.15
CA HIS A 101 -30.23 -19.97 53.91
C HIS A 101 -30.82 -20.87 55.03
N LEU A 102 -31.22 -22.08 54.69
CA LEU A 102 -32.02 -22.94 55.59
C LEU A 102 -31.17 -23.47 56.75
N THR A 103 -29.83 -23.48 56.60
CA THR A 103 -28.91 -24.12 57.56
C THR A 103 -28.23 -23.07 58.45
N GLY A 104 -28.45 -21.78 58.16
CA GLY A 104 -28.12 -20.68 59.10
C GLY A 104 -26.92 -19.84 58.68
N TYR A 105 -26.41 -20.04 57.46
CA TYR A 105 -25.41 -19.12 56.85
C TYR A 105 -26.04 -17.74 56.80
N ASP A 106 -25.23 -16.67 56.73
CA ASP A 106 -25.73 -15.28 56.79
C ASP A 106 -26.19 -14.91 55.37
N LEU A 107 -27.32 -15.47 54.96
CA LEU A 107 -27.95 -15.16 53.66
C LEU A 107 -29.45 -15.04 53.93
N PRO A 108 -29.92 -13.81 54.25
CA PRO A 108 -31.30 -13.59 54.68
C PRO A 108 -32.27 -13.87 53.53
N LEU A 109 -33.50 -14.22 53.90
CA LEU A 109 -34.66 -14.44 53.00
C LEU A 109 -34.77 -13.30 51.97
N GLU A 110 -34.55 -12.05 52.39
CA GLU A 110 -34.64 -10.86 51.50
C GLU A 110 -33.65 -11.03 50.33
N GLU A 111 -32.56 -11.74 50.53
CA GLU A 111 -31.56 -11.91 49.46
C GLU A 111 -32.13 -12.96 48.47
N LEU A 112 -32.76 -14.02 48.96
CA LEU A 112 -33.38 -15.02 48.04
C LEU A 112 -34.52 -14.36 47.28
N LYS A 113 -35.20 -13.36 47.85
CA LYS A 113 -36.22 -12.54 47.13
C LYS A 113 -35.56 -11.54 46.17
N SER A 114 -34.22 -11.42 46.19
CA SER A 114 -33.44 -10.51 45.33
C SER A 114 -32.55 -11.32 44.39
N PHE A 115 -32.85 -12.60 44.18
CA PHE A 115 -32.16 -13.51 43.22
C PHE A 115 -32.00 -12.78 41.90
N ARG A 116 -30.75 -12.72 41.40
CA ARG A 116 -30.48 -12.25 40.02
C ARG A 116 -30.73 -10.75 39.96
N GLN A 117 -30.79 -10.07 41.11
CA GLN A 117 -30.94 -8.59 41.13
C GLN A 117 -29.63 -7.91 41.52
N TRP A 118 -29.54 -6.62 41.19
CA TRP A 118 -28.32 -5.78 41.29
C TRP A 118 -27.88 -5.69 42.74
N GLY A 119 -26.69 -6.15 43.07
CA GLY A 119 -26.09 -5.94 44.42
C GLY A 119 -26.55 -7.00 45.41
N SER A 120 -27.38 -7.95 44.95
CA SER A 120 -27.86 -9.04 45.81
C SER A 120 -26.68 -9.98 46.12
N LYS A 121 -26.80 -10.79 47.16
CA LYS A 121 -25.83 -11.86 47.52
C LYS A 121 -26.21 -13.17 46.84
N THR A 122 -27.14 -13.10 45.90
CA THR A 122 -27.72 -14.27 45.20
C THR A 122 -27.68 -14.00 43.69
N PRO A 123 -26.49 -13.85 43.07
CA PRO A 123 -26.40 -13.70 41.63
C PRO A 123 -26.77 -14.99 40.85
N GLY A 124 -27.07 -14.82 39.58
CA GLY A 124 -27.51 -15.94 38.70
C GLY A 124 -26.63 -17.17 38.84
N HIS A 125 -25.32 -16.98 38.91
CA HIS A 125 -24.32 -18.06 39.06
C HIS A 125 -23.53 -17.80 40.32
N PRO A 126 -23.01 -18.84 41.01
CA PRO A 126 -22.39 -18.64 42.33
C PRO A 126 -21.07 -17.86 42.15
N GLU A 127 -20.91 -16.76 42.91
CA GLU A 127 -19.68 -15.94 42.96
C GLU A 127 -18.97 -16.09 44.30
N ARG A 128 -17.85 -16.80 44.32
CA ARG A 128 -16.93 -16.87 45.49
C ARG A 128 -16.55 -15.43 45.91
N GLY A 129 -16.72 -15.08 47.19
CA GLY A 129 -16.37 -13.73 47.69
C GLY A 129 -17.59 -12.83 47.77
N HIS A 130 -18.64 -13.11 47.00
CA HIS A 130 -19.88 -12.31 46.95
C HIS A 130 -20.90 -12.90 47.94
N THR A 131 -20.81 -14.20 48.21
CA THR A 131 -21.87 -14.95 48.90
C THR A 131 -21.20 -15.86 49.92
N PRO A 132 -21.68 -15.83 51.17
CA PRO A 132 -21.08 -16.67 52.20
C PRO A 132 -21.32 -18.15 51.91
N GLY A 133 -20.26 -18.94 52.05
CA GLY A 133 -20.29 -20.40 51.84
C GLY A 133 -20.18 -20.78 50.37
N VAL A 134 -19.96 -19.85 49.44
CA VAL A 134 -19.78 -20.24 48.00
C VAL A 134 -18.30 -20.50 47.82
N GLU A 135 -17.93 -21.73 47.42
CA GLU A 135 -16.53 -22.20 47.46
C GLU A 135 -15.78 -21.83 46.17
N VAL A 136 -16.49 -21.74 45.04
CA VAL A 136 -15.90 -21.54 43.69
C VAL A 136 -16.89 -20.75 42.83
N THR A 137 -16.40 -19.79 42.08
CA THR A 137 -17.25 -19.11 41.07
C THR A 137 -17.52 -20.13 39.98
N THR A 138 -18.78 -20.55 39.81
CA THR A 138 -19.14 -21.51 38.73
C THR A 138 -20.12 -20.87 37.71
N GLY A 139 -20.57 -21.65 36.71
CA GLY A 139 -21.35 -21.16 35.57
C GLY A 139 -20.72 -21.62 34.27
N PRO A 140 -19.44 -21.28 34.00
CA PRO A 140 -18.71 -21.92 32.91
C PRO A 140 -18.54 -23.39 33.27
N LEU A 141 -19.17 -24.27 32.49
CA LEU A 141 -19.27 -25.71 32.77
C LEU A 141 -17.86 -26.30 32.61
N GLY A 142 -17.56 -27.33 33.40
CA GLY A 142 -16.21 -27.91 33.56
C GLY A 142 -15.36 -27.20 34.60
N GLN A 143 -15.59 -25.92 34.90
CA GLN A 143 -14.74 -25.17 35.88
C GLN A 143 -14.88 -25.71 37.31
N GLY A 144 -16.10 -25.95 37.78
CA GLY A 144 -16.29 -26.32 39.19
C GLY A 144 -15.59 -27.63 39.46
N ILE A 145 -15.93 -28.64 38.65
CA ILE A 145 -15.50 -30.06 38.81
C ILE A 145 -13.99 -30.16 38.62
N SER A 146 -13.40 -29.31 37.77
CA SER A 146 -11.96 -29.24 37.48
C SER A 146 -11.21 -28.52 38.62
N THR A 147 -11.67 -27.34 39.04
CA THR A 147 -11.13 -26.58 40.20
C THR A 147 -11.13 -27.46 41.45
N ALA A 148 -12.18 -28.25 41.63
CA ALA A 148 -12.37 -29.13 42.79
C ALA A 148 -11.19 -30.09 42.83
N VAL A 149 -10.56 -30.39 41.71
CA VAL A 149 -9.38 -31.32 41.77
C VAL A 149 -8.26 -30.66 42.58
N GLY A 150 -8.15 -29.34 42.53
CA GLY A 150 -7.12 -28.58 43.28
C GLY A 150 -7.48 -28.48 44.75
N LEU A 151 -8.74 -28.23 45.06
CA LEU A 151 -9.22 -28.21 46.46
C LEU A 151 -8.77 -29.52 47.14
N ALA A 152 -9.03 -30.67 46.52
CA ALA A 152 -8.77 -32.03 47.05
C ALA A 152 -7.28 -32.35 47.03
N LEU A 153 -6.55 -31.93 46.00
CA LEU A 153 -5.07 -32.10 45.98
C LEU A 153 -4.48 -31.29 47.13
N ALA A 154 -5.02 -30.12 47.43
CA ALA A 154 -4.56 -29.20 48.49
C ALA A 154 -4.77 -29.83 49.86
N GLU A 155 -5.92 -30.44 50.09
CA GLU A 155 -6.25 -31.14 51.37
C GLU A 155 -5.27 -32.32 51.54
N ARG A 156 -5.10 -33.15 50.52
CA ARG A 156 -4.23 -34.34 50.58
C ARG A 156 -2.79 -33.98 50.97
N LYS A 157 -2.24 -32.98 50.28
CA LYS A 157 -0.85 -32.53 50.42
C LYS A 157 -0.67 -31.88 51.79
N LEU A 158 -1.67 -31.12 52.25
CA LEU A 158 -1.59 -30.33 53.51
C LEU A 158 -1.64 -31.31 54.69
N ALA A 159 -2.55 -32.28 54.63
CA ALA A 159 -2.56 -33.50 55.48
C ALA A 159 -1.14 -34.10 55.53
N ALA A 160 -0.55 -34.43 54.38
CA ALA A 160 0.75 -35.10 54.31
C ALA A 160 1.80 -34.26 55.05
N GLU A 161 1.79 -32.94 54.85
CA GLU A 161 2.76 -31.98 55.42
C GLU A 161 2.61 -31.88 56.95
N PHE A 162 1.38 -31.81 57.46
CA PHE A 162 1.11 -31.31 58.84
C PHE A 162 0.58 -32.42 59.78
N ASN A 163 -0.16 -33.41 59.30
CA ASN A 163 -0.73 -34.43 60.21
C ASN A 163 0.43 -35.17 60.87
N ARG A 164 0.28 -35.52 62.15
CA ARG A 164 1.23 -36.35 62.94
C ARG A 164 0.43 -37.41 63.68
N PRO A 165 1.09 -38.45 64.20
CA PRO A 165 0.44 -39.40 65.13
C PRO A 165 -0.31 -38.72 66.28
N GLY A 166 -1.62 -38.97 66.38
CA GLY A 166 -2.59 -38.37 67.33
C GLY A 166 -2.82 -36.89 67.13
N HIS A 167 -2.32 -36.27 66.07
CA HIS A 167 -2.64 -34.85 65.73
C HIS A 167 -3.07 -34.75 64.26
N VAL A 168 -4.37 -34.96 64.01
CA VAL A 168 -4.97 -34.94 62.63
C VAL A 168 -5.57 -33.56 62.44
N VAL A 169 -4.79 -32.59 61.95
CA VAL A 169 -5.26 -31.17 61.84
C VAL A 169 -5.81 -30.86 60.44
N VAL A 170 -5.78 -31.80 59.51
CA VAL A 170 -6.29 -31.64 58.13
C VAL A 170 -7.02 -32.91 57.75
N ASP A 171 -8.36 -32.85 57.68
CA ASP A 171 -9.22 -34.00 57.33
C ASP A 171 -10.58 -33.45 56.86
N HIS A 172 -10.74 -33.30 55.55
CA HIS A 172 -12.01 -32.88 54.90
C HIS A 172 -12.03 -33.38 53.46
N TYR A 173 -13.25 -33.45 52.98
CA TYR A 173 -13.65 -34.00 51.67
C TYR A 173 -14.03 -32.84 50.76
N THR A 174 -13.91 -33.12 49.47
CA THR A 174 -14.29 -32.20 48.38
C THR A 174 -15.48 -32.83 47.69
N TYR A 175 -16.67 -32.26 47.85
CA TYR A 175 -17.89 -32.76 47.18
C TYR A 175 -18.19 -31.84 46.01
N VAL A 176 -18.76 -32.37 44.94
CA VAL A 176 -19.07 -31.62 43.68
C VAL A 176 -20.43 -32.10 43.21
N LEU A 177 -21.27 -31.19 42.76
CA LEU A 177 -22.48 -31.50 41.97
C LEU A 177 -22.28 -30.95 40.54
N ALA A 178 -22.27 -31.87 39.57
CA ALA A 178 -21.95 -31.63 38.15
C ALA A 178 -23.13 -32.05 37.31
N SER A 179 -23.21 -31.47 36.14
CA SER A 179 -24.28 -31.72 35.15
C SER A 179 -23.69 -32.39 33.90
N ASP A 180 -24.56 -32.80 32.95
CA ASP A 180 -24.18 -33.43 31.65
C ASP A 180 -23.13 -32.53 30.98
N GLY A 181 -23.39 -31.22 30.94
CA GLY A 181 -22.48 -30.18 30.41
C GLY A 181 -21.08 -30.26 30.98
N ASP A 182 -20.94 -30.41 32.30
CA ASP A 182 -19.63 -30.46 33.01
C ASP A 182 -18.83 -31.62 32.45
N LEU A 183 -19.49 -32.77 32.32
CA LEU A 183 -18.85 -34.01 31.87
C LEU A 183 -18.58 -34.03 30.36
N MET A 184 -19.21 -33.17 29.56
CA MET A 184 -18.95 -33.02 28.10
C MET A 184 -17.70 -32.16 27.88
N GLU A 185 -17.47 -31.14 28.73
CA GLU A 185 -16.35 -30.19 28.58
C GLU A 185 -15.06 -31.00 28.73
N GLY A 186 -14.14 -30.84 27.80
CA GLY A 186 -12.86 -31.54 27.81
C GLY A 186 -12.02 -31.26 29.05
N VAL A 187 -12.14 -30.08 29.67
CA VAL A 187 -11.37 -29.78 30.90
C VAL A 187 -11.69 -30.81 32.00
N SER A 188 -12.97 -31.15 32.22
CA SER A 188 -13.42 -32.13 33.24
C SER A 188 -12.73 -33.50 33.00
N GLY A 189 -12.53 -33.92 31.76
CA GLY A 189 -11.83 -35.18 31.48
C GLY A 189 -10.36 -35.09 31.81
N GLU A 190 -9.69 -33.98 31.42
CA GLU A 190 -8.28 -33.73 31.76
C GLU A 190 -8.12 -33.83 33.29
N ALA A 191 -9.00 -33.18 34.05
CA ALA A 191 -8.90 -33.05 35.53
C ALA A 191 -9.20 -34.40 36.18
N ALA A 192 -10.12 -35.18 35.62
CA ALA A 192 -10.45 -36.58 35.98
C ALA A 192 -9.24 -37.51 35.73
N SER A 193 -8.54 -37.38 34.59
CA SER A 193 -7.29 -38.12 34.29
C SER A 193 -6.31 -37.88 35.43
N LEU A 194 -6.07 -36.62 35.78
CA LEU A 194 -5.08 -36.28 36.83
C LEU A 194 -5.58 -36.73 38.22
N ALA A 195 -6.85 -36.49 38.59
CA ALA A 195 -7.42 -36.85 39.92
C ALA A 195 -7.25 -38.34 40.21
N GLY A 196 -7.52 -39.18 39.20
CA GLY A 196 -7.32 -40.64 39.20
C GLY A 196 -5.87 -41.04 39.20
N HIS A 197 -5.03 -40.38 38.42
CA HIS A 197 -3.58 -40.61 38.40
C HIS A 197 -3.04 -40.37 39.81
N TRP A 198 -3.54 -39.34 40.46
CA TRP A 198 -3.07 -38.86 41.78
C TRP A 198 -3.70 -39.64 42.93
N GLY A 199 -4.71 -40.47 42.70
CA GLY A 199 -5.44 -41.19 43.75
C GLY A 199 -6.06 -40.27 44.81
N LEU A 200 -6.88 -39.29 44.40
CA LEU A 200 -7.47 -38.35 45.38
C LEU A 200 -8.70 -39.02 46.00
N SER A 201 -8.49 -39.87 47.00
CA SER A 201 -9.57 -40.68 47.61
C SER A 201 -10.75 -39.84 48.17
N LYS A 202 -10.56 -38.56 48.48
CA LYS A 202 -11.53 -37.72 49.26
C LYS A 202 -12.28 -36.77 48.36
N LEU A 203 -12.18 -36.95 47.04
CA LEU A 203 -12.94 -36.20 46.00
C LEU A 203 -14.16 -37.03 45.64
N ILE A 204 -15.35 -36.47 45.81
CA ILE A 204 -16.64 -37.19 45.59
C ILE A 204 -17.51 -36.32 44.70
N VAL A 205 -17.81 -36.80 43.50
CA VAL A 205 -18.57 -36.01 42.49
C VAL A 205 -19.95 -36.66 42.34
N PHE A 206 -20.98 -35.84 42.38
CA PHE A 206 -22.36 -36.28 42.04
C PHE A 206 -22.67 -35.80 40.63
N TRP A 207 -22.99 -36.73 39.75
CA TRP A 207 -23.53 -36.39 38.41
C TRP A 207 -25.06 -36.49 38.45
N ASP A 208 -25.73 -35.37 38.26
CA ASP A 208 -27.18 -35.29 37.98
C ASP A 208 -27.38 -35.90 36.60
N ASP A 209 -27.65 -37.20 36.54
CA ASP A 209 -27.96 -37.94 35.29
C ASP A 209 -29.47 -37.88 35.01
N ASN A 210 -29.94 -36.78 34.43
CA ASN A 210 -31.40 -36.52 34.25
C ASN A 210 -31.75 -36.51 32.76
N ARG A 211 -30.78 -36.84 31.88
CA ARG A 211 -30.95 -37.17 30.44
C ARG A 211 -31.48 -35.97 29.65
N ILE A 212 -31.42 -34.76 30.20
CA ILE A 212 -31.91 -33.52 29.51
C ILE A 212 -30.76 -32.49 29.43
N SER A 213 -30.65 -31.80 28.31
CA SER A 213 -29.68 -30.69 28.16
C SER A 213 -30.45 -29.58 27.49
N ILE A 214 -29.81 -28.45 27.19
CA ILE A 214 -30.55 -27.26 26.73
C ILE A 214 -31.22 -27.59 25.40
N ASP A 215 -30.55 -28.32 24.49
CA ASP A 215 -31.05 -28.56 23.10
C ASP A 215 -32.18 -29.61 23.13
N GLY A 216 -32.45 -30.23 24.28
CA GLY A 216 -33.44 -31.30 24.44
C GLY A 216 -32.81 -32.55 25.04
N PRO A 217 -33.32 -33.76 24.75
CA PRO A 217 -32.71 -35.00 25.22
C PRO A 217 -31.20 -35.04 24.95
N THR A 218 -30.42 -35.50 25.94
CA THR A 218 -28.94 -35.62 25.84
C THR A 218 -28.54 -36.54 24.67
N ASP A 219 -29.37 -37.53 24.32
CA ASP A 219 -29.00 -38.48 23.24
C ASP A 219 -28.96 -37.76 21.88
N LEU A 220 -29.29 -36.46 21.80
CA LEU A 220 -28.99 -35.63 20.60
C LEU A 220 -27.48 -35.55 20.38
N ALA A 221 -26.65 -35.61 21.45
CA ALA A 221 -25.23 -35.17 21.41
C ALA A 221 -24.28 -35.96 22.35
N PHE A 222 -24.79 -36.81 23.22
CA PHE A 222 -24.08 -37.37 24.40
C PHE A 222 -24.65 -38.76 24.69
N THR A 223 -24.01 -39.81 24.21
CA THR A 223 -24.43 -41.20 24.45
C THR A 223 -23.24 -42.11 24.79
N GLU A 224 -22.07 -41.54 25.10
CA GLU A 224 -20.90 -42.31 25.61
C GLU A 224 -21.27 -43.00 26.94
N ASP A 225 -20.56 -44.07 27.29
CA ASP A 225 -20.68 -44.69 28.62
C ASP A 225 -19.84 -43.87 29.63
N VAL A 226 -20.48 -42.89 30.28
CA VAL A 226 -19.78 -41.89 31.13
C VAL A 226 -19.01 -42.57 32.24
N LEU A 227 -19.63 -43.50 32.95
CA LEU A 227 -19.03 -44.17 34.12
C LEU A 227 -17.89 -45.07 33.69
N ALA A 228 -18.00 -45.78 32.53
CA ALA A 228 -16.87 -46.55 31.94
C ALA A 228 -15.68 -45.62 31.66
N ARG A 229 -15.91 -44.44 31.12
CA ARG A 229 -14.81 -43.44 30.93
C ARG A 229 -14.13 -43.15 32.27
N TYR A 230 -14.90 -42.93 33.33
CA TYR A 230 -14.33 -42.57 34.66
C TYR A 230 -13.61 -43.77 35.26
N ARG A 231 -14.05 -45.01 34.98
CA ARG A 231 -13.30 -46.20 35.46
C ARG A 231 -11.92 -46.19 34.77
N ALA A 232 -11.87 -45.82 33.48
CA ALA A 232 -10.63 -45.85 32.68
C ALA A 232 -9.65 -44.82 33.26
N TYR A 233 -10.15 -43.70 33.78
CA TYR A 233 -9.33 -42.68 34.45
C TYR A 233 -8.86 -43.17 35.82
N GLY A 234 -9.41 -44.28 36.33
CA GLY A 234 -8.95 -44.83 37.61
C GLY A 234 -9.79 -44.33 38.77
N TRP A 235 -11.03 -43.91 38.45
CA TRP A 235 -12.03 -43.52 39.49
C TRP A 235 -12.93 -44.72 39.83
N GLN A 236 -13.47 -44.72 41.05
CA GLN A 236 -14.63 -45.56 41.43
C GLN A 236 -15.87 -44.96 40.78
N THR A 237 -16.79 -45.77 40.25
CA THR A 237 -18.13 -45.30 39.83
C THR A 237 -19.19 -46.03 40.64
N LEU A 238 -20.24 -45.31 41.02
CA LEU A 238 -21.44 -45.82 41.73
C LEU A 238 -22.64 -45.18 41.06
N ARG A 239 -23.79 -45.81 41.18
CA ARG A 239 -25.07 -45.26 40.68
C ARG A 239 -26.04 -45.18 41.86
N VAL A 240 -26.92 -44.19 41.81
CA VAL A 240 -28.11 -44.15 42.68
C VAL A 240 -29.31 -43.91 41.76
N GLU A 241 -30.22 -44.88 41.75
CA GLU A 241 -31.26 -45.01 40.71
C GLU A 241 -32.34 -43.98 40.96
N ASP A 242 -32.41 -43.42 42.18
CA ASP A 242 -33.42 -42.39 42.55
C ASP A 242 -32.85 -41.42 43.59
N VAL A 243 -32.72 -40.15 43.19
CA VAL A 243 -32.13 -39.07 44.04
C VAL A 243 -32.96 -38.94 45.33
N ASN A 244 -34.22 -39.35 45.30
CA ASN A 244 -35.20 -39.19 46.42
C ASN A 244 -34.98 -40.24 47.49
N ASP A 245 -34.17 -41.26 47.21
CA ASP A 245 -33.87 -42.36 48.13
C ASP A 245 -32.62 -41.95 48.92
N LEU A 246 -32.79 -41.13 49.96
CA LEU A 246 -31.70 -40.70 50.88
C LEU A 246 -30.85 -41.91 51.34
N GLU A 247 -31.48 -43.04 51.64
CA GLU A 247 -30.73 -44.22 52.14
C GLU A 247 -29.68 -44.61 51.09
N ALA A 248 -30.06 -44.62 49.81
CA ALA A 248 -29.17 -44.99 48.67
C ALA A 248 -28.05 -43.94 48.49
N LEU A 249 -28.37 -42.65 48.66
CA LEU A 249 -27.32 -41.61 48.67
C LEU A 249 -26.36 -41.86 49.82
N ARG A 250 -26.84 -42.13 51.05
CA ARG A 250 -26.00 -42.31 52.26
C ARG A 250 -25.00 -43.44 52.03
N LYS A 251 -25.45 -44.60 51.54
CA LYS A 251 -24.59 -45.82 51.36
C LYS A 251 -23.49 -45.54 50.33
N ALA A 252 -23.85 -44.91 49.21
CA ALA A 252 -22.96 -44.60 48.07
C ALA A 252 -21.79 -43.76 48.59
N ILE A 253 -22.13 -42.69 49.30
CA ILE A 253 -21.16 -41.78 49.98
C ILE A 253 -20.23 -42.57 50.91
N LYS A 254 -20.76 -43.50 51.72
CA LYS A 254 -19.92 -44.29 52.65
C LYS A 254 -18.97 -45.19 51.84
N LEU A 255 -19.51 -45.78 50.75
CA LEU A 255 -18.69 -46.63 49.85
C LEU A 255 -17.55 -45.79 49.23
N ALA A 256 -17.83 -44.55 48.81
CA ALA A 256 -16.83 -43.65 48.17
C ALA A 256 -15.69 -43.31 49.15
N LYS A 257 -16.02 -43.04 50.42
CA LYS A 257 -15.02 -42.65 51.45
C LYS A 257 -14.13 -43.85 51.82
N LEU A 258 -14.63 -45.07 51.72
CA LEU A 258 -13.81 -46.26 52.00
C LEU A 258 -12.85 -46.44 50.83
N ASP A 259 -13.21 -45.95 49.63
CA ASP A 259 -12.45 -46.24 48.38
C ASP A 259 -11.24 -45.29 48.30
N GLU A 260 -10.08 -45.84 47.97
CA GLU A 260 -8.81 -45.09 47.80
C GLU A 260 -8.86 -44.27 46.47
N ARG A 261 -9.92 -44.39 45.68
CA ARG A 261 -10.02 -43.64 44.41
C ARG A 261 -10.99 -42.47 44.56
N PRO A 262 -10.84 -41.39 43.73
CA PRO A 262 -11.91 -40.40 43.58
C PRO A 262 -13.14 -41.15 43.06
N THR A 263 -14.34 -40.67 43.36
CA THR A 263 -15.60 -41.39 43.05
C THR A 263 -16.55 -40.52 42.23
N LEU A 264 -17.16 -41.08 41.18
CA LEU A 264 -18.28 -40.46 40.42
C LEU A 264 -19.56 -41.23 40.73
N ILE A 265 -20.52 -40.57 41.38
CA ILE A 265 -21.82 -41.21 41.74
C ILE A 265 -22.85 -40.71 40.72
N ALA A 266 -23.23 -41.55 39.77
CA ALA A 266 -24.31 -41.16 38.84
C ALA A 266 -25.60 -41.11 39.66
N VAL A 267 -26.28 -39.99 39.69
CA VAL A 267 -27.56 -39.90 40.43
C VAL A 267 -28.67 -39.58 39.44
N ARG A 268 -29.52 -40.56 39.16
CA ARG A 268 -30.69 -40.37 38.27
C ARG A 268 -31.71 -39.46 38.98
N SER A 269 -32.19 -38.45 38.29
CA SER A 269 -33.16 -37.46 38.80
C SER A 269 -34.03 -37.06 37.62
N HIS A 270 -35.17 -36.42 37.92
CA HIS A 270 -36.08 -35.79 36.94
C HIS A 270 -35.88 -34.27 37.00
N ILE A 271 -35.35 -33.67 35.95
CA ILE A 271 -35.28 -32.18 35.86
C ILE A 271 -36.73 -31.73 36.04
N GLY A 272 -36.98 -30.62 36.72
CA GLY A 272 -38.35 -30.16 37.01
C GLY A 272 -39.17 -31.18 37.79
N PHE A 273 -38.54 -31.99 38.67
CA PHE A 273 -39.21 -33.04 39.48
C PHE A 273 -40.46 -32.45 40.11
N GLY A 274 -41.58 -33.16 40.03
CA GLY A 274 -42.84 -32.79 40.69
C GLY A 274 -43.72 -31.84 39.86
N SER A 275 -43.32 -31.43 38.66
CA SER A 275 -44.04 -30.38 37.87
C SER A 275 -44.47 -30.89 36.49
N PRO A 276 -45.41 -30.18 35.80
CA PRO A 276 -45.76 -30.53 34.41
C PRO A 276 -44.67 -30.33 33.34
N LYS A 277 -43.54 -29.71 33.72
CA LYS A 277 -42.34 -29.55 32.85
C LYS A 277 -41.31 -30.60 33.27
N GLN A 278 -41.66 -31.45 34.23
CA GLN A 278 -40.78 -32.59 34.57
C GLN A 278 -40.28 -33.28 33.28
N ASP A 279 -39.00 -33.67 33.26
CA ASP A 279 -38.37 -34.54 32.23
C ASP A 279 -38.23 -33.76 30.91
N SER A 280 -38.42 -32.44 30.92
CA SER A 280 -38.33 -31.56 29.72
C SER A 280 -37.18 -30.53 29.87
N ALA A 281 -36.61 -30.13 28.74
CA ALA A 281 -35.61 -29.05 28.61
C ALA A 281 -36.27 -27.70 28.92
N LYS A 282 -37.59 -27.60 28.75
CA LYS A 282 -38.36 -26.38 29.15
C LYS A 282 -38.21 -26.15 30.66
N ALA A 283 -37.75 -27.13 31.45
CA ALA A 283 -37.60 -26.96 32.93
C ALA A 283 -36.24 -26.34 33.26
N HIS A 284 -35.35 -26.19 32.27
CA HIS A 284 -33.90 -26.00 32.49
C HIS A 284 -33.61 -24.55 32.92
N GLY A 285 -34.10 -23.58 32.12
CA GLY A 285 -33.51 -22.24 32.03
C GLY A 285 -34.52 -21.12 31.95
N GLU A 286 -35.76 -21.32 32.42
CA GLU A 286 -36.77 -20.22 32.49
C GLU A 286 -37.72 -20.49 33.66
N PRO A 287 -38.42 -19.46 34.16
CA PRO A 287 -39.37 -19.66 35.26
C PRO A 287 -40.47 -20.67 34.91
N LEU A 288 -40.97 -21.42 35.91
CA LEU A 288 -42.03 -22.45 35.74
C LEU A 288 -43.32 -21.81 35.20
N GLY A 289 -43.62 -20.54 35.54
CA GLY A 289 -44.90 -19.85 35.25
C GLY A 289 -45.95 -20.09 36.34
N PRO A 290 -46.90 -19.16 36.53
CA PRO A 290 -47.82 -19.24 37.67
C PRO A 290 -48.55 -20.61 37.65
N GLU A 291 -49.07 -20.98 36.48
CA GLU A 291 -49.85 -22.25 36.35
C GLU A 291 -48.97 -23.41 36.84
N ALA A 292 -47.73 -23.49 36.38
CA ALA A 292 -46.86 -24.65 36.64
C ALA A 292 -46.37 -24.63 38.11
N VAL A 293 -46.24 -23.45 38.72
CA VAL A 293 -45.86 -23.33 40.16
C VAL A 293 -47.03 -23.89 40.99
N GLU A 294 -48.25 -23.50 40.62
CA GLU A 294 -49.51 -23.93 41.33
C GLU A 294 -49.59 -25.46 41.31
N ALA A 295 -49.47 -26.03 40.11
CA ALA A 295 -49.53 -27.48 39.85
C ALA A 295 -48.44 -28.21 40.67
N THR A 296 -47.19 -27.71 40.64
CA THR A 296 -46.07 -28.28 41.46
C THR A 296 -46.47 -28.31 42.94
N ARG A 297 -47.03 -27.21 43.47
CA ARG A 297 -47.60 -27.11 44.84
C ARG A 297 -48.66 -28.21 45.05
N ARG A 298 -49.62 -28.39 44.13
CA ARG A 298 -50.64 -29.47 44.28
C ARG A 298 -49.89 -30.80 44.47
N ASN A 299 -49.08 -31.17 43.49
CA ASN A 299 -48.48 -32.54 43.33
C ASN A 299 -47.46 -32.82 44.43
N LEU A 300 -46.87 -31.81 45.07
CA LEU A 300 -45.84 -32.08 46.10
C LEU A 300 -46.42 -31.87 47.48
N GLY A 301 -47.68 -31.42 47.56
CA GLY A 301 -48.38 -31.29 48.85
C GLY A 301 -47.78 -30.14 49.67
N TRP A 302 -47.52 -29.00 49.03
CA TRP A 302 -46.84 -27.81 49.62
C TRP A 302 -47.88 -26.70 49.77
N PRO A 303 -48.39 -26.53 51.00
CA PRO A 303 -49.41 -25.52 51.28
C PRO A 303 -48.86 -24.10 51.47
N TYR A 304 -47.53 -23.94 51.63
CA TYR A 304 -46.94 -22.67 52.08
C TYR A 304 -46.82 -21.75 50.87
N PRO A 305 -47.11 -20.44 51.03
CA PRO A 305 -46.91 -19.48 49.95
C PRO A 305 -45.46 -19.04 49.71
N PRO A 306 -45.21 -18.25 48.65
CA PRO A 306 -43.86 -17.89 48.27
C PRO A 306 -42.99 -17.49 49.47
N PHE A 307 -41.81 -18.09 49.54
CA PHE A 307 -40.71 -17.71 50.46
C PHE A 307 -41.07 -18.09 51.90
N VAL A 308 -42.28 -18.61 52.17
CA VAL A 308 -42.65 -19.04 53.55
C VAL A 308 -42.17 -20.49 53.72
N VAL A 309 -41.43 -20.75 54.78
CA VAL A 309 -41.00 -22.09 55.22
C VAL A 309 -41.35 -22.26 56.70
N PRO A 310 -41.97 -23.36 57.14
CA PRO A 310 -42.37 -23.49 58.54
C PRO A 310 -41.15 -23.60 59.44
N GLU A 311 -41.34 -23.36 60.73
CA GLU A 311 -40.30 -23.19 61.77
C GLU A 311 -39.70 -24.56 62.09
N GLU A 312 -40.51 -25.60 62.01
CA GLU A 312 -40.08 -27.03 62.07
C GLU A 312 -38.80 -27.23 61.22
N VAL A 313 -38.85 -26.81 59.95
CA VAL A 313 -37.77 -26.99 58.95
C VAL A 313 -36.54 -26.18 59.37
N TYR A 314 -36.73 -24.90 59.70
CA TYR A 314 -35.64 -24.03 60.20
C TYR A 314 -34.97 -24.74 61.38
N ARG A 315 -35.74 -25.33 62.29
CA ARG A 315 -35.19 -25.92 63.53
C ARG A 315 -34.39 -27.18 63.15
N HIS A 316 -34.93 -27.98 62.23
CA HIS A 316 -34.30 -29.25 61.76
C HIS A 316 -33.03 -28.97 60.95
N MET A 317 -33.02 -27.89 60.16
CA MET A 317 -31.94 -27.54 59.19
C MET A 317 -30.87 -26.69 59.86
N ASP A 318 -31.17 -26.01 60.95
CA ASP A 318 -30.19 -25.12 61.64
C ASP A 318 -28.91 -25.93 61.93
N MET A 319 -27.77 -25.43 61.46
CA MET A 319 -26.46 -26.11 61.63
C MET A 319 -25.50 -25.18 62.40
N ARG A 320 -25.95 -23.98 62.77
CA ARG A 320 -25.13 -23.04 63.61
C ARG A 320 -24.53 -23.75 64.86
N GLU A 321 -25.27 -24.62 65.54
CA GLU A 321 -24.78 -25.28 66.78
C GLU A 321 -23.83 -26.43 66.39
N LYS A 322 -24.20 -27.32 65.46
CA LYS A 322 -23.30 -28.44 65.09
C LYS A 322 -21.97 -27.89 64.54
N GLY A 323 -21.95 -26.68 63.98
CA GLY A 323 -20.75 -26.12 63.33
C GLY A 323 -19.86 -25.41 64.33
N ARG A 324 -20.48 -24.75 65.32
CA ARG A 324 -19.75 -24.26 66.52
C ARG A 324 -19.03 -25.47 67.10
N ALA A 325 -19.75 -26.57 67.34
CA ALA A 325 -19.17 -27.78 67.98
C ALA A 325 -18.01 -28.29 67.13
N TRP A 326 -18.20 -28.39 65.81
CA TRP A 326 -17.17 -28.96 64.89
C TRP A 326 -15.93 -28.06 64.83
N GLN A 327 -16.12 -26.78 64.56
CA GLN A 327 -14.98 -25.82 64.53
C GLN A 327 -14.25 -25.78 65.89
N GLU A 328 -15.00 -25.78 67.00
CA GLU A 328 -14.45 -25.71 68.39
C GLU A 328 -13.59 -26.94 68.61
N ALA A 329 -14.07 -28.09 68.12
CA ALA A 329 -13.34 -29.37 68.26
C ALA A 329 -11.99 -29.27 67.53
N TRP A 330 -12.00 -28.65 66.36
CA TRP A 330 -10.80 -28.47 65.52
C TRP A 330 -9.84 -27.44 66.15
N GLU A 331 -10.35 -26.32 66.66
CA GLU A 331 -9.54 -25.24 67.28
C GLU A 331 -8.76 -25.83 68.46
N LYS A 332 -9.39 -26.79 69.16
CA LYS A 332 -8.89 -27.47 70.39
C LYS A 332 -7.80 -28.46 69.98
N ALA A 333 -8.01 -29.23 68.91
CA ALA A 333 -6.97 -30.10 68.33
C ALA A 333 -5.77 -29.25 67.87
N LEU A 334 -6.00 -28.01 67.42
CA LEU A 334 -4.89 -27.10 66.98
C LEU A 334 -4.05 -26.72 68.19
N GLU A 335 -4.72 -26.46 69.33
CA GLU A 335 -4.09 -26.09 70.63
C GLU A 335 -3.21 -27.24 71.09
N ALA A 336 -3.67 -28.50 70.99
CA ALA A 336 -2.86 -29.70 71.31
C ALA A 336 -1.68 -29.83 70.34
N TYR A 337 -1.90 -29.53 69.05
CA TYR A 337 -0.87 -29.50 67.99
C TYR A 337 0.23 -28.50 68.35
N ALA A 338 -0.21 -27.31 68.82
CA ALA A 338 0.63 -26.11 69.09
C ALA A 338 1.58 -26.37 70.26
N ARG A 339 1.19 -27.27 71.17
CA ARG A 339 1.99 -27.66 72.34
C ARG A 339 2.90 -28.82 71.90
N ALA A 340 2.37 -29.80 71.17
CA ALA A 340 3.11 -31.01 70.74
C ALA A 340 4.12 -30.70 69.62
N TYR A 341 3.87 -29.66 68.79
CA TYR A 341 4.69 -29.32 67.59
C TYR A 341 4.59 -27.85 67.23
N PRO A 342 5.16 -26.94 68.03
CA PRO A 342 4.87 -25.50 67.89
C PRO A 342 5.41 -24.84 66.61
N ASP A 343 6.44 -25.39 65.98
CA ASP A 343 7.03 -24.85 64.72
C ASP A 343 6.06 -25.14 63.56
N LEU A 344 5.60 -26.40 63.49
CA LEU A 344 4.59 -26.87 62.52
C LEU A 344 3.33 -26.01 62.67
N HIS A 345 2.88 -25.81 63.90
CA HIS A 345 1.65 -25.03 64.22
C HIS A 345 1.79 -23.59 63.72
N GLN A 346 2.91 -22.93 63.97
CA GLN A 346 3.08 -21.51 63.59
C GLN A 346 3.15 -21.43 62.04
N GLU A 347 3.61 -22.48 61.37
CA GLU A 347 3.75 -22.49 59.89
C GLU A 347 2.37 -22.64 59.25
N LEU A 348 1.55 -23.58 59.75
CA LEU A 348 0.17 -23.87 59.29
C LEU A 348 -0.66 -22.62 59.48
N MET A 349 -0.66 -22.04 60.67
CA MET A 349 -1.44 -20.80 60.96
C MET A 349 -1.00 -19.66 60.03
N ARG A 350 0.30 -19.52 59.76
CA ARG A 350 0.80 -18.45 58.86
C ARG A 350 0.26 -18.72 57.44
N ARG A 351 0.38 -19.96 56.94
CA ARG A 351 0.00 -20.33 55.55
C ARG A 351 -1.53 -20.27 55.42
N LEU A 352 -2.30 -20.79 56.38
CA LEU A 352 -3.79 -20.71 56.37
C LEU A 352 -4.26 -19.26 56.33
N ARG A 353 -3.54 -18.31 56.93
CA ARG A 353 -3.97 -16.88 56.85
C ARG A 353 -3.49 -16.21 55.56
N GLY A 354 -2.76 -16.91 54.68
CA GLY A 354 -2.17 -16.37 53.43
C GLY A 354 -1.09 -15.33 53.67
N GLU A 355 -0.39 -15.40 54.82
CA GLU A 355 0.68 -14.43 55.16
C GLU A 355 1.96 -14.93 54.49
N LEU A 356 2.60 -14.13 53.64
CA LEU A 356 3.95 -14.48 53.08
C LEU A 356 5.01 -14.27 54.18
N PRO A 357 6.13 -15.02 54.22
CA PRO A 357 7.24 -14.69 55.09
C PRO A 357 8.04 -13.62 54.37
N PRO A 358 8.99 -12.96 55.07
CA PRO A 358 9.78 -11.90 54.43
C PRO A 358 10.39 -12.41 53.12
N LEU A 359 10.44 -11.57 52.09
CA LEU A 359 10.96 -11.98 50.75
C LEU A 359 12.33 -11.36 50.57
N PRO A 360 13.21 -12.05 49.82
CA PRO A 360 14.55 -11.54 49.55
C PRO A 360 14.37 -10.16 48.93
N GLU A 361 15.25 -9.22 49.25
CA GLU A 361 15.26 -7.88 48.61
C GLU A 361 16.30 -7.86 47.50
N GLU A 362 17.15 -8.88 47.44
CA GLU A 362 18.35 -8.87 46.55
C GLU A 362 18.15 -9.92 45.47
N PRO A 363 18.31 -9.56 44.19
CA PRO A 363 18.14 -10.55 43.13
C PRO A 363 19.27 -11.55 43.18
N PRO A 364 19.12 -12.74 42.56
CA PRO A 364 20.23 -13.63 42.27
C PRO A 364 21.31 -12.92 41.43
N SER A 365 22.52 -13.50 41.33
CA SER A 365 23.70 -12.87 40.69
C SER A 365 23.75 -13.41 39.28
N PHE A 366 23.86 -12.54 38.29
CA PHE A 366 23.88 -12.95 36.87
C PHE A 366 25.17 -12.37 36.32
N ASP A 367 25.98 -13.14 35.61
CA ASP A 367 27.22 -12.57 35.02
C ASP A 367 27.11 -12.56 33.51
N LYS A 368 26.18 -13.31 32.89
CA LYS A 368 26.10 -13.33 31.40
C LYS A 368 24.65 -13.27 30.87
N PRO A 369 24.44 -13.01 29.55
CA PRO A 369 23.13 -13.10 28.95
C PRO A 369 22.42 -14.41 29.28
N ILE A 370 21.11 -14.32 29.48
CA ILE A 370 20.26 -15.48 29.85
C ILE A 370 18.80 -15.23 29.43
N ALA A 371 18.09 -16.29 29.09
CA ALA A 371 16.67 -16.21 28.73
C ALA A 371 15.90 -15.82 29.99
N THR A 372 14.77 -15.12 29.86
CA THR A 372 14.02 -14.76 31.09
C THR A 372 13.37 -16.01 31.67
N ARG A 373 13.19 -17.06 30.87
CA ARG A 373 12.80 -18.36 31.42
C ARG A 373 13.87 -18.82 32.43
N ALA A 374 15.14 -18.81 32.04
CA ALA A 374 16.22 -19.39 32.88
C ALA A 374 16.37 -18.51 34.10
N ALA A 375 16.43 -17.19 33.95
CA ALA A 375 16.34 -16.21 35.05
C ALA A 375 15.16 -16.46 35.97
N SER A 376 14.02 -16.92 35.43
CA SER A 376 12.82 -17.19 36.25
C SER A 376 13.15 -18.41 37.10
N GLY A 377 13.73 -19.43 36.48
CA GLY A 377 14.22 -20.62 37.21
C GLY A 377 15.14 -20.24 38.37
N ARG A 378 16.04 -19.28 38.16
CA ARG A 378 16.99 -18.81 39.21
C ARG A 378 16.24 -18.05 40.29
N ALA A 379 15.23 -17.24 39.95
CA ALA A 379 14.43 -16.52 40.98
C ALA A 379 13.75 -17.57 41.85
N LEU A 380 13.30 -18.68 41.24
CA LEU A 380 12.52 -19.72 41.96
C LEU A 380 13.48 -20.54 42.86
N ASN A 381 14.71 -20.80 42.40
CA ASN A 381 15.78 -21.43 43.24
C ASN A 381 15.99 -20.63 44.55
N LEU A 382 16.00 -19.31 44.47
CA LEU A 382 16.07 -18.37 45.61
C LEU A 382 14.75 -18.33 46.40
N LEU A 383 13.57 -18.40 45.76
CA LEU A 383 12.29 -18.13 46.50
C LEU A 383 11.74 -19.40 47.17
N ALA A 384 11.80 -20.54 46.48
CA ALA A 384 11.18 -21.80 46.95
C ALA A 384 11.70 -22.22 48.32
N PRO A 385 13.04 -22.35 48.59
CA PRO A 385 13.52 -22.85 49.88
C PRO A 385 12.97 -22.06 51.08
N ARG A 386 12.61 -20.78 50.90
CA ARG A 386 11.96 -19.91 51.93
C ARG A 386 10.43 -19.85 51.83
N LEU A 387 9.79 -20.70 51.02
CA LEU A 387 8.29 -20.69 50.82
C LEU A 387 7.80 -22.12 50.69
N PRO A 388 7.63 -22.84 51.81
CA PRO A 388 7.18 -24.23 51.73
C PRO A 388 5.76 -24.32 51.13
N GLU A 389 5.01 -23.20 51.13
CA GLU A 389 3.68 -23.11 50.48
C GLU A 389 3.80 -23.10 48.95
N LEU A 390 4.95 -22.80 48.37
CA LEU A 390 5.04 -22.55 46.92
C LEU A 390 5.03 -23.89 46.18
N LEU A 391 3.94 -24.18 45.45
CA LEU A 391 3.86 -25.35 44.53
C LEU A 391 4.06 -24.92 43.07
N GLY A 392 4.73 -25.76 42.29
CA GLY A 392 5.12 -25.49 40.91
C GLY A 392 4.73 -26.63 40.01
N GLY A 393 4.65 -26.35 38.71
CA GLY A 393 4.40 -27.39 37.70
C GLY A 393 4.43 -26.84 36.29
N SER A 394 4.12 -27.71 35.36
CA SER A 394 4.14 -27.46 33.91
C SER A 394 3.24 -28.47 33.24
N ALA A 395 2.65 -28.05 32.13
CA ALA A 395 1.90 -28.95 31.24
C ALA A 395 2.91 -29.53 30.23
N ASP A 396 3.75 -30.44 30.73
CA ASP A 396 4.65 -31.29 29.93
C ASP A 396 5.68 -30.42 29.23
N LEU A 397 6.10 -29.35 29.89
CA LEU A 397 7.20 -28.49 29.41
C LEU A 397 8.21 -28.13 30.52
N THR A 398 8.41 -28.99 31.50
CA THR A 398 9.32 -28.75 32.68
C THR A 398 10.71 -28.31 32.20
N PRO A 399 11.38 -29.05 31.28
CA PRO A 399 12.69 -28.61 30.80
C PRO A 399 12.64 -27.27 30.07
N SER A 400 11.57 -27.02 29.30
CA SER A 400 11.39 -25.81 28.47
C SER A 400 10.94 -24.59 29.31
N ASN A 401 10.29 -24.78 30.47
CA ASN A 401 9.65 -23.65 31.22
C ASN A 401 10.44 -23.17 32.44
N ASN A 402 11.37 -23.99 32.98
CA ASN A 402 12.24 -23.67 34.14
C ASN A 402 11.38 -23.46 35.38
N THR A 403 10.44 -24.37 35.60
CA THR A 403 9.39 -24.25 36.66
C THR A 403 9.72 -25.14 37.86
N LYS A 404 10.51 -26.21 37.73
CA LYS A 404 10.89 -27.07 38.88
C LYS A 404 12.03 -26.40 39.64
N ALA A 405 11.73 -25.70 40.73
CA ALA A 405 12.81 -25.06 41.55
C ALA A 405 13.88 -26.06 42.04
N GLU A 406 15.10 -25.60 42.28
CA GLU A 406 16.08 -26.37 43.11
C GLU A 406 15.41 -26.65 44.45
N GLY A 407 15.27 -27.94 44.79
CA GLY A 407 14.71 -28.38 46.09
C GLY A 407 13.43 -29.18 45.92
N MET A 408 12.58 -28.78 44.98
CA MET A 408 11.25 -29.41 44.80
C MET A 408 11.42 -30.83 44.26
N GLU A 409 10.58 -31.76 44.71
CA GLU A 409 10.43 -33.12 44.14
C GLU A 409 9.04 -33.24 43.52
N ASP A 410 8.88 -34.20 42.61
CA ASP A 410 7.60 -34.60 42.01
C ASP A 410 6.62 -35.01 43.12
N PHE A 411 5.42 -34.43 43.10
CA PHE A 411 4.20 -34.99 43.75
C PHE A 411 3.96 -36.33 43.08
N SER A 412 3.57 -37.37 43.83
CA SER A 412 2.84 -38.57 43.34
C SER A 412 2.06 -39.13 44.53
N ARG A 413 1.25 -40.17 44.34
CA ARG A 413 0.54 -40.85 45.45
C ARG A 413 1.56 -41.37 46.46
N ALA A 414 2.67 -41.93 45.94
CA ALA A 414 3.82 -42.47 46.70
C ALA A 414 4.67 -41.33 47.32
N ASN A 415 4.67 -40.12 46.76
CA ASN A 415 5.42 -38.98 47.38
C ASN A 415 4.49 -37.78 47.50
N PRO A 416 3.48 -37.82 48.39
CA PRO A 416 2.52 -36.71 48.54
C PRO A 416 3.12 -35.40 49.04
N LEU A 417 4.41 -35.37 49.36
CA LEU A 417 5.11 -34.18 49.87
C LEU A 417 5.75 -33.42 48.70
N GLY A 418 5.87 -34.04 47.53
CA GLY A 418 6.50 -33.40 46.36
C GLY A 418 5.73 -32.14 45.97
N ARG A 419 6.42 -31.00 45.90
CA ARG A 419 5.81 -29.68 45.59
C ARG A 419 5.84 -29.39 44.06
N TYR A 420 6.17 -30.36 43.22
CA TYR A 420 6.23 -30.16 41.76
C TYR A 420 5.19 -31.04 41.06
N LEU A 421 4.35 -30.39 40.25
CA LEU A 421 3.22 -31.06 39.59
C LEU A 421 3.47 -31.19 38.10
N HIS A 422 3.48 -32.46 37.66
CA HIS A 422 3.49 -32.90 36.25
C HIS A 422 2.03 -32.88 35.80
N PHE A 423 1.58 -31.81 35.16
CA PHE A 423 0.16 -31.68 34.72
C PHE A 423 -0.12 -32.52 33.47
N GLY A 424 0.92 -32.92 32.75
CA GLY A 424 0.78 -33.51 31.41
C GLY A 424 0.30 -32.47 30.42
N VAL A 425 -0.19 -32.88 29.26
CA VAL A 425 -0.50 -31.94 28.15
C VAL A 425 -1.95 -31.53 28.32
N ARG A 426 -2.21 -30.80 29.40
CA ARG A 426 -3.55 -30.49 29.97
C ARG A 426 -3.53 -29.06 30.55
N GLU A 427 -3.26 -28.07 29.70
CA GLU A 427 -3.15 -26.65 30.13
C GLU A 427 -4.43 -26.28 30.86
N HIS A 428 -5.58 -26.66 30.34
CA HIS A 428 -6.86 -26.09 30.86
C HIS A 428 -7.09 -26.56 32.29
N ALA A 429 -7.07 -27.85 32.47
CA ALA A 429 -7.22 -28.45 33.82
C ALA A 429 -6.04 -28.01 34.71
N MET A 430 -4.88 -27.66 34.17
CA MET A 430 -3.76 -27.15 35.01
C MET A 430 -4.20 -25.80 35.55
N GLY A 431 -4.82 -25.00 34.69
CA GLY A 431 -5.37 -23.69 35.08
C GLY A 431 -6.32 -23.88 36.24
N ALA A 432 -7.21 -24.86 36.12
CA ALA A 432 -8.35 -25.11 37.04
C ALA A 432 -7.79 -25.63 38.37
N ILE A 433 -6.84 -26.56 38.31
CA ILE A 433 -6.18 -27.16 39.50
C ILE A 433 -5.30 -26.15 40.24
N LEU A 434 -4.64 -25.23 39.54
CA LEU A 434 -3.87 -24.14 40.17
C LEU A 434 -4.83 -23.26 40.96
N ASN A 435 -5.95 -22.91 40.33
CA ASN A 435 -6.98 -22.05 40.95
C ASN A 435 -7.45 -22.77 42.20
N GLY A 436 -7.69 -24.07 42.14
CA GLY A 436 -8.18 -24.81 43.30
C GLY A 436 -7.11 -24.90 44.40
N LEU A 437 -5.88 -25.17 44.03
CA LEU A 437 -4.76 -25.21 44.98
C LEU A 437 -4.70 -23.85 45.66
N ASN A 438 -4.96 -22.76 44.94
CA ASN A 438 -4.84 -21.38 45.50
C ASN A 438 -6.09 -21.00 46.27
N LEU A 439 -7.24 -21.66 46.04
CA LEU A 439 -8.50 -21.31 46.77
C LEU A 439 -8.53 -21.99 48.15
N HIS A 440 -7.93 -23.17 48.27
CA HIS A 440 -8.01 -24.04 49.47
C HIS A 440 -7.56 -23.28 50.71
N GLY A 441 -6.39 -22.64 50.67
CA GLY A 441 -5.67 -22.15 51.86
C GLY A 441 -4.54 -23.12 52.10
N GLY A 442 -3.31 -22.61 52.30
CA GLY A 442 -2.12 -23.38 52.71
C GLY A 442 -1.04 -23.33 51.66
N TYR A 443 -1.42 -22.92 50.45
CA TYR A 443 -0.59 -23.05 49.23
C TYR A 443 -0.61 -21.79 48.38
N ARG A 444 0.47 -21.61 47.64
CA ARG A 444 0.53 -20.62 46.54
C ARG A 444 1.10 -21.39 45.36
N ALA A 445 0.38 -21.45 44.24
CA ALA A 445 0.67 -22.43 43.17
C ALA A 445 0.88 -21.69 41.85
N TYR A 446 1.87 -22.14 41.08
CA TYR A 446 2.22 -21.57 39.76
C TYR A 446 2.38 -22.74 38.82
N GLY A 447 2.07 -22.51 37.54
CA GLY A 447 2.21 -23.54 36.50
C GLY A 447 2.63 -22.95 35.17
N GLY A 448 3.31 -23.76 34.38
CA GLY A 448 4.04 -23.30 33.20
C GLY A 448 3.51 -23.87 31.90
N THR A 449 3.57 -23.06 30.86
CA THR A 449 3.50 -23.57 29.47
C THR A 449 4.02 -22.49 28.52
N PHE A 450 3.94 -22.70 27.22
CA PHE A 450 4.28 -21.67 26.21
C PHE A 450 3.14 -20.65 26.17
N LEU A 451 3.45 -19.36 26.02
CA LEU A 451 2.46 -18.27 25.98
C LEU A 451 1.40 -18.57 24.93
N VAL A 452 1.76 -19.21 23.83
CA VAL A 452 0.76 -19.47 22.77
C VAL A 452 -0.33 -20.34 23.38
N PHE A 453 -0.01 -21.14 24.40
CA PHE A 453 -0.94 -22.17 24.89
C PHE A 453 -1.70 -21.68 26.08
N SER A 454 -1.52 -20.43 26.44
CA SER A 454 -2.51 -19.74 27.27
C SER A 454 -3.88 -19.93 26.64
N ASP A 455 -3.94 -20.10 25.33
CA ASP A 455 -5.21 -20.21 24.57
C ASP A 455 -6.00 -21.41 25.09
N TYR A 456 -5.32 -22.48 25.49
CA TYR A 456 -5.94 -23.75 25.93
C TYR A 456 -6.48 -23.60 27.35
N MET A 457 -6.22 -22.50 28.06
CA MET A 457 -6.64 -22.40 29.47
C MET A 457 -7.36 -21.08 29.72
N ARG A 458 -7.75 -20.38 28.68
CA ARG A 458 -8.29 -19.02 28.90
C ARG A 458 -9.38 -19.03 29.95
N PRO A 459 -10.34 -19.98 29.95
CA PRO A 459 -11.45 -19.88 30.90
C PRO A 459 -10.99 -19.99 32.36
N ALA A 460 -9.93 -20.74 32.64
CA ALA A 460 -9.38 -20.92 33.99
C ALA A 460 -8.67 -19.62 34.38
N ILE A 461 -7.96 -19.00 33.43
CA ILE A 461 -7.36 -17.66 33.68
C ILE A 461 -8.47 -16.67 34.06
N ARG A 462 -9.57 -16.61 33.28
CA ARG A 462 -10.64 -15.63 33.54
C ARG A 462 -11.28 -15.98 34.88
N LEU A 463 -11.41 -17.25 35.16
CA LEU A 463 -12.11 -17.53 36.41
C LEU A 463 -11.25 -17.05 37.59
N ALA A 464 -9.92 -17.08 37.48
CA ALA A 464 -9.05 -16.66 38.63
C ALA A 464 -9.22 -15.15 38.84
N ALA A 465 -9.30 -14.41 37.74
CA ALA A 465 -9.47 -12.95 37.77
C ALA A 465 -10.85 -12.62 38.37
N LEU A 466 -11.83 -13.49 38.16
CA LEU A 466 -13.22 -13.27 38.64
C LEU A 466 -13.29 -13.55 40.12
N MET A 467 -12.67 -14.63 40.57
CA MET A 467 -12.61 -15.00 42.00
C MET A 467 -11.62 -14.11 42.77
N GLY A 468 -10.73 -13.39 42.10
CA GLY A 468 -9.59 -12.72 42.76
C GLY A 468 -8.60 -13.69 43.35
N VAL A 469 -8.46 -14.87 42.77
CA VAL A 469 -7.50 -15.91 43.18
C VAL A 469 -6.15 -15.55 42.55
N PRO A 470 -5.05 -15.45 43.33
CA PRO A 470 -3.77 -14.97 42.76
C PRO A 470 -2.97 -16.16 42.20
N THR A 471 -3.52 -16.84 41.21
CA THR A 471 -2.76 -17.89 40.52
C THR A 471 -1.64 -17.22 39.73
N VAL A 472 -0.47 -17.86 39.70
CA VAL A 472 0.64 -17.31 38.89
C VAL A 472 0.78 -18.20 37.67
N PHE A 473 0.54 -17.63 36.48
CA PHE A 473 0.65 -18.38 35.20
C PHE A 473 1.99 -18.03 34.56
N VAL A 474 2.85 -19.01 34.40
CA VAL A 474 4.18 -18.78 33.78
C VAL A 474 4.08 -19.12 32.30
N PHE A 475 4.44 -18.17 31.45
CA PHE A 475 4.33 -18.29 29.97
C PHE A 475 5.71 -17.97 29.40
N THR A 476 6.36 -19.00 28.86
CA THR A 476 7.65 -18.87 28.18
C THR A 476 7.43 -18.79 26.67
N HIS A 477 8.50 -18.71 25.89
CA HIS A 477 8.39 -18.74 24.42
C HIS A 477 7.48 -17.60 24.00
N ASP A 478 7.80 -16.42 24.48
CA ASP A 478 6.88 -15.26 24.50
C ASP A 478 6.72 -14.68 23.08
N SER A 479 7.47 -15.12 22.06
CA SER A 479 7.60 -14.35 20.79
C SER A 479 8.17 -15.18 19.63
N ILE A 480 8.06 -14.64 18.41
CA ILE A 480 8.78 -15.08 17.17
C ILE A 480 10.25 -15.36 17.48
N ALA A 481 10.86 -14.66 18.43
CA ALA A 481 12.25 -14.94 18.88
C ALA A 481 12.44 -16.41 19.26
N LEU A 482 11.38 -17.20 19.54
CA LEU A 482 11.54 -18.62 19.91
C LEU A 482 12.10 -19.45 18.74
N GLY A 483 11.91 -18.99 17.50
CA GLY A 483 12.56 -19.58 16.31
C GLY A 483 11.74 -20.64 15.56
N GLU A 484 12.35 -21.80 15.36
CA GLU A 484 12.06 -22.78 14.30
C GLU A 484 10.69 -23.43 14.49
N ASP A 485 10.18 -23.48 15.73
CA ASP A 485 8.87 -24.10 16.03
C ASP A 485 7.81 -23.40 15.19
N GLY A 486 7.97 -22.12 14.91
CA GLY A 486 7.19 -21.43 13.87
C GLY A 486 5.77 -21.09 14.32
N PRO A 487 4.89 -20.71 13.37
CA PRO A 487 3.77 -19.85 13.66
C PRO A 487 2.76 -20.45 14.65
N THR A 488 2.58 -21.77 14.63
CA THR A 488 1.62 -22.48 15.51
C THR A 488 2.07 -22.28 16.97
N HIS A 489 3.34 -21.89 17.19
CA HIS A 489 3.97 -21.73 18.53
C HIS A 489 4.31 -20.26 18.83
N GLN A 490 4.23 -19.37 17.86
CA GLN A 490 4.74 -17.99 18.09
C GLN A 490 3.54 -17.10 18.43
N PRO A 491 3.46 -16.54 19.65
CA PRO A 491 2.37 -15.65 20.02
C PRO A 491 2.39 -14.41 19.13
N VAL A 492 1.21 -13.77 19.01
CA VAL A 492 1.06 -12.45 18.34
C VAL A 492 0.03 -11.63 19.11
N GLU A 493 -1.21 -12.09 19.18
CA GLU A 493 -2.34 -11.40 19.85
C GLU A 493 -2.28 -11.57 21.37
N HIS A 494 -1.43 -12.47 21.87
CA HIS A 494 -1.60 -13.00 23.25
C HIS A 494 -1.45 -11.95 24.32
N LEU A 495 -0.46 -11.11 24.13
CA LEU A 495 -0.13 -10.05 25.12
C LEU A 495 -1.36 -9.16 25.27
N MET A 496 -1.79 -8.50 24.21
CA MET A 496 -2.98 -7.61 24.24
C MET A 496 -4.24 -8.37 24.65
N SER A 497 -4.36 -9.64 24.28
CA SER A 497 -5.56 -10.44 24.64
C SER A 497 -5.60 -10.64 26.14
N LEU A 498 -4.44 -10.73 26.80
CA LEU A 498 -4.45 -10.97 28.26
C LEU A 498 -4.57 -9.62 28.94
N ARG A 499 -4.03 -8.56 28.34
CA ARG A 499 -4.03 -7.24 29.02
C ARG A 499 -5.45 -6.68 29.09
N ALA A 500 -6.31 -7.09 28.17
CA ALA A 500 -7.70 -6.58 28.05
C ALA A 500 -8.52 -7.24 29.16
N MET A 501 -8.05 -8.35 29.72
CA MET A 501 -8.81 -9.08 30.75
C MET A 501 -8.76 -8.30 32.07
N PRO A 502 -9.89 -7.99 32.69
CA PRO A 502 -9.86 -7.34 34.00
C PRO A 502 -9.15 -8.20 35.06
N ASN A 503 -8.39 -7.54 35.95
CA ASN A 503 -7.81 -8.16 37.17
C ASN A 503 -6.85 -9.28 36.79
N LEU A 504 -6.02 -9.05 35.78
CA LEU A 504 -4.87 -9.92 35.44
C LEU A 504 -3.68 -9.00 35.21
N PHE A 505 -2.65 -9.07 36.05
CA PHE A 505 -1.38 -8.37 35.77
C PHE A 505 -0.70 -9.18 34.69
N VAL A 506 -0.11 -8.52 33.73
CA VAL A 506 0.65 -9.17 32.63
C VAL A 506 2.06 -8.58 32.67
N ILE A 507 3.04 -9.33 33.16
CA ILE A 507 4.42 -8.81 33.45
C ILE A 507 5.41 -9.51 32.50
N ARG A 508 6.08 -8.70 31.72
CA ARG A 508 6.97 -9.15 30.64
C ARG A 508 8.36 -8.60 30.92
N PRO A 509 9.13 -9.19 31.89
CA PRO A 509 10.42 -8.64 32.31
C PRO A 509 11.42 -8.53 31.16
N ALA A 510 12.14 -7.41 31.06
CA ALA A 510 13.16 -7.19 30.01
C ALA A 510 14.37 -8.09 30.17
N ASP A 511 14.66 -8.55 31.40
CA ASP A 511 15.93 -9.26 31.67
C ASP A 511 15.85 -10.03 32.98
N ALA A 512 16.92 -10.77 33.28
CA ALA A 512 17.08 -11.61 34.49
C ALA A 512 16.71 -10.82 35.76
N TYR A 513 17.11 -9.54 35.86
CA TYR A 513 16.87 -8.68 37.04
C TYR A 513 15.38 -8.32 37.10
N GLU A 514 14.80 -7.75 36.02
CA GLU A 514 13.34 -7.45 35.93
C GLU A 514 12.57 -8.72 36.35
N THR A 515 13.04 -9.89 35.93
CA THR A 515 12.36 -11.17 36.18
C THR A 515 12.25 -11.43 37.67
N PHE A 516 13.28 -11.00 38.42
CA PHE A 516 13.31 -11.27 39.87
C PHE A 516 12.25 -10.39 40.48
N TYR A 517 12.22 -9.13 40.09
CA TYR A 517 11.19 -8.20 40.60
C TYR A 517 9.78 -8.60 40.12
N ALA A 518 9.64 -9.24 38.95
CA ALA A 518 8.34 -9.68 38.41
C ALA A 518 7.77 -10.74 39.35
N TRP A 519 8.64 -11.64 39.81
CA TRP A 519 8.22 -12.70 40.76
C TRP A 519 7.83 -12.09 42.11
N LEU A 520 8.54 -11.07 42.61
CA LEU A 520 8.16 -10.37 43.86
C LEU A 520 6.78 -9.74 43.66
N VAL A 521 6.57 -9.07 42.53
CA VAL A 521 5.26 -8.44 42.22
C VAL A 521 4.17 -9.51 42.24
N ALA A 522 4.42 -10.64 41.58
CA ALA A 522 3.42 -11.70 41.42
C ALA A 522 3.07 -12.23 42.80
N LEU A 523 4.08 -12.61 43.60
CA LEU A 523 3.86 -13.23 44.94
C LEU A 523 3.14 -12.23 45.85
N ARG A 524 3.49 -10.94 45.82
CA ARG A 524 2.87 -9.97 46.76
C ARG A 524 1.46 -9.58 46.29
N ARG A 525 1.13 -9.76 44.99
CA ARG A 525 -0.20 -9.37 44.42
C ARG A 525 -1.24 -10.42 44.86
N LYS A 526 -2.20 -10.07 45.74
CA LYS A 526 -3.19 -11.08 46.24
C LYS A 526 -4.57 -10.87 45.57
N GLU A 527 -4.82 -9.73 44.93
CA GLU A 527 -6.15 -9.29 44.40
C GLU A 527 -6.61 -10.22 43.26
N GLY A 528 -5.67 -10.75 42.46
CA GLY A 528 -5.98 -11.62 41.31
C GLY A 528 -4.76 -12.21 40.63
N PRO A 529 -4.92 -12.96 39.51
CA PRO A 529 -3.79 -13.66 38.88
C PRO A 529 -2.72 -12.75 38.28
N THR A 530 -1.53 -13.32 38.09
CA THR A 530 -0.42 -12.63 37.39
C THR A 530 0.03 -13.58 36.29
N ALA A 531 0.17 -13.07 35.08
CA ALA A 531 0.82 -13.79 33.96
C ALA A 531 2.24 -13.28 33.82
N LEU A 532 3.21 -14.16 33.98
CA LEU A 532 4.65 -13.77 33.85
C LEU A 532 5.11 -14.18 32.45
N VAL A 533 5.65 -13.27 31.66
CA VAL A 533 5.86 -13.60 30.23
C VAL A 533 7.36 -13.58 29.92
N LEU A 534 7.90 -14.70 29.46
CA LEU A 534 9.36 -15.01 29.49
C LEU A 534 9.83 -15.43 28.10
N THR A 535 11.11 -15.22 27.81
CA THR A 535 11.71 -15.56 26.49
C THR A 535 12.23 -16.99 26.47
N ARG A 536 12.25 -17.63 25.31
CA ARG A 536 13.10 -18.82 25.10
C ARG A 536 14.55 -18.35 24.91
N GLN A 537 14.80 -17.38 24.04
CA GLN A 537 16.17 -16.97 23.67
C GLN A 537 16.80 -16.19 24.81
N ALA A 538 18.14 -16.10 24.77
CA ALA A 538 18.98 -15.34 25.71
C ALA A 538 18.82 -13.87 25.41
N VAL A 539 18.76 -13.01 26.45
CA VAL A 539 18.74 -11.55 26.27
C VAL A 539 19.75 -10.99 27.26
N PRO A 540 20.35 -9.83 26.98
CA PRO A 540 21.36 -9.24 27.85
C PRO A 540 20.84 -8.94 29.26
N LEU A 541 21.74 -8.49 30.12
CA LEU A 541 21.38 -8.01 31.47
C LEU A 541 21.21 -6.50 31.47
N LEU A 542 20.30 -6.06 32.30
CA LEU A 542 20.24 -4.66 32.73
C LEU A 542 21.00 -4.59 34.04
N SER A 543 21.13 -3.41 34.62
CA SER A 543 21.68 -3.25 36.00
C SER A 543 20.57 -3.63 36.99
N PRO A 544 20.86 -4.34 38.09
CA PRO A 544 19.85 -4.57 39.11
C PRO A 544 19.17 -3.32 39.70
N GLU A 545 19.87 -2.17 39.81
CA GLU A 545 19.31 -0.91 40.38
C GLU A 545 18.28 -0.31 39.40
N LYS A 546 18.57 -0.33 38.10
CA LYS A 546 17.63 0.19 37.06
C LYS A 546 16.36 -0.67 37.04
N ALA A 547 16.51 -1.99 37.10
CA ALA A 547 15.47 -3.01 36.91
C ALA A 547 14.39 -2.91 37.99
N ARG A 548 14.81 -2.63 39.21
CA ARG A 548 13.94 -2.45 40.38
C ARG A 548 12.73 -1.56 39.98
N GLY A 549 12.93 -0.69 38.99
CA GLY A 549 11.88 0.23 38.49
C GLY A 549 10.63 -0.54 38.07
N LEU A 550 10.77 -1.84 37.81
CA LEU A 550 9.64 -2.74 37.41
C LEU A 550 8.54 -2.69 38.47
N LEU A 551 8.87 -2.36 39.71
CA LEU A 551 7.87 -2.31 40.80
C LEU A 551 6.90 -1.20 40.50
N ARG A 552 7.25 -0.28 39.60
CA ARG A 552 6.37 0.85 39.19
C ARG A 552 5.69 0.48 37.87
N GLY A 553 5.98 -0.69 37.31
CA GLY A 553 5.32 -1.22 36.11
C GLY A 553 5.87 -0.61 34.85
N GLY A 554 6.25 0.67 34.90
CA GLY A 554 6.97 1.34 33.80
C GLY A 554 7.98 2.33 34.36
N TYR A 555 9.16 2.44 33.77
CA TYR A 555 10.20 3.38 34.27
C TYR A 555 11.18 3.76 33.17
N VAL A 556 11.81 4.92 33.36
CA VAL A 556 12.94 5.45 32.54
C VAL A 556 14.16 4.58 32.86
N LEU A 557 14.62 3.84 31.85
CA LEU A 557 15.72 2.86 31.94
C LEU A 557 17.03 3.58 31.61
N GLU A 558 17.11 4.17 30.43
CA GLU A 558 18.23 5.03 29.98
C GLU A 558 17.61 6.38 29.65
N ASP A 559 17.83 7.39 30.50
CA ASP A 559 17.40 8.78 30.22
C ASP A 559 18.49 9.53 29.44
N VAL A 560 18.16 10.72 28.95
CA VAL A 560 19.11 11.63 28.25
C VAL A 560 18.76 13.05 28.66
N GLU A 561 19.68 13.97 28.37
CA GLU A 561 19.52 15.45 28.48
C GLU A 561 18.45 15.88 27.47
N GLU A 562 17.45 16.62 27.93
CA GLU A 562 16.41 17.30 27.10
C GLU A 562 15.86 16.33 26.06
N PRO A 563 15.09 15.28 26.50
CA PRO A 563 14.59 14.25 25.59
C PRO A 563 13.84 14.88 24.41
N GLN A 564 14.17 14.50 23.17
CA GLN A 564 13.36 14.82 21.96
C GLN A 564 12.20 13.81 21.82
N GLY A 565 12.23 12.72 22.59
CA GLY A 565 11.25 11.64 22.44
C GLY A 565 11.55 10.45 23.33
N VAL A 566 10.70 9.43 23.17
CA VAL A 566 10.72 8.19 24.01
C VAL A 566 10.63 6.97 23.10
N LEU A 567 11.51 5.98 23.28
CA LEU A 567 11.23 4.61 22.80
C LEU A 567 10.73 3.84 24.02
N VAL A 568 9.49 3.38 23.95
CA VAL A 568 8.85 2.56 25.03
C VAL A 568 8.82 1.13 24.53
N ALA A 569 9.11 0.19 25.41
CA ALA A 569 9.36 -1.20 25.02
C ALA A 569 9.11 -2.10 26.22
N THR A 570 8.89 -3.39 25.95
CA THR A 570 8.56 -4.44 26.92
C THR A 570 9.46 -5.63 26.58
N GLY A 571 9.79 -6.41 27.61
CA GLY A 571 10.49 -7.69 27.48
C GLY A 571 11.71 -7.57 26.62
N SER A 572 11.95 -8.58 25.82
CA SER A 572 13.07 -8.63 24.88
C SER A 572 13.20 -7.31 24.10
N GLU A 573 12.09 -6.63 23.80
CA GLU A 573 12.20 -5.47 22.86
C GLU A 573 12.90 -4.28 23.55
N VAL A 574 13.09 -4.30 24.86
CA VAL A 574 13.80 -3.16 25.52
C VAL A 574 15.24 -3.03 24.98
N HIS A 575 15.91 -4.17 24.78
CA HIS A 575 17.29 -4.30 24.22
C HIS A 575 17.36 -3.79 22.78
N LEU A 576 16.30 -4.03 21.99
CA LEU A 576 16.18 -3.47 20.64
C LEU A 576 16.12 -1.95 20.75
N ALA A 577 15.31 -1.48 21.67
CA ALA A 577 15.08 -0.04 21.92
C ALA A 577 16.43 0.61 22.28
N LEU A 578 17.18 0.06 23.25
CA LEU A 578 18.50 0.59 23.72
C LEU A 578 19.46 0.68 22.52
N ARG A 579 19.52 -0.36 21.72
CA ARG A 579 20.31 -0.33 20.46
C ARG A 579 19.80 0.77 19.51
N ALA A 580 18.48 1.06 19.47
CA ALA A 580 17.95 2.13 18.58
C ALA A 580 18.28 3.51 19.17
N GLN A 581 18.35 3.61 20.50
CA GLN A 581 18.78 4.83 21.23
C GLN A 581 20.19 5.22 20.77
N ALA A 582 21.12 4.27 20.77
CA ALA A 582 22.52 4.46 20.30
C ALA A 582 22.52 4.97 18.85
N LEU A 583 21.97 4.22 17.88
CA LEU A 583 21.87 4.63 16.43
C LEU A 583 21.36 6.08 16.32
N LEU A 584 20.30 6.44 17.05
CA LEU A 584 19.73 7.81 17.03
C LEU A 584 20.72 8.82 17.65
N ARG A 585 21.44 8.46 18.73
CA ARG A 585 22.31 9.41 19.48
C ARG A 585 23.49 9.79 18.56
N GLU A 586 24.07 8.79 17.88
CA GLU A 586 25.10 8.93 16.79
C GLU A 586 24.68 9.99 15.75
N LYS A 587 23.40 10.13 15.41
CA LYS A 587 22.85 11.14 14.48
C LYS A 587 22.34 12.39 15.22
N GLY A 588 22.69 12.61 16.48
CA GLY A 588 22.29 13.83 17.21
C GLY A 588 20.81 13.90 17.59
N VAL A 589 20.06 12.81 17.44
CA VAL A 589 18.68 12.72 17.97
C VAL A 589 18.75 12.04 19.32
N ARG A 590 18.13 12.61 20.35
CA ARG A 590 18.23 12.15 21.75
C ARG A 590 16.84 11.68 22.21
N VAL A 591 16.70 10.36 22.45
CA VAL A 591 15.46 9.70 22.96
C VAL A 591 15.79 8.98 24.26
N ARG A 592 14.89 9.01 25.25
CA ARG A 592 15.01 8.13 26.44
C ARG A 592 14.34 6.78 26.14
N VAL A 593 14.71 5.75 26.88
CA VAL A 593 14.16 4.38 26.75
C VAL A 593 13.39 4.06 28.03
N VAL A 594 12.12 3.76 27.85
CA VAL A 594 11.21 3.36 28.95
C VAL A 594 10.96 1.87 28.80
N SER A 595 11.03 1.16 29.91
CA SER A 595 10.71 -0.27 30.04
C SER A 595 9.35 -0.34 30.70
N LEU A 596 8.35 -0.90 30.01
CA LEU A 596 6.94 -0.99 30.50
C LEU A 596 6.64 -2.46 30.76
N PRO A 597 7.24 -3.07 31.80
CA PRO A 597 7.06 -4.50 32.00
C PRO A 597 5.63 -4.88 32.28
N SER A 598 4.81 -3.95 32.77
CA SER A 598 3.39 -4.23 33.10
C SER A 598 2.55 -2.98 32.92
N PHE A 599 1.55 -3.03 31.99
CA PHE A 599 0.57 -1.94 31.73
C PHE A 599 -0.23 -1.66 33.00
N GLU A 600 -0.64 -2.72 33.67
CA GLU A 600 -1.59 -2.64 34.81
C GLU A 600 -0.88 -1.99 36.00
N LEU A 601 0.34 -2.41 36.35
CA LEU A 601 1.07 -1.86 37.55
C LEU A 601 1.48 -0.41 37.24
N PHE A 602 1.75 -0.08 36.00
CA PHE A 602 2.07 1.31 35.61
C PHE A 602 0.83 2.22 35.75
N ALA A 603 -0.32 1.77 35.25
CA ALA A 603 -1.59 2.56 35.24
C ALA A 603 -2.07 2.76 36.68
N ALA A 604 -1.67 1.90 37.62
CA ALA A 604 -2.03 2.07 39.06
C ALA A 604 -1.18 3.19 39.72
N GLN A 605 -0.12 3.67 39.06
CA GLN A 605 0.80 4.66 39.65
C GLN A 605 0.13 6.04 39.59
N PRO A 606 0.48 6.92 40.55
CA PRO A 606 0.05 8.32 40.44
C PRO A 606 0.31 8.91 39.04
N GLU A 607 -0.65 9.70 38.59
CA GLU A 607 -0.58 10.49 37.33
C GLU A 607 0.76 11.25 37.26
N ALA A 608 1.24 11.84 38.37
CA ALA A 608 2.53 12.58 38.42
C ALA A 608 3.67 11.65 38.00
N TYR A 609 3.75 10.43 38.54
CA TYR A 609 4.85 9.50 38.16
C TYR A 609 4.73 9.12 36.68
N ARG A 610 3.51 8.93 36.17
CA ARG A 610 3.35 8.43 34.76
C ARG A 610 3.80 9.50 33.78
N LYS A 611 3.66 10.78 34.15
CA LYS A 611 3.99 11.93 33.26
C LYS A 611 5.49 12.25 33.33
N GLU A 612 6.14 11.96 34.46
CA GLU A 612 7.63 11.99 34.57
C GLU A 612 8.19 11.01 33.55
N VAL A 613 7.62 9.82 33.49
CA VAL A 613 8.11 8.67 32.65
C VAL A 613 7.83 8.94 31.16
N LEU A 614 6.62 9.38 30.81
CA LEU A 614 6.19 9.58 29.40
C LEU A 614 5.69 11.01 29.31
N PRO A 615 6.57 12.02 29.21
CA PRO A 615 6.14 13.41 29.36
C PRO A 615 5.26 13.76 28.18
N PRO A 616 4.08 14.38 28.40
CA PRO A 616 3.22 14.80 27.30
C PRO A 616 3.99 15.75 26.37
N GLY A 617 3.58 15.78 25.11
CA GLY A 617 4.19 16.65 24.09
C GLY A 617 5.42 16.02 23.46
N LEU A 618 5.97 14.96 24.05
CA LEU A 618 7.13 14.24 23.47
C LEU A 618 6.61 13.14 22.57
N PRO A 619 7.12 12.95 21.33
CA PRO A 619 6.72 11.82 20.53
C PRO A 619 7.30 10.51 21.11
N VAL A 620 6.58 9.42 20.92
CA VAL A 620 6.88 8.09 21.52
C VAL A 620 6.67 7.03 20.45
N VAL A 621 7.65 6.14 20.34
CA VAL A 621 7.55 4.88 19.58
C VAL A 621 7.52 3.73 20.57
N ALA A 622 6.57 2.80 20.41
CA ALA A 622 6.50 1.51 21.13
C ALA A 622 7.20 0.45 20.30
N VAL A 623 7.92 -0.46 20.97
CA VAL A 623 8.46 -1.71 20.35
C VAL A 623 8.04 -2.93 21.15
N GLU A 624 7.42 -3.91 20.51
CA GLU A 624 6.97 -5.15 21.18
C GLU A 624 6.65 -6.11 20.05
N ALA A 625 7.17 -7.33 20.13
CA ALA A 625 6.98 -8.30 19.04
C ALA A 625 5.61 -8.98 19.24
N GLY A 626 4.53 -8.22 19.11
CA GLY A 626 3.14 -8.71 19.18
C GLY A 626 2.22 -7.76 18.43
N ALA A 627 0.92 -8.03 18.48
CA ALA A 627 -0.17 -7.15 17.99
C ALA A 627 -0.01 -5.68 18.40
N SER A 628 -0.26 -4.75 17.46
CA SER A 628 -0.18 -3.28 17.66
C SER A 628 -1.35 -2.78 18.49
N LEU A 629 -2.48 -3.50 18.47
CA LEU A 629 -3.79 -3.02 18.98
C LEU A 629 -3.71 -2.82 20.48
N GLY A 630 -3.81 -1.56 20.93
CA GLY A 630 -3.67 -1.15 22.34
C GLY A 630 -2.54 -0.13 22.50
N TRP A 631 -1.45 -0.27 21.74
CA TRP A 631 -0.23 0.55 21.89
C TRP A 631 -0.51 2.05 21.76
N GLU A 632 -1.60 2.43 21.09
CA GLU A 632 -1.94 3.85 20.80
C GLU A 632 -2.27 4.52 22.14
N ARG A 633 -2.51 3.73 23.19
CA ARG A 633 -2.71 4.28 24.56
C ARG A 633 -1.43 5.02 25.02
N TYR A 634 -0.27 4.72 24.46
CA TYR A 634 1.03 5.25 24.95
C TYR A 634 1.91 5.77 23.80
N ALA A 635 1.81 5.23 22.59
CA ALA A 635 2.74 5.55 21.49
C ALA A 635 2.02 6.11 20.29
N HIS A 636 2.72 6.93 19.51
CA HIS A 636 2.25 7.60 18.27
C HIS A 636 2.49 6.69 17.07
N LYS A 637 3.49 5.81 17.18
CA LYS A 637 3.90 4.83 16.14
C LYS A 637 4.39 3.57 16.87
N VAL A 638 4.04 2.38 16.37
CA VAL A 638 4.40 1.09 17.02
C VAL A 638 5.16 0.25 16.00
N VAL A 639 6.29 -0.32 16.44
CA VAL A 639 6.97 -1.41 15.71
C VAL A 639 6.49 -2.69 16.36
N ALA A 640 5.58 -3.38 15.69
CA ALA A 640 4.77 -4.48 16.25
C ALA A 640 4.59 -5.51 15.16
N LEU A 641 3.77 -6.52 15.42
CA LEU A 641 3.63 -7.71 14.53
C LEU A 641 2.15 -8.06 14.48
N ASP A 642 1.55 -7.82 13.32
CA ASP A 642 0.10 -7.94 13.03
C ASP A 642 -0.05 -8.98 11.94
N ARG A 643 0.84 -9.97 11.92
CA ARG A 643 0.70 -11.21 11.13
C ARG A 643 1.30 -12.37 11.97
N PHE A 644 1.03 -13.61 11.56
CA PHE A 644 1.59 -14.85 12.15
C PHE A 644 3.05 -14.97 11.78
N GLY A 645 3.77 -15.77 12.54
CA GLY A 645 5.24 -15.77 12.48
C GLY A 645 5.74 -16.57 11.32
N ALA A 646 6.80 -17.37 11.54
CA ALA A 646 7.44 -18.18 10.49
C ALA A 646 8.39 -19.17 11.18
N SER A 647 8.56 -20.35 10.57
CA SER A 647 9.52 -21.39 11.00
C SER A 647 10.89 -21.05 10.44
N ALA A 648 11.72 -20.41 11.27
CA ALA A 648 13.11 -20.01 10.98
C ALA A 648 13.89 -19.77 12.28
N PRO A 649 15.24 -19.87 12.23
CA PRO A 649 16.07 -19.65 13.42
C PRO A 649 15.98 -18.20 13.89
N TYR A 650 16.24 -17.98 15.18
CA TYR A 650 16.56 -16.68 15.80
C TYR A 650 18.07 -16.41 15.70
N PRO A 651 18.56 -15.20 15.38
CA PRO A 651 17.72 -14.00 15.25
C PRO A 651 17.18 -13.68 13.85
N GLU A 652 17.37 -14.55 12.88
CA GLU A 652 17.00 -14.26 11.47
C GLU A 652 15.50 -13.93 11.45
N VAL A 653 14.68 -14.81 12.04
CA VAL A 653 13.20 -14.73 12.05
C VAL A 653 12.80 -13.35 12.58
N TYR A 654 13.48 -12.93 13.65
CA TYR A 654 13.17 -11.68 14.38
C TYR A 654 13.47 -10.52 13.45
N GLU A 655 14.63 -10.56 12.81
CA GLU A 655 15.09 -9.46 11.91
C GLU A 655 14.22 -9.38 10.65
N ARG A 656 13.99 -10.51 9.99
CA ARG A 656 13.28 -10.47 8.67
C ARG A 656 11.82 -10.07 8.92
N LEU A 657 11.31 -10.24 10.13
CA LEU A 657 9.91 -9.85 10.47
C LEU A 657 9.90 -8.44 11.06
N GLY A 658 11.04 -7.74 11.04
CA GLY A 658 11.08 -6.26 11.15
C GLY A 658 11.57 -5.75 12.50
N PHE A 659 12.06 -6.64 13.35
CA PHE A 659 12.60 -6.27 14.68
C PHE A 659 14.11 -6.08 14.54
N THR A 660 14.50 -4.93 14.00
CA THR A 660 15.90 -4.46 13.94
C THR A 660 15.94 -3.06 14.56
N PRO A 661 17.09 -2.64 15.12
CA PRO A 661 17.24 -1.28 15.65
C PRO A 661 17.17 -0.16 14.60
N GLU A 662 17.56 -0.47 13.38
CA GLU A 662 17.40 0.42 12.20
C GLU A 662 15.90 0.75 11.99
N ARG A 663 14.98 -0.23 12.10
CA ARG A 663 13.54 0.04 11.83
C ARG A 663 12.93 0.87 12.97
N VAL A 664 13.38 0.66 14.21
CA VAL A 664 12.89 1.45 15.40
C VAL A 664 13.36 2.88 15.19
N ALA A 665 14.65 3.03 14.87
CA ALA A 665 15.27 4.35 14.61
C ALA A 665 14.43 5.05 13.51
N GLU A 666 14.24 4.45 12.33
CA GLU A 666 13.49 5.04 11.17
C GLU A 666 12.09 5.42 11.67
N ALA A 667 11.48 4.59 12.52
CA ALA A 667 10.12 4.88 13.00
C ALA A 667 10.17 6.15 13.82
N PHE A 668 11.22 6.33 14.64
CA PHE A 668 11.32 7.55 15.47
C PHE A 668 11.58 8.77 14.59
N LEU A 669 12.50 8.66 13.60
CA LEU A 669 12.87 9.78 12.70
C LEU A 669 11.62 10.28 11.93
N SER A 670 10.63 9.43 11.67
CA SER A 670 9.40 9.78 10.89
C SER A 670 8.50 10.70 11.71
N LEU A 671 8.76 10.88 13.00
CA LEU A 671 7.96 11.74 13.91
C LEU A 671 8.63 13.11 14.08
N VAL A 672 9.82 13.30 13.51
CA VAL A 672 10.63 14.55 13.67
C VAL A 672 11.21 14.92 12.30
N LYS B 23 11.94 -62.14 1.17
CA LYS B 23 13.24 -61.69 1.76
C LYS B 23 13.81 -60.49 0.98
N GLU B 24 13.32 -60.19 -0.23
CA GLU B 24 13.81 -59.05 -1.08
C GLU B 24 12.67 -58.07 -1.47
N THR B 25 11.43 -58.30 -1.01
CA THR B 25 10.39 -57.27 -0.76
C THR B 25 10.52 -56.81 0.69
N ARG B 26 10.75 -57.76 1.61
CA ARG B 26 11.11 -57.54 3.04
C ARG B 26 12.28 -56.54 3.15
N ASP B 27 13.24 -56.59 2.21
CA ASP B 27 14.45 -55.71 2.18
C ASP B 27 14.10 -54.34 1.57
N LEU B 28 13.17 -54.27 0.62
CA LEU B 28 12.70 -53.00 -0.01
C LEU B 28 11.83 -52.23 1.00
N GLU B 29 11.03 -52.96 1.79
CA GLU B 29 10.28 -52.44 2.98
C GLU B 29 11.26 -51.86 3.99
N THR B 30 12.14 -52.70 4.53
CA THR B 30 13.16 -52.29 5.52
C THR B 30 13.92 -51.09 4.95
N LEU B 31 14.34 -51.16 3.68
CA LEU B 31 15.22 -50.12 3.07
C LEU B 31 14.44 -48.82 2.86
N SER B 32 13.16 -48.91 2.46
CA SER B 32 12.21 -47.76 2.32
C SER B 32 11.92 -47.16 3.71
N VAL B 33 11.49 -48.00 4.65
CA VAL B 33 11.24 -47.60 6.06
C VAL B 33 12.50 -46.87 6.56
N ASN B 34 13.70 -47.34 6.26
CA ASN B 34 14.92 -46.67 6.79
C ASN B 34 15.20 -45.35 6.05
N ALA B 35 14.82 -45.23 4.78
CA ALA B 35 14.93 -43.97 4.02
C ALA B 35 14.17 -42.86 4.78
N ILE B 36 12.93 -43.17 5.19
CA ILE B 36 12.06 -42.29 6.02
C ILE B 36 12.79 -41.90 7.32
N ARG B 37 13.26 -42.89 8.09
CA ARG B 37 14.05 -42.69 9.32
C ARG B 37 15.21 -41.74 9.06
N PHE B 38 16.02 -42.00 8.03
CA PHE B 38 17.31 -41.26 7.91
C PHE B 38 17.08 -39.88 7.28
N LEU B 39 16.07 -39.73 6.44
CA LEU B 39 15.75 -38.38 5.92
C LEU B 39 15.37 -37.47 7.09
N ALA B 40 14.57 -37.96 8.04
CA ALA B 40 14.16 -37.24 9.26
C ALA B 40 15.38 -36.94 10.13
N ILE B 41 16.18 -37.97 10.43
CA ILE B 41 17.33 -37.79 11.37
C ILE B 41 18.23 -36.69 10.80
N ASP B 42 18.50 -36.72 9.49
CA ASP B 42 19.55 -35.87 8.86
C ASP B 42 19.00 -34.44 8.67
N ALA B 43 17.72 -34.34 8.38
CA ALA B 43 17.00 -33.04 8.28
C ALA B 43 17.03 -32.35 9.65
N VAL B 44 16.71 -33.07 10.72
CA VAL B 44 16.81 -32.49 12.11
C VAL B 44 18.27 -32.14 12.40
N GLU B 45 19.22 -33.03 12.09
CA GLU B 45 20.66 -32.81 12.43
C GLU B 45 21.20 -31.60 11.66
N LYS B 46 20.85 -31.43 10.39
CA LYS B 46 21.27 -30.26 9.58
C LYS B 46 20.62 -28.97 10.07
N ALA B 47 19.32 -28.98 10.33
CA ALA B 47 18.60 -27.81 10.93
C ALA B 47 19.16 -27.54 12.34
N ARG B 48 19.59 -28.54 13.08
CA ARG B 48 20.07 -28.36 14.48
C ARG B 48 18.88 -27.94 15.36
N SER B 49 17.71 -28.47 15.04
CA SER B 49 16.40 -28.13 15.63
C SER B 49 15.36 -29.11 15.09
N GLY B 50 14.42 -29.54 15.93
CA GLY B 50 13.32 -30.41 15.50
C GLY B 50 13.29 -31.72 16.27
N HIS B 51 12.43 -32.62 15.81
CA HIS B 51 11.91 -33.78 16.58
C HIS B 51 12.15 -35.04 15.79
N PRO B 52 13.30 -35.74 16.05
CA PRO B 52 13.65 -36.96 15.32
C PRO B 52 13.04 -38.26 15.87
N GLY B 53 12.73 -38.28 17.16
CA GLY B 53 12.36 -39.53 17.85
C GLY B 53 11.11 -40.14 17.29
N MET B 54 10.02 -39.40 17.27
CA MET B 54 8.74 -40.01 16.85
C MET B 54 8.88 -40.49 15.39
N PRO B 55 9.41 -39.69 14.43
CA PRO B 55 9.57 -40.18 13.04
C PRO B 55 10.35 -41.51 12.93
N MET B 56 11.44 -41.64 13.70
CA MET B 56 12.20 -42.91 13.86
C MET B 56 11.21 -44.02 14.24
N GLY B 57 10.54 -43.91 15.38
CA GLY B 57 9.61 -44.94 15.85
C GLY B 57 8.55 -45.27 14.82
N MET B 58 7.96 -44.25 14.18
CA MET B 58 6.71 -44.38 13.39
C MET B 58 6.96 -44.45 11.87
N ALA B 59 8.21 -44.53 11.41
CA ALA B 59 8.56 -44.69 9.96
C ALA B 59 7.70 -45.79 9.32
N PRO B 60 7.68 -47.02 9.91
CA PRO B 60 6.90 -48.11 9.35
C PRO B 60 5.46 -47.75 8.93
N LEU B 61 4.75 -46.97 9.74
CA LEU B 61 3.32 -46.62 9.51
C LEU B 61 3.20 -45.58 8.37
N ALA B 62 4.11 -44.63 8.31
CA ALA B 62 4.20 -43.64 7.20
C ALA B 62 4.45 -44.37 5.87
N TYR B 63 5.46 -45.25 5.84
CA TYR B 63 5.66 -46.26 4.77
C TYR B 63 4.31 -46.87 4.38
N LEU B 64 3.65 -47.55 5.32
CA LEU B 64 2.51 -48.41 4.97
C LEU B 64 1.38 -47.54 4.41
N LEU B 65 1.14 -46.39 5.02
CA LEU B 65 -0.03 -45.55 4.66
C LEU B 65 0.16 -45.00 3.23
N PHE B 66 1.34 -44.47 2.92
CA PHE B 66 1.60 -43.78 1.63
C PHE B 66 1.83 -44.82 0.53
N ARG B 67 2.56 -45.90 0.84
CA ARG B 67 2.93 -46.97 -0.13
C ARG B 67 1.69 -47.81 -0.51
N GLU B 68 1.03 -48.47 0.46
CA GLU B 68 -0.02 -49.50 0.20
C GLU B 68 -1.44 -49.02 0.53
N VAL B 69 -1.67 -48.42 1.71
CA VAL B 69 -3.05 -48.32 2.27
C VAL B 69 -3.81 -47.17 1.63
N MET B 70 -3.27 -45.97 1.69
CA MET B 70 -4.00 -44.76 1.25
C MET B 70 -4.12 -44.74 -0.29
N ARG B 71 -5.29 -44.29 -0.75
CA ARG B 71 -5.52 -43.77 -2.13
C ARG B 71 -5.19 -42.28 -2.14
N HIS B 72 -4.13 -41.90 -2.85
CA HIS B 72 -3.76 -40.47 -3.00
C HIS B 72 -3.04 -40.30 -4.34
N ASN B 73 -2.86 -39.04 -4.76
CA ASN B 73 -2.17 -38.68 -6.03
C ASN B 73 -1.10 -37.60 -5.77
N PRO B 74 0.20 -37.98 -5.70
CA PRO B 74 1.28 -36.99 -5.60
C PRO B 74 1.13 -35.83 -6.60
N LEU B 75 0.56 -36.12 -7.78
CA LEU B 75 0.50 -35.16 -8.90
C LEU B 75 -0.66 -34.20 -8.67
N ASP B 76 -1.67 -34.57 -7.86
CA ASP B 76 -2.81 -33.67 -7.50
C ASP B 76 -3.22 -33.90 -6.04
N PRO B 77 -2.56 -33.23 -5.07
CA PRO B 77 -2.92 -33.33 -3.65
C PRO B 77 -4.32 -32.78 -3.36
N ASP B 78 -4.91 -32.10 -4.34
CA ASP B 78 -6.26 -31.50 -4.25
C ASP B 78 -7.31 -32.46 -4.78
N TRP B 79 -6.95 -33.69 -5.11
CA TRP B 79 -7.94 -34.68 -5.63
C TRP B 79 -9.08 -34.83 -4.61
N PRO B 80 -10.29 -34.31 -4.89
CA PRO B 80 -11.36 -34.32 -3.89
C PRO B 80 -11.63 -35.66 -3.19
N ASP B 81 -11.27 -36.80 -3.79
CA ASP B 81 -11.68 -38.14 -3.28
C ASP B 81 -10.45 -38.93 -2.82
N ARG B 82 -9.34 -38.22 -2.62
CA ARG B 82 -8.17 -38.78 -1.89
C ARG B 82 -8.54 -39.18 -0.46
N ASP B 83 -7.83 -40.16 0.06
CA ASP B 83 -7.77 -40.42 1.52
C ASP B 83 -7.06 -39.22 2.16
N ARG B 84 -7.52 -38.78 3.33
CA ARG B 84 -6.91 -37.66 4.10
C ARG B 84 -6.07 -38.23 5.25
N PHE B 85 -4.81 -37.82 5.33
CA PHE B 85 -3.88 -38.07 6.47
C PHE B 85 -3.62 -36.78 7.25
N VAL B 86 -3.84 -36.84 8.56
CA VAL B 86 -3.62 -35.72 9.51
C VAL B 86 -2.53 -36.14 10.49
N LEU B 87 -1.38 -35.48 10.43
CA LEU B 87 -0.32 -35.61 11.44
C LEU B 87 -0.69 -34.72 12.62
N SER B 88 -1.38 -35.29 13.62
CA SER B 88 -1.85 -34.54 14.83
C SER B 88 -0.65 -34.23 15.71
N ALA B 89 0.22 -35.22 15.87
CA ALA B 89 1.54 -35.06 16.52
C ALA B 89 2.50 -34.35 15.54
N GLY B 90 2.22 -33.08 15.22
CA GLY B 90 2.88 -32.28 14.18
C GLY B 90 4.36 -32.03 14.44
N HIS B 91 4.83 -32.23 15.67
CA HIS B 91 6.27 -32.13 15.97
C HIS B 91 7.06 -33.12 15.09
N GLY B 92 6.47 -34.27 14.72
CA GLY B 92 7.13 -35.26 13.85
C GLY B 92 7.00 -34.91 12.37
N SER B 93 7.12 -33.61 12.02
CA SER B 93 6.90 -33.06 10.65
C SER B 93 7.83 -33.78 9.64
N MET B 94 9.08 -34.03 10.01
CA MET B 94 10.05 -34.71 9.14
C MET B 94 9.51 -36.12 8.80
N LEU B 95 8.60 -36.70 9.60
CA LEU B 95 7.99 -37.96 9.15
C LEU B 95 7.18 -37.67 7.89
N LEU B 96 6.34 -36.64 7.88
CA LEU B 96 5.44 -36.38 6.71
C LEU B 96 6.31 -35.90 5.53
N TYR B 97 7.30 -35.04 5.78
CA TYR B 97 8.13 -34.41 4.73
C TYR B 97 8.93 -35.50 4.00
N ALA B 98 9.46 -36.49 4.73
CA ALA B 98 10.24 -37.60 4.18
C ALA B 98 9.37 -38.41 3.21
N VAL B 99 8.22 -38.86 3.66
CA VAL B 99 7.40 -39.83 2.88
C VAL B 99 6.73 -39.08 1.71
N LEU B 100 6.45 -37.77 1.83
CA LEU B 100 5.86 -36.99 0.70
C LEU B 100 6.90 -36.89 -0.42
N HIS B 101 8.14 -36.55 -0.05
CA HIS B 101 9.32 -36.55 -0.96
C HIS B 101 9.45 -37.89 -1.69
N LEU B 102 9.63 -38.98 -0.93
CA LEU B 102 9.88 -40.36 -1.45
C LEU B 102 8.78 -40.87 -2.38
N THR B 103 7.54 -40.33 -2.32
CA THR B 103 6.38 -40.84 -3.10
C THR B 103 6.13 -39.93 -4.32
N GLY B 104 6.97 -38.90 -4.48
CA GLY B 104 6.98 -38.04 -5.67
C GLY B 104 6.00 -36.88 -5.59
N TYR B 105 5.58 -36.44 -4.38
CA TYR B 105 4.93 -35.11 -4.19
C TYR B 105 5.94 -34.06 -4.63
N ASP B 106 5.47 -32.87 -4.95
CA ASP B 106 6.38 -31.79 -5.40
C ASP B 106 7.10 -31.21 -4.16
N LEU B 107 8.00 -32.00 -3.57
CA LEU B 107 8.74 -31.59 -2.35
C LEU B 107 10.17 -32.08 -2.52
N PRO B 108 11.03 -31.30 -3.21
CA PRO B 108 12.41 -31.71 -3.48
C PRO B 108 13.31 -31.97 -2.26
N LEU B 109 14.39 -32.71 -2.49
CA LEU B 109 15.38 -33.10 -1.45
C LEU B 109 15.93 -31.81 -0.79
N GLU B 110 15.94 -30.73 -1.56
CA GLU B 110 16.54 -29.42 -1.17
C GLU B 110 15.65 -28.77 -0.09
N GLU B 111 14.36 -29.08 -0.09
CA GLU B 111 13.40 -28.57 0.91
C GLU B 111 13.65 -29.34 2.21
N LEU B 112 13.86 -30.64 2.14
CA LEU B 112 14.31 -31.44 3.32
C LEU B 112 15.60 -30.83 3.87
N LYS B 113 16.49 -30.33 3.02
CA LYS B 113 17.81 -29.78 3.46
C LYS B 113 17.59 -28.38 4.06
N SER B 114 16.41 -27.79 3.85
CA SER B 114 16.02 -26.46 4.40
C SER B 114 14.93 -26.64 5.48
N PHE B 115 14.82 -27.81 6.09
CA PHE B 115 13.93 -28.01 7.27
C PHE B 115 14.07 -26.81 8.21
N ARG B 116 12.96 -26.10 8.49
CA ARG B 116 12.89 -25.10 9.59
C ARG B 116 13.77 -23.87 9.26
N GLN B 117 14.06 -23.62 7.99
CA GLN B 117 14.80 -22.41 7.53
C GLN B 117 13.82 -21.47 6.83
N TRP B 118 14.12 -20.19 6.88
CA TRP B 118 13.21 -19.13 6.38
C TRP B 118 12.79 -19.46 4.96
N GLY B 119 11.48 -19.49 4.71
CA GLY B 119 10.87 -19.52 3.37
C GLY B 119 10.78 -20.93 2.83
N SER B 120 11.21 -21.93 3.60
CA SER B 120 11.22 -23.34 3.13
C SER B 120 9.79 -23.92 3.08
N LYS B 121 9.63 -24.98 2.30
CA LYS B 121 8.36 -25.75 2.21
C LYS B 121 8.35 -26.85 3.29
N THR B 122 9.33 -26.84 4.21
CA THR B 122 9.45 -27.80 5.34
C THR B 122 9.47 -27.10 6.70
N PRO B 123 8.44 -26.34 7.12
CA PRO B 123 8.50 -25.59 8.38
C PRO B 123 8.48 -26.56 9.57
N GLY B 124 8.86 -26.10 10.77
CA GLY B 124 9.00 -26.97 11.96
C GLY B 124 7.78 -27.81 12.26
N HIS B 125 6.60 -27.27 11.98
CA HIS B 125 5.29 -27.94 12.17
C HIS B 125 4.55 -27.84 10.85
N PRO B 126 3.75 -28.86 10.49
CA PRO B 126 3.07 -28.86 9.19
C PRO B 126 2.06 -27.73 8.99
N GLU B 127 2.14 -27.01 7.87
CA GLU B 127 1.24 -25.86 7.53
C GLU B 127 0.48 -26.13 6.24
N ARG B 128 -0.82 -26.34 6.34
CA ARG B 128 -1.77 -26.43 5.20
C ARG B 128 -1.53 -25.24 4.26
N GLY B 129 -1.44 -25.50 2.95
CA GLY B 129 -1.27 -24.49 1.88
C GLY B 129 0.17 -24.07 1.64
N HIS B 130 1.11 -24.64 2.40
CA HIS B 130 2.56 -24.27 2.43
C HIS B 130 3.39 -25.46 1.92
N THR B 131 2.87 -26.68 2.04
CA THR B 131 3.54 -27.90 1.54
C THR B 131 2.52 -28.76 0.82
N PRO B 132 2.82 -29.27 -0.40
CA PRO B 132 1.89 -30.15 -1.08
C PRO B 132 1.69 -31.37 -0.18
N GLY B 133 0.42 -31.80 -0.08
CA GLY B 133 0.01 -33.01 0.65
C GLY B 133 -0.18 -32.82 2.15
N VAL B 134 -0.02 -31.60 2.71
CA VAL B 134 -0.30 -31.36 4.16
C VAL B 134 -1.77 -30.94 4.32
N GLU B 135 -2.57 -31.73 5.03
CA GLU B 135 -4.05 -31.56 5.08
C GLU B 135 -4.46 -30.48 6.10
N VAL B 136 -3.78 -30.43 7.26
CA VAL B 136 -4.18 -29.56 8.40
C VAL B 136 -2.92 -28.97 9.02
N THR B 137 -2.93 -27.66 9.33
CA THR B 137 -1.83 -27.02 10.10
C THR B 137 -1.87 -27.70 11.47
N THR B 138 -0.82 -28.42 11.86
CA THR B 138 -0.76 -29.04 13.21
C THR B 138 0.44 -28.50 13.98
N GLY B 139 0.62 -28.98 15.21
CA GLY B 139 1.59 -28.43 16.17
C GLY B 139 0.95 -28.19 17.54
N PRO B 140 -0.17 -27.44 17.62
CA PRO B 140 -0.99 -27.41 18.84
C PRO B 140 -1.70 -28.76 18.99
N LEU B 141 -1.23 -29.56 19.96
CA LEU B 141 -1.70 -30.95 20.21
C LEU B 141 -3.19 -30.93 20.51
N GLY B 142 -3.90 -31.96 20.07
CA GLY B 142 -5.37 -32.02 20.07
C GLY B 142 -5.98 -31.63 18.75
N GLN B 143 -5.36 -30.71 18.00
CA GLN B 143 -6.05 -30.04 16.86
C GLN B 143 -6.19 -31.04 15.69
N GLY B 144 -5.15 -31.80 15.40
CA GLY B 144 -5.19 -32.70 14.23
C GLY B 144 -6.29 -33.72 14.36
N ILE B 145 -6.17 -34.51 15.42
CA ILE B 145 -7.10 -35.61 15.71
C ILE B 145 -8.52 -35.03 15.82
N SER B 146 -8.69 -33.77 16.24
CA SER B 146 -10.05 -33.21 16.46
C SER B 146 -10.61 -32.73 15.11
N THR B 147 -9.78 -32.09 14.28
CA THR B 147 -10.19 -31.55 12.97
C THR B 147 -10.63 -32.71 12.05
N ALA B 148 -9.94 -33.85 12.17
CA ALA B 148 -10.19 -35.12 11.44
C ALA B 148 -11.65 -35.57 11.66
N VAL B 149 -12.26 -35.21 12.78
CA VAL B 149 -13.69 -35.58 12.97
C VAL B 149 -14.51 -34.77 11.94
N GLY B 150 -14.17 -33.51 11.68
CA GLY B 150 -14.88 -32.68 10.68
C GLY B 150 -14.57 -33.19 9.26
N LEU B 151 -13.34 -33.68 9.05
CA LEU B 151 -12.95 -34.19 7.72
C LEU B 151 -13.88 -35.37 7.42
N ALA B 152 -14.06 -36.28 8.40
CA ALA B 152 -14.85 -37.54 8.29
C ALA B 152 -16.34 -37.23 8.21
N LEU B 153 -16.83 -36.28 9.01
CA LEU B 153 -18.27 -35.93 9.01
C LEU B 153 -18.64 -35.36 7.63
N ALA B 154 -17.77 -34.55 7.04
CA ALA B 154 -17.94 -33.96 5.69
C ALA B 154 -18.01 -35.10 4.65
N GLU B 155 -17.04 -36.01 4.65
CA GLU B 155 -16.99 -37.17 3.73
C GLU B 155 -18.30 -37.94 3.89
N ARG B 156 -18.70 -38.20 5.12
CA ARG B 156 -19.90 -39.03 5.39
C ARG B 156 -21.13 -38.27 4.88
N LYS B 157 -21.25 -36.99 5.17
CA LYS B 157 -22.48 -36.26 4.79
C LYS B 157 -22.53 -36.11 3.26
N LEU B 158 -21.40 -35.83 2.62
CA LEU B 158 -21.35 -35.46 1.18
C LEU B 158 -21.64 -36.73 0.38
N ALA B 159 -21.14 -37.88 0.86
CA ALA B 159 -21.38 -39.26 0.32
C ALA B 159 -22.88 -39.58 0.33
N ALA B 160 -23.53 -39.29 1.46
CA ALA B 160 -24.99 -39.44 1.68
C ALA B 160 -25.76 -38.50 0.75
N GLU B 161 -25.29 -37.26 0.57
CA GLU B 161 -26.01 -36.24 -0.23
C GLU B 161 -25.90 -36.61 -1.73
N PHE B 162 -24.76 -37.14 -2.19
CA PHE B 162 -24.40 -37.13 -3.64
C PHE B 162 -24.31 -38.55 -4.23
N ASN B 163 -23.91 -39.56 -3.46
CA ASN B 163 -23.77 -40.94 -3.99
C ASN B 163 -25.13 -41.46 -4.44
N ARG B 164 -25.14 -42.23 -5.53
CA ARG B 164 -26.38 -42.80 -6.10
C ARG B 164 -26.14 -44.24 -6.50
N PRO B 165 -27.22 -45.05 -6.64
CA PRO B 165 -27.07 -46.47 -6.98
C PRO B 165 -26.26 -46.49 -8.28
N GLY B 166 -25.12 -47.18 -8.26
CA GLY B 166 -24.18 -47.31 -9.40
C GLY B 166 -23.17 -46.16 -9.51
N HIS B 167 -23.17 -45.20 -8.57
CA HIS B 167 -22.52 -43.86 -8.69
C HIS B 167 -21.86 -43.43 -7.37
N VAL B 168 -20.77 -44.14 -6.99
CA VAL B 168 -19.99 -43.87 -5.75
C VAL B 168 -18.99 -42.75 -6.08
N VAL B 169 -19.43 -41.49 -5.97
CA VAL B 169 -18.60 -40.27 -6.27
C VAL B 169 -17.84 -39.76 -5.03
N VAL B 170 -18.21 -40.16 -3.80
CA VAL B 170 -17.54 -39.80 -2.51
C VAL B 170 -17.23 -41.09 -1.76
N ASP B 171 -15.94 -41.45 -1.60
CA ASP B 171 -15.53 -42.67 -0.87
C ASP B 171 -14.06 -42.64 -0.49
N HIS B 172 -13.74 -42.01 0.64
CA HIS B 172 -12.36 -41.98 1.19
C HIS B 172 -12.41 -42.08 2.73
N TYR B 173 -11.28 -42.47 3.28
CA TYR B 173 -10.99 -42.63 4.72
C TYR B 173 -10.29 -41.37 5.24
N THR B 174 -10.46 -41.05 6.52
CA THR B 174 -9.69 -40.00 7.23
C THR B 174 -8.74 -40.69 8.21
N TYR B 175 -7.46 -40.78 7.89
CA TYR B 175 -6.44 -41.39 8.78
C TYR B 175 -5.79 -40.28 9.60
N VAL B 176 -5.42 -40.59 10.84
CA VAL B 176 -4.78 -39.66 11.81
C VAL B 176 -3.61 -40.35 12.50
N LEU B 177 -2.47 -39.66 12.68
CA LEU B 177 -1.40 -40.10 13.62
C LEU B 177 -1.33 -39.10 14.77
N ALA B 178 -1.48 -39.60 15.99
CA ALA B 178 -1.70 -38.87 17.25
C ALA B 178 -0.68 -39.38 18.25
N SER B 179 -0.17 -38.52 19.12
CA SER B 179 0.75 -38.88 20.22
C SER B 179 -0.02 -38.84 21.54
N ASP B 180 0.67 -39.21 22.61
CA ASP B 180 0.20 -39.11 24.01
C ASP B 180 -0.42 -37.73 24.28
N GLY B 181 0.33 -36.70 23.95
CA GLY B 181 -0.11 -35.31 24.07
C GLY B 181 -1.48 -35.07 23.46
N ASP B 182 -1.73 -35.61 22.24
CA ASP B 182 -3.03 -35.40 21.55
C ASP B 182 -4.15 -35.97 22.42
N LEU B 183 -3.90 -37.08 23.15
CA LEU B 183 -4.93 -37.88 23.87
C LEU B 183 -5.14 -37.36 25.31
N MET B 184 -4.19 -36.63 25.88
CA MET B 184 -4.36 -35.90 27.18
C MET B 184 -5.17 -34.60 26.97
N GLU B 185 -5.00 -33.91 25.83
CA GLU B 185 -5.74 -32.65 25.54
C GLU B 185 -7.25 -32.92 25.60
N GLY B 186 -7.99 -32.16 26.39
CA GLY B 186 -9.46 -32.30 26.49
C GLY B 186 -10.15 -32.24 25.13
N VAL B 187 -9.61 -31.48 24.19
CA VAL B 187 -10.30 -31.30 22.88
C VAL B 187 -10.41 -32.65 22.18
N SER B 188 -9.38 -33.50 22.30
CA SER B 188 -9.38 -34.79 21.58
C SER B 188 -10.48 -35.71 22.16
N GLY B 189 -10.79 -35.55 23.45
CA GLY B 189 -11.86 -36.29 24.15
C GLY B 189 -13.26 -35.87 23.72
N GLU B 190 -13.51 -34.57 23.73
CA GLU B 190 -14.74 -33.98 23.19
C GLU B 190 -15.03 -34.58 21.83
N ALA B 191 -14.03 -34.56 20.93
CA ALA B 191 -14.18 -34.88 19.49
C ALA B 191 -14.36 -36.39 19.34
N ALA B 192 -13.67 -37.19 20.15
CA ALA B 192 -13.85 -38.66 20.17
C ALA B 192 -15.27 -38.99 20.64
N SER B 193 -15.81 -38.23 21.59
CA SER B 193 -17.18 -38.42 22.11
C SER B 193 -18.16 -38.19 20.96
N LEU B 194 -17.97 -37.10 20.23
CA LEU B 194 -18.84 -36.76 19.10
C LEU B 194 -18.63 -37.78 17.96
N ALA B 195 -17.42 -38.25 17.71
CA ALA B 195 -17.15 -39.17 16.58
C ALA B 195 -17.85 -40.51 16.83
N GLY B 196 -17.73 -41.03 18.06
CA GLY B 196 -18.44 -42.24 18.51
C GLY B 196 -19.96 -42.09 18.43
N HIS B 197 -20.50 -40.94 18.84
CA HIS B 197 -21.96 -40.62 18.83
C HIS B 197 -22.48 -40.65 17.40
N TRP B 198 -21.66 -40.12 16.48
CA TRP B 198 -22.06 -39.96 15.06
C TRP B 198 -21.78 -41.26 14.28
N GLY B 199 -20.93 -42.16 14.81
CA GLY B 199 -20.57 -43.43 14.17
C GLY B 199 -19.78 -43.21 12.87
N LEU B 200 -18.71 -42.42 12.91
CA LEU B 200 -17.85 -42.09 11.74
C LEU B 200 -16.93 -43.27 11.46
N SER B 201 -17.54 -44.29 10.85
CA SER B 201 -16.94 -45.61 10.52
C SER B 201 -15.59 -45.46 9.84
N LYS B 202 -15.37 -44.39 9.05
CA LYS B 202 -14.20 -44.28 8.14
C LYS B 202 -13.10 -43.41 8.73
N LEU B 203 -13.23 -43.02 10.00
CA LEU B 203 -12.14 -42.38 10.78
C LEU B 203 -11.26 -43.47 11.40
N ILE B 204 -9.95 -43.40 11.20
CA ILE B 204 -8.97 -44.40 11.71
C ILE B 204 -7.84 -43.62 12.34
N VAL B 205 -7.59 -43.81 13.65
CA VAL B 205 -6.54 -43.07 14.41
C VAL B 205 -5.48 -44.05 14.83
N PHE B 206 -4.22 -43.78 14.52
CA PHE B 206 -3.05 -44.51 15.07
C PHE B 206 -2.52 -43.67 16.23
N TRP B 207 -2.33 -44.28 17.40
CA TRP B 207 -1.73 -43.60 18.57
C TRP B 207 -0.34 -44.18 18.78
N ASP B 208 0.65 -43.30 18.83
CA ASP B 208 2.06 -43.69 19.07
C ASP B 208 2.15 -43.88 20.58
N ASP B 209 1.83 -45.09 21.04
CA ASP B 209 1.87 -45.48 22.47
C ASP B 209 3.31 -45.85 22.78
N ASN B 210 4.15 -44.86 22.99
CA ASN B 210 5.61 -45.07 23.10
C ASN B 210 6.05 -44.82 24.55
N ARG B 211 5.10 -44.68 25.47
CA ARG B 211 5.34 -44.46 26.94
C ARG B 211 6.36 -43.34 27.27
N ILE B 212 6.70 -42.44 26.33
CA ILE B 212 7.55 -41.26 26.64
C ILE B 212 6.75 -39.98 26.38
N SER B 213 7.03 -38.92 27.13
CA SER B 213 6.50 -37.55 26.88
C SER B 213 7.67 -36.60 27.09
N ILE B 214 7.44 -35.30 27.05
CA ILE B 214 8.58 -34.36 27.14
C ILE B 214 9.19 -34.42 28.53
N ASP B 215 8.35 -34.56 29.56
CA ASP B 215 8.75 -34.38 31.00
C ASP B 215 9.49 -35.65 31.47
N GLY B 216 9.37 -36.74 30.70
CA GLY B 216 9.97 -38.06 30.98
C GLY B 216 8.97 -39.17 30.68
N PRO B 217 9.11 -40.32 31.34
CA PRO B 217 8.06 -41.33 31.28
C PRO B 217 6.63 -40.74 31.39
N THR B 218 5.68 -41.26 30.59
CA THR B 218 4.25 -40.87 30.58
C THR B 218 3.60 -41.15 31.95
N ASP B 219 4.13 -42.09 32.74
CA ASP B 219 3.51 -42.43 34.05
C ASP B 219 3.85 -41.36 35.09
N LEU B 220 4.57 -40.30 34.71
CA LEU B 220 4.70 -39.09 35.55
C LEU B 220 3.32 -38.42 35.64
N ALA B 221 2.49 -38.50 34.60
CA ALA B 221 1.24 -37.71 34.53
C ALA B 221 0.12 -38.38 33.75
N PHE B 222 0.29 -39.64 33.30
CA PHE B 222 -0.62 -40.27 32.33
C PHE B 222 -0.57 -41.79 32.50
N THR B 223 -1.52 -42.34 33.26
CA THR B 223 -1.67 -43.78 33.57
C THR B 223 -3.11 -44.24 33.34
N GLU B 224 -3.94 -43.44 32.68
CA GLU B 224 -5.34 -43.85 32.42
C GLU B 224 -5.30 -45.02 31.44
N ASP B 225 -6.36 -45.82 31.41
CA ASP B 225 -6.54 -46.89 30.41
C ASP B 225 -7.17 -46.24 29.18
N VAL B 226 -6.35 -45.81 28.24
CA VAL B 226 -6.76 -44.96 27.08
C VAL B 226 -7.80 -45.68 26.22
N LEU B 227 -7.56 -46.95 25.89
CA LEU B 227 -8.45 -47.72 25.00
C LEU B 227 -9.80 -48.00 25.66
N ALA B 228 -9.86 -48.15 26.98
CA ALA B 228 -11.14 -48.28 27.71
C ALA B 228 -11.91 -46.96 27.56
N ARG B 229 -11.23 -45.82 27.75
CA ARG B 229 -11.91 -44.51 27.55
C ARG B 229 -12.50 -44.49 26.15
N TYR B 230 -11.73 -44.84 25.11
CA TYR B 230 -12.22 -44.78 23.70
C TYR B 230 -13.33 -45.79 23.48
N ARG B 231 -13.26 -46.93 24.16
CA ARG B 231 -14.38 -47.93 24.07
C ARG B 231 -15.63 -47.33 24.69
N ALA B 232 -15.51 -46.42 25.69
CA ALA B 232 -16.68 -45.80 26.33
C ALA B 232 -17.28 -44.75 25.40
N TYR B 233 -16.48 -44.22 24.48
CA TYR B 233 -16.95 -43.23 23.48
C TYR B 233 -17.65 -43.99 22.37
N GLY B 234 -17.53 -45.33 22.35
CA GLY B 234 -18.13 -46.16 21.29
C GLY B 234 -17.25 -46.33 20.06
N TRP B 235 -15.95 -46.15 20.23
CA TRP B 235 -14.91 -46.52 19.24
C TRP B 235 -14.57 -48.01 19.36
N GLN B 236 -14.14 -48.61 18.25
CA GLN B 236 -13.37 -49.88 18.26
C GLN B 236 -11.95 -49.51 18.68
N THR B 237 -11.29 -50.38 19.45
CA THR B 237 -9.89 -50.20 19.84
C THR B 237 -9.13 -51.48 19.48
N LEU B 238 -7.91 -51.31 18.98
CA LEU B 238 -7.02 -52.40 18.54
C LEU B 238 -5.64 -52.03 19.05
N ARG B 239 -4.80 -53.04 19.29
CA ARG B 239 -3.36 -52.88 19.64
C ARG B 239 -2.56 -53.50 18.50
N VAL B 240 -1.44 -52.88 18.19
CA VAL B 240 -0.33 -53.52 17.43
C VAL B 240 0.88 -53.52 18.36
N GLU B 241 1.29 -54.70 18.82
CA GLU B 241 2.32 -54.84 19.88
C GLU B 241 3.66 -54.28 19.35
N ASP B 242 3.84 -54.18 18.03
CA ASP B 242 5.11 -53.71 17.40
C ASP B 242 4.89 -53.03 16.05
N VAL B 243 5.32 -51.75 15.93
CA VAL B 243 5.03 -50.88 14.75
C VAL B 243 5.76 -51.42 13.51
N ASN B 244 6.88 -52.13 13.72
CA ASN B 244 7.76 -52.77 12.71
C ASN B 244 7.05 -53.96 12.05
N ASP B 245 6.06 -54.50 12.73
CA ASP B 245 5.26 -55.62 12.22
C ASP B 245 4.24 -55.07 11.23
N LEU B 246 4.66 -54.83 10.01
CA LEU B 246 3.79 -54.24 8.96
C LEU B 246 2.59 -55.14 8.75
N GLU B 247 2.74 -56.44 8.99
CA GLU B 247 1.63 -57.42 8.81
C GLU B 247 0.56 -57.12 9.85
N ALA B 248 0.98 -56.96 11.11
CA ALA B 248 0.12 -56.52 12.23
C ALA B 248 -0.63 -55.24 11.82
N LEU B 249 0.07 -54.26 11.24
CA LEU B 249 -0.52 -52.93 10.88
C LEU B 249 -1.57 -53.17 9.80
N ARG B 250 -1.25 -53.94 8.74
CA ARG B 250 -2.21 -54.28 7.65
C ARG B 250 -3.47 -54.87 8.29
N LYS B 251 -3.33 -55.82 9.23
CA LYS B 251 -4.51 -56.46 9.91
C LYS B 251 -5.38 -55.38 10.58
N ALA B 252 -4.84 -54.72 11.61
CA ALA B 252 -5.51 -53.60 12.32
C ALA B 252 -6.28 -52.69 11.33
N ILE B 253 -5.64 -52.23 10.25
CA ILE B 253 -6.30 -51.27 9.31
C ILE B 253 -7.49 -51.95 8.61
N LYS B 254 -7.40 -53.24 8.26
CA LYS B 254 -8.54 -53.93 7.61
C LYS B 254 -9.64 -54.12 8.67
N LEU B 255 -9.29 -54.54 9.89
CA LEU B 255 -10.27 -54.65 11.02
C LEU B 255 -11.01 -53.30 11.16
N ALA B 256 -10.28 -52.18 11.04
CA ALA B 256 -10.85 -50.82 11.20
C ALA B 256 -11.89 -50.55 10.11
N LYS B 257 -11.59 -50.90 8.86
CA LYS B 257 -12.48 -50.57 7.71
C LYS B 257 -13.74 -51.44 7.75
N LEU B 258 -13.63 -52.69 8.18
CA LEU B 258 -14.80 -53.60 8.33
C LEU B 258 -15.80 -53.04 9.36
N ASP B 259 -15.31 -52.31 10.39
CA ASP B 259 -16.10 -51.89 11.58
C ASP B 259 -16.87 -50.59 11.31
N GLU B 260 -18.10 -50.49 11.82
CA GLU B 260 -19.00 -49.33 11.61
C GLU B 260 -18.63 -48.25 12.65
N ARG B 261 -17.76 -48.56 13.62
CA ARG B 261 -17.32 -47.56 14.64
C ARG B 261 -16.04 -46.88 14.15
N PRO B 262 -15.76 -45.62 14.58
CA PRO B 262 -14.42 -45.05 14.47
C PRO B 262 -13.43 -45.90 15.27
N THR B 263 -12.19 -46.04 14.82
CA THR B 263 -11.24 -46.97 15.42
C THR B 263 -9.98 -46.26 15.92
N LEU B 264 -9.54 -46.64 17.11
CA LEU B 264 -8.24 -46.19 17.63
C LEU B 264 -7.35 -47.41 17.72
N ILE B 265 -6.16 -47.32 17.13
CA ILE B 265 -5.20 -48.45 17.01
C ILE B 265 -4.01 -47.97 17.82
N ALA B 266 -3.86 -48.47 19.04
CA ALA B 266 -2.67 -48.25 19.88
C ALA B 266 -1.52 -49.01 19.21
N VAL B 267 -0.55 -48.26 18.70
CA VAL B 267 0.64 -48.83 18.01
C VAL B 267 1.86 -48.63 18.91
N ARG B 268 2.35 -49.69 19.55
CA ARG B 268 3.53 -49.59 20.43
C ARG B 268 4.77 -49.36 19.56
N SER B 269 5.62 -48.42 19.98
CA SER B 269 6.83 -47.99 19.26
C SER B 269 7.86 -47.61 20.32
N HIS B 270 9.13 -47.65 19.95
CA HIS B 270 10.26 -47.10 20.72
C HIS B 270 10.58 -45.73 20.12
N ILE B 271 10.56 -44.69 20.94
CA ILE B 271 10.99 -43.35 20.48
C ILE B 271 12.51 -43.44 20.34
N GLY B 272 13.05 -42.82 19.31
CA GLY B 272 14.50 -42.90 19.00
C GLY B 272 14.89 -44.32 18.61
N PHE B 273 13.96 -45.09 18.03
CA PHE B 273 14.20 -46.47 17.54
C PHE B 273 15.54 -46.50 16.81
N GLY B 274 16.49 -47.29 17.34
CA GLY B 274 17.75 -47.63 16.65
C GLY B 274 18.91 -46.77 17.10
N SER B 275 18.65 -45.72 17.90
CA SER B 275 19.70 -44.83 18.43
C SER B 275 20.03 -45.21 19.87
N PRO B 276 21.14 -44.71 20.46
CA PRO B 276 21.36 -44.82 21.90
C PRO B 276 20.40 -43.94 22.75
N LYS B 277 19.66 -43.04 22.12
CA LYS B 277 18.61 -42.21 22.77
C LYS B 277 17.24 -42.92 22.70
N GLN B 278 17.15 -44.13 22.16
CA GLN B 278 15.89 -44.95 22.17
C GLN B 278 15.30 -45.05 23.59
N ASP B 279 13.97 -44.82 23.71
CA ASP B 279 13.14 -44.96 24.95
C ASP B 279 13.53 -43.92 26.00
N SER B 280 14.06 -42.76 25.56
CA SER B 280 14.47 -41.57 26.37
C SER B 280 13.71 -40.34 25.86
N ALA B 281 13.26 -39.45 26.75
CA ALA B 281 12.70 -38.11 26.43
C ALA B 281 13.72 -37.27 25.64
N LYS B 282 15.02 -37.55 25.78
CA LYS B 282 16.12 -36.87 25.06
C LYS B 282 15.98 -37.04 23.54
N ALA B 283 15.25 -38.06 23.06
CA ALA B 283 15.06 -38.33 21.61
C ALA B 283 13.91 -37.48 21.05
N HIS B 284 13.15 -36.81 21.92
CA HIS B 284 11.86 -36.21 21.53
C HIS B 284 12.07 -34.96 20.66
N GLY B 285 12.80 -33.97 21.17
CA GLY B 285 12.75 -32.57 20.66
C GLY B 285 14.10 -31.91 20.46
N GLU B 286 15.18 -32.68 20.30
CA GLU B 286 16.51 -32.11 19.98
C GLU B 286 17.15 -33.03 18.95
N PRO B 287 18.10 -32.54 18.13
CA PRO B 287 18.83 -33.41 17.20
C PRO B 287 19.69 -34.42 17.99
N LEU B 288 19.84 -35.64 17.44
CA LEU B 288 20.58 -36.77 18.06
C LEU B 288 22.01 -36.31 18.42
N GLY B 289 22.63 -35.48 17.57
CA GLY B 289 24.06 -35.18 17.58
C GLY B 289 24.85 -36.22 16.79
N PRO B 290 26.08 -35.88 16.34
CA PRO B 290 26.89 -36.75 15.47
C PRO B 290 27.08 -38.19 16.01
N GLU B 291 27.61 -38.32 17.24
CA GLU B 291 27.81 -39.59 18.00
C GLU B 291 26.61 -40.54 17.80
N ALA B 292 25.40 -40.09 18.16
CA ALA B 292 24.16 -40.89 18.10
C ALA B 292 23.65 -40.99 16.66
N VAL B 293 23.88 -39.98 15.80
CA VAL B 293 23.59 -40.14 14.35
C VAL B 293 24.41 -41.34 13.83
N GLU B 294 25.73 -41.32 14.07
CA GLU B 294 26.75 -42.31 13.61
C GLU B 294 26.45 -43.72 14.14
N ALA B 295 26.14 -43.83 15.45
CA ALA B 295 25.72 -45.09 16.12
C ALA B 295 24.46 -45.65 15.44
N THR B 296 23.52 -44.79 15.03
CA THR B 296 22.18 -45.20 14.48
C THR B 296 22.32 -45.78 13.07
N ARG B 297 23.18 -45.23 12.21
CA ARG B 297 23.60 -45.85 10.92
C ARG B 297 24.15 -47.27 11.15
N ARG B 298 24.87 -47.51 12.25
CA ARG B 298 25.45 -48.84 12.57
C ARG B 298 24.37 -49.82 13.01
N ASN B 299 23.60 -49.49 14.07
CA ASN B 299 22.64 -50.41 14.73
C ASN B 299 21.52 -50.82 13.75
N LEU B 300 21.25 -50.03 12.72
CA LEU B 300 20.25 -50.34 11.66
C LEU B 300 20.95 -50.66 10.34
N GLY B 301 22.28 -50.48 10.28
CA GLY B 301 23.10 -50.76 9.07
C GLY B 301 22.64 -49.90 7.91
N TRP B 302 22.80 -48.59 8.01
CA TRP B 302 22.36 -47.67 6.95
C TRP B 302 23.61 -47.04 6.39
N PRO B 303 24.07 -47.43 5.17
CA PRO B 303 25.38 -47.01 4.68
C PRO B 303 25.37 -45.57 4.17
N TYR B 304 24.31 -45.23 3.43
CA TYR B 304 24.17 -44.01 2.59
C TYR B 304 24.35 -42.75 3.44
N PRO B 305 25.10 -41.75 2.93
CA PRO B 305 25.42 -40.55 3.70
C PRO B 305 24.17 -39.70 3.88
N PRO B 306 24.30 -38.51 4.49
CA PRO B 306 23.15 -37.60 4.67
C PRO B 306 22.34 -37.27 3.39
N PHE B 307 21.04 -37.56 3.43
CA PHE B 307 20.04 -37.12 2.42
C PHE B 307 20.21 -37.94 1.13
N VAL B 308 21.02 -39.00 1.15
CA VAL B 308 21.14 -39.97 0.02
C VAL B 308 20.20 -41.14 0.27
N VAL B 309 19.26 -41.31 -0.65
CA VAL B 309 18.31 -42.44 -0.71
C VAL B 309 18.64 -43.21 -1.98
N PRO B 310 18.79 -44.55 -1.95
CA PRO B 310 19.07 -45.31 -3.17
C PRO B 310 17.88 -45.34 -4.14
N GLU B 311 18.18 -45.20 -5.44
CA GLU B 311 17.20 -45.14 -6.55
C GLU B 311 16.23 -46.33 -6.43
N GLU B 312 16.70 -47.45 -5.87
CA GLU B 312 15.87 -48.65 -5.56
C GLU B 312 14.63 -48.24 -4.74
N VAL B 313 14.79 -47.28 -3.81
CA VAL B 313 13.71 -46.82 -2.89
C VAL B 313 12.80 -45.81 -3.61
N TYR B 314 13.34 -44.87 -4.39
CA TYR B 314 12.50 -43.89 -5.11
C TYR B 314 11.50 -44.58 -6.05
N ARG B 315 11.92 -45.65 -6.74
CA ARG B 315 11.08 -46.34 -7.75
C ARG B 315 10.10 -47.28 -7.05
N HIS B 316 10.48 -47.84 -5.89
CA HIS B 316 9.56 -48.64 -5.03
C HIS B 316 8.41 -47.75 -4.50
N MET B 317 8.72 -46.53 -4.05
CA MET B 317 7.82 -45.61 -3.30
C MET B 317 7.08 -44.67 -4.24
N ASP B 318 7.54 -44.56 -5.50
CA ASP B 318 7.00 -43.57 -6.46
C ASP B 318 5.51 -43.85 -6.68
N MET B 319 4.64 -42.90 -6.37
CA MET B 319 3.19 -43.19 -6.32
C MET B 319 2.47 -42.46 -7.45
N ARG B 320 3.18 -41.69 -8.28
CA ARG B 320 2.57 -40.91 -9.38
C ARG B 320 1.76 -41.83 -10.28
N GLU B 321 2.32 -42.99 -10.69
CA GLU B 321 1.62 -43.93 -11.62
C GLU B 321 0.26 -44.30 -11.02
N LYS B 322 0.30 -44.99 -9.88
CA LYS B 322 -0.87 -45.47 -9.09
C LYS B 322 -1.77 -44.26 -8.81
N GLY B 323 -1.17 -43.11 -8.49
CA GLY B 323 -1.90 -41.85 -8.22
C GLY B 323 -2.79 -41.44 -9.38
N ARG B 324 -2.15 -41.20 -10.53
CA ARG B 324 -2.81 -40.83 -11.81
C ARG B 324 -3.97 -41.79 -12.11
N ALA B 325 -3.77 -43.09 -11.88
CA ALA B 325 -4.77 -44.15 -12.23
C ALA B 325 -6.00 -44.02 -11.31
N TRP B 326 -5.79 -43.95 -9.98
CA TRP B 326 -6.87 -43.73 -8.97
C TRP B 326 -7.68 -42.48 -9.32
N GLN B 327 -7.03 -41.35 -9.63
CA GLN B 327 -7.77 -40.09 -9.89
C GLN B 327 -8.46 -40.13 -11.27
N GLU B 328 -7.86 -40.82 -12.25
CA GLU B 328 -8.50 -40.96 -13.60
C GLU B 328 -9.78 -41.79 -13.42
N ALA B 329 -9.70 -42.85 -12.63
CA ALA B 329 -10.87 -43.71 -12.29
C ALA B 329 -11.98 -42.82 -11.73
N TRP B 330 -11.64 -41.95 -10.79
CA TRP B 330 -12.66 -41.09 -10.15
C TRP B 330 -13.23 -40.06 -11.14
N GLU B 331 -12.37 -39.45 -11.95
CA GLU B 331 -12.82 -38.49 -13.02
C GLU B 331 -13.80 -39.18 -13.97
N LYS B 332 -13.53 -40.45 -14.34
CA LYS B 332 -14.40 -41.31 -15.21
C LYS B 332 -15.76 -41.48 -14.53
N ALA B 333 -15.75 -41.88 -13.25
CA ALA B 333 -16.98 -42.03 -12.43
C ALA B 333 -17.75 -40.70 -12.41
N LEU B 334 -17.06 -39.57 -12.47
CA LEU B 334 -17.72 -38.23 -12.39
C LEU B 334 -18.50 -37.93 -13.69
N GLU B 335 -17.94 -38.34 -14.84
CA GLU B 335 -18.52 -38.08 -16.20
C GLU B 335 -19.79 -38.93 -16.33
N ALA B 336 -19.67 -40.21 -15.99
CA ALA B 336 -20.79 -41.16 -15.80
C ALA B 336 -21.86 -40.51 -14.90
N TYR B 337 -21.44 -39.92 -13.77
CA TYR B 337 -22.33 -39.19 -12.82
C TYR B 337 -23.00 -37.98 -13.49
N ALA B 338 -22.25 -37.19 -14.25
CA ALA B 338 -22.78 -36.00 -14.96
C ALA B 338 -23.81 -36.42 -16.00
N ARG B 339 -23.65 -37.62 -16.56
CA ARG B 339 -24.56 -38.14 -17.63
C ARG B 339 -25.87 -38.54 -16.96
N ALA B 340 -25.79 -39.35 -15.90
CA ALA B 340 -26.91 -40.00 -15.17
C ALA B 340 -27.68 -39.00 -14.28
N TYR B 341 -26.98 -38.00 -13.70
CA TYR B 341 -27.52 -37.02 -12.72
C TYR B 341 -26.96 -35.64 -13.03
N PRO B 342 -27.44 -34.98 -14.11
CA PRO B 342 -26.85 -33.72 -14.55
C PRO B 342 -26.85 -32.67 -13.45
N ASP B 343 -28.02 -32.44 -12.81
CA ASP B 343 -28.24 -31.34 -11.82
C ASP B 343 -27.38 -31.58 -10.54
N LEU B 344 -27.36 -32.78 -9.98
CA LEU B 344 -26.51 -33.17 -8.82
C LEU B 344 -25.03 -32.89 -9.14
N HIS B 345 -24.49 -33.54 -10.15
CA HIS B 345 -23.13 -33.25 -10.66
C HIS B 345 -22.87 -31.73 -10.67
N GLN B 346 -23.69 -30.87 -11.31
CA GLN B 346 -23.40 -29.40 -11.41
C GLN B 346 -23.19 -28.80 -10.00
N GLU B 347 -24.07 -29.18 -9.06
CA GLU B 347 -24.07 -28.68 -7.66
C GLU B 347 -22.78 -29.16 -6.96
N LEU B 348 -22.42 -30.41 -7.15
CA LEU B 348 -21.23 -31.03 -6.56
C LEU B 348 -19.99 -30.29 -7.03
N MET B 349 -19.86 -30.05 -8.33
CA MET B 349 -18.68 -29.37 -8.90
C MET B 349 -18.62 -27.95 -8.32
N ARG B 350 -19.75 -27.26 -8.28
CA ARG B 350 -19.83 -25.86 -7.80
C ARG B 350 -19.35 -25.83 -6.33
N ARG B 351 -19.87 -26.75 -5.52
CA ARG B 351 -19.61 -26.87 -4.06
C ARG B 351 -18.11 -27.19 -3.85
N LEU B 352 -17.56 -28.20 -4.52
CA LEU B 352 -16.14 -28.60 -4.37
C LEU B 352 -15.22 -27.42 -4.71
N ARG B 353 -15.59 -26.58 -5.68
CA ARG B 353 -14.79 -25.38 -6.08
C ARG B 353 -14.99 -24.23 -5.10
N GLY B 354 -15.94 -24.35 -4.16
CA GLY B 354 -16.32 -23.30 -3.21
C GLY B 354 -16.89 -22.07 -3.91
N GLU B 355 -17.53 -22.23 -5.07
CA GLU B 355 -18.28 -21.12 -5.72
C GLU B 355 -19.60 -20.96 -4.95
N LEU B 356 -19.89 -19.76 -4.48
CA LEU B 356 -21.23 -19.39 -3.96
C LEU B 356 -22.25 -19.36 -5.11
N PRO B 357 -23.52 -19.79 -4.88
CA PRO B 357 -24.60 -19.50 -5.82
C PRO B 357 -25.06 -18.07 -5.53
N PRO B 358 -25.98 -17.52 -6.34
CA PRO B 358 -26.48 -16.17 -6.10
C PRO B 358 -27.18 -16.06 -4.75
N LEU B 359 -27.09 -14.91 -4.10
CA LEU B 359 -27.70 -14.75 -2.76
C LEU B 359 -28.69 -13.60 -2.78
N PRO B 360 -29.71 -13.58 -1.89
CA PRO B 360 -30.54 -12.39 -1.71
C PRO B 360 -29.65 -11.19 -1.39
N GLU B 361 -30.05 -10.03 -1.91
CA GLU B 361 -29.31 -8.76 -1.87
C GLU B 361 -30.07 -7.77 -0.97
N GLU B 362 -31.29 -8.13 -0.56
CA GLU B 362 -32.13 -7.28 0.33
C GLU B 362 -32.42 -8.10 1.59
N PRO B 363 -32.36 -7.45 2.77
CA PRO B 363 -32.45 -8.20 4.03
C PRO B 363 -33.87 -8.68 4.32
N PRO B 364 -34.09 -9.51 5.35
CA PRO B 364 -35.45 -9.83 5.78
C PRO B 364 -36.02 -8.46 6.15
N SER B 365 -37.34 -8.34 6.13
CA SER B 365 -38.09 -7.15 6.57
C SER B 365 -38.39 -7.29 8.05
N PHE B 366 -38.19 -6.22 8.81
CA PHE B 366 -38.25 -6.19 10.30
C PHE B 366 -39.22 -5.06 10.67
N ASP B 367 -40.06 -5.25 11.69
CA ASP B 367 -41.10 -4.25 12.03
C ASP B 367 -40.92 -3.73 13.47
N LYS B 368 -40.12 -4.39 14.30
CA LYS B 368 -40.03 -4.08 15.75
C LYS B 368 -38.58 -4.18 16.23
N PRO B 369 -38.21 -3.47 17.32
CA PRO B 369 -36.95 -3.71 18.01
C PRO B 369 -36.75 -5.23 18.19
N ILE B 370 -35.57 -5.72 17.81
CA ILE B 370 -35.24 -7.17 17.84
C ILE B 370 -33.75 -7.35 18.17
N ALA B 371 -33.44 -8.47 18.79
CA ALA B 371 -32.07 -8.88 19.15
C ALA B 371 -31.33 -9.30 17.87
N THR B 372 -30.03 -9.00 17.77
CA THR B 372 -29.26 -9.35 16.55
C THR B 372 -29.06 -10.86 16.53
N ARG B 373 -29.18 -11.59 17.67
CA ARG B 373 -29.28 -13.06 17.57
C ARG B 373 -30.53 -13.43 16.74
N ALA B 374 -31.69 -12.80 16.95
CA ALA B 374 -32.98 -13.20 16.29
C ALA B 374 -32.90 -12.81 14.81
N ALA B 375 -32.45 -11.60 14.54
CA ALA B 375 -32.18 -11.08 13.19
C ALA B 375 -31.22 -12.04 12.47
N SER B 376 -30.29 -12.63 13.21
CA SER B 376 -29.30 -13.55 12.61
C SER B 376 -30.08 -14.76 12.18
N GLY B 377 -30.96 -15.22 13.07
CA GLY B 377 -31.88 -16.33 12.78
C GLY B 377 -32.67 -16.05 11.49
N ARG B 378 -33.19 -14.83 11.37
CA ARG B 378 -34.04 -14.45 10.21
C ARG B 378 -33.17 -14.37 8.95
N ALA B 379 -31.93 -13.87 9.01
CA ALA B 379 -31.03 -13.87 7.81
C ALA B 379 -30.75 -15.30 7.35
N LEU B 380 -30.64 -16.27 8.26
CA LEU B 380 -30.26 -17.67 7.93
C LEU B 380 -31.47 -18.38 7.29
N ASN B 381 -32.67 -18.13 7.81
CA ASN B 381 -33.97 -18.57 7.22
C ASN B 381 -34.07 -18.12 5.75
N LEU B 382 -33.73 -16.86 5.45
CA LEU B 382 -33.55 -16.32 4.08
C LEU B 382 -32.38 -17.00 3.35
N LEU B 383 -31.21 -17.19 3.97
CA LEU B 383 -29.95 -17.49 3.21
C LEU B 383 -29.85 -18.98 2.90
N ALA B 384 -30.14 -19.81 3.90
CA ALA B 384 -29.89 -21.27 3.92
C ALA B 384 -30.58 -22.00 2.76
N PRO B 385 -31.89 -21.74 2.47
CA PRO B 385 -32.59 -22.51 1.44
C PRO B 385 -31.82 -22.41 0.11
N ARG B 386 -31.13 -21.29 -0.14
CA ARG B 386 -30.29 -21.05 -1.36
C ARG B 386 -28.91 -21.68 -1.23
N LEU B 387 -28.58 -22.23 -0.05
CA LEU B 387 -27.20 -22.69 0.28
C LEU B 387 -27.28 -24.09 0.85
N PRO B 388 -27.38 -25.13 -0.03
CA PRO B 388 -27.33 -26.53 0.38
C PRO B 388 -25.98 -26.96 0.97
N GLU B 389 -24.92 -26.19 0.73
CA GLU B 389 -23.61 -26.49 1.38
C GLU B 389 -23.56 -25.99 2.85
N LEU B 390 -24.56 -25.22 3.32
CA LEU B 390 -24.46 -24.53 4.64
C LEU B 390 -24.85 -25.49 5.77
N LEU B 391 -23.89 -25.83 6.62
CA LEU B 391 -24.07 -26.59 7.89
C LEU B 391 -24.06 -25.64 9.07
N GLY B 392 -25.03 -25.84 9.96
CA GLY B 392 -25.27 -25.01 11.15
C GLY B 392 -25.01 -25.85 12.37
N GLY B 393 -24.86 -25.20 13.52
CA GLY B 393 -24.78 -25.90 14.82
C GLY B 393 -24.61 -24.97 15.98
N SER B 394 -24.59 -25.57 17.17
CA SER B 394 -24.47 -24.92 18.50
C SER B 394 -23.90 -25.92 19.50
N ALA B 395 -23.08 -25.44 20.42
CA ALA B 395 -22.57 -26.20 21.57
C ALA B 395 -23.65 -26.10 22.66
N ASP B 396 -24.72 -26.87 22.49
CA ASP B 396 -25.90 -26.97 23.38
C ASP B 396 -26.48 -25.59 23.70
N LEU B 397 -26.54 -24.68 22.74
CA LEU B 397 -27.31 -23.40 22.94
C LEU B 397 -28.19 -23.09 21.71
N THR B 398 -28.69 -24.10 21.00
CA THR B 398 -29.57 -23.96 19.81
C THR B 398 -30.70 -22.97 20.10
N PRO B 399 -31.51 -23.15 21.19
CA PRO B 399 -32.51 -22.13 21.55
C PRO B 399 -32.00 -20.69 21.80
N SER B 400 -30.75 -20.49 22.23
CA SER B 400 -30.25 -19.12 22.56
C SER B 400 -29.43 -18.51 21.41
N ASN B 401 -28.98 -19.28 20.41
CA ASN B 401 -28.04 -18.75 19.38
C ASN B 401 -28.72 -18.42 18.03
N ASN B 402 -29.94 -18.93 17.80
CA ASN B 402 -30.73 -18.74 16.53
C ASN B 402 -29.93 -19.21 15.34
N THR B 403 -29.35 -20.41 15.47
CA THR B 403 -28.41 -21.07 14.53
C THR B 403 -29.10 -22.16 13.71
N LYS B 404 -30.25 -22.69 14.17
CA LYS B 404 -31.04 -23.69 13.38
C LYS B 404 -31.94 -22.98 12.37
N ALA B 405 -31.49 -22.75 11.13
CA ALA B 405 -32.33 -22.17 10.06
C ALA B 405 -33.64 -22.99 9.91
N GLU B 406 -34.80 -22.32 9.78
CA GLU B 406 -36.05 -22.90 9.20
C GLU B 406 -35.65 -23.79 8.01
N GLY B 407 -36.02 -25.07 8.00
CA GLY B 407 -35.73 -25.94 6.84
C GLY B 407 -34.58 -26.89 7.08
N MET B 408 -33.73 -26.63 8.08
CA MET B 408 -32.65 -27.56 8.51
C MET B 408 -33.23 -28.65 9.44
N GLU B 409 -32.63 -29.84 9.40
CA GLU B 409 -32.94 -30.97 10.30
C GLU B 409 -31.66 -31.47 10.98
N ASP B 410 -31.78 -32.18 12.11
CA ASP B 410 -30.65 -32.66 12.93
C ASP B 410 -29.89 -33.72 12.14
N PHE B 411 -28.60 -33.50 11.95
CA PHE B 411 -27.71 -34.60 11.54
C PHE B 411 -27.74 -35.62 12.69
N SER B 412 -27.76 -36.90 12.35
CA SER B 412 -27.52 -38.04 13.27
C SER B 412 -26.99 -39.19 12.42
N ARG B 413 -26.48 -40.27 13.04
CA ARG B 413 -26.16 -41.54 12.34
C ARG B 413 -27.33 -41.99 11.46
N ALA B 414 -28.57 -41.82 11.93
CA ALA B 414 -29.81 -42.35 11.32
C ALA B 414 -30.30 -41.38 10.24
N ASN B 415 -29.91 -40.11 10.33
CA ASN B 415 -30.32 -39.05 9.36
C ASN B 415 -29.07 -38.31 8.91
N PRO B 416 -28.13 -38.96 8.18
CA PRO B 416 -26.92 -38.30 7.68
C PRO B 416 -27.06 -37.04 6.80
N LEU B 417 -28.23 -36.79 6.22
CA LEU B 417 -28.55 -35.58 5.40
C LEU B 417 -28.94 -34.38 6.28
N GLY B 418 -29.11 -34.53 7.60
CA GLY B 418 -29.38 -33.37 8.48
C GLY B 418 -28.29 -32.30 8.33
N ARG B 419 -28.66 -31.03 8.16
CA ARG B 419 -27.71 -29.90 7.97
C ARG B 419 -27.38 -29.22 9.32
N TYR B 420 -28.01 -29.61 10.42
CA TYR B 420 -27.79 -28.93 11.72
C TYR B 420 -27.11 -29.90 12.70
N LEU B 421 -26.04 -29.41 13.32
CA LEU B 421 -25.16 -30.20 14.21
C LEU B 421 -25.33 -29.74 15.66
N HIS B 422 -25.80 -30.66 16.50
CA HIS B 422 -25.85 -30.53 17.96
C HIS B 422 -24.46 -30.91 18.49
N PHE B 423 -23.63 -29.95 18.89
CA PHE B 423 -22.23 -30.27 19.28
C PHE B 423 -22.13 -30.71 20.75
N GLY B 424 -23.20 -30.55 21.53
CA GLY B 424 -23.19 -30.58 23.00
C GLY B 424 -22.25 -29.52 23.58
N VAL B 425 -21.93 -29.61 24.87
CA VAL B 425 -21.13 -28.55 25.55
C VAL B 425 -19.65 -28.88 25.27
N ARG B 426 -19.24 -28.65 24.02
CA ARG B 426 -17.93 -29.00 23.41
C ARG B 426 -17.54 -27.91 22.41
N GLU B 427 -17.38 -26.68 22.91
CA GLU B 427 -17.05 -25.50 22.07
C GLU B 427 -15.71 -25.75 21.36
N HIS B 428 -14.73 -26.30 22.07
CA HIS B 428 -13.39 -26.51 21.49
C HIS B 428 -13.50 -27.45 20.30
N ALA B 429 -13.97 -28.66 20.54
CA ALA B 429 -14.18 -29.70 19.52
C ALA B 429 -15.11 -29.16 18.40
N MET B 430 -16.13 -28.38 18.71
CA MET B 430 -16.99 -27.73 17.68
C MET B 430 -16.09 -26.92 16.74
N GLY B 431 -15.22 -26.08 17.32
CA GLY B 431 -14.24 -25.29 16.57
C GLY B 431 -13.48 -26.17 15.60
N ALA B 432 -12.82 -27.19 16.12
CA ALA B 432 -11.97 -28.09 15.33
C ALA B 432 -12.82 -28.71 14.21
N ILE B 433 -14.02 -29.22 14.53
CA ILE B 433 -14.95 -29.96 13.64
C ILE B 433 -15.45 -28.99 12.56
N LEU B 434 -15.75 -27.75 12.89
CA LEU B 434 -16.18 -26.73 11.89
C LEU B 434 -15.00 -26.46 10.96
N ASN B 435 -13.78 -26.55 11.51
CA ASN B 435 -12.56 -26.31 10.70
C ASN B 435 -12.42 -27.48 9.71
N GLY B 436 -12.58 -28.70 10.20
CA GLY B 436 -12.56 -29.92 9.40
C GLY B 436 -13.61 -29.84 8.30
N LEU B 437 -14.86 -29.57 8.67
CA LEU B 437 -15.96 -29.45 7.66
C LEU B 437 -15.56 -28.50 6.53
N ASN B 438 -14.96 -27.36 6.88
CA ASN B 438 -14.74 -26.19 5.98
C ASN B 438 -13.46 -26.42 5.17
N LEU B 439 -12.54 -27.24 5.70
CA LEU B 439 -11.29 -27.66 5.01
C LEU B 439 -11.57 -28.71 3.93
N HIS B 440 -12.49 -29.64 4.19
CA HIS B 440 -12.71 -30.89 3.41
C HIS B 440 -13.04 -30.53 1.97
N GLY B 441 -13.96 -29.58 1.79
CA GLY B 441 -14.57 -29.25 0.50
C GLY B 441 -16.00 -29.74 0.44
N GLY B 442 -16.92 -28.89 -0.04
CA GLY B 442 -18.32 -29.20 -0.35
C GLY B 442 -19.27 -28.57 0.66
N TYR B 443 -18.74 -28.13 1.81
CA TYR B 443 -19.56 -27.56 2.91
C TYR B 443 -19.03 -26.18 3.25
N ARG B 444 -19.94 -25.31 3.67
CA ARG B 444 -19.62 -24.11 4.49
C ARG B 444 -20.29 -24.26 5.85
N ALA B 445 -19.51 -24.29 6.94
CA ALA B 445 -19.98 -24.69 8.29
C ALA B 445 -19.82 -23.52 9.25
N TYR B 446 -20.84 -23.25 10.03
CA TYR B 446 -20.83 -22.28 11.14
C TYR B 446 -21.33 -22.99 12.40
N GLY B 447 -20.92 -22.51 13.56
CA GLY B 447 -21.35 -23.02 14.87
C GLY B 447 -21.52 -21.87 15.86
N GLY B 448 -22.48 -21.96 16.77
CA GLY B 448 -22.77 -20.88 17.73
C GLY B 448 -22.43 -21.25 19.18
N THR B 449 -22.02 -20.25 19.94
CA THR B 449 -22.07 -20.29 21.43
C THR B 449 -22.10 -18.83 21.89
N PHE B 450 -22.02 -18.59 23.19
CA PHE B 450 -21.95 -17.23 23.76
C PHE B 450 -20.53 -16.70 23.55
N LEU B 451 -20.41 -15.39 23.36
CA LEU B 451 -19.12 -14.76 23.06
C LEU B 451 -18.12 -15.10 24.19
N VAL B 452 -18.58 -15.13 25.43
CA VAL B 452 -17.69 -15.43 26.59
C VAL B 452 -17.10 -16.81 26.36
N PHE B 453 -17.85 -17.74 25.76
CA PHE B 453 -17.32 -19.11 25.59
C PHE B 453 -16.43 -19.24 24.34
N SER B 454 -16.13 -18.19 23.58
CA SER B 454 -14.99 -18.27 22.61
C SER B 454 -13.70 -18.70 23.34
N ASP B 455 -13.57 -18.38 24.63
CA ASP B 455 -12.37 -18.75 25.42
C ASP B 455 -12.17 -20.26 25.39
N TYR B 456 -13.25 -21.04 25.32
CA TYR B 456 -13.12 -22.51 25.35
C TYR B 456 -12.63 -23.03 24.00
N MET B 457 -12.63 -22.23 22.94
CA MET B 457 -12.35 -22.77 21.59
C MET B 457 -11.21 -21.99 20.92
N ARG B 458 -10.54 -21.16 21.67
CA ARG B 458 -9.54 -20.23 21.12
C ARG B 458 -8.53 -20.89 20.19
N PRO B 459 -7.85 -21.98 20.59
CA PRO B 459 -6.81 -22.54 19.73
C PRO B 459 -7.40 -22.91 18.36
N ALA B 460 -8.69 -23.26 18.26
CA ALA B 460 -9.28 -23.65 16.96
C ALA B 460 -9.66 -22.38 16.16
N ILE B 461 -10.15 -21.34 16.83
CA ILE B 461 -10.29 -20.01 16.17
C ILE B 461 -8.92 -19.66 15.55
N ARG B 462 -7.85 -19.80 16.33
CA ARG B 462 -6.49 -19.38 15.91
C ARG B 462 -6.10 -20.24 14.75
N LEU B 463 -6.36 -21.52 14.88
CA LEU B 463 -5.99 -22.45 13.81
C LEU B 463 -6.77 -22.12 12.53
N ALA B 464 -8.04 -21.72 12.59
CA ALA B 464 -8.75 -21.29 11.36
C ALA B 464 -7.97 -20.13 10.73
N ALA B 465 -7.57 -19.16 11.55
CA ALA B 465 -6.91 -17.93 11.08
C ALA B 465 -5.55 -18.27 10.47
N LEU B 466 -4.83 -19.24 11.00
CA LEU B 466 -3.48 -19.61 10.47
C LEU B 466 -3.64 -20.28 9.12
N MET B 467 -4.65 -21.15 9.00
CA MET B 467 -4.92 -21.94 7.78
C MET B 467 -5.67 -21.14 6.67
N GLY B 468 -6.30 -20.01 6.97
CA GLY B 468 -7.17 -19.24 6.03
C GLY B 468 -8.49 -19.95 5.73
N VAL B 469 -8.94 -20.80 6.64
CA VAL B 469 -10.17 -21.62 6.50
C VAL B 469 -11.33 -20.76 6.97
N PRO B 470 -12.32 -20.44 6.11
CA PRO B 470 -13.30 -19.41 6.45
C PRO B 470 -14.44 -19.99 7.30
N THR B 471 -14.12 -20.58 8.46
CA THR B 471 -15.11 -20.98 9.46
C THR B 471 -15.84 -19.71 9.89
N VAL B 472 -17.16 -19.78 10.10
CA VAL B 472 -17.91 -18.61 10.65
C VAL B 472 -18.31 -18.93 12.08
N PHE B 473 -17.82 -18.16 13.05
CA PHE B 473 -18.12 -18.46 14.46
C PHE B 473 -19.25 -17.54 14.87
N VAL B 474 -20.38 -18.10 15.24
CA VAL B 474 -21.53 -17.26 15.70
C VAL B 474 -21.43 -17.10 17.20
N PHE B 475 -21.36 -15.84 17.69
CA PHE B 475 -21.24 -15.52 19.13
C PHE B 475 -22.36 -14.58 19.51
N THR B 476 -23.24 -15.05 20.39
CA THR B 476 -24.39 -14.27 20.93
C THR B 476 -24.07 -13.82 22.35
N HIS B 477 -25.02 -13.21 23.03
CA HIS B 477 -24.83 -12.78 24.45
C HIS B 477 -23.51 -11.98 24.53
N ASP B 478 -23.36 -10.99 23.67
CA ASP B 478 -22.10 -10.26 23.41
C ASP B 478 -21.76 -9.25 24.49
N SER B 479 -22.57 -9.03 25.52
CA SER B 479 -22.25 -7.94 26.47
C SER B 479 -22.94 -8.10 27.83
N ILE B 480 -22.59 -7.25 28.82
CA ILE B 480 -23.36 -7.14 30.12
C ILE B 480 -24.87 -7.03 29.82
N ALA B 481 -25.27 -6.56 28.63
CA ALA B 481 -26.70 -6.42 28.26
C ALA B 481 -27.46 -7.74 28.41
N LEU B 482 -26.79 -8.89 28.33
CA LEU B 482 -27.46 -10.18 28.43
C LEU B 482 -28.17 -10.30 29.77
N GLY B 483 -27.80 -9.47 30.76
CA GLY B 483 -28.53 -9.39 32.02
C GLY B 483 -28.14 -10.43 33.05
N GLU B 484 -29.14 -11.16 33.57
CA GLU B 484 -29.13 -11.81 34.91
C GLU B 484 -28.06 -12.92 35.06
N ASP B 485 -27.68 -13.58 33.98
CA ASP B 485 -26.72 -14.71 33.94
C ASP B 485 -25.38 -14.29 34.57
N GLY B 486 -25.01 -13.02 34.45
CA GLY B 486 -24.01 -12.40 35.34
C GLY B 486 -22.61 -12.37 34.74
N PRO B 487 -21.61 -12.01 35.56
CA PRO B 487 -20.23 -11.76 35.09
C PRO B 487 -19.48 -12.94 34.46
N THR B 488 -19.78 -14.18 34.88
CA THR B 488 -19.21 -15.40 34.25
C THR B 488 -19.69 -15.55 32.80
N HIS B 489 -20.86 -14.99 32.43
CA HIS B 489 -21.42 -15.08 31.06
C HIS B 489 -21.19 -13.77 30.30
N GLN B 490 -20.93 -12.68 30.98
CA GLN B 490 -20.82 -11.37 30.29
C GLN B 490 -19.40 -11.15 29.77
N PRO B 491 -19.21 -10.98 28.43
CA PRO B 491 -17.91 -10.65 27.89
C PRO B 491 -17.43 -9.28 28.35
N VAL B 492 -16.13 -9.10 28.36
CA VAL B 492 -15.49 -7.77 28.57
C VAL B 492 -14.32 -7.71 27.60
N GLU B 493 -13.35 -8.59 27.78
CA GLU B 493 -12.05 -8.58 27.05
C GLU B 493 -12.20 -9.20 25.65
N HIS B 494 -13.30 -9.89 25.35
CA HIS B 494 -13.37 -10.83 24.19
C HIS B 494 -13.23 -10.12 22.83
N LEU B 495 -13.96 -9.05 22.59
CA LEU B 495 -13.84 -8.27 21.33
C LEU B 495 -12.37 -7.95 21.04
N MET B 496 -11.69 -7.19 21.89
CA MET B 496 -10.29 -6.74 21.57
C MET B 496 -9.37 -7.96 21.50
N SER B 497 -9.64 -8.99 22.30
CA SER B 497 -8.85 -10.24 22.34
C SER B 497 -8.93 -10.96 21.01
N LEU B 498 -10.08 -10.89 20.32
CA LEU B 498 -10.28 -11.50 18.99
C LEU B 498 -9.70 -10.57 17.93
N ARG B 499 -9.99 -9.28 18.03
CA ARG B 499 -9.58 -8.27 17.03
C ARG B 499 -8.07 -8.29 16.92
N ALA B 500 -7.36 -8.66 17.99
CA ALA B 500 -5.88 -8.65 18.04
C ALA B 500 -5.34 -9.79 17.19
N MET B 501 -6.14 -10.82 16.93
CA MET B 501 -5.68 -12.04 16.22
C MET B 501 -5.59 -11.77 14.72
N PRO B 502 -4.46 -12.04 14.06
CA PRO B 502 -4.40 -11.86 12.62
C PRO B 502 -5.44 -12.76 11.91
N ASN B 503 -5.93 -12.29 10.75
CA ASN B 503 -6.78 -13.05 9.80
C ASN B 503 -8.06 -13.51 10.51
N LEU B 504 -8.68 -12.64 11.29
CA LEU B 504 -10.00 -12.89 11.88
C LEU B 504 -10.84 -11.65 11.69
N PHE B 505 -11.96 -11.73 10.97
CA PHE B 505 -12.91 -10.58 10.90
C PHE B 505 -13.78 -10.72 12.12
N VAL B 506 -13.89 -9.66 12.90
CA VAL B 506 -14.84 -9.55 14.05
C VAL B 506 -15.95 -8.55 13.69
N ILE B 507 -17.18 -9.02 13.47
CA ILE B 507 -18.25 -8.11 12.95
C ILE B 507 -19.37 -8.08 13.98
N ARG B 508 -19.62 -6.89 14.51
CA ARG B 508 -20.56 -6.65 15.63
C ARG B 508 -21.72 -5.81 15.07
N PRO B 509 -22.68 -6.38 14.30
CA PRO B 509 -23.68 -5.54 13.61
C PRO B 509 -24.54 -4.81 14.64
N ALA B 510 -24.91 -3.55 14.34
CA ALA B 510 -25.67 -2.68 15.27
C ALA B 510 -27.13 -3.12 15.43
N ASP B 511 -27.74 -3.78 14.43
CA ASP B 511 -29.21 -3.99 14.38
C ASP B 511 -29.55 -5.16 13.46
N ALA B 512 -30.84 -5.38 13.21
CA ALA B 512 -31.34 -6.45 12.31
C ALA B 512 -30.75 -6.30 10.91
N TYR B 513 -30.60 -5.07 10.42
CA TYR B 513 -30.20 -4.82 9.03
C TYR B 513 -28.69 -5.00 8.88
N GLU B 514 -27.90 -4.35 9.75
CA GLU B 514 -26.43 -4.60 9.83
C GLU B 514 -26.22 -6.13 9.88
N THR B 515 -27.04 -6.84 10.64
CA THR B 515 -26.80 -8.30 10.83
C THR B 515 -26.88 -9.05 9.51
N PHE B 516 -27.78 -8.66 8.60
CA PHE B 516 -27.91 -9.37 7.31
C PHE B 516 -26.67 -9.10 6.47
N TYR B 517 -26.19 -7.85 6.41
CA TYR B 517 -24.95 -7.51 5.67
C TYR B 517 -23.69 -8.21 6.27
N ALA B 518 -23.65 -8.45 7.58
CA ALA B 518 -22.52 -9.17 8.25
C ALA B 518 -22.42 -10.61 7.73
N TRP B 519 -23.54 -11.31 7.70
CA TRP B 519 -23.68 -12.64 7.08
C TRP B 519 -23.20 -12.60 5.62
N LEU B 520 -23.54 -11.55 4.87
CA LEU B 520 -23.11 -11.52 3.46
C LEU B 520 -21.58 -11.41 3.48
N VAL B 521 -21.04 -10.44 4.21
CA VAL B 521 -19.56 -10.27 4.38
C VAL B 521 -18.92 -11.60 4.80
N ALA B 522 -19.49 -12.28 5.80
CA ALA B 522 -18.82 -13.49 6.33
C ALA B 522 -18.84 -14.62 5.30
N LEU B 523 -19.95 -14.77 4.55
CA LEU B 523 -20.08 -15.88 3.56
C LEU B 523 -19.15 -15.58 2.39
N ARG B 524 -19.02 -14.31 2.01
CA ARG B 524 -18.15 -13.88 0.89
C ARG B 524 -16.69 -13.81 1.31
N ARG B 525 -16.35 -13.81 2.63
CA ARG B 525 -14.92 -13.77 3.05
C ARG B 525 -14.39 -15.21 2.99
N LYS B 526 -13.43 -15.49 2.13
CA LYS B 526 -12.84 -16.85 1.93
C LYS B 526 -11.46 -16.97 2.58
N GLU B 527 -10.75 -15.86 2.79
CA GLU B 527 -9.30 -15.79 3.14
C GLU B 527 -9.11 -16.29 4.58
N GLY B 528 -10.17 -16.25 5.42
CA GLY B 528 -10.01 -16.56 6.84
C GLY B 528 -11.33 -16.50 7.59
N PRO B 529 -11.28 -16.85 8.88
CA PRO B 529 -12.49 -16.97 9.66
C PRO B 529 -13.09 -15.60 9.95
N THR B 530 -14.36 -15.64 10.32
CA THR B 530 -15.19 -14.50 10.69
C THR B 530 -15.94 -14.83 12.00
N ALA B 531 -15.95 -13.90 12.91
CA ALA B 531 -16.70 -14.01 14.17
C ALA B 531 -17.86 -13.03 14.06
N LEU B 532 -19.09 -13.52 14.16
CA LEU B 532 -20.27 -12.64 14.18
C LEU B 532 -20.70 -12.49 15.63
N VAL B 533 -20.87 -11.26 16.07
CA VAL B 533 -21.15 -10.99 17.49
C VAL B 533 -22.53 -10.34 17.61
N LEU B 534 -23.41 -11.02 18.35
CA LEU B 534 -24.84 -10.70 18.45
C LEU B 534 -25.31 -10.51 19.90
N THR B 535 -26.34 -9.69 20.07
CA THR B 535 -26.96 -9.39 21.38
C THR B 535 -27.90 -10.54 21.73
N ARG B 536 -28.12 -10.71 23.02
CA ARG B 536 -29.30 -11.36 23.61
C ARG B 536 -30.50 -10.41 23.54
N GLN B 537 -30.32 -9.20 24.05
CA GLN B 537 -31.44 -8.25 24.24
C GLN B 537 -31.76 -7.62 22.89
N ALA B 538 -33.03 -7.23 22.74
CA ALA B 538 -33.52 -6.49 21.57
C ALA B 538 -32.89 -5.10 21.59
N VAL B 539 -32.56 -4.61 20.41
CA VAL B 539 -32.18 -3.20 20.13
C VAL B 539 -33.09 -2.67 19.01
N PRO B 540 -33.25 -1.35 18.85
CA PRO B 540 -34.02 -0.82 17.74
C PRO B 540 -33.43 -1.24 16.38
N LEU B 541 -34.25 -0.98 15.34
CA LEU B 541 -33.95 -1.03 13.88
C LEU B 541 -33.34 0.30 13.46
N LEU B 542 -32.32 0.22 12.60
CA LEU B 542 -31.81 1.35 11.79
C LEU B 542 -32.50 1.30 10.41
N SER B 543 -32.43 2.41 9.67
CA SER B 543 -32.76 2.48 8.21
C SER B 543 -32.11 1.31 7.48
N PRO B 544 -32.87 0.48 6.73
CA PRO B 544 -32.27 -0.59 5.92
C PRO B 544 -31.11 -0.12 5.05
N GLU B 545 -31.22 1.07 4.43
CA GLU B 545 -30.27 1.57 3.39
C GLU B 545 -28.99 2.08 4.07
N LYS B 546 -29.13 2.69 5.23
CA LYS B 546 -28.03 3.13 6.12
C LYS B 546 -27.15 1.89 6.47
N ALA B 547 -27.77 0.82 6.94
CA ALA B 547 -27.11 -0.41 7.45
C ALA B 547 -26.18 -1.06 6.40
N ARG B 548 -26.44 -0.84 5.10
CA ARG B 548 -25.56 -1.26 3.98
C ARG B 548 -24.10 -0.78 4.17
N GLY B 549 -23.94 0.35 4.87
CA GLY B 549 -22.63 0.89 5.30
C GLY B 549 -21.75 -0.20 5.92
N LEU B 550 -22.33 -1.22 6.57
CA LEU B 550 -21.52 -2.31 7.19
C LEU B 550 -20.50 -2.85 6.18
N LEU B 551 -20.85 -2.92 4.90
CA LEU B 551 -19.95 -3.46 3.83
C LEU B 551 -18.60 -2.72 3.77
N ARG B 552 -18.52 -1.49 4.32
CA ARG B 552 -17.31 -0.64 4.40
C ARG B 552 -16.66 -0.70 5.80
N GLY B 553 -17.08 -1.59 6.70
CA GLY B 553 -16.46 -1.76 8.04
C GLY B 553 -16.90 -0.70 9.02
N GLY B 554 -16.80 0.57 8.63
CA GLY B 554 -17.32 1.73 9.38
C GLY B 554 -17.93 2.75 8.42
N TYR B 555 -18.82 3.62 8.90
CA TYR B 555 -19.56 4.58 8.03
C TYR B 555 -20.36 5.56 8.87
N VAL B 556 -20.63 6.74 8.32
CA VAL B 556 -21.46 7.77 9.00
C VAL B 556 -22.90 7.29 9.03
N LEU B 557 -23.44 7.01 10.21
CA LEU B 557 -24.83 6.52 10.35
C LEU B 557 -25.77 7.74 10.34
N GLU B 558 -25.46 8.76 11.15
CA GLU B 558 -26.24 10.02 11.28
C GLU B 558 -25.25 11.17 11.28
N ASP B 559 -25.20 11.91 10.20
CA ASP B 559 -24.33 13.10 10.11
C ASP B 559 -25.12 14.30 10.64
N VAL B 560 -24.41 15.40 10.87
CA VAL B 560 -24.96 16.75 11.22
C VAL B 560 -24.15 17.80 10.46
N GLU B 561 -24.65 19.03 10.53
CA GLU B 561 -24.07 20.30 9.99
C GLU B 561 -22.78 20.60 10.74
N GLU B 562 -21.71 20.97 10.02
CA GLU B 562 -20.45 21.48 10.63
C GLU B 562 -20.27 20.76 11.96
N PRO B 563 -19.92 19.43 11.98
CA PRO B 563 -19.81 18.69 13.23
C PRO B 563 -18.64 19.18 14.12
N GLN B 564 -18.94 19.32 15.42
CA GLN B 564 -17.96 19.64 16.50
C GLN B 564 -17.30 18.37 17.03
N GLY B 565 -17.68 17.18 16.55
CA GLY B 565 -17.06 15.92 16.98
C GLY B 565 -17.79 14.69 16.47
N VAL B 566 -17.33 13.51 16.91
CA VAL B 566 -17.82 12.17 16.48
C VAL B 566 -18.04 11.31 17.72
N LEU B 567 -19.16 10.60 17.78
CA LEU B 567 -19.29 9.41 18.65
C LEU B 567 -19.20 8.20 17.73
N VAL B 568 -18.25 7.32 18.01
CA VAL B 568 -18.05 6.09 17.20
C VAL B 568 -18.44 4.91 18.09
N ALA B 569 -19.13 3.93 17.53
CA ALA B 569 -19.67 2.84 18.35
C ALA B 569 -19.87 1.60 17.47
N THR B 570 -20.11 0.46 18.12
CA THR B 570 -20.20 -0.88 17.50
C THR B 570 -21.40 -1.58 18.11
N GLY B 571 -22.07 -2.46 17.36
CA GLY B 571 -23.24 -3.25 17.80
C GLY B 571 -24.23 -2.39 18.58
N SER B 572 -24.71 -2.91 19.70
CA SER B 572 -25.75 -2.27 20.55
C SER B 572 -25.38 -0.83 20.88
N GLU B 573 -24.10 -0.47 20.99
CA GLU B 573 -23.77 0.87 21.57
C GLU B 573 -23.99 1.95 20.52
N VAL B 574 -24.19 1.54 19.26
CA VAL B 574 -24.63 2.47 18.19
C VAL B 574 -25.91 3.19 18.63
N HIS B 575 -26.90 2.46 19.16
CA HIS B 575 -28.19 3.05 19.58
C HIS B 575 -27.93 4.01 20.76
N LEU B 576 -26.99 3.67 21.65
CA LEU B 576 -26.62 4.52 22.81
C LEU B 576 -26.00 5.81 22.28
N ALA B 577 -25.16 5.73 21.25
CA ALA B 577 -24.54 6.91 20.60
C ALA B 577 -25.59 7.83 19.94
N LEU B 578 -26.60 7.32 19.23
CA LEU B 578 -27.72 8.15 18.66
C LEU B 578 -28.47 8.83 19.81
N ARG B 579 -28.85 8.10 20.85
CA ARG B 579 -29.49 8.73 22.04
C ARG B 579 -28.59 9.86 22.58
N ALA B 580 -27.26 9.70 22.59
CA ALA B 580 -26.33 10.73 23.12
C ALA B 580 -26.17 11.86 22.08
N GLN B 581 -26.17 11.54 20.79
CA GLN B 581 -26.19 12.58 19.72
C GLN B 581 -27.36 13.55 20.02
N ALA B 582 -28.59 13.04 20.05
CA ALA B 582 -29.83 13.81 20.29
C ALA B 582 -29.67 14.64 21.57
N LEU B 583 -29.22 14.01 22.65
CA LEU B 583 -29.04 14.66 23.97
C LEU B 583 -28.08 15.85 23.85
N LEU B 584 -27.06 15.72 23.00
CA LEU B 584 -26.05 16.76 22.80
C LEU B 584 -26.67 17.87 21.94
N ARG B 585 -27.47 17.55 20.92
CA ARG B 585 -28.21 18.56 20.09
C ARG B 585 -29.09 19.43 21.02
N GLU B 586 -29.76 18.81 21.98
CA GLU B 586 -30.63 19.49 22.96
C GLU B 586 -29.88 20.65 23.63
N LYS B 587 -28.54 20.58 23.76
CA LYS B 587 -27.67 21.59 24.42
C LYS B 587 -26.88 22.41 23.37
N GLY B 588 -27.27 22.35 22.09
CA GLY B 588 -26.64 23.09 20.98
C GLY B 588 -25.26 22.56 20.61
N VAL B 589 -25.03 21.28 20.91
CA VAL B 589 -23.78 20.55 20.55
C VAL B 589 -24.13 19.55 19.44
N ARG B 590 -23.41 19.63 18.33
CA ARG B 590 -23.65 18.78 17.13
C ARG B 590 -22.50 17.79 17.02
N VAL B 591 -22.80 16.49 17.08
CA VAL B 591 -21.83 15.40 16.79
C VAL B 591 -22.43 14.47 15.75
N ARG B 592 -21.56 13.85 14.94
CA ARG B 592 -21.97 12.74 14.03
C ARG B 592 -21.74 11.38 14.73
N VAL B 593 -22.60 10.41 14.43
CA VAL B 593 -22.54 9.02 14.94
C VAL B 593 -22.02 8.12 13.80
N VAL B 594 -20.86 7.50 14.03
CA VAL B 594 -20.22 6.51 13.12
C VAL B 594 -20.49 5.13 13.71
N SER B 595 -20.75 4.17 12.83
CA SER B 595 -21.05 2.75 13.16
C SER B 595 -19.84 1.98 12.64
N LEU B 596 -19.12 1.31 13.56
CA LEU B 596 -17.86 0.63 13.24
C LEU B 596 -18.04 -0.86 13.52
N PRO B 597 -18.91 -1.55 12.74
CA PRO B 597 -19.24 -2.94 13.02
C PRO B 597 -18.04 -3.87 12.81
N SER B 598 -17.00 -3.42 12.10
CA SER B 598 -15.76 -4.23 11.93
C SER B 598 -14.53 -3.35 11.73
N PHE B 599 -13.60 -3.37 12.70
CA PHE B 599 -12.25 -2.73 12.67
C PHE B 599 -11.46 -3.18 11.43
N GLU B 600 -11.52 -4.47 11.06
CA GLU B 600 -10.63 -5.04 10.03
C GLU B 600 -11.18 -4.63 8.65
N LEU B 601 -12.50 -4.48 8.49
CA LEU B 601 -13.06 -4.14 7.16
C LEU B 601 -12.90 -2.62 7.00
N PHE B 602 -13.00 -1.86 8.09
CA PHE B 602 -12.76 -0.40 8.09
C PHE B 602 -11.30 -0.14 7.68
N ALA B 603 -10.34 -0.83 8.29
CA ALA B 603 -8.89 -0.60 8.06
C ALA B 603 -8.58 -0.95 6.61
N ALA B 604 -9.30 -1.88 6.01
CA ALA B 604 -9.04 -2.33 4.62
C ALA B 604 -9.55 -1.26 3.60
N GLN B 605 -10.29 -0.25 4.06
CA GLN B 605 -10.79 0.85 3.19
C GLN B 605 -9.64 1.82 2.91
N PRO B 606 -9.71 2.58 1.80
CA PRO B 606 -8.73 3.61 1.47
C PRO B 606 -8.70 4.71 2.52
N GLU B 607 -7.52 5.29 2.67
CA GLU B 607 -7.23 6.29 3.72
C GLU B 607 -8.31 7.36 3.60
N ALA B 608 -8.58 7.78 2.38
CA ALA B 608 -9.45 8.95 2.07
C ALA B 608 -10.88 8.65 2.56
N TYR B 609 -11.37 7.41 2.41
CA TYR B 609 -12.66 7.00 3.03
C TYR B 609 -12.59 7.03 4.56
N ARG B 610 -11.48 6.51 5.13
CA ARG B 610 -11.32 6.42 6.62
C ARG B 610 -11.39 7.84 7.18
N LYS B 611 -10.70 8.81 6.57
CA LYS B 611 -10.60 10.23 7.05
C LYS B 611 -11.86 11.02 6.70
N GLU B 612 -12.70 10.54 5.79
CA GLU B 612 -14.07 11.07 5.58
C GLU B 612 -14.93 10.72 6.79
N VAL B 613 -14.87 9.44 7.19
CA VAL B 613 -15.69 8.84 8.28
C VAL B 613 -15.27 9.46 9.61
N LEU B 614 -13.97 9.56 9.85
CA LEU B 614 -13.40 10.11 11.10
C LEU B 614 -12.45 11.25 10.73
N PRO B 615 -12.95 12.48 10.49
CA PRO B 615 -12.13 13.59 10.02
C PRO B 615 -11.06 14.01 11.02
N PRO B 616 -9.78 14.10 10.62
CA PRO B 616 -8.71 14.49 11.53
C PRO B 616 -9.06 15.79 12.25
N GLY B 617 -8.58 15.97 13.47
CA GLY B 617 -8.81 17.20 14.25
C GLY B 617 -10.09 17.11 15.07
N LEU B 618 -11.18 16.57 14.51
CA LEU B 618 -12.45 16.40 15.27
C LEU B 618 -12.20 15.46 16.45
N PRO B 619 -12.59 15.87 17.68
CA PRO B 619 -12.53 14.99 18.85
C PRO B 619 -13.49 13.81 18.69
N VAL B 620 -13.13 12.64 19.23
CA VAL B 620 -13.85 11.36 19.02
C VAL B 620 -14.05 10.71 20.37
N VAL B 621 -15.31 10.43 20.72
CA VAL B 621 -15.63 9.60 21.91
C VAL B 621 -16.15 8.26 21.39
N ALA B 622 -15.54 7.14 21.85
CA ALA B 622 -15.97 5.78 21.46
C ALA B 622 -16.85 5.21 22.56
N VAL B 623 -17.78 4.33 22.17
CA VAL B 623 -18.74 3.63 23.07
C VAL B 623 -18.77 2.16 22.64
N GLU B 624 -18.40 1.28 23.57
CA GLU B 624 -18.50 -0.19 23.38
C GLU B 624 -18.55 -0.86 24.74
N ALA B 625 -19.50 -1.79 24.95
CA ALA B 625 -19.66 -2.48 26.25
C ALA B 625 -18.62 -3.59 26.36
N GLY B 626 -17.36 -3.20 26.44
CA GLY B 626 -16.19 -4.10 26.50
C GLY B 626 -14.95 -3.32 26.84
N ALA B 627 -13.80 -3.99 27.00
CA ALA B 627 -12.53 -3.37 27.43
C ALA B 627 -12.17 -2.12 26.60
N SER B 628 -11.54 -1.13 27.22
CA SER B 628 -11.04 0.12 26.55
C SER B 628 -9.85 -0.16 25.63
N LEU B 629 -9.02 -1.15 25.96
CA LEU B 629 -7.68 -1.30 25.35
C LEU B 629 -7.80 -1.54 23.83
N GLY B 630 -7.20 -0.68 23.00
CA GLY B 630 -7.31 -0.70 21.52
C GLY B 630 -8.02 0.56 20.99
N TRP B 631 -9.00 1.12 21.71
CA TRP B 631 -9.90 2.20 21.20
C TRP B 631 -9.11 3.49 20.93
N GLU B 632 -7.96 3.66 21.58
CA GLU B 632 -7.05 4.81 21.37
C GLU B 632 -6.66 4.84 19.89
N ARG B 633 -6.78 3.74 19.17
CA ARG B 633 -6.52 3.73 17.70
C ARG B 633 -7.48 4.67 16.94
N TYR B 634 -8.63 5.06 17.51
CA TYR B 634 -9.72 5.82 16.83
C TYR B 634 -10.31 6.92 17.71
N ALA B 635 -10.26 6.84 19.05
CA ALA B 635 -10.93 7.83 19.95
C ALA B 635 -9.97 8.40 21.00
N HIS B 636 -10.32 9.59 21.46
CA HIS B 636 -9.60 10.45 22.43
C HIS B 636 -10.16 10.15 23.83
N LYS B 637 -11.40 9.68 23.89
CA LYS B 637 -12.04 9.22 25.13
C LYS B 637 -12.84 7.98 24.74
N VAL B 638 -13.08 7.09 25.69
CA VAL B 638 -13.83 5.85 25.45
C VAL B 638 -14.80 5.67 26.61
N VAL B 639 -16.05 5.33 26.32
CA VAL B 639 -17.00 4.85 27.34
C VAL B 639 -17.05 3.34 27.21
N ALA B 640 -16.39 2.64 28.13
CA ALA B 640 -16.13 1.19 28.02
C ALA B 640 -16.31 0.55 29.38
N LEU B 641 -16.05 -0.73 29.44
CA LEU B 641 -16.15 -1.49 30.71
C LEU B 641 -14.79 -2.15 30.90
N ASP B 642 -14.08 -1.80 31.98
CA ASP B 642 -12.74 -2.38 32.29
C ASP B 642 -12.86 -3.09 33.63
N ARG B 643 -14.00 -3.71 33.86
CA ARG B 643 -14.28 -4.57 35.04
C ARG B 643 -15.26 -5.63 34.58
N PHE B 644 -15.32 -6.70 35.34
CA PHE B 644 -16.36 -7.75 35.18
C PHE B 644 -17.77 -7.19 35.46
N GLY B 645 -18.79 -7.96 35.05
CA GLY B 645 -20.19 -7.49 34.95
C GLY B 645 -20.90 -7.62 36.26
N ALA B 646 -22.19 -7.82 36.18
CA ALA B 646 -23.06 -8.05 37.35
C ALA B 646 -24.28 -8.86 36.92
N SER B 647 -24.80 -9.66 37.84
CA SER B 647 -26.11 -10.39 37.81
C SER B 647 -27.22 -9.39 38.11
N ALA B 648 -27.83 -8.86 37.05
CA ALA B 648 -29.02 -7.99 37.18
C ALA B 648 -29.69 -7.85 35.82
N PRO B 649 -30.97 -7.42 35.77
CA PRO B 649 -31.70 -7.32 34.50
C PRO B 649 -31.21 -6.17 33.62
N TYR B 650 -31.28 -6.36 32.32
CA TYR B 650 -31.27 -5.25 31.33
C TYR B 650 -32.61 -4.48 31.37
N PRO B 651 -32.71 -3.15 31.23
CA PRO B 651 -31.56 -2.25 30.99
C PRO B 651 -30.73 -1.87 32.23
N GLU B 652 -31.16 -2.28 33.42
CA GLU B 652 -30.64 -1.70 34.69
C GLU B 652 -29.15 -1.94 34.76
N VAL B 653 -28.73 -3.18 34.46
CA VAL B 653 -27.32 -3.62 34.62
C VAL B 653 -26.47 -2.79 33.65
N TYR B 654 -27.00 -2.49 32.47
CA TYR B 654 -26.30 -1.76 31.38
C TYR B 654 -26.10 -0.33 31.84
N GLU B 655 -27.15 0.18 32.48
CA GLU B 655 -27.23 1.61 32.88
C GLU B 655 -26.30 1.82 34.07
N ARG B 656 -26.40 1.00 35.10
CA ARG B 656 -25.62 1.22 36.35
C ARG B 656 -24.11 0.94 36.10
N LEU B 657 -23.73 0.18 35.06
CA LEU B 657 -22.30 -0.03 34.70
C LEU B 657 -21.90 1.01 33.65
N GLY B 658 -22.71 2.05 33.45
CA GLY B 658 -22.21 3.35 32.93
C GLY B 658 -22.53 3.59 31.47
N PHE B 659 -23.35 2.76 30.85
CA PHE B 659 -23.76 2.91 29.43
C PHE B 659 -25.12 3.61 29.39
N THR B 660 -25.10 4.93 29.63
CA THR B 660 -26.26 5.84 29.50
C THR B 660 -25.90 7.00 28.57
N PRO B 661 -26.94 7.65 27.97
CA PRO B 661 -26.69 8.79 27.09
C PRO B 661 -26.12 9.98 27.87
N GLU B 662 -26.53 10.17 29.13
CA GLU B 662 -25.94 11.20 30.06
C GLU B 662 -24.43 10.98 30.21
N ARG B 663 -23.95 9.77 30.52
CA ARG B 663 -22.48 9.48 30.64
C ARG B 663 -21.74 9.73 29.31
N VAL B 664 -22.25 9.23 28.18
CA VAL B 664 -21.57 9.41 26.86
C VAL B 664 -21.47 10.91 26.54
N ALA B 665 -22.57 11.63 26.71
CA ALA B 665 -22.65 13.10 26.50
C ALA B 665 -21.62 13.78 27.42
N GLU B 666 -21.66 13.44 28.72
CA GLU B 666 -20.71 13.95 29.75
C GLU B 666 -19.27 13.78 29.25
N ALA B 667 -18.91 12.56 28.81
CA ALA B 667 -17.58 12.23 28.24
C ALA B 667 -17.26 13.15 27.04
N PHE B 668 -18.21 13.38 26.12
CA PHE B 668 -17.96 14.29 24.97
C PHE B 668 -17.71 15.74 25.43
N LEU B 669 -18.53 16.26 26.34
CA LEU B 669 -18.45 17.65 26.87
C LEU B 669 -17.16 17.83 27.67
N SER B 670 -16.57 16.76 28.20
CA SER B 670 -15.25 16.83 28.89
C SER B 670 -14.11 17.02 27.84
N LEU B 671 -14.40 16.83 26.54
CA LEU B 671 -13.51 17.32 25.44
C LEU B 671 -14.06 18.63 24.87
N VAL B 672 -15.22 18.58 24.22
CA VAL B 672 -15.80 19.68 23.38
C VAL B 672 -14.65 20.36 22.63
N LYS C 23 -24.45 -16.06 -36.18
CA LYS C 23 -23.85 -14.89 -35.46
C LYS C 23 -24.52 -14.76 -34.07
N GLU C 24 -24.03 -15.51 -33.06
CA GLU C 24 -24.67 -15.69 -31.72
C GLU C 24 -23.82 -15.03 -30.63
N THR C 25 -22.50 -15.25 -30.61
CA THR C 25 -21.52 -14.50 -29.78
C THR C 25 -21.36 -13.09 -30.38
N ARG C 26 -21.69 -12.91 -31.68
CA ARG C 26 -21.69 -11.61 -32.40
C ARG C 26 -22.61 -10.59 -31.68
N ASP C 27 -23.73 -11.04 -31.13
CA ASP C 27 -24.68 -10.23 -30.31
C ASP C 27 -23.96 -9.75 -29.06
N LEU C 28 -23.30 -10.66 -28.34
CA LEU C 28 -22.65 -10.38 -27.03
C LEU C 28 -21.43 -9.47 -27.24
N GLU C 29 -20.79 -9.53 -28.42
CA GLU C 29 -19.67 -8.62 -28.82
C GLU C 29 -20.26 -7.24 -29.07
N THR C 30 -21.29 -7.16 -29.89
CA THR C 30 -21.95 -5.89 -30.31
C THR C 30 -22.58 -5.19 -29.09
N LEU C 31 -23.39 -5.91 -28.30
CA LEU C 31 -23.92 -5.45 -26.99
C LEU C 31 -22.78 -4.83 -26.16
N SER C 32 -21.71 -5.58 -25.91
CA SER C 32 -20.56 -5.12 -25.08
C SER C 32 -19.88 -3.86 -25.67
N VAL C 33 -19.71 -3.82 -27.00
CA VAL C 33 -19.04 -2.69 -27.71
C VAL C 33 -19.93 -1.45 -27.54
N ASN C 34 -21.22 -1.61 -27.83
CA ASN C 34 -22.27 -0.56 -27.65
C ASN C 34 -22.36 -0.15 -26.16
N ALA C 35 -22.17 -1.06 -25.22
CA ALA C 35 -22.10 -0.74 -23.77
C ALA C 35 -21.07 0.36 -23.57
N ILE C 36 -19.92 0.23 -24.25
CA ILE C 36 -18.75 1.13 -24.07
C ILE C 36 -19.10 2.49 -24.68
N ARG C 37 -19.63 2.49 -25.92
CA ARG C 37 -20.07 3.75 -26.58
C ARG C 37 -21.04 4.55 -25.68
N PHE C 38 -22.17 3.94 -25.26
CA PHE C 38 -23.27 4.65 -24.55
C PHE C 38 -22.77 5.10 -23.16
N LEU C 39 -22.00 4.27 -22.46
CA LEU C 39 -21.36 4.70 -21.20
C LEU C 39 -20.56 5.98 -21.51
N ALA C 40 -19.96 6.06 -22.69
CA ALA C 40 -19.12 7.19 -23.10
C ALA C 40 -20.04 8.37 -23.40
N ILE C 41 -21.01 8.17 -24.29
CA ILE C 41 -21.94 9.24 -24.77
C ILE C 41 -22.65 9.87 -23.58
N ASP C 42 -23.30 9.04 -22.79
CA ASP C 42 -24.17 9.41 -21.65
C ASP C 42 -23.37 10.18 -20.61
N ALA C 43 -22.18 9.69 -20.25
CA ALA C 43 -21.30 10.31 -19.24
C ALA C 43 -20.90 11.69 -19.71
N VAL C 44 -20.68 11.82 -21.03
CA VAL C 44 -20.33 13.13 -21.64
C VAL C 44 -21.58 14.02 -21.63
N GLU C 45 -22.75 13.48 -21.97
CA GLU C 45 -24.04 14.24 -21.96
C GLU C 45 -24.28 14.83 -20.57
N LYS C 46 -24.30 13.98 -19.54
CA LYS C 46 -24.54 14.37 -18.13
C LYS C 46 -23.55 15.47 -17.75
N ALA C 47 -22.28 15.30 -18.09
CA ALA C 47 -21.23 16.27 -17.71
C ALA C 47 -21.44 17.55 -18.51
N ARG C 48 -22.13 17.50 -19.65
CA ARG C 48 -22.31 18.67 -20.57
C ARG C 48 -20.93 19.17 -20.99
N SER C 49 -19.97 18.25 -21.07
CA SER C 49 -18.52 18.51 -21.22
C SER C 49 -17.79 17.22 -21.62
N GLY C 50 -16.88 17.32 -22.58
CA GLY C 50 -15.93 16.25 -22.93
C GLY C 50 -16.12 15.77 -24.36
N HIS C 51 -15.51 14.62 -24.65
CA HIS C 51 -15.22 14.08 -26.01
C HIS C 51 -15.86 12.71 -26.19
N PRO C 52 -17.03 12.64 -26.86
CA PRO C 52 -17.67 11.36 -27.17
C PRO C 52 -17.21 10.70 -28.48
N GLY C 53 -16.67 11.49 -29.40
CA GLY C 53 -16.45 11.04 -30.80
C GLY C 53 -15.53 9.85 -30.88
N MET C 54 -14.28 10.02 -30.45
CA MET C 54 -13.27 8.93 -30.59
C MET C 54 -13.74 7.73 -29.78
N PRO C 55 -14.20 7.87 -28.51
CA PRO C 55 -14.72 6.72 -27.77
C PRO C 55 -15.73 5.91 -28.58
N MET C 56 -16.61 6.60 -29.31
CA MET C 56 -17.63 5.98 -30.18
C MET C 56 -16.93 5.12 -31.24
N GLY C 57 -15.84 5.60 -31.83
CA GLY C 57 -15.16 4.94 -32.97
C GLY C 57 -14.35 3.74 -32.51
N MET C 58 -13.65 3.85 -31.39
CA MET C 58 -12.58 2.89 -30.99
C MET C 58 -13.07 1.93 -29.89
N ALA C 59 -14.37 1.99 -29.56
CA ALA C 59 -15.04 1.05 -28.62
C ALA C 59 -14.61 -0.39 -28.92
N PRO C 60 -14.75 -0.87 -30.20
CA PRO C 60 -14.36 -2.23 -30.55
C PRO C 60 -12.95 -2.61 -30.06
N LEU C 61 -11.97 -1.71 -30.31
CA LEU C 61 -10.55 -1.89 -29.89
C LEU C 61 -10.43 -1.94 -28.37
N ALA C 62 -11.09 -1.06 -27.64
CA ALA C 62 -11.01 -1.12 -26.15
C ALA C 62 -11.56 -2.47 -25.66
N TYR C 63 -12.72 -2.87 -26.16
CA TYR C 63 -13.34 -4.19 -25.81
C TYR C 63 -12.26 -5.29 -25.96
N LEU C 64 -11.85 -5.52 -27.22
CA LEU C 64 -10.82 -6.52 -27.57
C LEU C 64 -9.65 -6.53 -26.58
N LEU C 65 -9.08 -5.37 -26.23
CA LEU C 65 -7.78 -5.36 -25.51
C LEU C 65 -8.03 -5.80 -24.07
N PHE C 66 -9.13 -5.32 -23.48
CA PHE C 66 -9.46 -5.55 -22.04
C PHE C 66 -10.15 -6.91 -21.85
N ARG C 67 -10.86 -7.37 -22.87
CA ARG C 67 -11.67 -8.62 -22.76
C ARG C 67 -10.79 -9.84 -23.09
N GLU C 68 -10.07 -9.82 -24.23
CA GLU C 68 -9.31 -10.95 -24.86
C GLU C 68 -7.78 -10.85 -24.72
N VAL C 69 -7.16 -9.76 -25.18
CA VAL C 69 -5.68 -9.68 -25.48
C VAL C 69 -4.82 -9.54 -24.22
N MET C 70 -5.06 -8.51 -23.43
CA MET C 70 -4.16 -8.16 -22.30
C MET C 70 -4.40 -9.11 -21.13
N ARG C 71 -3.32 -9.49 -20.46
CA ARG C 71 -3.35 -10.03 -19.08
C ARG C 71 -3.31 -8.83 -18.13
N HIS C 72 -4.33 -8.71 -17.27
CA HIS C 72 -4.48 -7.61 -16.29
C HIS C 72 -5.41 -8.04 -15.17
N ASN C 73 -5.03 -7.76 -13.94
CA ASN C 73 -5.87 -8.06 -12.74
C ASN C 73 -6.59 -6.78 -12.33
N PRO C 74 -7.93 -6.71 -12.60
CA PRO C 74 -8.76 -5.64 -12.04
C PRO C 74 -8.68 -5.48 -10.51
N LEU C 75 -8.34 -6.54 -9.75
CA LEU C 75 -8.24 -6.55 -8.26
C LEU C 75 -6.90 -5.98 -7.83
N ASP C 76 -5.90 -5.93 -8.72
CA ASP C 76 -4.59 -5.33 -8.40
C ASP C 76 -3.98 -4.74 -9.66
N PRO C 77 -4.33 -3.46 -9.98
CA PRO C 77 -3.69 -2.74 -11.09
C PRO C 77 -2.15 -2.63 -11.01
N ASP C 78 -1.58 -2.82 -9.82
CA ASP C 78 -0.12 -2.70 -9.54
C ASP C 78 0.57 -4.07 -9.68
N TRP C 79 -0.14 -5.09 -10.20
CA TRP C 79 0.43 -6.40 -10.60
C TRP C 79 1.62 -6.19 -11.55
N PRO C 80 2.88 -6.41 -11.08
CA PRO C 80 4.08 -6.06 -11.85
C PRO C 80 4.23 -6.67 -13.24
N ASP C 81 3.56 -7.77 -13.56
CA ASP C 81 3.79 -8.51 -14.83
C ASP C 81 2.63 -8.29 -15.81
N ARG C 82 1.68 -7.45 -15.40
CA ARG C 82 0.51 -7.07 -16.21
C ARG C 82 1.00 -6.48 -17.55
N ASP C 83 0.26 -6.69 -18.62
CA ASP C 83 0.48 -5.89 -19.85
C ASP C 83 0.13 -4.44 -19.51
N ARG C 84 0.69 -3.50 -20.28
CA ARG C 84 0.51 -2.04 -20.05
C ARG C 84 -0.25 -1.44 -21.21
N PHE C 85 -1.42 -0.88 -20.91
CA PHE C 85 -2.19 -0.01 -21.82
C PHE C 85 -1.94 1.49 -21.54
N VAL C 86 -1.89 2.29 -22.61
CA VAL C 86 -1.60 3.74 -22.58
C VAL C 86 -2.50 4.41 -23.62
N LEU C 87 -3.43 5.22 -23.12
CA LEU C 87 -4.32 6.07 -23.93
C LEU C 87 -3.63 7.41 -24.16
N SER C 88 -2.83 7.53 -25.25
CA SER C 88 -2.05 8.74 -25.65
C SER C 88 -3.01 9.83 -26.15
N ALA C 89 -4.11 9.47 -26.81
CA ALA C 89 -5.18 10.43 -27.16
C ALA C 89 -6.12 10.54 -25.95
N GLY C 90 -5.64 11.09 -24.84
CA GLY C 90 -6.30 11.14 -23.52
C GLY C 90 -7.67 11.80 -23.53
N HIS C 91 -7.97 12.64 -24.54
CA HIS C 91 -9.29 13.28 -24.71
C HIS C 91 -10.41 12.22 -24.82
N GLY C 92 -10.13 10.97 -25.19
CA GLY C 92 -11.14 9.89 -25.23
C GLY C 92 -11.20 9.13 -23.91
N SER C 93 -10.99 9.81 -22.78
CA SER C 93 -10.89 9.23 -21.43
C SER C 93 -12.07 8.29 -21.13
N MET C 94 -13.26 8.63 -21.61
CA MET C 94 -14.46 7.83 -21.27
C MET C 94 -14.37 6.44 -21.91
N LEU C 95 -13.66 6.31 -23.04
CA LEU C 95 -13.29 4.99 -23.63
C LEU C 95 -12.60 4.12 -22.57
N LEU C 96 -11.62 4.66 -21.87
CA LEU C 96 -10.80 3.88 -20.90
C LEU C 96 -11.61 3.67 -19.61
N TYR C 97 -12.28 4.72 -19.12
CA TYR C 97 -13.14 4.68 -17.91
C TYR C 97 -14.25 3.63 -18.10
N ALA C 98 -14.92 3.66 -19.27
CA ALA C 98 -15.93 2.67 -19.72
C ALA C 98 -15.45 1.22 -19.50
N VAL C 99 -14.29 0.88 -20.04
CA VAL C 99 -13.87 -0.54 -20.13
C VAL C 99 -13.26 -0.94 -18.78
N LEU C 100 -12.65 -0.02 -18.05
CA LEU C 100 -12.18 -0.28 -16.65
C LEU C 100 -13.37 -0.65 -15.77
N HIS C 101 -14.45 0.15 -15.78
CA HIS C 101 -15.72 -0.15 -15.09
C HIS C 101 -16.31 -1.48 -15.59
N LEU C 102 -16.50 -1.67 -16.90
CA LEU C 102 -17.15 -2.89 -17.46
C LEU C 102 -16.40 -4.18 -17.10
N THR C 103 -15.06 -4.19 -17.01
CA THR C 103 -14.24 -5.42 -16.73
C THR C 103 -14.01 -5.55 -15.24
N GLY C 104 -14.58 -4.67 -14.43
CA GLY C 104 -14.71 -4.88 -12.99
C GLY C 104 -13.53 -4.32 -12.23
N TYR C 105 -12.99 -3.18 -12.65
CA TYR C 105 -11.98 -2.44 -11.87
C TYR C 105 -12.76 -1.69 -10.81
N ASP C 106 -12.09 -1.23 -9.75
CA ASP C 106 -12.71 -0.44 -8.68
C ASP C 106 -12.97 0.98 -9.22
N LEU C 107 -13.92 1.06 -10.14
CA LEU C 107 -14.44 2.35 -10.70
C LEU C 107 -15.94 2.17 -10.93
N PRO C 108 -16.80 2.46 -9.90
CA PRO C 108 -18.22 2.13 -9.98
C PRO C 108 -18.97 3.14 -10.87
N LEU C 109 -20.21 2.81 -11.29
CA LEU C 109 -21.06 3.66 -12.17
C LEU C 109 -21.00 5.11 -11.66
N GLU C 110 -21.26 5.32 -10.37
CA GLU C 110 -21.34 6.68 -9.77
C GLU C 110 -20.14 7.55 -10.17
N GLU C 111 -18.92 6.98 -10.32
CA GLU C 111 -17.72 7.79 -10.70
C GLU C 111 -17.86 8.19 -12.18
N LEU C 112 -18.38 7.30 -13.02
CA LEU C 112 -18.68 7.66 -14.43
C LEU C 112 -19.72 8.80 -14.49
N LYS C 113 -20.73 8.77 -13.62
CA LYS C 113 -21.79 9.83 -13.58
C LYS C 113 -21.19 11.13 -13.05
N SER C 114 -20.00 11.07 -12.44
CA SER C 114 -19.21 12.23 -11.96
C SER C 114 -18.06 12.54 -12.95
N PHE C 115 -18.21 12.14 -14.20
CA PHE C 115 -17.24 12.49 -15.29
C PHE C 115 -17.03 14.01 -15.26
N ARG C 116 -15.78 14.40 -15.03
CA ARG C 116 -15.27 15.79 -15.16
C ARG C 116 -15.76 16.61 -13.97
N GLN C 117 -16.01 15.99 -12.82
CA GLN C 117 -16.54 16.67 -11.59
C GLN C 117 -15.48 16.65 -10.50
N TRP C 118 -15.46 17.69 -9.66
CA TRP C 118 -14.51 17.84 -8.52
C TRP C 118 -14.37 16.53 -7.74
N GLY C 119 -13.13 16.05 -7.60
CA GLY C 119 -12.71 14.93 -6.74
C GLY C 119 -13.13 13.57 -7.28
N SER C 120 -13.78 13.48 -8.43
CA SER C 120 -14.16 12.17 -9.06
C SER C 120 -12.89 11.37 -9.40
N LYS C 121 -13.02 10.07 -9.69
CA LYS C 121 -11.93 9.22 -10.20
C LYS C 121 -12.04 9.15 -11.73
N THR C 122 -12.73 10.11 -12.35
CA THR C 122 -12.99 10.14 -13.82
C THR C 122 -12.76 11.55 -14.33
N PRO C 123 -11.52 12.08 -14.21
CA PRO C 123 -11.21 13.39 -14.77
C PRO C 123 -11.21 13.37 -16.30
N GLY C 124 -11.23 14.56 -16.89
CA GLY C 124 -11.49 14.72 -18.33
C GLY C 124 -10.36 14.18 -19.18
N HIS C 125 -9.16 14.07 -18.60
CA HIS C 125 -7.97 13.39 -19.17
C HIS C 125 -7.42 12.39 -18.16
N PRO C 126 -6.87 11.25 -18.61
CA PRO C 126 -6.46 10.19 -17.68
C PRO C 126 -5.33 10.64 -16.74
N GLU C 127 -5.39 10.23 -15.47
CA GLU C 127 -4.47 10.69 -14.41
C GLU C 127 -3.99 9.49 -13.61
N ARG C 128 -2.71 9.14 -13.75
CA ARG C 128 -2.05 8.04 -13.00
C ARG C 128 -1.96 8.43 -11.51
N GLY C 129 -2.51 7.60 -10.63
CA GLY C 129 -2.59 7.83 -9.18
C GLY C 129 -4.02 8.07 -8.72
N HIS C 130 -4.87 8.59 -9.60
CA HIS C 130 -6.21 9.11 -9.28
C HIS C 130 -7.28 8.06 -9.61
N THR C 131 -6.94 7.07 -10.47
CA THR C 131 -7.89 6.14 -11.12
C THR C 131 -7.27 4.76 -11.30
N PRO C 132 -7.94 3.68 -10.86
CA PRO C 132 -7.43 2.33 -11.10
C PRO C 132 -7.28 1.94 -12.58
N GLY C 133 -6.06 1.55 -12.98
CA GLY C 133 -5.77 1.06 -14.34
C GLY C 133 -5.30 2.14 -15.31
N VAL C 134 -5.07 3.37 -14.83
CA VAL C 134 -4.50 4.48 -15.67
C VAL C 134 -2.99 4.39 -15.51
N GLU C 135 -2.28 4.00 -16.57
CA GLU C 135 -0.82 3.67 -16.52
C GLU C 135 0.00 4.96 -16.58
N VAL C 136 -0.39 5.86 -17.49
CA VAL C 136 0.31 7.15 -17.78
C VAL C 136 -0.72 8.28 -17.81
N THR C 137 -0.35 9.45 -17.29
CA THR C 137 -1.18 10.68 -17.41
C THR C 137 -1.08 11.19 -18.84
N THR C 138 -2.22 11.31 -19.53
CA THR C 138 -2.22 11.72 -20.97
C THR C 138 -3.11 12.94 -21.16
N GLY C 139 -3.22 13.39 -22.40
CA GLY C 139 -3.92 14.65 -22.74
C GLY C 139 -3.07 15.52 -23.65
N PRO C 140 -1.89 15.97 -23.18
CA PRO C 140 -0.91 16.63 -24.02
C PRO C 140 -0.45 15.60 -25.07
N LEU C 141 -0.98 15.71 -26.29
CA LEU C 141 -0.73 14.73 -27.36
C LEU C 141 0.77 14.50 -27.55
N GLY C 142 1.15 13.26 -27.90
CA GLY C 142 2.55 12.80 -28.01
C GLY C 142 3.05 12.15 -26.74
N GLN C 143 2.62 12.59 -25.57
CA GLN C 143 3.29 12.12 -24.33
C GLN C 143 3.09 10.61 -24.13
N GLY C 144 1.85 10.15 -24.34
CA GLY C 144 1.47 8.76 -24.03
C GLY C 144 2.30 7.82 -24.86
N ILE C 145 2.13 7.95 -26.18
CA ILE C 145 2.82 7.14 -27.23
C ILE C 145 4.32 7.12 -26.93
N SER C 146 4.90 8.28 -26.61
CA SER C 146 6.36 8.45 -26.42
C SER C 146 6.79 7.81 -25.09
N THR C 147 5.94 7.88 -24.06
CA THR C 147 6.30 7.39 -22.71
C THR C 147 6.28 5.86 -22.71
N ALA C 148 5.55 5.29 -23.67
CA ALA C 148 5.34 3.83 -23.86
C ALA C 148 6.69 3.18 -24.16
N VAL C 149 7.49 3.86 -24.99
CA VAL C 149 8.84 3.36 -25.34
C VAL C 149 9.53 3.04 -24.02
N GLY C 150 9.51 3.96 -23.07
CA GLY C 150 10.17 3.77 -21.76
C GLY C 150 9.61 2.57 -21.00
N LEU C 151 8.28 2.42 -21.03
CA LEU C 151 7.52 1.22 -20.54
C LEU C 151 8.09 -0.05 -21.21
N ALA C 152 8.05 -0.13 -22.54
CA ALA C 152 8.52 -1.29 -23.33
C ALA C 152 9.99 -1.64 -22.94
N LEU C 153 10.83 -0.62 -22.76
CA LEU C 153 12.29 -0.74 -22.58
C LEU C 153 12.57 -1.25 -21.15
N ALA C 154 11.78 -0.86 -20.15
CA ALA C 154 11.99 -1.31 -18.76
C ALA C 154 11.72 -2.81 -18.71
N GLU C 155 10.73 -3.24 -19.49
CA GLU C 155 10.29 -4.64 -19.59
C GLU C 155 11.43 -5.44 -20.25
N ARG C 156 11.92 -4.99 -21.40
CA ARG C 156 13.02 -5.66 -22.14
C ARG C 156 14.21 -5.88 -21.19
N LYS C 157 14.63 -4.83 -20.49
CA LYS C 157 15.87 -4.79 -19.67
C LYS C 157 15.69 -5.64 -18.41
N LEU C 158 14.49 -5.62 -17.82
CA LEU C 158 14.24 -6.29 -16.51
C LEU C 158 14.16 -7.81 -16.78
N ALA C 159 13.59 -8.22 -17.93
CA ALA C 159 13.62 -9.61 -18.42
C ALA C 159 15.08 -10.08 -18.48
N ALA C 160 15.89 -9.46 -19.34
CA ALA C 160 17.33 -9.77 -19.56
C ALA C 160 18.01 -9.91 -18.19
N GLU C 161 17.71 -9.01 -17.25
CA GLU C 161 18.36 -9.00 -15.92
C GLU C 161 17.92 -10.18 -15.05
N PHE C 162 16.62 -10.57 -15.04
CA PHE C 162 16.07 -11.48 -14.01
C PHE C 162 15.57 -12.85 -14.57
N ASN C 163 15.24 -12.94 -15.86
CA ASN C 163 14.65 -14.14 -16.51
C ASN C 163 15.73 -15.21 -16.61
N ARG C 164 15.53 -16.37 -15.96
CA ARG C 164 16.45 -17.54 -15.97
C ARG C 164 15.79 -18.76 -16.63
N PRO C 165 16.58 -19.78 -17.02
CA PRO C 165 16.01 -21.02 -17.57
C PRO C 165 14.95 -21.63 -16.64
N GLY C 166 13.70 -21.77 -17.12
CA GLY C 166 12.58 -22.32 -16.33
C GLY C 166 11.94 -21.29 -15.41
N HIS C 167 12.42 -20.04 -15.35
CA HIS C 167 11.83 -18.95 -14.53
C HIS C 167 11.70 -17.66 -15.36
N VAL C 168 10.56 -17.47 -16.05
CA VAL C 168 10.24 -16.23 -16.85
C VAL C 168 9.39 -15.32 -15.96
N VAL C 169 10.04 -14.42 -15.24
CA VAL C 169 9.41 -13.60 -14.16
C VAL C 169 8.96 -12.26 -14.76
N VAL C 170 9.62 -11.82 -15.83
CA VAL C 170 9.21 -10.61 -16.61
C VAL C 170 8.83 -11.03 -18.01
N ASP C 171 7.57 -10.88 -18.36
CA ASP C 171 7.05 -11.11 -19.72
C ASP C 171 5.70 -10.41 -19.82
N HIS C 172 5.68 -9.19 -20.37
CA HIS C 172 4.44 -8.39 -20.66
C HIS C 172 4.65 -7.41 -21.81
N TYR C 173 3.53 -6.98 -22.42
CA TYR C 173 3.45 -6.15 -23.65
C TYR C 173 3.01 -4.72 -23.32
N THR C 174 3.36 -3.81 -24.21
CA THR C 174 3.08 -2.36 -24.12
C THR C 174 2.22 -1.94 -25.33
N TYR C 175 0.94 -1.72 -25.06
CA TYR C 175 -0.12 -1.35 -26.03
C TYR C 175 -0.42 0.14 -25.88
N VAL C 176 -0.85 0.78 -26.97
CA VAL C 176 -1.06 2.24 -27.01
C VAL C 176 -2.15 2.47 -28.02
N LEU C 177 -3.12 3.33 -27.67
CA LEU C 177 -4.06 3.98 -28.63
C LEU C 177 -3.64 5.44 -28.81
N ALA C 178 -3.52 5.90 -30.06
CA ALA C 178 -3.05 7.26 -30.39
C ALA C 178 -3.91 7.84 -31.50
N SER C 179 -3.92 9.17 -31.60
CA SER C 179 -4.74 9.94 -32.55
C SER C 179 -3.84 10.61 -33.59
N ASP C 180 -4.44 11.18 -34.64
CA ASP C 180 -3.72 11.93 -35.69
C ASP C 180 -2.73 12.89 -35.00
N GLY C 181 -3.26 13.66 -34.04
CA GLY C 181 -2.54 14.66 -33.25
C GLY C 181 -1.36 14.07 -32.53
N ASP C 182 -1.49 12.88 -31.94
CA ASP C 182 -0.34 12.25 -31.26
C ASP C 182 0.82 12.14 -32.28
N LEU C 183 0.52 11.83 -33.54
CA LEU C 183 1.52 11.40 -34.54
C LEU C 183 2.09 12.63 -35.26
N MET C 184 1.38 13.78 -35.25
CA MET C 184 1.87 15.08 -35.81
C MET C 184 2.92 15.71 -34.88
N GLU C 185 2.83 15.45 -33.57
CA GLU C 185 3.80 15.92 -32.53
C GLU C 185 5.18 15.30 -32.77
N GLY C 186 6.20 16.14 -32.87
CA GLY C 186 7.54 15.66 -33.21
C GLY C 186 8.06 14.74 -32.13
N VAL C 187 7.53 14.83 -30.90
CA VAL C 187 8.08 13.97 -29.81
C VAL C 187 7.80 12.50 -30.19
N SER C 188 6.71 12.23 -30.92
CA SER C 188 6.24 10.85 -31.20
C SER C 188 7.20 10.25 -32.26
N GLY C 189 7.48 10.99 -33.34
CA GLY C 189 8.62 10.79 -34.27
C GLY C 189 9.91 10.48 -33.53
N GLU C 190 10.28 11.24 -32.51
CA GLU C 190 11.58 11.09 -31.84
C GLU C 190 11.64 9.71 -31.20
N ALA C 191 10.62 9.36 -30.40
CA ALA C 191 10.53 8.07 -29.66
C ALA C 191 10.42 6.89 -30.65
N ALA C 192 9.71 7.07 -31.76
CA ALA C 192 9.59 6.08 -32.86
C ALA C 192 11.03 5.67 -33.26
N SER C 193 11.77 6.62 -33.84
CA SER C 193 13.17 6.47 -34.28
C SER C 193 13.90 5.63 -33.24
N LEU C 194 13.78 5.98 -31.94
CA LEU C 194 14.54 5.27 -30.86
C LEU C 194 14.00 3.86 -30.60
N ALA C 195 12.68 3.63 -30.74
CA ALA C 195 12.00 2.32 -30.51
C ALA C 195 12.37 1.32 -31.63
N GLY C 196 12.28 1.72 -32.90
CA GLY C 196 12.82 0.98 -34.08
C GLY C 196 14.30 0.62 -33.89
N HIS C 197 15.15 1.63 -33.69
CA HIS C 197 16.62 1.52 -33.48
C HIS C 197 16.90 0.53 -32.35
N TRP C 198 16.06 0.53 -31.30
CA TRP C 198 16.18 -0.39 -30.14
C TRP C 198 15.52 -1.78 -30.40
N GLY C 199 14.71 -1.92 -31.47
CA GLY C 199 13.89 -3.13 -31.74
C GLY C 199 13.17 -3.62 -30.48
N LEU C 200 12.27 -2.78 -29.93
CA LEU C 200 11.31 -3.14 -28.83
C LEU C 200 10.12 -3.88 -29.48
N SER C 201 10.20 -5.20 -29.54
CA SER C 201 9.30 -6.09 -30.33
C SER C 201 7.90 -6.15 -29.70
N LYS C 202 7.85 -5.93 -28.39
CA LYS C 202 6.66 -6.06 -27.52
C LYS C 202 5.95 -4.72 -27.36
N LEU C 203 6.33 -3.70 -28.15
CA LEU C 203 5.65 -2.39 -28.21
C LEU C 203 4.68 -2.39 -29.40
N ILE C 204 3.38 -2.32 -29.11
CA ILE C 204 2.30 -2.33 -30.13
C ILE C 204 1.47 -1.07 -29.91
N VAL C 205 1.18 -0.40 -31.01
CA VAL C 205 0.56 0.95 -31.08
C VAL C 205 -0.55 0.86 -32.12
N PHE C 206 -1.80 1.11 -31.70
CA PHE C 206 -2.98 1.26 -32.58
C PHE C 206 -3.06 2.75 -32.83
N TRP C 207 -3.27 3.17 -34.08
CA TRP C 207 -3.50 4.57 -34.51
C TRP C 207 -4.90 4.61 -35.07
N ASP C 208 -5.73 5.53 -34.56
CA ASP C 208 -7.14 5.75 -35.01
C ASP C 208 -7.07 6.59 -36.27
N ASP C 209 -6.90 5.94 -37.40
CA ASP C 209 -6.86 6.69 -38.66
C ASP C 209 -8.29 7.08 -39.02
N ASN C 210 -8.79 8.26 -38.64
CA ASN C 210 -10.23 8.58 -38.88
C ASN C 210 -10.50 9.88 -39.65
N ARG C 211 -9.46 10.64 -40.02
CA ARG C 211 -9.55 11.77 -41.00
C ARG C 211 -10.30 12.99 -40.42
N ILE C 212 -10.27 13.19 -39.10
CA ILE C 212 -10.92 14.39 -38.47
C ILE C 212 -10.00 14.90 -37.34
N SER C 213 -9.84 16.22 -37.30
CA SER C 213 -9.16 17.00 -36.24
C SER C 213 -10.10 18.14 -35.83
N ILE C 214 -9.74 18.93 -34.82
CA ILE C 214 -10.68 19.92 -34.19
C ILE C 214 -11.08 20.94 -35.24
N ASP C 215 -10.13 21.34 -36.10
CA ASP C 215 -10.32 22.37 -37.15
C ASP C 215 -11.29 21.87 -38.22
N GLY C 216 -11.21 20.58 -38.56
CA GLY C 216 -12.10 19.91 -39.52
C GLY C 216 -11.40 18.74 -40.20
N PRO C 217 -11.68 18.49 -41.50
CA PRO C 217 -10.96 17.48 -42.27
C PRO C 217 -9.45 17.60 -42.05
N THR C 218 -8.76 16.48 -41.78
CA THR C 218 -7.30 16.42 -41.48
C THR C 218 -6.44 16.82 -42.68
N ASP C 219 -6.99 16.73 -43.90
CA ASP C 219 -6.28 17.04 -45.17
C ASP C 219 -5.89 18.54 -45.14
N LEU C 220 -6.38 19.29 -44.15
CA LEU C 220 -6.07 20.75 -44.00
C LEU C 220 -4.63 20.95 -43.52
N ALA C 221 -3.98 19.93 -42.94
CA ALA C 221 -2.66 20.08 -42.29
C ALA C 221 -1.87 18.77 -42.16
N PHE C 222 -2.38 17.65 -42.68
CA PHE C 222 -1.86 16.29 -42.41
C PHE C 222 -2.25 15.35 -43.56
N THR C 223 -1.30 15.10 -44.48
CA THR C 223 -1.46 14.20 -45.67
C THR C 223 -0.20 13.33 -45.83
N GLU C 224 0.68 13.30 -44.84
CA GLU C 224 1.91 12.44 -44.86
C GLU C 224 1.55 10.93 -44.93
N ASP C 225 2.40 10.13 -45.58
CA ASP C 225 2.35 8.66 -45.48
C ASP C 225 2.95 8.29 -44.11
N VAL C 226 2.08 8.32 -43.10
CA VAL C 226 2.43 7.95 -41.70
C VAL C 226 3.22 6.64 -41.71
N LEU C 227 2.68 5.66 -42.44
CA LEU C 227 3.12 4.24 -42.39
C LEU C 227 4.51 4.13 -43.05
N ALA C 228 4.72 4.78 -44.19
CA ALA C 228 6.08 4.98 -44.79
C ALA C 228 7.09 5.43 -43.71
N ARG C 229 6.80 6.55 -43.04
CA ARG C 229 7.70 7.14 -42.01
C ARG C 229 7.99 6.04 -40.97
N TYR C 230 6.93 5.39 -40.46
CA TYR C 230 7.07 4.43 -39.32
C TYR C 230 7.97 3.26 -39.78
N ARG C 231 7.79 2.77 -41.01
CA ARG C 231 8.71 1.74 -41.59
C ARG C 231 10.13 2.34 -41.61
N ALA C 232 10.28 3.61 -42.01
CA ALA C 232 11.59 4.30 -42.07
C ALA C 232 12.26 4.28 -40.69
N TYR C 233 11.47 4.26 -39.60
CA TYR C 233 12.01 4.17 -38.23
C TYR C 233 12.42 2.72 -37.95
N GLY C 234 12.08 1.81 -38.87
CA GLY C 234 12.33 0.34 -38.75
C GLY C 234 11.25 -0.36 -37.95
N TRP C 235 10.00 0.08 -38.10
CA TRP C 235 8.82 -0.49 -37.39
C TRP C 235 8.13 -1.51 -38.30
N GLN C 236 7.45 -2.51 -37.74
CA GLN C 236 6.36 -3.15 -38.50
C GLN C 236 5.24 -2.11 -38.63
N THR C 237 4.60 -2.01 -39.81
CA THR C 237 3.30 -1.29 -39.99
C THR C 237 2.25 -2.23 -40.62
N LEU C 238 1.09 -2.35 -39.96
CA LEU C 238 -0.08 -3.15 -40.42
C LEU C 238 -1.27 -2.21 -40.57
N ARG C 239 -2.31 -2.70 -41.22
CA ARG C 239 -3.49 -1.90 -41.61
C ARG C 239 -4.74 -2.75 -41.28
N VAL C 240 -5.64 -2.23 -40.43
CA VAL C 240 -7.01 -2.80 -40.21
C VAL C 240 -8.01 -1.84 -40.83
N GLU C 241 -8.80 -2.28 -41.80
CA GLU C 241 -9.62 -1.44 -42.71
C GLU C 241 -10.95 -1.01 -42.06
N ASP C 242 -11.29 -1.56 -40.90
CA ASP C 242 -12.52 -1.15 -40.15
C ASP C 242 -12.40 -1.65 -38.71
N VAL C 243 -12.44 -0.72 -37.75
CA VAL C 243 -12.17 -1.00 -36.31
C VAL C 243 -13.22 -2.02 -35.80
N ASN C 244 -14.40 -2.06 -36.42
CA ASN C 244 -15.54 -2.97 -36.08
C ASN C 244 -15.17 -4.44 -36.37
N ASP C 245 -14.23 -4.67 -37.30
CA ASP C 245 -13.78 -6.01 -37.76
C ASP C 245 -12.87 -6.59 -36.68
N LEU C 246 -13.46 -7.22 -35.67
CA LEU C 246 -12.74 -7.69 -34.47
C LEU C 246 -11.75 -8.80 -34.87
N GLU C 247 -12.10 -9.64 -35.85
CA GLU C 247 -11.18 -10.75 -36.26
C GLU C 247 -9.93 -10.14 -36.95
N ALA C 248 -10.08 -9.06 -37.75
CA ALA C 248 -8.97 -8.25 -38.33
C ALA C 248 -8.01 -7.82 -37.21
N LEU C 249 -8.50 -7.09 -36.20
CA LEU C 249 -7.71 -6.58 -35.05
C LEU C 249 -6.98 -7.72 -34.31
N ARG C 250 -7.65 -8.87 -34.05
CA ARG C 250 -7.06 -10.07 -33.36
C ARG C 250 -5.83 -10.54 -34.13
N LYS C 251 -5.89 -10.42 -35.47
CA LYS C 251 -4.89 -10.92 -36.45
C LYS C 251 -3.69 -9.95 -36.45
N ALA C 252 -3.98 -8.67 -36.71
CA ALA C 252 -3.02 -7.55 -36.62
C ALA C 252 -2.17 -7.74 -35.35
N ILE C 253 -2.82 -8.01 -34.22
CA ILE C 253 -2.13 -8.11 -32.92
C ILE C 253 -1.23 -9.37 -32.88
N LYS C 254 -1.70 -10.49 -33.44
CA LYS C 254 -0.95 -11.79 -33.43
C LYS C 254 0.28 -11.62 -34.35
N LEU C 255 0.13 -10.88 -35.46
CA LEU C 255 1.26 -10.50 -36.35
C LEU C 255 2.29 -9.74 -35.51
N ALA C 256 1.84 -8.73 -34.76
CA ALA C 256 2.71 -7.73 -34.13
C ALA C 256 3.62 -8.41 -33.09
N LYS C 257 3.07 -9.34 -32.29
CA LYS C 257 3.84 -10.01 -31.19
C LYS C 257 4.88 -10.95 -31.79
N LEU C 258 4.64 -11.47 -33.01
CA LEU C 258 5.53 -12.44 -33.72
C LEU C 258 6.69 -11.67 -34.37
N ASP C 259 6.49 -10.40 -34.70
CA ASP C 259 7.50 -9.51 -35.34
C ASP C 259 8.44 -8.92 -34.28
N GLU C 260 9.76 -9.03 -34.52
CA GLU C 260 10.85 -8.62 -33.59
C GLU C 260 11.04 -7.09 -33.67
N ARG C 261 10.28 -6.44 -34.56
CA ARG C 261 10.12 -4.95 -34.62
C ARG C 261 9.01 -4.50 -33.65
N PRO C 262 9.07 -3.25 -33.11
CA PRO C 262 7.85 -2.58 -32.63
C PRO C 262 6.84 -2.38 -33.77
N THR C 263 5.51 -2.36 -33.46
CA THR C 263 4.49 -2.33 -34.53
C THR C 263 3.50 -1.18 -34.37
N LEU C 264 3.20 -0.55 -35.52
CA LEU C 264 2.10 0.42 -35.66
C LEU C 264 1.02 -0.22 -36.54
N ILE C 265 -0.20 -0.29 -36.00
CA ILE C 265 -1.42 -0.75 -36.73
C ILE C 265 -2.29 0.47 -37.01
N ALA C 266 -2.44 0.83 -38.30
CA ALA C 266 -3.42 1.85 -38.76
C ALA C 266 -4.79 1.23 -38.63
N VAL C 267 -5.67 1.84 -37.84
CA VAL C 267 -7.04 1.31 -37.58
C VAL C 267 -8.01 2.37 -38.07
N ARG C 268 -8.63 2.16 -39.23
CA ARG C 268 -9.67 3.09 -39.76
C ARG C 268 -10.86 3.00 -38.80
N SER C 269 -11.40 4.15 -38.38
CA SER C 269 -12.67 4.25 -37.62
C SER C 269 -13.49 5.42 -38.18
N HIS C 270 -14.76 5.53 -37.80
CA HIS C 270 -15.57 6.77 -37.94
C HIS C 270 -15.71 7.41 -36.55
N ILE C 271 -15.27 8.65 -36.42
CA ILE C 271 -15.55 9.49 -35.22
C ILE C 271 -17.08 9.72 -35.14
N GLY C 272 -17.66 9.61 -33.95
CA GLY C 272 -19.13 9.65 -33.74
C GLY C 272 -19.87 8.55 -34.52
N PHE C 273 -19.31 7.34 -34.56
CA PHE C 273 -19.90 6.15 -35.24
C PHE C 273 -21.28 5.90 -34.64
N GLY C 274 -22.33 6.08 -35.46
CA GLY C 274 -23.74 5.81 -35.13
C GLY C 274 -24.62 7.05 -35.10
N SER C 275 -24.08 8.21 -34.70
CA SER C 275 -24.84 9.47 -34.49
C SER C 275 -25.02 10.23 -35.79
N PRO C 276 -25.94 11.22 -35.84
CA PRO C 276 -26.01 12.18 -36.97
C PRO C 276 -24.91 13.26 -37.00
N LYS C 277 -23.97 13.21 -36.05
CA LYS C 277 -22.71 13.99 -36.07
C LYS C 277 -21.54 13.06 -36.46
N GLN C 278 -21.79 11.92 -37.12
CA GLN C 278 -20.71 10.99 -37.56
C GLN C 278 -19.84 11.68 -38.62
N ASP C 279 -18.53 11.45 -38.57
CA ASP C 279 -17.52 12.00 -39.52
C ASP C 279 -17.51 13.54 -39.52
N SER C 280 -18.00 14.20 -38.47
CA SER C 280 -17.95 15.67 -38.34
C SER C 280 -17.09 16.04 -37.13
N ALA C 281 -16.42 17.21 -37.22
CA ALA C 281 -15.64 17.86 -36.13
C ALA C 281 -16.50 17.95 -34.87
N LYS C 282 -17.79 18.29 -35.05
CA LYS C 282 -18.83 18.46 -34.00
C LYS C 282 -18.86 17.26 -33.06
N ALA C 283 -18.57 16.05 -33.56
CA ALA C 283 -18.55 14.81 -32.75
C ALA C 283 -17.32 14.76 -31.85
N HIS C 284 -16.37 15.72 -31.96
CA HIS C 284 -15.04 15.64 -31.31
C HIS C 284 -15.10 15.95 -29.79
N GLY C 285 -15.50 17.18 -29.43
CA GLY C 285 -15.22 17.72 -28.07
C GLY C 285 -16.37 18.45 -27.42
N GLU C 286 -17.61 18.02 -27.67
CA GLU C 286 -18.83 18.58 -27.02
C GLU C 286 -19.89 17.49 -26.97
N PRO C 287 -20.84 17.57 -26.00
CA PRO C 287 -21.92 16.57 -25.89
C PRO C 287 -22.74 16.45 -27.17
N LEU C 288 -23.15 15.23 -27.52
CA LEU C 288 -24.01 15.00 -28.70
C LEU C 288 -25.28 15.88 -28.65
N GLY C 289 -25.87 16.10 -27.47
CA GLY C 289 -27.19 16.74 -27.35
C GLY C 289 -28.32 15.70 -27.35
N PRO C 290 -29.42 15.94 -26.59
CA PRO C 290 -30.55 15.00 -26.52
C PRO C 290 -30.94 14.35 -27.86
N GLU C 291 -31.19 15.19 -28.86
CA GLU C 291 -31.65 14.78 -30.21
C GLU C 291 -30.70 13.72 -30.78
N ALA C 292 -29.41 14.05 -30.83
CA ALA C 292 -28.32 13.20 -31.38
C ALA C 292 -28.13 11.96 -30.51
N VAL C 293 -28.20 12.08 -29.18
CA VAL C 293 -28.19 10.89 -28.29
C VAL C 293 -29.33 9.97 -28.72
N GLU C 294 -30.57 10.49 -28.77
CA GLU C 294 -31.78 9.68 -29.06
C GLU C 294 -31.64 9.05 -30.46
N ALA C 295 -31.09 9.76 -31.44
CA ALA C 295 -30.92 9.26 -32.82
C ALA C 295 -29.95 8.07 -32.79
N THR C 296 -28.86 8.20 -32.04
CA THR C 296 -27.79 7.17 -31.94
C THR C 296 -28.32 5.92 -31.23
N ARG C 297 -29.13 6.08 -30.19
CA ARG C 297 -29.84 4.93 -29.53
C ARG C 297 -30.65 4.21 -30.59
N ARG C 298 -31.44 4.96 -31.36
CA ARG C 298 -32.29 4.44 -32.47
C ARG C 298 -31.41 3.76 -33.52
N ASN C 299 -30.30 4.40 -33.96
CA ASN C 299 -29.48 3.93 -35.11
C ASN C 299 -28.66 2.68 -34.72
N LEU C 300 -28.32 2.45 -33.45
CA LEU C 300 -27.54 1.25 -33.05
C LEU C 300 -28.41 0.24 -32.27
N GLY C 301 -29.74 0.36 -32.29
CA GLY C 301 -30.66 -0.57 -31.56
C GLY C 301 -30.23 -0.79 -30.12
N TRP C 302 -30.03 0.31 -29.40
CA TRP C 302 -29.64 0.31 -27.97
C TRP C 302 -30.84 0.67 -27.10
N PRO C 303 -31.61 -0.31 -26.58
CA PRO C 303 -32.81 0.00 -25.80
C PRO C 303 -32.64 0.57 -24.39
N TYR C 304 -31.43 0.82 -23.92
CA TYR C 304 -31.11 0.99 -22.48
C TYR C 304 -30.95 2.47 -22.16
N PRO C 305 -31.51 2.96 -21.03
CA PRO C 305 -31.32 4.35 -20.62
C PRO C 305 -29.88 4.65 -20.21
N PRO C 306 -29.52 5.93 -19.99
CA PRO C 306 -28.14 6.32 -19.68
C PRO C 306 -27.57 5.59 -18.45
N PHE C 307 -26.34 5.08 -18.59
CA PHE C 307 -25.49 4.49 -17.53
C PHE C 307 -25.98 3.09 -17.14
N VAL C 308 -26.94 2.58 -17.90
CA VAL C 308 -27.54 1.26 -17.58
C VAL C 308 -26.92 0.30 -18.59
N VAL C 309 -26.25 -0.72 -18.07
CA VAL C 309 -25.61 -1.79 -18.89
C VAL C 309 -26.28 -3.09 -18.51
N PRO C 310 -26.74 -3.88 -19.50
CA PRO C 310 -27.40 -5.15 -19.18
C PRO C 310 -26.42 -6.04 -18.41
N GLU C 311 -26.96 -6.91 -17.54
CA GLU C 311 -26.22 -7.90 -16.70
C GLU C 311 -25.50 -8.92 -17.62
N GLU C 312 -26.02 -9.17 -18.81
CA GLU C 312 -25.36 -9.99 -19.86
C GLU C 312 -23.92 -9.46 -20.04
N VAL C 313 -23.81 -8.14 -20.28
CA VAL C 313 -22.51 -7.50 -20.65
C VAL C 313 -21.60 -7.56 -19.42
N TYR C 314 -22.12 -7.30 -18.23
CA TYR C 314 -21.29 -7.36 -16.99
C TYR C 314 -20.65 -8.74 -16.82
N ARG C 315 -21.39 -9.84 -16.96
CA ARG C 315 -20.89 -11.23 -16.75
C ARG C 315 -19.90 -11.61 -17.88
N HIS C 316 -20.17 -11.21 -19.12
CA HIS C 316 -19.28 -11.42 -20.30
C HIS C 316 -17.91 -10.74 -20.06
N MET C 317 -17.92 -9.51 -19.49
CA MET C 317 -16.80 -8.52 -19.43
C MET C 317 -16.03 -8.57 -18.10
N ASP C 318 -16.48 -9.37 -17.10
CA ASP C 318 -15.83 -9.44 -15.76
C ASP C 318 -14.52 -10.21 -15.91
N MET C 319 -13.40 -9.62 -15.49
CA MET C 319 -12.04 -10.19 -15.69
C MET C 319 -11.37 -10.46 -14.33
N ARG C 320 -12.12 -10.38 -13.25
CA ARG C 320 -11.58 -10.46 -11.86
C ARG C 320 -11.02 -11.86 -11.56
N GLU C 321 -11.68 -12.91 -12.04
CA GLU C 321 -11.32 -14.34 -11.81
C GLU C 321 -10.10 -14.65 -12.67
N LYS C 322 -10.24 -14.51 -14.00
CA LYS C 322 -9.15 -14.65 -15.02
C LYS C 322 -7.94 -13.83 -14.57
N GLY C 323 -8.22 -12.59 -14.13
CA GLY C 323 -7.27 -11.64 -13.53
C GLY C 323 -6.53 -12.23 -12.36
N ARG C 324 -7.25 -12.78 -11.38
CA ARG C 324 -6.66 -13.28 -10.11
C ARG C 324 -5.97 -14.63 -10.38
N ALA C 325 -6.32 -15.31 -11.48
CA ALA C 325 -5.67 -16.56 -11.95
C ALA C 325 -4.30 -16.25 -12.57
N TRP C 326 -4.26 -15.30 -13.51
CA TRP C 326 -3.02 -14.81 -14.17
C TRP C 326 -2.00 -14.41 -13.11
N GLN C 327 -2.41 -13.63 -12.13
CA GLN C 327 -1.52 -13.08 -11.08
C GLN C 327 -1.14 -14.16 -10.04
N GLU C 328 -2.02 -15.14 -9.81
CA GLU C 328 -1.70 -16.28 -8.91
C GLU C 328 -0.57 -17.08 -9.55
N ALA C 329 -0.64 -17.29 -10.87
CA ALA C 329 0.33 -18.07 -11.67
C ALA C 329 1.74 -17.43 -11.59
N TRP C 330 1.78 -16.10 -11.71
CA TRP C 330 3.01 -15.29 -11.60
C TRP C 330 3.59 -15.43 -10.17
N GLU C 331 2.79 -15.11 -9.13
CA GLU C 331 3.19 -15.28 -7.71
C GLU C 331 3.75 -16.69 -7.48
N LYS C 332 3.20 -17.69 -8.17
CA LYS C 332 3.68 -19.12 -8.16
C LYS C 332 5.08 -19.22 -8.81
N ALA C 333 5.25 -18.75 -10.05
CA ALA C 333 6.56 -18.81 -10.79
C ALA C 333 7.64 -18.01 -10.04
N LEU C 334 7.24 -17.23 -9.03
CA LEU C 334 8.10 -16.27 -8.28
C LEU C 334 8.47 -16.83 -6.90
N GLU C 335 7.66 -17.73 -6.34
CA GLU C 335 8.02 -18.51 -5.13
C GLU C 335 9.10 -19.51 -5.57
N ALA C 336 8.84 -20.21 -6.69
CA ALA C 336 9.79 -21.00 -7.48
C ALA C 336 11.12 -20.25 -7.58
N TYR C 337 11.09 -19.07 -8.21
CA TYR C 337 12.26 -18.19 -8.44
C TYR C 337 13.02 -18.04 -7.13
N ALA C 338 12.32 -17.79 -6.02
CA ALA C 338 12.88 -17.47 -4.68
C ALA C 338 13.70 -18.65 -4.14
N ARG C 339 13.28 -19.89 -4.44
CA ARG C 339 13.98 -21.13 -4.03
C ARG C 339 15.16 -21.38 -4.99
N ALA C 340 14.97 -21.16 -6.30
CA ALA C 340 15.97 -21.48 -7.36
C ALA C 340 17.08 -20.41 -7.43
N TYR C 341 16.76 -19.12 -7.25
CA TYR C 341 17.70 -17.96 -7.27
C TYR C 341 17.33 -16.97 -6.16
N PRO C 342 17.61 -17.26 -4.86
CA PRO C 342 17.09 -16.43 -3.76
C PRO C 342 17.68 -15.00 -3.70
N ASP C 343 18.89 -14.81 -4.27
CA ASP C 343 19.63 -13.52 -4.33
C ASP C 343 19.01 -12.60 -5.41
N LEU C 344 18.56 -13.17 -6.54
CA LEU C 344 17.87 -12.41 -7.62
C LEU C 344 16.46 -12.02 -7.16
N HIS C 345 15.67 -13.01 -6.74
CA HIS C 345 14.30 -12.83 -6.16
C HIS C 345 14.33 -11.70 -5.12
N GLN C 346 15.23 -11.78 -4.13
CA GLN C 346 15.32 -10.78 -3.02
C GLN C 346 15.52 -9.38 -3.63
N GLU C 347 16.40 -9.27 -4.65
CA GLU C 347 16.73 -8.02 -5.41
C GLU C 347 15.55 -7.56 -6.27
N LEU C 348 14.87 -8.46 -6.97
CA LEU C 348 13.72 -8.09 -7.83
C LEU C 348 12.66 -7.44 -6.96
N MET C 349 12.34 -8.10 -5.84
CA MET C 349 11.28 -7.62 -4.90
C MET C 349 11.68 -6.24 -4.35
N ARG C 350 12.93 -6.08 -3.92
CA ARG C 350 13.51 -4.78 -3.45
C ARG C 350 13.28 -3.66 -4.49
N ARG C 351 13.59 -3.89 -5.77
CA ARG C 351 13.51 -2.86 -6.86
C ARG C 351 12.05 -2.63 -7.26
N LEU C 352 11.25 -3.71 -7.33
CA LEU C 352 9.81 -3.62 -7.71
C LEU C 352 9.04 -2.91 -6.61
N ARG C 353 9.50 -2.94 -5.36
CA ARG C 353 8.93 -2.12 -4.24
C ARG C 353 9.48 -0.68 -4.29
N GLY C 354 10.50 -0.41 -5.11
CA GLY C 354 11.18 0.90 -5.24
C GLY C 354 12.02 1.30 -4.02
N GLU C 355 12.63 0.33 -3.33
CA GLU C 355 13.56 0.58 -2.19
C GLU C 355 15.02 0.61 -2.69
N LEU C 356 15.88 1.26 -1.91
CA LEU C 356 17.32 1.46 -2.22
C LEU C 356 18.16 0.55 -1.33
N PRO C 357 19.33 0.07 -1.79
CA PRO C 357 20.28 -0.57 -0.87
C PRO C 357 20.77 0.58 0.01
N PRO C 358 21.32 0.29 1.20
CA PRO C 358 22.25 1.23 1.83
C PRO C 358 23.22 1.83 0.79
N LEU C 359 23.46 3.15 0.92
CA LEU C 359 24.33 3.98 0.06
C LEU C 359 25.41 4.64 0.94
N PRO C 360 26.56 5.04 0.35
CA PRO C 360 27.53 5.85 1.09
C PRO C 360 26.88 7.21 1.31
N GLU C 361 26.87 7.70 2.54
CA GLU C 361 26.37 9.07 2.91
C GLU C 361 27.58 10.00 3.10
N GLU C 362 28.76 9.55 2.65
CA GLU C 362 30.08 10.24 2.73
C GLU C 362 30.76 10.21 1.35
N PRO C 363 31.33 11.35 0.88
CA PRO C 363 31.53 11.60 -0.55
C PRO C 363 32.85 11.08 -1.08
N PRO C 364 33.10 11.16 -2.41
CA PRO C 364 34.41 10.82 -2.98
C PRO C 364 35.54 11.75 -2.47
N SER C 365 36.80 11.42 -2.75
CA SER C 365 37.96 12.29 -2.46
C SER C 365 38.23 13.18 -3.68
N PHE C 366 38.37 14.49 -3.45
CA PHE C 366 38.51 15.53 -4.51
C PHE C 366 39.84 16.28 -4.32
N ASP C 367 40.75 16.09 -5.27
CA ASP C 367 42.14 16.65 -5.20
C ASP C 367 42.06 18.15 -5.50
N LYS C 368 42.05 18.51 -6.78
CA LYS C 368 42.06 19.91 -7.27
C LYS C 368 40.64 20.46 -7.35
N PRO C 369 40.47 21.79 -7.58
CA PRO C 369 39.24 22.32 -8.18
C PRO C 369 38.67 21.43 -9.29
N ILE C 370 37.33 21.40 -9.43
CA ILE C 370 36.61 20.55 -10.44
C ILE C 370 35.23 21.15 -10.76
N ALA C 371 34.79 20.94 -12.01
CA ALA C 371 33.42 21.21 -12.49
C ALA C 371 32.44 20.38 -11.65
N THR C 372 31.18 20.82 -11.47
CA THR C 372 30.14 20.02 -10.77
C THR C 372 29.56 18.96 -11.73
N ARG C 373 29.69 19.16 -13.05
CA ARG C 373 29.35 18.12 -14.07
C ARG C 373 30.25 16.91 -13.81
N ALA C 374 31.54 17.12 -13.57
CA ALA C 374 32.52 16.03 -13.38
C ALA C 374 32.52 15.55 -11.91
N ALA C 375 32.02 16.35 -10.98
CA ALA C 375 31.87 15.90 -9.57
C ALA C 375 30.63 15.00 -9.47
N SER C 376 29.71 15.14 -10.43
CA SER C 376 28.45 14.37 -10.57
C SER C 376 28.81 12.95 -11.02
N GLY C 377 29.52 12.84 -12.15
CA GLY C 377 30.16 11.59 -12.63
C GLY C 377 30.96 10.86 -11.54
N ARG C 378 31.65 11.58 -10.66
CA ARG C 378 32.54 10.95 -9.64
C ARG C 378 31.67 10.43 -8.48
N ALA C 379 30.55 11.10 -8.21
CA ALA C 379 29.46 10.63 -7.32
C ALA C 379 28.85 9.37 -7.92
N LEU C 380 28.68 9.33 -9.24
CA LEU C 380 28.06 8.20 -9.97
C LEU C 380 28.95 6.96 -9.83
N ASN C 381 30.25 7.15 -10.04
CA ASN C 381 31.30 6.11 -9.90
C ASN C 381 31.13 5.43 -8.53
N LEU C 382 30.87 6.22 -7.48
CA LEU C 382 30.63 5.73 -6.09
C LEU C 382 29.18 5.20 -5.92
N LEU C 383 28.23 5.59 -6.76
CA LEU C 383 26.79 5.31 -6.53
C LEU C 383 26.24 4.22 -7.47
N ALA C 384 26.65 4.17 -8.75
CA ALA C 384 26.13 3.24 -9.78
C ALA C 384 26.52 1.80 -9.47
N PRO C 385 27.80 1.49 -9.17
CA PRO C 385 28.19 0.13 -8.82
C PRO C 385 27.10 -0.57 -7.97
N ARG C 386 26.72 0.02 -6.83
CA ARG C 386 25.78 -0.61 -5.86
C ARG C 386 24.32 -0.12 -6.06
N LEU C 387 23.96 0.32 -7.27
CA LEU C 387 22.55 0.53 -7.74
C LEU C 387 22.41 -0.09 -9.13
N PRO C 388 22.13 -1.42 -9.22
CA PRO C 388 21.86 -2.06 -10.51
C PRO C 388 20.51 -1.65 -11.12
N GLU C 389 19.63 -1.03 -10.31
CA GLU C 389 18.41 -0.37 -10.82
C GLU C 389 18.76 0.90 -11.61
N LEU C 390 19.96 1.48 -11.46
CA LEU C 390 20.32 2.83 -11.98
C LEU C 390 20.81 2.79 -13.43
N LEU C 391 20.05 3.46 -14.29
CA LEU C 391 20.30 3.63 -15.74
C LEU C 391 20.70 5.08 -15.97
N GLY C 392 21.78 5.31 -16.73
CA GLY C 392 22.21 6.64 -17.16
C GLY C 392 21.79 6.87 -18.59
N GLY C 393 22.22 7.99 -19.17
CA GLY C 393 21.93 8.36 -20.56
C GLY C 393 22.16 9.84 -20.78
N SER C 394 22.09 10.28 -22.04
CA SER C 394 22.36 11.67 -22.43
C SER C 394 21.79 11.83 -23.84
N ALA C 395 21.30 13.02 -24.19
CA ALA C 395 20.83 13.34 -25.55
C ALA C 395 22.04 13.88 -26.34
N ASP C 396 23.11 13.10 -26.40
CA ASP C 396 24.23 13.26 -27.38
C ASP C 396 25.24 14.24 -26.80
N LEU C 397 25.50 14.13 -25.49
CA LEU C 397 26.42 15.00 -24.70
C LEU C 397 27.02 14.19 -23.54
N THR C 398 27.38 12.92 -23.80
CA THR C 398 28.05 11.96 -22.86
C THR C 398 29.47 12.44 -22.55
N PRO C 399 30.17 13.03 -23.54
CA PRO C 399 31.38 13.80 -23.25
C PRO C 399 31.09 14.95 -22.26
N SER C 400 30.11 15.81 -22.56
CA SER C 400 29.79 17.09 -21.85
C SER C 400 29.01 16.86 -20.54
N ASN C 401 28.44 15.68 -20.31
CA ASN C 401 27.45 15.53 -19.20
C ASN C 401 27.99 14.68 -18.05
N ASN C 402 29.04 13.87 -18.25
CA ASN C 402 29.58 13.02 -17.17
C ASN C 402 28.46 12.14 -16.58
N THR C 403 27.57 11.66 -17.45
CA THR C 403 26.34 10.88 -17.11
C THR C 403 26.70 9.39 -17.06
N LYS C 404 27.76 8.98 -17.77
CA LYS C 404 28.09 7.55 -18.00
C LYS C 404 29.01 7.07 -16.88
N ALA C 405 28.44 6.63 -15.77
CA ALA C 405 29.16 6.25 -14.55
C ALA C 405 30.23 5.19 -14.91
N GLU C 406 31.34 5.16 -14.16
CA GLU C 406 32.37 4.09 -14.25
C GLU C 406 31.64 2.75 -14.09
N GLY C 407 31.69 1.89 -15.11
CA GLY C 407 31.22 0.49 -15.01
C GLY C 407 29.93 0.22 -15.76
N MET C 408 29.32 1.26 -16.36
CA MET C 408 28.15 1.14 -17.26
C MET C 408 28.66 0.81 -18.67
N GLU C 409 27.99 -0.11 -19.37
CA GLU C 409 28.22 -0.43 -20.80
C GLU C 409 27.05 0.18 -21.56
N ASP C 410 27.17 0.35 -22.86
CA ASP C 410 26.04 0.78 -23.72
C ASP C 410 24.93 -0.27 -23.65
N PHE C 411 23.68 0.13 -23.42
CA PHE C 411 22.50 -0.65 -23.85
C PHE C 411 22.42 -0.61 -25.39
N SER C 412 22.05 -1.74 -26.01
CA SER C 412 21.71 -1.85 -27.46
C SER C 412 20.82 -3.08 -27.67
N ARG C 413 20.22 -3.20 -28.87
CA ARG C 413 19.64 -4.46 -29.43
C ARG C 413 20.47 -5.64 -28.92
N ALA C 414 21.76 -5.70 -29.30
CA ALA C 414 22.71 -6.78 -28.96
C ALA C 414 23.10 -6.80 -27.47
N ASN C 415 23.14 -5.68 -26.74
CA ASN C 415 23.56 -5.69 -25.31
C ASN C 415 22.47 -5.09 -24.40
N PRO C 416 21.27 -5.72 -24.38
CA PRO C 416 20.14 -5.09 -23.72
C PRO C 416 20.38 -5.16 -22.20
N LEU C 417 21.47 -5.83 -21.80
CA LEU C 417 21.95 -5.90 -20.40
C LEU C 417 22.62 -4.57 -20.00
N GLY C 418 22.97 -3.73 -20.98
CA GLY C 418 23.67 -2.45 -20.78
C GLY C 418 22.80 -1.37 -20.12
N ARG C 419 23.38 -0.62 -19.18
CA ARG C 419 22.67 0.28 -18.24
C ARG C 419 22.85 1.77 -18.56
N TYR C 420 23.45 2.15 -19.70
CA TYR C 420 23.63 3.56 -20.14
C TYR C 420 22.98 3.73 -21.51
N LEU C 421 22.26 4.83 -21.72
CA LEU C 421 21.33 5.00 -22.85
C LEU C 421 21.76 6.21 -23.69
N HIS C 422 22.03 5.97 -24.97
CA HIS C 422 22.34 7.00 -25.98
C HIS C 422 21.04 7.41 -26.66
N PHE C 423 20.47 8.55 -26.27
CA PHE C 423 19.15 9.03 -26.78
C PHE C 423 19.32 9.77 -28.09
N GLY C 424 20.56 10.15 -28.44
CA GLY C 424 20.79 11.04 -29.59
C GLY C 424 20.16 12.42 -29.36
N VAL C 425 19.73 13.10 -30.44
CA VAL C 425 19.45 14.55 -30.40
C VAL C 425 17.93 14.73 -30.36
N ARG C 426 17.39 14.26 -29.26
CA ARG C 426 15.94 14.03 -29.06
C ARG C 426 15.72 14.13 -27.54
N GLU C 427 15.80 15.37 -27.03
CA GLU C 427 15.61 15.71 -25.59
C GLU C 427 14.17 15.42 -25.21
N HIS C 428 13.22 15.71 -26.08
CA HIS C 428 11.79 15.55 -25.71
C HIS C 428 11.57 14.06 -25.40
N ALA C 429 11.84 13.17 -26.36
CA ALA C 429 11.76 11.70 -26.12
C ALA C 429 12.64 11.30 -24.95
N MET C 430 13.88 11.80 -24.83
CA MET C 430 14.70 11.38 -23.66
C MET C 430 13.85 11.61 -22.40
N GLY C 431 12.98 12.63 -22.42
CA GLY C 431 12.16 13.00 -21.25
C GLY C 431 11.08 11.98 -20.96
N ALA C 432 10.24 11.71 -21.95
CA ALA C 432 9.14 10.71 -21.94
C ALA C 432 9.68 9.32 -21.56
N ILE C 433 10.83 8.93 -22.11
CA ILE C 433 11.33 7.54 -22.02
C ILE C 433 11.85 7.37 -20.61
N LEU C 434 12.56 8.37 -20.07
CA LEU C 434 12.99 8.34 -18.66
C LEU C 434 11.76 8.14 -17.77
N ASN C 435 10.66 8.80 -18.14
CA ASN C 435 9.36 8.74 -17.41
C ASN C 435 8.79 7.32 -17.53
N GLY C 436 8.66 6.80 -18.75
CA GLY C 436 8.41 5.37 -19.00
C GLY C 436 9.18 4.48 -18.03
N LEU C 437 10.50 4.55 -18.09
CA LEU C 437 11.40 3.66 -17.33
C LEU C 437 11.11 3.81 -15.83
N ASN C 438 10.80 5.05 -15.38
CA ASN C 438 10.54 5.34 -13.94
C ASN C 438 9.11 4.92 -13.55
N LEU C 439 8.16 4.97 -14.48
CA LEU C 439 6.76 4.55 -14.28
C LEU C 439 6.74 3.03 -14.07
N HIS C 440 7.44 2.29 -14.92
CA HIS C 440 7.24 0.83 -15.13
C HIS C 440 7.56 0.05 -13.84
N GLY C 441 8.66 0.35 -13.18
CA GLY C 441 9.04 -0.31 -11.91
C GLY C 441 10.33 -1.10 -12.06
N GLY C 442 11.12 -1.11 -10.99
CA GLY C 442 12.36 -1.90 -10.88
C GLY C 442 13.57 -1.17 -11.41
N TYR C 443 13.36 0.06 -11.91
CA TYR C 443 14.42 0.96 -12.45
C TYR C 443 14.31 2.35 -11.82
N ARG C 444 15.38 3.10 -12.03
CA ARG C 444 15.59 4.50 -11.59
C ARG C 444 16.55 5.11 -12.62
N ALA C 445 16.02 5.89 -13.55
CA ALA C 445 16.71 6.36 -14.78
C ALA C 445 16.91 7.88 -14.73
N TYR C 446 18.09 8.37 -15.15
CA TYR C 446 18.43 9.80 -15.37
C TYR C 446 18.90 9.99 -16.81
N GLY C 447 18.60 11.16 -17.39
CA GLY C 447 19.15 11.66 -18.67
C GLY C 447 19.86 13.02 -18.50
N GLY C 448 20.99 13.20 -19.19
CA GLY C 448 21.72 14.48 -19.31
C GLY C 448 21.37 15.24 -20.59
N THR C 449 21.38 16.58 -20.51
CA THR C 449 21.55 17.54 -21.64
C THR C 449 22.08 18.86 -21.06
N PHE C 450 22.20 19.89 -21.90
CA PHE C 450 22.47 21.28 -21.44
C PHE C 450 21.15 21.89 -20.93
N LEU C 451 21.23 22.51 -19.75
CA LEU C 451 20.12 23.23 -19.07
C LEU C 451 19.29 23.99 -20.10
N VAL C 452 19.92 24.69 -21.04
CA VAL C 452 19.21 25.53 -22.06
C VAL C 452 18.26 24.66 -22.87
N PHE C 453 18.60 23.40 -23.08
CA PHE C 453 17.82 22.44 -23.91
C PHE C 453 16.72 21.76 -23.07
N SER C 454 16.56 22.11 -21.79
CA SER C 454 15.36 21.77 -21.00
C SER C 454 14.15 22.33 -21.74
N ASP C 455 14.33 23.32 -22.61
CA ASP C 455 13.21 23.94 -23.37
C ASP C 455 12.61 22.89 -24.31
N TYR C 456 13.43 22.00 -24.84
CA TYR C 456 13.01 21.03 -25.89
C TYR C 456 12.06 19.97 -25.32
N MET C 457 12.20 19.66 -24.02
CA MET C 457 11.59 18.52 -23.30
C MET C 457 10.60 18.98 -22.21
N ARG C 458 10.04 20.16 -22.38
CA ARG C 458 9.30 20.89 -21.34
C ARG C 458 8.07 20.07 -20.95
N PRO C 459 7.22 19.69 -21.93
CA PRO C 459 5.99 18.96 -21.62
C PRO C 459 6.25 17.68 -20.80
N ALA C 460 7.40 17.04 -21.05
CA ALA C 460 7.79 15.77 -20.37
C ALA C 460 8.21 16.10 -18.95
N ILE C 461 8.92 17.20 -18.73
CA ILE C 461 9.32 17.53 -17.34
C ILE C 461 8.05 17.69 -16.51
N ARG C 462 7.07 18.37 -17.10
CA ARG C 462 5.76 18.70 -16.48
C ARG C 462 4.97 17.41 -16.30
N LEU C 463 4.98 16.51 -17.28
CA LEU C 463 4.21 15.25 -17.14
C LEU C 463 4.73 14.52 -15.90
N ALA C 464 6.04 14.48 -15.70
CA ALA C 464 6.67 13.77 -14.57
C ALA C 464 6.18 14.43 -13.29
N ALA C 465 6.13 15.76 -13.26
CA ALA C 465 5.78 16.51 -12.03
C ALA C 465 4.32 16.18 -11.67
N LEU C 466 3.44 16.13 -12.66
CA LEU C 466 2.01 15.76 -12.57
C LEU C 466 1.83 14.33 -12.01
N MET C 467 2.56 13.35 -12.54
CA MET C 467 2.42 11.91 -12.16
C MET C 467 3.19 11.55 -10.87
N GLY C 468 3.99 12.44 -10.31
CA GLY C 468 4.74 12.14 -9.08
C GLY C 468 5.88 11.16 -9.30
N VAL C 469 6.37 11.07 -10.56
CA VAL C 469 7.45 10.19 -11.07
C VAL C 469 8.82 10.80 -10.81
N PRO C 470 9.75 10.10 -10.10
CA PRO C 470 11.05 10.66 -9.71
C PRO C 470 12.17 10.52 -10.75
N THR C 471 11.87 10.94 -11.98
CA THR C 471 12.86 11.10 -13.06
C THR C 471 13.89 12.15 -12.63
N VAL C 472 15.18 11.89 -12.86
CA VAL C 472 16.24 12.87 -12.54
C VAL C 472 16.76 13.40 -13.87
N PHE C 473 16.51 14.68 -14.14
CA PHE C 473 17.02 15.36 -15.36
C PHE C 473 18.35 16.03 -15.01
N VAL C 474 19.45 15.58 -15.62
CA VAL C 474 20.79 16.22 -15.47
C VAL C 474 20.91 17.35 -16.51
N PHE C 475 21.13 18.58 -16.00
CA PHE C 475 21.36 19.82 -16.80
C PHE C 475 22.74 20.38 -16.38
N THR C 476 23.72 20.23 -17.27
CA THR C 476 25.08 20.85 -17.18
C THR C 476 25.09 22.11 -18.06
N HIS C 477 26.10 22.96 -17.92
CA HIS C 477 26.23 24.17 -18.78
C HIS C 477 25.21 25.21 -18.30
N ASP C 478 25.15 25.39 -16.98
CA ASP C 478 24.01 26.02 -16.26
C ASP C 478 23.97 27.54 -16.46
N SER C 479 25.03 28.16 -16.98
CA SER C 479 25.19 29.64 -16.93
C SER C 479 25.90 30.17 -18.18
N ILE C 480 26.03 31.50 -18.22
CA ILE C 480 26.89 32.21 -19.20
C ILE C 480 28.34 31.71 -19.06
N ALA C 481 28.71 31.25 -17.88
CA ALA C 481 30.05 30.70 -17.56
C ALA C 481 30.44 29.52 -18.45
N LEU C 482 29.52 28.95 -19.24
CA LEU C 482 29.82 27.91 -20.27
C LEU C 482 30.60 28.56 -21.43
N GLY C 483 30.54 29.89 -21.51
CA GLY C 483 31.43 30.71 -22.35
C GLY C 483 31.05 30.70 -23.83
N GLU C 484 32.00 30.29 -24.66
CA GLU C 484 32.13 30.57 -26.12
C GLU C 484 30.87 30.21 -26.94
N ASP C 485 30.06 29.21 -26.55
CA ASP C 485 28.87 28.80 -27.36
C ASP C 485 27.87 29.98 -27.48
N GLY C 486 27.87 30.88 -26.49
CA GLY C 486 27.12 32.15 -26.55
C GLY C 486 25.62 32.06 -26.23
N PRO C 487 24.85 33.11 -26.59
CA PRO C 487 23.48 33.25 -26.11
C PRO C 487 22.57 32.05 -26.35
N THR C 488 22.64 31.41 -27.52
CA THR C 488 21.71 30.31 -27.93
C THR C 488 21.81 29.16 -26.94
N HIS C 489 22.98 28.96 -26.35
CA HIS C 489 23.30 27.87 -25.37
C HIS C 489 23.29 28.34 -23.92
N GLN C 490 23.20 29.64 -23.65
CA GLN C 490 23.40 30.12 -22.25
C GLN C 490 22.02 30.27 -21.61
N PRO C 491 21.81 29.59 -20.47
CA PRO C 491 20.56 29.69 -19.72
C PRO C 491 20.42 31.07 -19.05
N VAL C 492 19.26 31.70 -19.22
CA VAL C 492 18.89 32.91 -18.42
C VAL C 492 17.67 32.56 -17.57
N GLU C 493 16.51 32.57 -18.20
CA GLU C 493 15.17 32.35 -17.58
C GLU C 493 14.99 30.93 -17.01
N HIS C 494 15.90 29.98 -17.28
CA HIS C 494 15.68 28.51 -17.13
C HIS C 494 15.49 28.14 -15.65
N LEU C 495 16.41 28.48 -14.76
CA LEU C 495 16.28 28.09 -13.33
C LEU C 495 14.88 28.48 -12.83
N MET C 496 14.47 29.71 -13.10
CA MET C 496 13.22 30.29 -12.55
C MET C 496 12.01 29.74 -13.29
N SER C 497 12.15 29.39 -14.57
CA SER C 497 11.10 28.73 -15.37
C SER C 497 10.78 27.34 -14.80
N LEU C 498 11.78 26.64 -14.24
CA LEU C 498 11.67 25.28 -13.63
C LEU C 498 11.27 25.38 -12.15
N ARG C 499 11.87 26.29 -11.36
CA ARG C 499 11.52 26.50 -9.92
C ARG C 499 10.03 26.83 -9.73
N ALA C 500 9.36 27.38 -10.75
CA ALA C 500 7.93 27.77 -10.78
C ALA C 500 7.00 26.58 -11.03
N MET C 501 7.52 25.46 -11.57
CA MET C 501 6.73 24.23 -11.77
C MET C 501 6.47 23.58 -10.43
N PRO C 502 5.20 23.27 -10.09
CA PRO C 502 4.94 22.46 -8.90
C PRO C 502 5.64 21.11 -9.03
N ASN C 503 6.16 20.63 -7.89
CA ASN C 503 6.65 19.25 -7.71
C ASN C 503 7.89 19.00 -8.57
N LEU C 504 8.74 20.02 -8.73
CA LEU C 504 10.08 19.89 -9.33
C LEU C 504 11.09 20.38 -8.31
N PHE C 505 11.98 19.51 -7.86
CA PHE C 505 13.21 19.93 -7.13
C PHE C 505 14.20 20.39 -8.22
N VAL C 506 14.62 21.65 -8.12
CA VAL C 506 15.73 22.24 -8.94
C VAL C 506 16.89 22.48 -7.98
N ILE C 507 17.90 21.61 -8.02
CA ILE C 507 19.08 21.63 -7.12
C ILE C 507 20.31 22.07 -7.93
N ARG C 508 21.00 23.12 -7.46
CA ARG C 508 22.21 23.73 -8.07
C ARG C 508 23.34 23.65 -7.05
N PRO C 509 24.11 22.53 -6.99
CA PRO C 509 25.21 22.38 -6.03
C PRO C 509 26.42 23.27 -6.32
N ALA C 510 26.99 23.87 -5.27
CA ALA C 510 28.06 24.88 -5.37
C ALA C 510 29.37 24.21 -5.75
N ASP C 511 29.65 23.02 -5.20
CA ASP C 511 30.94 22.30 -5.43
C ASP C 511 30.74 20.78 -5.46
N ALA C 512 31.84 20.03 -5.62
CA ALA C 512 31.85 18.55 -5.65
C ALA C 512 30.98 18.02 -4.52
N TYR C 513 31.31 18.43 -3.30
CA TYR C 513 30.70 17.95 -2.02
C TYR C 513 29.18 18.21 -2.04
N GLU C 514 28.71 19.39 -2.44
CA GLU C 514 27.26 19.66 -2.63
C GLU C 514 26.68 18.71 -3.68
N THR C 515 27.40 18.46 -4.77
CA THR C 515 26.93 17.62 -5.92
C THR C 515 26.59 16.19 -5.43
N PHE C 516 27.56 15.54 -4.79
CA PHE C 516 27.36 14.23 -4.15
C PHE C 516 26.04 14.26 -3.38
N TYR C 517 25.91 15.19 -2.42
CA TYR C 517 24.72 15.31 -1.53
C TYR C 517 23.48 15.57 -2.41
N ALA C 518 23.67 16.15 -3.59
CA ALA C 518 22.56 16.49 -4.51
C ALA C 518 21.97 15.18 -5.03
N TRP C 519 22.82 14.19 -5.32
CA TRP C 519 22.37 12.89 -5.87
C TRP C 519 21.59 12.12 -4.79
N LEU C 520 22.15 12.04 -3.57
CA LEU C 520 21.52 11.39 -2.38
C LEU C 520 20.11 11.97 -2.19
N VAL C 521 19.94 13.29 -2.35
CA VAL C 521 18.60 13.95 -2.17
C VAL C 521 17.70 13.55 -3.34
N ALA C 522 18.24 13.63 -4.56
CA ALA C 522 17.52 13.30 -5.81
C ALA C 522 17.06 11.85 -5.78
N LEU C 523 17.93 10.94 -5.31
CA LEU C 523 17.67 9.47 -5.26
C LEU C 523 16.65 9.16 -4.16
N ARG C 524 16.74 9.80 -2.98
CA ARG C 524 15.82 9.58 -1.83
C ARG C 524 14.47 10.31 -2.05
N ARG C 525 14.45 11.33 -2.92
CA ARG C 525 13.18 12.01 -3.29
C ARG C 525 12.39 11.14 -4.27
N LYS C 526 11.25 10.56 -3.84
CA LYS C 526 10.36 9.67 -4.65
C LYS C 526 9.09 10.42 -5.06
N GLU C 527 8.85 11.59 -4.45
CA GLU C 527 7.56 12.33 -4.58
C GLU C 527 7.38 12.84 -6.04
N GLY C 528 8.48 13.14 -6.74
CA GLY C 528 8.44 13.84 -8.04
C GLY C 528 9.82 14.02 -8.67
N PRO C 529 9.90 14.65 -9.86
CA PRO C 529 11.16 14.76 -10.58
C PRO C 529 12.21 15.63 -9.87
N THR C 530 13.48 15.38 -10.20
CA THR C 530 14.61 16.25 -9.80
C THR C 530 15.29 16.80 -11.07
N ALA C 531 15.71 18.08 -11.03
CA ALA C 531 16.69 18.71 -11.93
C ALA C 531 17.98 18.91 -11.15
N LEU C 532 19.05 18.23 -11.54
CA LEU C 532 20.43 18.50 -11.07
C LEU C 532 21.06 19.49 -12.06
N VAL C 533 21.48 20.65 -11.56
CA VAL C 533 21.99 21.76 -12.41
C VAL C 533 23.48 21.93 -12.08
N LEU C 534 24.33 21.69 -13.08
CA LEU C 534 25.80 21.49 -12.94
C LEU C 534 26.55 22.44 -13.87
N THR C 535 27.84 22.67 -13.57
CA THR C 535 28.72 23.66 -14.27
C THR C 535 29.50 22.95 -15.37
N ARG C 536 29.74 23.61 -16.51
CA ARG C 536 30.84 23.18 -17.41
C ARG C 536 32.20 23.45 -16.70
N GLN C 537 32.41 24.71 -16.27
CA GLN C 537 33.69 25.30 -15.78
C GLN C 537 34.03 24.78 -14.37
N ALA C 538 35.32 24.56 -14.11
CA ALA C 538 35.82 24.12 -12.78
C ALA C 538 35.43 25.17 -11.74
N VAL C 539 35.38 24.80 -10.46
CA VAL C 539 35.06 25.70 -9.30
C VAL C 539 35.74 25.15 -8.05
N PRO C 540 36.10 26.01 -7.08
CA PRO C 540 36.69 25.53 -5.81
C PRO C 540 35.87 24.39 -5.16
N LEU C 541 36.50 23.71 -4.20
CA LEU C 541 35.86 22.78 -3.25
C LEU C 541 35.51 23.56 -1.99
N LEU C 542 34.36 23.29 -1.40
CA LEU C 542 34.08 23.56 0.03
C LEU C 542 34.54 22.34 0.83
N SER C 543 34.18 22.23 2.10
CA SER C 543 34.40 21.02 2.93
C SER C 543 33.13 20.18 2.92
N PRO C 544 33.21 18.83 2.89
CA PRO C 544 32.01 17.98 2.98
C PRO C 544 31.22 18.22 4.28
N GLU C 545 31.92 18.46 5.40
CA GLU C 545 31.38 19.06 6.65
C GLU C 545 30.28 20.07 6.29
N LYS C 546 30.64 21.13 5.56
CA LYS C 546 29.74 22.29 5.33
C LYS C 546 28.71 21.92 4.27
N ALA C 547 29.16 21.23 3.21
CA ALA C 547 28.37 20.90 2.00
C ALA C 547 27.15 20.01 2.36
N ARG C 548 27.29 19.17 3.39
CA ARG C 548 26.17 18.35 3.95
C ARG C 548 24.90 19.21 4.04
N GLY C 549 25.04 20.51 4.37
CA GLY C 549 23.92 21.47 4.55
C GLY C 549 22.95 21.56 3.36
N LEU C 550 23.32 21.05 2.18
CA LEU C 550 22.41 20.97 1.00
C LEU C 550 21.18 20.14 1.39
N LEU C 551 21.35 19.17 2.30
CA LEU C 551 20.27 18.34 2.90
C LEU C 551 19.15 19.20 3.49
N ARG C 552 19.50 20.41 3.96
CA ARG C 552 18.54 21.42 4.48
C ARG C 552 18.07 22.34 3.33
N GLY C 553 18.73 22.27 2.15
CA GLY C 553 18.29 22.99 0.93
C GLY C 553 18.91 24.38 0.83
N GLY C 554 18.99 25.09 1.97
CA GLY C 554 19.82 26.28 2.19
C GLY C 554 20.41 26.26 3.59
N TYR C 555 21.60 26.85 3.76
CA TYR C 555 22.40 26.78 5.02
C TYR C 555 23.51 27.84 5.03
N VAL C 556 23.93 28.21 6.25
CA VAL C 556 25.06 29.17 6.49
C VAL C 556 26.34 28.38 6.25
N LEU C 557 27.15 28.79 5.27
CA LEU C 557 28.41 28.11 4.87
C LEU C 557 29.64 28.75 5.57
N GLU C 558 29.66 30.09 5.66
CA GLU C 558 30.69 30.90 6.35
C GLU C 558 30.01 32.04 7.12
N ASP C 559 29.98 31.95 8.45
CA ASP C 559 29.26 32.91 9.32
C ASP C 559 30.25 33.99 9.76
N VAL C 560 29.77 35.00 10.51
CA VAL C 560 30.55 36.14 11.07
C VAL C 560 29.90 36.57 12.39
N GLU C 561 30.61 37.34 13.22
CA GLU C 561 30.11 37.85 14.53
C GLU C 561 29.20 39.02 14.21
N GLU C 562 27.95 39.02 14.69
CA GLU C 562 26.97 40.11 14.42
C GLU C 562 27.01 40.42 12.92
N PRO C 563 26.48 39.51 12.06
CA PRO C 563 26.38 39.81 10.64
C PRO C 563 25.59 41.10 10.40
N GLN C 564 26.07 41.96 9.49
CA GLN C 564 25.41 43.26 9.14
C GLN C 564 24.46 43.07 7.95
N GLY C 565 24.58 41.92 7.27
CA GLY C 565 23.72 41.47 6.16
C GLY C 565 24.10 40.06 5.74
N VAL C 566 23.51 39.60 4.64
CA VAL C 566 23.73 38.22 4.09
C VAL C 566 23.96 38.30 2.56
N LEU C 567 24.93 37.56 2.06
CA LEU C 567 25.01 37.17 0.63
C LEU C 567 24.46 35.74 0.46
N VAL C 568 23.26 35.61 -0.10
CA VAL C 568 22.62 34.32 -0.50
C VAL C 568 22.94 34.04 -1.98
N ALA C 569 23.40 32.82 -2.31
CA ALA C 569 23.79 32.40 -3.68
C ALA C 569 23.57 30.91 -3.93
N THR C 570 23.60 30.52 -5.20
CA THR C 570 23.29 29.19 -5.73
C THR C 570 24.42 28.80 -6.67
N GLY C 571 24.85 27.54 -6.64
CA GLY C 571 25.81 27.03 -7.65
C GLY C 571 27.12 27.78 -7.63
N SER C 572 27.77 27.84 -8.78
CA SER C 572 28.98 28.64 -9.12
C SER C 572 29.04 29.93 -8.29
N GLU C 573 27.94 30.68 -8.21
CA GLU C 573 27.86 32.03 -7.58
C GLU C 573 28.02 32.00 -6.06
N VAL C 574 27.97 30.82 -5.42
CA VAL C 574 28.31 30.64 -3.98
C VAL C 574 29.78 31.04 -3.75
N HIS C 575 30.64 30.68 -4.69
CA HIS C 575 32.11 30.91 -4.63
C HIS C 575 32.39 32.40 -4.75
N LEU C 576 31.84 33.01 -5.80
CA LEU C 576 31.84 34.49 -6.05
C LEU C 576 31.33 35.23 -4.81
N ALA C 577 30.31 34.68 -4.15
CA ALA C 577 29.70 35.26 -2.94
C ALA C 577 30.69 35.21 -1.75
N LEU C 578 31.55 34.18 -1.67
CA LEU C 578 32.57 34.03 -0.59
C LEU C 578 33.72 35.01 -0.80
N ARG C 579 34.13 35.20 -2.07
CA ARG C 579 35.21 36.13 -2.48
C ARG C 579 34.77 37.57 -2.19
N ALA C 580 33.52 37.90 -2.56
CA ALA C 580 32.86 39.21 -2.27
C ALA C 580 32.69 39.41 -0.76
N GLN C 581 32.48 38.33 0.00
CA GLN C 581 32.41 38.41 1.49
C GLN C 581 33.73 38.95 2.04
N ALA C 582 34.85 38.35 1.59
CA ALA C 582 36.24 38.57 2.07
C ALA C 582 36.70 40.01 1.77
N LEU C 583 36.31 40.57 0.62
CA LEU C 583 36.48 42.00 0.23
C LEU C 583 35.60 42.88 1.13
N LEU C 584 34.30 42.58 1.26
CA LEU C 584 33.44 43.28 2.25
C LEU C 584 34.14 43.26 3.61
N ARG C 585 34.71 42.11 4.03
CA ARG C 585 35.40 41.94 5.34
C ARG C 585 36.60 42.89 5.39
N GLU C 586 37.56 42.71 4.47
CA GLU C 586 38.76 43.57 4.29
C GLU C 586 38.42 45.04 4.58
N LYS C 587 37.29 45.56 4.08
CA LYS C 587 36.82 46.95 4.32
C LYS C 587 35.95 47.03 5.59
N GLY C 588 36.13 46.08 6.53
CA GLY C 588 35.48 46.03 7.85
C GLY C 588 33.97 45.90 7.82
N VAL C 589 33.38 45.37 6.74
CA VAL C 589 31.90 45.16 6.63
C VAL C 589 31.66 43.65 6.73
N ARG C 590 30.73 43.22 7.59
CA ARG C 590 30.57 41.80 7.98
C ARG C 590 29.24 41.24 7.43
N VAL C 591 29.34 40.23 6.57
CA VAL C 591 28.14 39.48 6.05
C VAL C 591 28.48 38.01 6.06
N ARG C 592 27.47 37.16 6.26
CA ARG C 592 27.63 35.69 6.12
C ARG C 592 27.09 35.26 4.76
N VAL C 593 27.78 34.33 4.10
CA VAL C 593 27.30 33.70 2.83
C VAL C 593 26.33 32.57 3.22
N VAL C 594 25.16 32.58 2.57
CA VAL C 594 24.16 31.48 2.58
C VAL C 594 24.20 30.82 1.20
N SER C 595 24.54 29.52 1.15
CA SER C 595 24.39 28.60 0.00
C SER C 595 22.95 28.09 -0.03
N LEU C 596 22.27 28.24 -1.16
CA LEU C 596 20.84 27.86 -1.36
C LEU C 596 20.75 26.97 -2.61
N PRO C 597 21.32 25.75 -2.55
CA PRO C 597 21.30 24.82 -3.67
C PRO C 597 19.90 24.38 -4.11
N SER C 598 18.86 24.55 -3.30
CA SER C 598 17.45 24.31 -3.74
C SER C 598 16.44 25.16 -2.95
N PHE C 599 15.64 25.92 -3.69
CA PHE C 599 14.50 26.74 -3.21
C PHE C 599 13.40 25.87 -2.60
N GLU C 600 13.14 24.69 -3.17
CA GLU C 600 12.00 23.83 -2.77
C GLU C 600 12.35 23.13 -1.47
N LEU C 601 13.53 22.48 -1.38
CA LEU C 601 13.98 21.74 -0.17
C LEU C 601 14.04 22.72 1.00
N PHE C 602 14.64 23.89 0.78
CA PHE C 602 14.76 24.99 1.78
C PHE C 602 13.37 25.46 2.24
N ALA C 603 12.40 25.57 1.33
CA ALA C 603 11.01 25.90 1.69
C ALA C 603 10.36 24.75 2.46
N ALA C 604 10.85 23.50 2.38
CA ALA C 604 10.29 22.32 3.09
C ALA C 604 10.70 22.33 4.57
N GLN C 605 11.71 23.12 4.95
CA GLN C 605 12.25 23.18 6.33
C GLN C 605 11.25 23.87 7.24
N PRO C 606 11.39 23.77 8.58
CA PRO C 606 10.53 24.52 9.50
C PRO C 606 10.88 26.02 9.53
N GLU C 607 9.86 26.89 9.69
CA GLU C 607 9.95 28.37 9.64
C GLU C 607 11.18 28.86 10.43
N ALA C 608 11.30 28.44 11.68
CA ALA C 608 12.32 28.94 12.64
C ALA C 608 13.70 28.35 12.31
N TYR C 609 13.82 27.42 11.36
CA TYR C 609 15.12 27.09 10.73
C TYR C 609 15.45 28.09 9.63
N ARG C 610 14.44 28.48 8.84
CA ARG C 610 14.62 29.43 7.73
C ARG C 610 15.08 30.76 8.34
N LYS C 611 14.41 31.19 9.42
CA LYS C 611 14.71 32.45 10.16
C LYS C 611 16.09 32.38 10.83
N GLU C 612 16.70 31.21 10.97
CA GLU C 612 18.13 31.09 11.41
C GLU C 612 19.01 31.53 10.23
N VAL C 613 18.83 30.90 9.06
CA VAL C 613 19.77 31.05 7.90
C VAL C 613 19.65 32.47 7.30
N LEU C 614 18.45 33.06 7.34
CA LEU C 614 18.11 34.39 6.79
C LEU C 614 17.31 35.16 7.85
N PRO C 615 17.99 35.83 8.82
CA PRO C 615 17.31 36.39 9.98
C PRO C 615 16.59 37.67 9.61
N PRO C 616 15.33 37.87 10.03
CA PRO C 616 14.59 39.09 9.71
C PRO C 616 15.35 40.35 10.18
N GLY C 617 15.02 41.49 9.56
CA GLY C 617 15.66 42.79 9.80
C GLY C 617 16.90 42.97 8.95
N LEU C 618 17.57 41.89 8.54
CA LEU C 618 18.95 41.95 7.94
C LEU C 618 18.89 42.04 6.41
N PRO C 619 19.58 43.04 5.80
CA PRO C 619 19.71 43.14 4.35
C PRO C 619 20.42 41.98 3.62
N VAL C 620 19.80 41.54 2.51
CA VAL C 620 20.18 40.32 1.73
C VAL C 620 20.35 40.71 0.25
N VAL C 621 21.57 40.58 -0.25
CA VAL C 621 21.90 40.56 -1.71
C VAL C 621 21.95 39.09 -2.19
N ALA C 622 21.11 38.76 -3.16
CA ALA C 622 21.14 37.47 -3.88
C ALA C 622 22.05 37.59 -5.11
N VAL C 623 22.80 36.52 -5.39
CA VAL C 623 23.73 36.39 -6.54
C VAL C 623 23.46 35.05 -7.22
N GLU C 624 23.19 35.06 -8.53
CA GLU C 624 22.83 33.90 -9.39
C GLU C 624 22.87 34.33 -10.86
N ALA C 625 23.62 33.62 -11.70
CA ALA C 625 23.81 33.94 -13.15
C ALA C 625 22.57 33.54 -13.95
N GLY C 626 21.43 34.11 -13.61
CA GLY C 626 20.14 33.83 -14.27
C GLY C 626 19.22 35.00 -14.07
N ALA C 627 18.05 34.98 -14.69
CA ALA C 627 16.97 36.00 -14.54
C ALA C 627 16.69 36.32 -13.05
N SER C 628 16.20 37.52 -12.79
CA SER C 628 16.00 38.05 -11.41
C SER C 628 14.59 37.71 -10.92
N LEU C 629 13.60 37.64 -11.82
CA LEU C 629 12.17 37.43 -11.46
C LEU C 629 12.06 36.25 -10.50
N GLY C 630 11.74 36.51 -9.23
CA GLY C 630 11.58 35.43 -8.21
C GLY C 630 12.46 35.64 -6.99
N TRP C 631 13.64 36.24 -7.16
CA TRP C 631 14.64 36.40 -6.06
C TRP C 631 14.14 37.38 -4.98
N GLU C 632 13.24 38.28 -5.35
CA GLU C 632 12.58 39.25 -4.45
C GLU C 632 12.00 38.49 -3.25
N ARG C 633 11.71 37.20 -3.38
CA ARG C 633 11.21 36.30 -2.30
C ARG C 633 12.20 36.21 -1.14
N TYR C 634 13.50 36.37 -1.41
CA TYR C 634 14.59 36.03 -0.45
C TYR C 634 15.60 37.17 -0.30
N ALA C 635 15.55 38.20 -1.15
CA ALA C 635 16.59 39.26 -1.23
C ALA C 635 15.98 40.65 -1.47
N HIS C 636 16.69 41.69 -1.05
CA HIS C 636 16.30 43.12 -1.31
C HIS C 636 16.90 43.61 -2.63
N LYS C 637 18.14 43.18 -2.93
CA LYS C 637 18.87 43.48 -4.18
C LYS C 637 19.29 42.14 -4.83
N VAL C 638 19.41 42.14 -6.17
CA VAL C 638 19.67 40.94 -7.04
C VAL C 638 20.84 41.25 -8.01
N VAL C 639 21.96 40.55 -7.85
CA VAL C 639 23.03 40.46 -8.89
C VAL C 639 22.65 39.28 -9.80
N ALA C 640 21.89 39.57 -10.83
CA ALA C 640 21.32 38.56 -11.74
C ALA C 640 21.73 38.92 -13.18
N LEU C 641 21.08 38.27 -14.14
CA LEU C 641 21.21 38.56 -15.59
C LEU C 641 19.81 38.55 -16.19
N ASP C 642 19.31 39.68 -16.71
CA ASP C 642 18.01 39.79 -17.42
C ASP C 642 18.28 40.24 -18.85
N ARG C 643 19.34 39.73 -19.43
CA ARG C 643 19.61 39.83 -20.88
C ARG C 643 20.13 38.48 -21.37
N PHE C 644 19.93 38.21 -22.64
CA PHE C 644 20.61 37.09 -23.34
C PHE C 644 22.11 37.32 -23.22
N GLY C 645 22.89 36.24 -23.21
CA GLY C 645 24.35 36.27 -22.91
C GLY C 645 25.20 36.74 -24.08
N ALA C 646 26.43 36.22 -24.16
CA ALA C 646 27.39 36.57 -25.22
C ALA C 646 28.34 35.41 -25.53
N SER C 647 28.74 35.31 -26.79
CA SER C 647 29.82 34.42 -27.26
C SER C 647 31.15 34.99 -26.78
N ALA C 648 31.75 34.33 -25.80
CA ALA C 648 33.07 34.69 -25.25
C ALA C 648 33.44 33.70 -24.18
N PRO C 649 34.75 33.55 -23.86
CA PRO C 649 35.24 32.58 -22.89
C PRO C 649 34.91 32.96 -21.45
N TYR C 650 34.85 31.94 -20.58
CA TYR C 650 35.01 32.04 -19.11
C TYR C 650 36.51 32.21 -18.84
N PRO C 651 36.99 33.01 -17.84
CA PRO C 651 36.15 33.79 -16.90
C PRO C 651 35.69 35.16 -17.44
N GLU C 652 36.14 35.54 -18.63
CA GLU C 652 35.88 36.87 -19.24
C GLU C 652 34.37 37.13 -19.23
N VAL C 653 33.60 36.50 -20.12
CA VAL C 653 32.12 36.73 -20.33
C VAL C 653 31.40 36.81 -18.98
N TYR C 654 31.88 36.07 -17.99
CA TYR C 654 31.23 35.97 -16.66
C TYR C 654 31.39 37.32 -15.97
N GLU C 655 32.65 37.77 -15.84
CA GLU C 655 33.06 39.07 -15.24
C GLU C 655 32.31 40.22 -15.94
N ARG C 656 32.33 40.26 -17.28
CA ARG C 656 31.84 41.41 -18.07
C ARG C 656 30.32 41.48 -18.10
N LEU C 657 29.60 40.37 -17.90
CA LEU C 657 28.12 40.44 -17.81
C LEU C 657 27.73 40.72 -16.36
N GLY C 658 28.72 40.89 -15.48
CA GLY C 658 28.57 41.63 -14.22
C GLY C 658 28.80 40.76 -13.00
N PHE C 659 29.34 39.56 -13.20
CA PHE C 659 29.59 38.61 -12.09
C PHE C 659 31.05 38.76 -11.62
N THR C 660 31.28 39.70 -10.71
CA THR C 660 32.61 39.96 -10.06
C THR C 660 32.42 40.16 -8.57
N PRO C 661 33.47 39.94 -7.74
CA PRO C 661 33.42 40.30 -6.32
C PRO C 661 33.09 41.79 -6.10
N GLU C 662 33.91 42.66 -6.72
CA GLU C 662 33.75 44.14 -6.75
C GLU C 662 32.26 44.46 -6.99
N ARG C 663 31.67 44.04 -8.12
CA ARG C 663 30.26 44.38 -8.49
C ARG C 663 29.25 43.95 -7.40
N VAL C 664 29.49 42.81 -6.73
CA VAL C 664 28.56 42.21 -5.70
C VAL C 664 28.70 42.97 -4.37
N ALA C 665 29.95 43.22 -3.99
CA ALA C 665 30.33 44.04 -2.82
C ALA C 665 29.66 45.41 -2.98
N GLU C 666 29.77 46.02 -4.16
CA GLU C 666 29.26 47.41 -4.42
C GLU C 666 27.73 47.40 -4.32
N ALA C 667 27.09 46.32 -4.78
CA ALA C 667 25.63 46.08 -4.68
C ALA C 667 25.22 46.08 -3.21
N PHE C 668 25.94 45.34 -2.38
CA PHE C 668 25.66 45.24 -0.91
C PHE C 668 25.83 46.61 -0.23
N LEU C 669 26.97 47.25 -0.47
CA LEU C 669 27.34 48.57 0.11
C LEU C 669 26.26 49.58 -0.28
N SER C 670 25.68 49.44 -1.49
CA SER C 670 24.60 50.34 -1.98
C SER C 670 23.29 50.04 -1.22
N LEU C 671 23.18 48.90 -0.54
CA LEU C 671 21.89 48.45 0.03
C LEU C 671 21.85 48.74 1.53
N VAL C 672 22.97 48.56 2.24
CA VAL C 672 23.09 49.02 3.67
C VAL C 672 23.03 50.55 3.72
N LYS D 23 43.02 21.57 -64.36
CA LYS D 23 44.13 21.97 -63.43
C LYS D 23 43.95 23.43 -62.98
N GLU D 24 43.40 24.30 -63.83
CA GLU D 24 43.33 25.78 -63.60
C GLU D 24 42.16 26.12 -62.66
N THR D 25 40.91 26.16 -63.17
CA THR D 25 39.69 26.42 -62.36
C THR D 25 39.49 25.26 -61.37
N ARG D 26 39.91 24.04 -61.72
CA ARG D 26 39.69 22.80 -60.91
C ARG D 26 40.55 22.87 -59.64
N ASP D 27 41.81 23.31 -59.75
CA ASP D 27 42.73 23.49 -58.57
C ASP D 27 42.58 24.93 -58.02
N LEU D 28 41.80 25.80 -58.69
CA LEU D 28 41.41 27.17 -58.21
C LEU D 28 40.14 27.08 -57.37
N GLU D 29 39.14 26.32 -57.84
CA GLU D 29 37.93 25.93 -57.05
C GLU D 29 38.41 25.17 -55.81
N THR D 30 39.26 24.15 -55.99
CA THR D 30 39.96 23.38 -54.92
C THR D 30 40.59 24.32 -53.88
N LEU D 31 41.24 25.42 -54.32
CA LEU D 31 42.12 26.29 -53.48
C LEU D 31 41.24 27.29 -52.69
N SER D 32 40.22 27.88 -53.30
CA SER D 32 39.23 28.75 -52.60
C SER D 32 38.45 27.90 -51.59
N VAL D 33 38.10 26.67 -51.98
CA VAL D 33 37.46 25.61 -51.13
C VAL D 33 38.36 25.35 -49.92
N ASN D 34 39.68 25.23 -50.13
CA ASN D 34 40.67 24.99 -49.04
C ASN D 34 41.03 26.31 -48.33
N ALA D 35 40.75 27.47 -48.92
CA ALA D 35 40.77 28.75 -48.21
C ALA D 35 39.62 28.69 -47.18
N ILE D 36 38.39 28.55 -47.68
CA ILE D 36 37.15 28.36 -46.87
C ILE D 36 37.43 27.39 -45.72
N ARG D 37 38.14 26.28 -45.99
CA ARG D 37 38.55 25.32 -44.94
C ARG D 37 39.35 26.04 -43.85
N PHE D 38 40.49 26.66 -44.19
CA PHE D 38 41.54 27.06 -43.21
C PHE D 38 41.13 28.34 -42.47
N LEU D 39 40.38 29.22 -43.12
CA LEU D 39 39.65 30.33 -42.42
C LEU D 39 38.98 29.76 -41.15
N ALA D 40 38.41 28.55 -41.25
CA ALA D 40 37.64 27.87 -40.18
C ALA D 40 38.59 27.23 -39.16
N ILE D 41 39.51 26.40 -39.64
CA ILE D 41 40.45 25.56 -38.82
C ILE D 41 41.29 26.47 -37.89
N ASP D 42 41.87 27.54 -38.45
CA ASP D 42 42.85 28.43 -37.78
C ASP D 42 42.11 29.28 -36.73
N ALA D 43 40.95 29.82 -37.13
CA ALA D 43 39.99 30.56 -36.27
C ALA D 43 39.73 29.74 -35.00
N VAL D 44 39.42 28.47 -35.18
CA VAL D 44 39.13 27.51 -34.08
C VAL D 44 40.42 27.31 -33.27
N GLU D 45 41.55 27.15 -33.94
CA GLU D 45 42.85 26.78 -33.32
C GLU D 45 43.35 27.90 -32.38
N LYS D 46 43.25 29.17 -32.82
CA LYS D 46 43.67 30.39 -32.07
C LYS D 46 42.75 30.58 -30.86
N ALA D 47 41.43 30.61 -31.09
CA ALA D 47 40.37 30.77 -30.05
C ALA D 47 40.43 29.59 -29.05
N ARG D 48 41.10 28.47 -29.39
CA ARG D 48 41.11 27.23 -28.55
C ARG D 48 39.67 26.85 -28.14
N SER D 49 38.73 26.85 -29.10
CA SER D 49 37.28 26.61 -28.87
C SER D 49 36.50 26.81 -30.18
N GLY D 50 35.52 25.93 -30.43
CA GLY D 50 34.72 25.90 -31.67
C GLY D 50 34.69 24.53 -32.29
N HIS D 51 34.12 24.45 -33.50
CA HIS D 51 33.75 23.18 -34.19
C HIS D 51 34.36 23.15 -35.59
N PRO D 52 35.57 22.58 -35.76
CA PRO D 52 36.24 22.56 -37.07
C PRO D 52 35.78 21.42 -38.00
N GLY D 53 35.42 20.25 -37.44
CA GLY D 53 35.01 19.02 -38.14
C GLY D 53 34.07 19.27 -39.32
N MET D 54 32.87 19.77 -39.06
CA MET D 54 31.87 20.06 -40.12
C MET D 54 32.39 21.11 -41.09
N PRO D 55 32.93 22.27 -40.64
CA PRO D 55 33.43 23.30 -41.55
C PRO D 55 34.33 22.76 -42.66
N MET D 56 35.31 21.93 -42.26
CA MET D 56 36.25 21.23 -43.16
C MET D 56 35.43 20.40 -44.17
N GLY D 57 34.77 19.35 -43.66
CA GLY D 57 33.94 18.40 -44.43
C GLY D 57 33.06 19.04 -45.49
N MET D 58 32.56 20.27 -45.31
CA MET D 58 31.39 20.80 -46.05
C MET D 58 31.74 22.08 -46.80
N ALA D 59 33.02 22.46 -46.82
CA ALA D 59 33.53 23.70 -47.46
C ALA D 59 33.05 23.85 -48.91
N PRO D 60 33.07 22.75 -49.73
CA PRO D 60 32.66 22.83 -51.15
C PRO D 60 31.25 23.33 -51.43
N LEU D 61 30.34 23.09 -50.49
CA LEU D 61 28.89 23.39 -50.62
C LEU D 61 28.67 24.88 -50.30
N ALA D 62 29.24 25.34 -49.19
CA ALA D 62 29.36 26.78 -48.84
C ALA D 62 29.93 27.50 -50.07
N TYR D 63 31.14 27.09 -50.48
CA TYR D 63 31.79 27.47 -51.76
C TYR D 63 30.70 27.59 -52.84
N LEU D 64 30.09 26.46 -53.19
CA LEU D 64 29.28 26.35 -54.43
C LEU D 64 28.04 27.25 -54.36
N LEU D 65 27.34 27.21 -53.21
CA LEU D 65 26.13 28.03 -52.95
C LEU D 65 26.47 29.50 -53.13
N PHE D 66 27.57 29.94 -52.50
CA PHE D 66 27.99 31.36 -52.48
C PHE D 66 28.58 31.72 -53.85
N ARG D 67 29.59 30.97 -54.32
CA ARG D 67 30.18 31.13 -55.68
C ARG D 67 29.05 31.12 -56.74
N GLU D 68 28.58 29.94 -57.16
CA GLU D 68 27.79 29.77 -58.41
C GLU D 68 26.29 30.06 -58.16
N VAL D 69 25.68 29.45 -57.12
CA VAL D 69 24.22 29.10 -57.14
C VAL D 69 23.33 30.28 -56.68
N MET D 70 23.58 30.89 -55.52
CA MET D 70 22.64 31.85 -54.88
C MET D 70 22.66 33.22 -55.59
N ARG D 71 21.51 33.89 -55.64
CA ARG D 71 21.38 35.32 -55.99
C ARG D 71 21.41 36.15 -54.69
N HIS D 72 22.60 36.60 -54.26
CA HIS D 72 22.82 37.43 -53.04
C HIS D 72 23.51 38.75 -53.42
N ASN D 73 23.56 39.72 -52.48
CA ASN D 73 24.20 41.07 -52.68
C ASN D 73 24.94 41.48 -51.41
N PRO D 74 26.28 41.28 -51.31
CA PRO D 74 27.04 41.68 -50.12
C PRO D 74 26.90 43.18 -49.82
N LEU D 75 26.85 44.05 -50.86
CA LEU D 75 26.64 45.51 -50.68
C LEU D 75 25.39 45.72 -49.81
N ASP D 76 24.30 45.00 -50.09
CA ASP D 76 23.00 45.14 -49.37
C ASP D 76 22.46 43.78 -48.95
N PRO D 77 22.91 43.22 -47.80
CA PRO D 77 22.45 41.90 -47.35
C PRO D 77 20.95 41.81 -47.08
N ASP D 78 20.23 42.95 -47.14
CA ASP D 78 18.77 43.08 -46.84
C ASP D 78 17.98 43.29 -48.14
N TRP D 79 18.59 42.89 -49.26
CA TRP D 79 17.93 42.92 -50.58
C TRP D 79 16.76 41.92 -50.57
N PRO D 80 15.50 42.41 -50.65
CA PRO D 80 14.31 41.57 -50.46
C PRO D 80 14.06 40.40 -51.45
N ASP D 81 14.76 40.35 -52.59
CA ASP D 81 14.63 39.25 -53.59
C ASP D 81 15.89 38.38 -53.56
N ARG D 82 16.69 38.47 -52.50
CA ARG D 82 17.90 37.63 -52.30
C ARG D 82 17.50 36.16 -52.05
N ASP D 83 18.49 35.27 -52.02
CA ASP D 83 18.33 33.82 -51.80
C ASP D 83 18.79 33.50 -50.37
N ARG D 84 17.84 33.54 -49.43
CA ARG D 84 18.02 33.26 -47.98
C ARG D 84 18.75 31.92 -47.80
N PHE D 85 19.93 31.95 -47.21
CA PHE D 85 20.67 30.75 -46.75
C PHE D 85 20.63 30.67 -45.21
N VAL D 86 20.35 29.47 -44.68
CA VAL D 86 20.10 29.19 -43.23
C VAL D 86 21.05 28.07 -42.79
N LEU D 87 22.12 28.38 -42.05
CA LEU D 87 23.03 27.34 -41.50
C LEU D 87 22.41 26.74 -40.23
N SER D 88 21.44 25.81 -40.36
CA SER D 88 20.70 25.15 -39.25
C SER D 88 21.67 24.44 -38.29
N ALA D 89 22.82 23.96 -38.78
CA ALA D 89 23.85 23.30 -37.95
C ALA D 89 24.86 24.35 -37.48
N GLY D 90 24.36 25.37 -36.78
CA GLY D 90 25.11 26.59 -36.42
C GLY D 90 26.50 26.33 -35.89
N HIS D 91 26.72 25.22 -35.17
CA HIS D 91 28.00 24.92 -34.48
C HIS D 91 29.20 24.98 -35.44
N GLY D 92 28.95 24.83 -36.74
CA GLY D 92 29.93 25.08 -37.82
C GLY D 92 29.67 26.44 -38.45
N SER D 93 29.86 27.48 -37.64
CA SER D 93 29.63 28.92 -37.97
C SER D 93 30.77 29.45 -38.86
N MET D 94 32.00 29.05 -38.58
CA MET D 94 33.21 29.57 -39.27
C MET D 94 33.00 29.44 -40.79
N LEU D 95 32.80 28.20 -41.22
CA LEU D 95 32.26 27.83 -42.56
C LEU D 95 31.45 29.00 -43.12
N LEU D 96 30.41 29.48 -42.41
CA LEU D 96 29.55 30.60 -42.91
C LEU D 96 30.35 31.92 -42.89
N TYR D 97 31.03 32.19 -41.77
CA TYR D 97 31.80 33.44 -41.59
C TYR D 97 32.83 33.49 -42.74
N ALA D 98 33.79 32.57 -42.74
CA ALA D 98 34.78 32.34 -43.83
C ALA D 98 34.19 32.71 -45.21
N VAL D 99 33.13 32.05 -45.66
CA VAL D 99 32.56 32.28 -47.01
C VAL D 99 32.00 33.72 -47.10
N LEU D 100 31.43 34.30 -46.02
CA LEU D 100 30.87 35.68 -46.05
C LEU D 100 31.99 36.69 -46.38
N HIS D 101 33.21 36.43 -45.88
CA HIS D 101 34.44 37.22 -46.10
C HIS D 101 34.84 37.17 -47.58
N LEU D 102 35.29 36.00 -48.07
CA LEU D 102 35.86 35.74 -49.42
C LEU D 102 34.88 36.18 -50.52
N THR D 103 33.65 36.50 -50.18
CA THR D 103 32.58 36.86 -51.14
C THR D 103 32.32 38.37 -51.11
N GLY D 104 32.85 39.07 -50.09
CA GLY D 104 32.83 40.54 -49.98
C GLY D 104 31.75 41.08 -49.06
N TYR D 105 31.32 40.29 -48.07
CA TYR D 105 30.45 40.77 -46.96
C TYR D 105 31.30 41.62 -46.01
N ASP D 106 30.67 42.61 -45.37
CA ASP D 106 31.30 43.61 -44.48
C ASP D 106 31.86 42.86 -43.27
N LEU D 107 32.82 41.96 -43.46
CA LEU D 107 33.33 41.13 -42.35
C LEU D 107 34.85 40.92 -42.47
N PRO D 108 35.64 41.93 -42.03
CA PRO D 108 37.11 41.85 -42.08
C PRO D 108 37.75 40.61 -41.44
N LEU D 109 38.98 40.30 -41.85
CA LEU D 109 39.81 39.19 -41.33
C LEU D 109 39.99 39.32 -39.82
N GLU D 110 40.00 40.56 -39.31
CA GLU D 110 40.20 40.87 -37.86
C GLU D 110 39.08 40.20 -37.04
N GLU D 111 37.83 40.29 -37.52
CA GLU D 111 36.66 39.61 -36.88
C GLU D 111 36.92 38.11 -36.81
N LEU D 112 37.30 37.46 -37.92
CA LEU D 112 37.62 36.01 -37.98
C LEU D 112 38.78 35.71 -37.02
N LYS D 113 39.68 36.67 -36.82
CA LYS D 113 40.80 36.57 -35.84
C LYS D 113 40.27 36.53 -34.38
N SER D 114 39.03 36.97 -34.12
CA SER D 114 38.42 37.05 -32.75
C SER D 114 37.08 36.30 -32.69
N PHE D 115 36.98 35.21 -33.48
CA PHE D 115 35.89 34.20 -33.42
C PHE D 115 35.67 33.85 -31.96
N ARG D 116 34.44 34.08 -31.46
CA ARG D 116 33.95 33.61 -30.14
C ARG D 116 34.54 34.44 -28.99
N GLN D 117 35.06 35.65 -29.23
CA GLN D 117 35.64 36.49 -28.12
C GLN D 117 34.74 37.70 -27.92
N TRP D 118 34.82 38.28 -26.73
CA TRP D 118 33.92 39.38 -26.31
C TRP D 118 33.89 40.42 -27.41
N GLY D 119 32.71 40.59 -28.03
CA GLY D 119 32.32 41.77 -28.83
C GLY D 119 32.24 41.51 -30.33
N SER D 120 32.83 40.41 -30.82
CA SER D 120 33.12 40.19 -32.26
C SER D 120 31.82 40.01 -33.09
N LYS D 121 31.96 40.02 -34.41
CA LYS D 121 30.84 39.67 -35.34
C LYS D 121 31.01 38.22 -35.85
N THR D 122 31.74 37.40 -35.10
CA THR D 122 31.96 35.96 -35.33
C THR D 122 31.70 35.19 -34.02
N PRO D 123 30.45 35.25 -33.46
CA PRO D 123 30.12 34.49 -32.26
C PRO D 123 30.05 32.99 -32.61
N GLY D 124 30.42 32.15 -31.62
CA GLY D 124 30.37 30.68 -31.64
C GLY D 124 29.24 30.12 -32.51
N HIS D 125 28.07 30.77 -32.50
CA HIS D 125 26.90 30.42 -33.34
C HIS D 125 26.34 31.67 -34.00
N PRO D 126 25.76 31.56 -35.20
CA PRO D 126 25.24 32.74 -35.91
C PRO D 126 24.28 33.52 -35.01
N GLU D 127 24.26 34.84 -35.15
CA GLU D 127 23.21 35.72 -34.58
C GLU D 127 22.81 36.69 -35.70
N ARG D 128 21.57 36.60 -36.20
CA ARG D 128 20.99 37.55 -37.19
C ARG D 128 20.86 38.93 -36.55
N GLY D 129 21.71 39.88 -36.95
CA GLY D 129 21.75 41.26 -36.43
C GLY D 129 23.11 41.64 -35.89
N HIS D 130 23.99 40.67 -35.61
CA HIS D 130 25.37 40.89 -35.10
C HIS D 130 26.40 40.66 -36.21
N THR D 131 25.99 40.06 -37.34
CA THR D 131 26.86 39.69 -38.47
C THR D 131 26.06 39.76 -39.76
N PRO D 132 26.51 40.50 -40.80
CA PRO D 132 25.64 40.78 -41.94
C PRO D 132 25.41 39.53 -42.82
N GLY D 133 24.18 39.40 -43.35
CA GLY D 133 23.76 38.25 -44.18
C GLY D 133 23.79 36.91 -43.42
N VAL D 134 23.80 36.94 -42.08
CA VAL D 134 23.37 35.81 -41.21
C VAL D 134 21.85 35.88 -41.13
N GLU D 135 21.15 34.86 -41.65
CA GLU D 135 19.70 34.93 -41.98
C GLU D 135 18.86 34.55 -40.75
N VAL D 136 19.40 33.68 -39.90
CA VAL D 136 18.66 33.08 -38.75
C VAL D 136 19.63 32.86 -37.60
N THR D 137 19.17 33.03 -36.38
CA THR D 137 19.97 32.66 -35.19
C THR D 137 19.86 31.15 -35.06
N THR D 138 20.98 30.42 -34.94
CA THR D 138 21.02 28.93 -34.94
C THR D 138 22.11 28.47 -33.99
N GLY D 139 22.21 27.16 -33.74
CA GLY D 139 22.93 26.58 -32.59
C GLY D 139 22.02 25.63 -31.83
N PRO D 140 20.73 26.00 -31.63
CA PRO D 140 19.72 25.04 -31.18
C PRO D 140 19.31 24.23 -32.40
N LEU D 141 19.63 22.92 -32.36
CA LEU D 141 19.39 21.99 -33.51
C LEU D 141 17.89 21.85 -33.80
N GLY D 142 17.53 22.07 -35.07
CA GLY D 142 16.17 21.97 -35.60
C GLY D 142 15.60 23.32 -35.99
N GLN D 143 16.08 24.40 -35.38
CA GLN D 143 15.41 25.73 -35.50
C GLN D 143 15.52 26.26 -36.93
N GLY D 144 16.74 26.28 -37.47
CA GLY D 144 17.01 26.89 -38.79
C GLY D 144 16.19 26.23 -39.88
N ILE D 145 16.30 24.89 -39.92
CA ILE D 145 15.61 24.00 -40.92
C ILE D 145 14.09 24.17 -40.81
N SER D 146 13.55 24.45 -39.61
CA SER D 146 12.09 24.66 -39.40
C SER D 146 11.73 26.11 -39.72
N THR D 147 12.61 27.04 -39.37
CA THR D 147 12.32 28.47 -39.64
C THR D 147 12.36 28.70 -41.15
N ALA D 148 13.22 27.97 -41.88
CA ALA D 148 13.31 28.00 -43.37
C ALA D 148 11.92 27.83 -44.00
N VAL D 149 11.07 27.01 -43.39
CA VAL D 149 9.71 26.73 -43.92
C VAL D 149 8.89 28.02 -43.90
N GLY D 150 8.99 28.79 -42.83
CA GLY D 150 8.29 30.09 -42.76
C GLY D 150 8.86 31.11 -43.75
N LEU D 151 10.17 31.05 -44.01
CA LEU D 151 10.83 31.94 -45.02
C LEU D 151 10.25 31.57 -46.38
N ALA D 152 10.45 30.29 -46.76
CA ALA D 152 9.97 29.69 -48.02
C ALA D 152 8.46 29.92 -48.13
N LEU D 153 7.73 29.81 -47.01
CA LEU D 153 6.26 30.04 -46.99
C LEU D 153 5.98 31.51 -47.36
N ALA D 154 6.75 32.44 -46.82
CA ALA D 154 6.52 33.89 -47.02
C ALA D 154 6.81 34.26 -48.47
N GLU D 155 7.86 33.66 -49.05
CA GLU D 155 8.28 33.84 -50.48
C GLU D 155 7.14 33.41 -51.40
N ARG D 156 6.76 32.13 -51.32
CA ARG D 156 5.65 31.52 -52.10
C ARG D 156 4.41 32.42 -51.96
N LYS D 157 4.06 32.80 -50.73
CA LYS D 157 2.88 33.64 -50.43
C LYS D 157 3.04 35.01 -51.10
N LEU D 158 4.24 35.60 -51.11
CA LEU D 158 4.42 37.02 -51.49
C LEU D 158 4.43 37.15 -53.03
N ALA D 159 5.04 36.19 -53.73
CA ALA D 159 4.93 35.99 -55.19
C ALA D 159 3.46 36.01 -55.57
N ALA D 160 2.72 35.00 -55.12
CA ALA D 160 1.25 34.85 -55.30
C ALA D 160 0.51 36.19 -55.22
N GLU D 161 0.80 37.00 -54.19
CA GLU D 161 -0.03 38.17 -53.81
C GLU D 161 0.11 39.32 -54.81
N PHE D 162 1.35 39.64 -55.20
CA PHE D 162 1.70 40.94 -55.84
C PHE D 162 2.05 40.75 -57.34
N ASN D 163 2.89 39.74 -57.66
CA ASN D 163 3.36 39.39 -59.03
C ASN D 163 2.19 39.34 -60.01
N ARG D 164 2.34 40.01 -61.15
CA ARG D 164 1.44 39.94 -62.32
C ARG D 164 2.26 39.37 -63.48
N PRO D 165 1.62 38.98 -64.61
CA PRO D 165 2.37 38.55 -65.79
C PRO D 165 3.36 39.63 -66.27
N GLY D 166 4.61 39.23 -66.49
CA GLY D 166 5.68 40.06 -67.08
C GLY D 166 6.64 40.58 -66.03
N HIS D 167 6.10 41.06 -64.90
CA HIS D 167 6.83 41.68 -63.77
C HIS D 167 6.89 40.69 -62.58
N VAL D 168 8.01 39.97 -62.44
CA VAL D 168 8.30 38.99 -61.36
C VAL D 168 9.18 39.68 -60.29
N VAL D 169 8.57 40.51 -59.44
CA VAL D 169 9.25 41.27 -58.35
C VAL D 169 9.77 40.27 -57.29
N VAL D 170 8.93 39.31 -56.86
CA VAL D 170 9.27 38.25 -55.86
C VAL D 170 9.54 36.94 -56.59
N ASP D 171 10.77 36.41 -56.43
CA ASP D 171 11.18 35.06 -56.89
C ASP D 171 12.54 34.75 -56.29
N HIS D 172 12.57 33.97 -55.21
CA HIS D 172 13.83 33.47 -54.60
C HIS D 172 13.54 32.17 -53.86
N TYR D 173 14.63 31.45 -53.63
CA TYR D 173 14.68 30.09 -53.06
C TYR D 173 15.07 30.22 -51.59
N THR D 174 14.92 29.14 -50.81
CA THR D 174 15.43 29.05 -49.42
C THR D 174 16.35 27.83 -49.32
N TYR D 175 17.64 28.06 -49.09
CA TYR D 175 18.67 26.98 -49.01
C TYR D 175 18.88 26.76 -47.53
N VAL D 176 19.37 25.58 -47.11
CA VAL D 176 19.57 25.25 -45.67
C VAL D 176 20.66 24.20 -45.58
N LEU D 177 21.49 24.22 -44.53
CA LEU D 177 22.47 23.13 -44.27
C LEU D 177 22.24 22.52 -42.88
N ALA D 178 21.53 21.38 -42.79
CA ALA D 178 21.21 20.69 -41.52
C ALA D 178 22.24 19.58 -41.27
N SER D 179 22.59 19.30 -40.00
CA SER D 179 23.35 18.09 -39.58
C SER D 179 22.40 16.94 -39.20
N ASP D 180 22.98 15.83 -38.75
CA ASP D 180 22.22 14.64 -38.25
C ASP D 180 21.31 15.11 -37.10
N GLY D 181 21.93 15.56 -36.00
CA GLY D 181 21.28 16.18 -34.82
C GLY D 181 20.08 17.04 -35.19
N ASP D 182 20.17 17.80 -36.30
CA ASP D 182 19.05 18.68 -36.75
C ASP D 182 17.85 17.80 -37.03
N LEU D 183 18.10 16.62 -37.59
CA LEU D 183 17.06 15.82 -38.28
C LEU D 183 16.44 14.82 -37.30
N MET D 184 17.26 14.36 -36.35
CA MET D 184 16.93 13.73 -35.05
C MET D 184 15.95 14.56 -34.19
N GLU D 185 16.15 15.89 -34.04
CA GLU D 185 15.20 16.79 -33.34
C GLU D 185 13.79 16.73 -33.99
N GLY D 186 12.76 16.60 -33.14
CA GLY D 186 11.34 16.46 -33.51
C GLY D 186 10.82 17.61 -34.34
N VAL D 187 11.25 18.86 -34.07
CA VAL D 187 10.64 20.07 -34.71
C VAL D 187 10.82 20.00 -36.24
N SER D 188 11.91 19.39 -36.71
CA SER D 188 12.26 19.30 -38.16
C SER D 188 11.21 18.42 -38.88
N GLY D 189 10.97 17.21 -38.34
CA GLY D 189 9.87 16.30 -38.74
C GLY D 189 8.57 17.06 -38.88
N GLU D 190 8.16 17.78 -37.82
CA GLU D 190 6.89 18.54 -37.83
C GLU D 190 6.90 19.52 -38.99
N ALA D 191 8.05 20.15 -39.24
CA ALA D 191 8.16 21.29 -40.19
C ALA D 191 8.12 20.74 -41.63
N ALA D 192 8.91 19.69 -41.87
CA ALA D 192 8.91 18.89 -43.13
C ALA D 192 7.48 18.45 -43.51
N SER D 193 6.72 17.91 -42.56
CA SER D 193 5.32 17.49 -42.79
C SER D 193 4.53 18.68 -43.35
N LEU D 194 4.72 19.88 -42.80
CA LEU D 194 3.98 21.08 -43.23
C LEU D 194 4.51 21.60 -44.57
N ALA D 195 5.84 21.64 -44.73
CA ALA D 195 6.50 21.99 -46.00
C ALA D 195 5.90 21.09 -47.09
N GLY D 196 6.10 19.78 -46.92
CA GLY D 196 5.58 18.70 -47.79
C GLY D 196 4.13 18.94 -48.14
N HIS D 197 3.26 19.01 -47.12
CA HIS D 197 1.80 19.20 -47.29
C HIS D 197 1.53 20.44 -48.16
N TRP D 198 2.31 21.50 -47.94
CA TRP D 198 2.08 22.88 -48.45
C TRP D 198 2.63 23.04 -49.88
N GLY D 199 3.57 22.18 -50.29
CA GLY D 199 4.16 22.22 -51.65
C GLY D 199 5.11 23.39 -51.79
N LEU D 200 6.26 23.30 -51.11
CA LEU D 200 7.28 24.37 -51.08
C LEU D 200 8.49 23.91 -51.90
N SER D 201 8.36 24.11 -53.22
CA SER D 201 9.29 23.75 -54.33
C SER D 201 10.65 24.41 -54.10
N LYS D 202 10.59 25.63 -53.56
CA LYS D 202 11.66 26.66 -53.56
C LYS D 202 12.50 26.50 -52.28
N LEU D 203 12.38 25.35 -51.60
CA LEU D 203 13.15 25.03 -50.37
C LEU D 203 14.05 23.83 -50.67
N ILE D 204 15.32 23.91 -50.29
CA ILE D 204 16.31 22.82 -50.59
C ILE D 204 17.24 22.67 -49.39
N VAL D 205 17.54 21.44 -48.98
CA VAL D 205 18.21 21.19 -47.68
C VAL D 205 19.36 20.22 -47.88
N PHE D 206 20.54 20.59 -47.37
CA PHE D 206 21.75 19.77 -47.52
C PHE D 206 22.00 19.10 -46.16
N TRP D 207 22.23 17.79 -46.16
CA TRP D 207 22.42 17.07 -44.88
C TRP D 207 23.81 16.42 -44.88
N ASP D 208 24.71 16.95 -44.05
CA ASP D 208 26.08 16.40 -43.88
C ASP D 208 25.90 15.02 -43.24
N ASP D 209 26.00 13.98 -44.08
CA ASP D 209 25.72 12.59 -43.69
C ASP D 209 27.08 11.93 -43.44
N ASN D 210 27.60 12.02 -42.22
CA ASN D 210 29.02 11.68 -41.93
C ASN D 210 29.12 10.68 -40.78
N ARG D 211 28.01 10.07 -40.34
CA ARG D 211 28.08 8.84 -39.49
C ARG D 211 28.75 9.16 -38.14
N ILE D 212 28.78 10.44 -37.74
CA ILE D 212 29.33 10.88 -36.42
C ILE D 212 28.42 11.92 -35.77
N SER D 213 28.22 11.73 -34.47
CA SER D 213 27.54 12.65 -33.53
C SER D 213 28.50 12.81 -32.36
N ILE D 214 28.20 13.64 -31.38
CA ILE D 214 29.14 13.84 -30.23
C ILE D 214 29.40 12.50 -29.53
N ASP D 215 28.36 11.70 -29.34
CA ASP D 215 28.46 10.50 -28.44
C ASP D 215 29.37 9.45 -29.07
N GLY D 216 29.46 9.45 -30.41
CA GLY D 216 30.29 8.55 -31.23
C GLY D 216 29.75 8.48 -32.66
N PRO D 217 29.77 7.28 -33.31
CA PRO D 217 29.03 7.07 -34.56
C PRO D 217 27.49 7.15 -34.40
N THR D 218 26.77 7.72 -35.38
CA THR D 218 25.29 7.91 -35.37
C THR D 218 24.58 6.59 -35.02
N ASP D 219 24.99 5.49 -35.66
CA ASP D 219 24.42 4.12 -35.47
C ASP D 219 24.49 3.72 -33.98
N LEU D 220 25.06 4.52 -33.07
CA LEU D 220 24.91 4.27 -31.61
C LEU D 220 23.47 4.61 -31.18
N ALA D 221 22.73 5.41 -31.97
CA ALA D 221 21.37 5.88 -31.66
C ALA D 221 20.64 6.55 -32.84
N PHE D 222 21.11 6.50 -34.09
CA PHE D 222 20.40 7.14 -35.24
C PHE D 222 20.41 6.25 -36.50
N THR D 223 19.83 5.06 -36.41
CA THR D 223 19.90 4.03 -37.50
C THR D 223 18.68 4.14 -38.41
N GLU D 224 17.95 5.25 -38.37
CA GLU D 224 16.67 5.38 -39.10
C GLU D 224 17.05 5.45 -40.57
N ASP D 225 16.05 5.35 -41.46
CA ASP D 225 16.20 5.54 -42.93
C ASP D 225 15.62 6.90 -43.27
N VAL D 226 16.43 7.96 -43.16
CA VAL D 226 16.05 9.40 -43.24
C VAL D 226 15.35 9.75 -44.56
N LEU D 227 15.86 9.24 -45.67
CA LEU D 227 15.35 9.65 -47.01
C LEU D 227 13.96 9.02 -47.20
N ALA D 228 13.78 7.77 -46.77
CA ALA D 228 12.45 7.11 -46.84
C ALA D 228 11.44 7.97 -46.05
N ARG D 229 11.82 8.38 -44.83
CA ARG D 229 11.00 9.26 -43.95
C ARG D 229 10.65 10.54 -44.69
N TYR D 230 11.63 11.20 -45.32
CA TYR D 230 11.41 12.50 -45.98
C TYR D 230 10.53 12.30 -47.21
N ARG D 231 10.70 11.19 -47.94
CA ARG D 231 9.78 10.79 -49.05
C ARG D 231 8.36 10.69 -48.47
N ALA D 232 8.22 10.03 -47.32
CA ALA D 232 6.94 9.96 -46.55
C ALA D 232 6.29 11.35 -46.36
N TYR D 233 7.05 12.42 -46.03
CA TYR D 233 6.49 13.79 -45.81
C TYR D 233 5.94 14.46 -47.07
N GLY D 234 6.10 13.87 -48.26
CA GLY D 234 5.85 14.54 -49.55
C GLY D 234 7.09 15.28 -50.08
N TRP D 235 8.30 14.79 -49.74
CA TRP D 235 9.58 15.44 -50.16
C TRP D 235 10.19 14.67 -51.34
N GLN D 236 11.01 15.33 -52.16
CA GLN D 236 12.07 14.65 -52.97
C GLN D 236 13.28 14.42 -52.07
N THR D 237 13.91 13.25 -52.19
CA THR D 237 15.23 12.97 -51.55
C THR D 237 16.23 12.66 -52.66
N LEU D 238 17.35 13.38 -52.68
CA LEU D 238 18.47 13.11 -53.61
C LEU D 238 19.70 12.75 -52.79
N ARG D 239 20.63 12.05 -53.42
CA ARG D 239 21.84 11.49 -52.78
C ARG D 239 23.04 11.97 -53.60
N VAL D 240 24.19 12.15 -52.95
CA VAL D 240 25.47 12.63 -53.55
C VAL D 240 26.61 12.09 -52.67
N GLU D 241 27.41 11.16 -53.18
CA GLU D 241 28.15 10.15 -52.36
C GLU D 241 29.51 10.68 -51.87
N ASP D 242 29.91 11.87 -52.32
CA ASP D 242 31.07 12.60 -51.76
C ASP D 242 30.98 14.10 -52.13
N VAL D 243 31.14 14.96 -51.12
CA VAL D 243 30.94 16.44 -51.17
C VAL D 243 31.96 17.07 -52.13
N ASN D 244 33.21 16.57 -52.11
CA ASN D 244 34.35 17.07 -52.91
C ASN D 244 33.98 17.04 -54.40
N ASP D 245 33.17 16.05 -54.79
CA ASP D 245 32.57 15.89 -56.15
C ASP D 245 31.57 17.02 -56.40
N LEU D 246 32.08 18.21 -56.71
CA LEU D 246 31.31 19.46 -56.95
C LEU D 246 30.27 19.23 -58.03
N GLU D 247 30.50 18.26 -58.94
CA GLU D 247 29.67 18.11 -60.17
C GLU D 247 28.31 17.52 -59.75
N ALA D 248 28.34 16.48 -58.89
CA ALA D 248 27.14 15.83 -58.29
C ALA D 248 26.26 16.88 -57.56
N LEU D 249 26.90 17.82 -56.83
CA LEU D 249 26.21 18.89 -56.05
C LEU D 249 25.42 19.81 -57.01
N ARG D 250 26.01 20.25 -58.12
CA ARG D 250 25.41 21.22 -59.07
C ARG D 250 24.21 20.55 -59.74
N LYS D 251 24.35 19.25 -60.04
CA LYS D 251 23.32 18.40 -60.67
C LYS D 251 22.10 18.42 -59.76
N ALA D 252 22.25 17.81 -58.57
CA ALA D 252 21.23 17.69 -57.52
C ALA D 252 20.32 18.94 -57.49
N ILE D 253 20.91 20.14 -57.58
CA ILE D 253 20.20 21.44 -57.41
C ILE D 253 19.47 21.81 -58.71
N LYS D 254 19.96 21.35 -59.86
CA LYS D 254 19.19 21.44 -61.13
C LYS D 254 17.88 20.67 -60.96
N LEU D 255 17.94 19.46 -60.38
CA LEU D 255 16.79 18.53 -60.23
C LEU D 255 15.86 19.08 -59.14
N ALA D 256 16.44 19.39 -57.98
CA ALA D 256 15.77 19.98 -56.79
C ALA D 256 14.88 21.17 -57.17
N LYS D 257 15.36 22.06 -58.05
CA LYS D 257 14.75 23.38 -58.42
C LYS D 257 13.56 23.19 -59.37
N LEU D 258 13.55 22.09 -60.14
CA LEU D 258 12.49 21.78 -61.14
C LEU D 258 11.36 21.03 -60.44
N ASP D 259 11.72 20.29 -59.40
CA ASP D 259 10.85 19.42 -58.55
C ASP D 259 9.90 20.31 -57.73
N GLU D 260 8.58 20.18 -57.92
CA GLU D 260 7.56 21.10 -57.31
C GLU D 260 7.31 20.74 -55.82
N ARG D 261 8.30 20.15 -55.14
CA ARG D 261 8.29 19.75 -53.70
C ARG D 261 9.53 20.31 -53.00
N PRO D 262 9.54 20.44 -51.65
CA PRO D 262 10.78 20.67 -50.94
C PRO D 262 11.71 19.57 -51.45
N THR D 263 13.02 19.72 -51.25
CA THR D 263 14.01 18.68 -51.57
C THR D 263 15.01 18.56 -50.41
N LEU D 264 15.31 17.34 -49.99
CA LEU D 264 16.38 17.04 -49.01
C LEU D 264 17.50 16.30 -49.74
N ILE D 265 18.67 16.93 -49.90
CA ILE D 265 19.84 16.35 -50.63
C ILE D 265 20.87 15.84 -49.62
N ALA D 266 21.01 14.52 -49.51
CA ALA D 266 21.82 13.82 -48.49
C ALA D 266 23.27 13.79 -48.95
N VAL D 267 23.94 14.93 -48.79
CA VAL D 267 25.33 15.11 -49.23
C VAL D 267 26.23 14.40 -48.20
N ARG D 268 26.84 13.30 -48.64
CA ARG D 268 27.90 12.59 -47.88
C ARG D 268 29.12 13.53 -47.84
N SER D 269 29.93 13.38 -46.79
CA SER D 269 31.02 14.30 -46.43
C SER D 269 31.75 13.66 -45.24
N HIS D 270 33.02 13.99 -45.03
CA HIS D 270 33.80 13.47 -43.88
C HIS D 270 33.97 14.60 -42.86
N ILE D 271 33.64 14.34 -41.59
CA ILE D 271 34.13 15.14 -40.43
C ILE D 271 35.63 14.82 -40.32
N GLY D 272 36.43 15.79 -39.87
CA GLY D 272 37.89 15.66 -39.60
C GLY D 272 38.71 15.53 -40.87
N PHE D 273 38.35 16.32 -41.91
CA PHE D 273 38.67 16.17 -43.35
C PHE D 273 40.14 16.51 -43.68
N GLY D 274 40.99 15.48 -43.79
CA GLY D 274 42.42 15.61 -44.08
C GLY D 274 43.27 15.35 -42.85
N SER D 275 42.73 15.54 -41.64
CA SER D 275 43.44 15.42 -40.35
C SER D 275 43.61 13.95 -39.97
N PRO D 276 44.49 13.61 -38.98
CA PRO D 276 44.51 12.28 -38.34
C PRO D 276 43.37 12.02 -37.33
N LYS D 277 42.25 12.71 -37.50
CA LYS D 277 41.04 12.60 -36.65
C LYS D 277 39.81 12.38 -37.52
N GLN D 278 39.97 11.85 -38.75
CA GLN D 278 38.87 11.86 -39.75
C GLN D 278 37.79 10.83 -39.36
N ASP D 279 36.51 11.21 -39.56
CA ASP D 279 35.25 10.58 -39.07
C ASP D 279 35.53 10.08 -37.63
N SER D 280 35.97 10.98 -36.76
CA SER D 280 36.19 10.73 -35.31
C SER D 280 35.43 11.79 -34.50
N ALA D 281 34.57 11.34 -33.58
CA ALA D 281 33.92 12.17 -32.53
C ALA D 281 34.87 13.31 -32.12
N LYS D 282 36.13 12.97 -31.79
CA LYS D 282 37.19 13.89 -31.27
C LYS D 282 37.51 15.04 -32.25
N ALA D 283 36.89 15.07 -33.44
CA ALA D 283 37.08 16.12 -34.46
C ALA D 283 35.85 17.02 -34.55
N HIS D 284 34.87 16.82 -33.66
CA HIS D 284 33.58 17.56 -33.69
C HIS D 284 33.74 18.95 -33.05
N GLY D 285 33.96 19.01 -31.73
CA GLY D 285 33.81 20.23 -30.91
C GLY D 285 35.01 20.48 -30.02
N GLU D 286 36.21 20.44 -30.59
CA GLU D 286 37.48 20.87 -29.94
C GLU D 286 38.45 21.32 -31.02
N PRO D 287 39.50 22.08 -30.66
CA PRO D 287 40.57 22.41 -31.61
C PRO D 287 41.16 21.12 -32.22
N LEU D 288 41.72 21.19 -33.44
CA LEU D 288 42.45 20.04 -34.05
C LEU D 288 43.73 19.73 -33.24
N GLY D 289 44.63 20.71 -33.07
CA GLY D 289 45.81 20.58 -32.20
C GLY D 289 47.10 21.02 -32.89
N PRO D 290 48.28 20.50 -32.46
CA PRO D 290 49.55 20.80 -33.14
C PRO D 290 49.72 19.87 -34.35
N GLU D 291 50.26 18.66 -34.12
CA GLU D 291 50.44 17.59 -35.13
C GLU D 291 49.25 17.61 -36.10
N ALA D 292 48.03 17.56 -35.53
CA ALA D 292 46.74 17.40 -36.24
C ALA D 292 46.51 18.57 -37.21
N VAL D 293 47.02 19.76 -36.89
CA VAL D 293 46.87 20.96 -37.77
C VAL D 293 47.93 20.89 -38.87
N GLU D 294 49.11 20.33 -38.53
CA GLU D 294 50.28 20.22 -39.44
C GLU D 294 50.01 19.12 -40.47
N ALA D 295 49.73 17.89 -40.01
CA ALA D 295 49.39 16.73 -40.87
C ALA D 295 48.31 17.11 -41.89
N THR D 296 47.40 18.03 -41.52
CA THR D 296 46.26 18.54 -42.36
C THR D 296 46.79 19.42 -43.51
N ARG D 297 47.68 20.35 -43.15
CA ARG D 297 48.42 21.28 -44.04
C ARG D 297 49.22 20.47 -45.06
N ARG D 298 49.92 19.41 -44.61
CA ARG D 298 50.60 18.41 -45.47
C ARG D 298 49.55 17.75 -46.40
N ASN D 299 48.77 16.79 -45.89
CA ASN D 299 47.75 16.00 -46.65
C ASN D 299 47.20 16.78 -47.85
N LEU D 300 46.61 17.95 -47.63
CA LEU D 300 45.91 18.76 -48.67
C LEU D 300 46.91 19.65 -49.42
N GLY D 301 48.10 19.86 -48.86
CA GLY D 301 49.13 20.77 -49.38
C GLY D 301 48.64 22.20 -49.33
N TRP D 302 48.56 22.77 -48.12
CA TRP D 302 48.30 24.20 -47.84
C TRP D 302 49.48 24.79 -47.06
N PRO D 303 50.50 25.39 -47.73
CA PRO D 303 51.70 25.86 -47.05
C PRO D 303 51.54 27.20 -46.28
N TYR D 304 50.42 27.90 -46.49
CA TYR D 304 50.13 29.29 -46.02
C TYR D 304 49.80 29.29 -44.53
N PRO D 305 50.37 30.22 -43.75
CA PRO D 305 50.12 30.27 -42.31
C PRO D 305 48.74 30.85 -41.98
N PRO D 306 48.30 30.78 -40.69
CA PRO D 306 46.97 31.23 -40.29
C PRO D 306 46.45 32.53 -40.94
N PHE D 307 45.36 32.45 -41.72
CA PHE D 307 44.53 33.59 -42.21
C PHE D 307 45.06 34.16 -43.53
N VAL D 308 46.20 33.63 -44.00
CA VAL D 308 46.78 33.92 -45.35
C VAL D 308 45.86 33.33 -46.43
N VAL D 309 45.41 34.17 -47.36
CA VAL D 309 44.50 33.75 -48.47
C VAL D 309 44.99 34.36 -49.80
N PRO D 310 45.67 33.55 -50.66
CA PRO D 310 46.08 34.00 -52.01
C PRO D 310 45.06 34.89 -52.71
N GLU D 311 45.47 36.09 -53.13
CA GLU D 311 44.53 37.21 -53.43
C GLU D 311 43.63 36.83 -54.61
N GLU D 312 44.11 35.96 -55.51
CA GLU D 312 43.31 35.51 -56.68
C GLU D 312 42.03 34.83 -56.20
N VAL D 313 42.04 34.30 -54.97
CA VAL D 313 40.86 33.68 -54.29
C VAL D 313 39.81 34.76 -54.02
N TYR D 314 40.22 35.96 -53.60
CA TYR D 314 39.30 37.11 -53.37
C TYR D 314 38.78 37.66 -54.70
N ARG D 315 39.51 37.48 -55.81
CA ARG D 315 39.07 37.91 -57.18
C ARG D 315 38.08 36.86 -57.71
N HIS D 316 38.46 35.57 -57.59
CA HIS D 316 37.63 34.37 -57.89
C HIS D 316 36.29 34.50 -57.15
N MET D 317 36.35 34.71 -55.83
CA MET D 317 35.21 34.53 -54.89
C MET D 317 34.42 35.85 -54.72
N ASP D 318 34.95 37.01 -55.14
CA ASP D 318 34.31 38.32 -54.85
C ASP D 318 33.06 38.47 -55.71
N MET D 319 31.97 38.98 -55.13
CA MET D 319 30.61 39.00 -55.73
C MET D 319 29.94 40.39 -55.62
N ARG D 320 30.72 41.45 -55.33
CA ARG D 320 30.22 42.86 -55.21
C ARG D 320 29.52 43.31 -56.51
N GLU D 321 30.10 43.03 -57.68
CA GLU D 321 29.59 43.50 -59.00
C GLU D 321 28.40 42.65 -59.44
N LYS D 322 28.56 41.32 -59.42
CA LYS D 322 27.44 40.37 -59.57
C LYS D 322 26.33 40.89 -58.65
N GLY D 323 26.70 41.11 -57.37
CA GLY D 323 25.97 41.92 -56.38
C GLY D 323 24.97 42.88 -56.97
N ARG D 324 25.39 44.07 -57.40
CA ARG D 324 24.49 45.18 -57.80
C ARG D 324 23.76 44.81 -59.10
N ALA D 325 24.38 43.99 -59.96
CA ALA D 325 23.76 43.50 -61.21
C ALA D 325 22.36 43.03 -60.86
N TRP D 326 22.31 41.95 -60.07
CA TRP D 326 21.09 41.24 -59.63
C TRP D 326 20.16 42.21 -58.88
N GLN D 327 20.69 43.12 -58.06
CA GLN D 327 19.85 44.10 -57.32
C GLN D 327 19.34 45.19 -58.28
N GLU D 328 20.24 45.91 -58.97
CA GLU D 328 19.85 46.92 -59.98
C GLU D 328 18.76 46.30 -60.87
N ALA D 329 19.05 45.13 -61.47
CA ALA D 329 18.08 44.37 -62.28
C ALA D 329 16.73 44.34 -61.55
N TRP D 330 16.72 43.95 -60.26
CA TRP D 330 15.51 43.84 -59.42
C TRP D 330 14.86 45.23 -59.26
N GLU D 331 15.66 46.27 -59.01
CA GLU D 331 15.15 47.64 -58.72
C GLU D 331 14.51 48.21 -60.00
N LYS D 332 15.04 47.84 -61.17
CA LYS D 332 14.53 48.22 -62.51
C LYS D 332 13.09 47.65 -62.68
N ALA D 333 12.90 46.36 -62.34
CA ALA D 333 11.62 45.63 -62.50
C ALA D 333 10.54 46.20 -61.58
N LEU D 334 10.95 46.94 -60.53
CA LEU D 334 10.05 47.62 -59.54
C LEU D 334 9.56 48.97 -60.07
N GLU D 335 10.35 49.62 -60.96
CA GLU D 335 10.03 50.97 -61.48
C GLU D 335 8.74 50.88 -62.33
N ALA D 336 8.75 49.98 -63.33
CA ALA D 336 7.64 49.77 -64.29
C ALA D 336 6.39 49.33 -63.53
N TYR D 337 6.58 48.44 -62.54
CA TYR D 337 5.52 47.91 -61.64
C TYR D 337 4.76 49.10 -61.02
N ALA D 338 5.49 50.09 -60.49
CA ALA D 338 4.91 51.30 -59.85
C ALA D 338 3.92 51.97 -60.82
N ARG D 339 4.38 52.33 -62.02
CA ARG D 339 3.56 53.01 -63.07
C ARG D 339 2.46 52.05 -63.57
N ALA D 340 2.76 50.75 -63.70
CA ALA D 340 1.89 49.69 -64.29
C ALA D 340 0.75 49.30 -63.32
N TYR D 341 1.10 48.94 -62.08
CA TYR D 341 0.16 48.61 -60.98
C TYR D 341 0.50 49.47 -59.76
N PRO D 342 -0.21 50.61 -59.54
CA PRO D 342 0.28 51.66 -58.65
C PRO D 342 0.06 51.42 -57.15
N ASP D 343 -1.20 51.21 -56.75
CA ASP D 343 -1.62 51.05 -55.32
C ASP D 343 -1.03 49.75 -54.75
N LEU D 344 -0.68 48.78 -55.60
CA LEU D 344 -0.08 47.47 -55.20
C LEU D 344 1.44 47.62 -55.03
N HIS D 345 2.01 48.77 -55.41
CA HIS D 345 3.43 49.15 -55.21
C HIS D 345 3.57 50.06 -53.98
N GLN D 346 2.57 50.91 -53.75
CA GLN D 346 2.47 51.78 -52.55
C GLN D 346 2.18 50.92 -51.32
N GLU D 347 1.67 49.70 -51.53
CA GLU D 347 1.40 48.68 -50.47
C GLU D 347 2.65 47.81 -50.26
N LEU D 348 3.07 47.03 -51.25
CA LEU D 348 4.24 46.10 -51.15
C LEU D 348 5.47 46.82 -50.61
N MET D 349 5.60 48.13 -50.86
CA MET D 349 6.73 48.93 -50.33
C MET D 349 6.47 49.15 -48.83
N ARG D 350 5.29 49.67 -48.49
CA ARG D 350 4.80 49.81 -47.10
C ARG D 350 5.14 48.54 -46.30
N ARG D 351 4.64 47.40 -46.77
CA ARG D 351 4.77 46.08 -46.11
C ARG D 351 6.26 45.65 -46.06
N LEU D 352 7.07 45.97 -47.06
CA LEU D 352 8.49 45.50 -47.10
C LEU D 352 9.34 46.29 -46.11
N ARG D 353 8.91 47.50 -45.73
CA ARG D 353 9.62 48.37 -44.75
C ARG D 353 8.99 48.27 -43.34
N GLY D 354 7.96 47.45 -43.16
CA GLY D 354 7.34 47.15 -41.85
C GLY D 354 6.59 48.33 -41.24
N GLU D 355 6.10 49.25 -42.08
CA GLU D 355 5.27 50.41 -41.65
C GLU D 355 3.81 49.95 -41.58
N LEU D 356 3.18 50.14 -40.43
CA LEU D 356 1.75 49.79 -40.22
C LEU D 356 0.90 50.81 -40.95
N PRO D 357 -0.23 50.39 -41.57
CA PRO D 357 -1.33 51.30 -41.86
C PRO D 357 -1.81 52.00 -40.59
N PRO D 358 -2.60 53.09 -40.73
CA PRO D 358 -3.23 53.71 -39.57
C PRO D 358 -4.38 52.81 -39.10
N LEU D 359 -4.44 52.53 -37.80
CA LEU D 359 -5.35 51.52 -37.21
C LEU D 359 -6.30 52.23 -36.27
N PRO D 360 -7.56 51.72 -36.13
CA PRO D 360 -8.54 52.40 -35.29
C PRO D 360 -7.97 52.39 -33.86
N GLU D 361 -8.47 53.29 -33.01
CA GLU D 361 -8.28 53.22 -31.53
C GLU D 361 -9.69 53.27 -30.91
N GLU D 362 -10.65 52.63 -31.58
CA GLU D 362 -12.04 52.38 -31.13
C GLU D 362 -12.15 50.90 -30.78
N PRO D 363 -12.30 50.51 -29.50
CA PRO D 363 -12.44 49.10 -29.14
C PRO D 363 -13.88 48.67 -29.44
N PRO D 364 -14.10 47.68 -30.34
CA PRO D 364 -15.43 47.36 -30.86
C PRO D 364 -16.55 47.34 -29.82
N SER D 365 -17.78 47.11 -30.30
CA SER D 365 -19.06 47.14 -29.54
C SER D 365 -19.20 45.86 -28.72
N PHE D 366 -19.56 46.00 -27.43
CA PHE D 366 -19.63 44.90 -26.44
C PHE D 366 -20.66 45.20 -25.34
N ASP D 367 -21.83 44.55 -25.36
CA ASP D 367 -22.89 44.71 -24.31
C ASP D 367 -22.74 43.64 -23.22
N LYS D 368 -22.81 42.35 -23.57
CA LYS D 368 -22.84 41.24 -22.57
C LYS D 368 -21.42 40.81 -22.18
N PRO D 369 -21.26 40.04 -21.07
CA PRO D 369 -19.96 39.50 -20.68
C PRO D 369 -19.49 38.48 -21.74
N ILE D 370 -18.18 38.38 -21.90
CA ILE D 370 -17.49 37.65 -23.00
C ILE D 370 -16.08 37.28 -22.55
N ALA D 371 -15.64 36.06 -22.90
CA ALA D 371 -14.25 35.58 -22.78
C ALA D 371 -13.33 36.51 -23.59
N THR D 372 -12.11 36.77 -23.11
CA THR D 372 -11.12 37.61 -23.80
C THR D 372 -10.73 36.99 -25.14
N ARG D 373 -10.82 35.66 -25.28
CA ARG D 373 -10.52 34.94 -26.55
C ARG D 373 -11.57 35.32 -27.59
N ALA D 374 -12.84 35.40 -27.20
CA ALA D 374 -13.92 35.83 -28.11
C ALA D 374 -13.66 37.31 -28.46
N ALA D 375 -13.31 38.13 -27.45
CA ALA D 375 -13.05 39.59 -27.59
C ALA D 375 -11.81 39.81 -28.47
N SER D 376 -10.80 38.97 -28.29
CA SER D 376 -9.68 38.81 -29.25
C SER D 376 -10.31 38.65 -30.64
N GLY D 377 -11.10 37.58 -30.85
CA GLY D 377 -11.79 37.25 -32.10
C GLY D 377 -12.39 38.48 -32.79
N ARG D 378 -13.03 39.36 -32.01
CA ARG D 378 -13.75 40.57 -32.50
C ARG D 378 -12.74 41.64 -32.92
N ALA D 379 -11.79 41.96 -32.04
CA ALA D 379 -10.72 42.97 -32.29
C ALA D 379 -10.02 42.65 -33.61
N LEU D 380 -9.83 41.36 -33.91
CA LEU D 380 -9.19 40.90 -35.17
C LEU D 380 -10.12 41.23 -36.34
N ASN D 381 -11.41 40.94 -36.21
CA ASN D 381 -12.43 41.22 -37.26
C ASN D 381 -12.37 42.71 -37.65
N LEU D 382 -12.20 43.60 -36.66
CA LEU D 382 -12.06 45.07 -36.89
C LEU D 382 -10.67 45.39 -37.43
N LEU D 383 -9.67 44.53 -37.27
CA LEU D 383 -8.26 44.82 -37.68
C LEU D 383 -7.85 44.05 -38.93
N ALA D 384 -8.41 42.87 -39.20
CA ALA D 384 -8.10 42.04 -40.39
C ALA D 384 -8.27 42.84 -41.68
N PRO D 385 -9.43 43.49 -41.92
CA PRO D 385 -9.68 44.20 -43.17
C PRO D 385 -8.50 45.07 -43.64
N ARG D 386 -8.08 46.06 -42.83
CA ARG D 386 -7.07 47.10 -43.21
C ARG D 386 -5.67 46.70 -42.75
N LEU D 387 -5.41 45.40 -42.60
CA LEU D 387 -4.08 44.80 -42.31
C LEU D 387 -3.83 43.63 -43.26
N PRO D 388 -3.73 43.89 -44.58
CA PRO D 388 -3.55 42.81 -45.55
C PRO D 388 -2.23 42.03 -45.38
N GLU D 389 -1.30 42.49 -44.54
CA GLU D 389 -0.03 41.76 -44.24
C GLU D 389 -0.22 40.79 -43.05
N LEU D 390 -1.40 40.75 -42.43
CA LEU D 390 -1.67 39.98 -41.18
C LEU D 390 -2.11 38.54 -41.54
N LEU D 391 -1.31 37.55 -41.12
CA LEU D 391 -1.63 36.10 -41.21
C LEU D 391 -2.10 35.57 -39.84
N GLY D 392 -3.28 34.94 -39.81
CA GLY D 392 -3.81 34.19 -38.66
C GLY D 392 -3.42 32.71 -38.70
N GLY D 393 -3.64 32.01 -37.60
CA GLY D 393 -3.23 30.61 -37.43
C GLY D 393 -3.67 30.05 -36.09
N SER D 394 -3.90 28.75 -36.06
CA SER D 394 -4.06 27.93 -34.83
C SER D 394 -3.37 26.59 -35.12
N ALA D 395 -2.74 25.98 -34.11
CA ALA D 395 -2.25 24.59 -34.11
C ALA D 395 -3.40 23.61 -33.73
N ASP D 396 -4.46 23.61 -34.55
CA ASP D 396 -5.62 22.68 -34.52
C ASP D 396 -6.56 23.05 -33.37
N LEU D 397 -6.67 24.35 -33.12
CA LEU D 397 -7.52 24.90 -32.05
C LEU D 397 -8.21 26.14 -32.60
N THR D 398 -8.36 26.20 -33.92
CA THR D 398 -8.99 27.33 -34.64
C THR D 398 -10.33 27.66 -33.97
N PRO D 399 -11.22 26.68 -33.68
CA PRO D 399 -12.54 27.00 -33.11
C PRO D 399 -12.41 27.63 -31.72
N SER D 400 -11.41 27.21 -30.95
CA SER D 400 -11.27 27.50 -29.50
C SER D 400 -10.38 28.71 -29.24
N ASN D 401 -9.61 29.14 -30.23
CA ASN D 401 -8.58 30.20 -30.13
C ASN D 401 -9.12 31.54 -30.66
N ASN D 402 -10.24 31.53 -31.40
CA ASN D 402 -10.82 32.71 -32.12
C ASN D 402 -9.70 33.43 -32.88
N THR D 403 -8.98 32.70 -33.74
CA THR D 403 -7.80 33.19 -34.49
C THR D 403 -8.13 33.40 -35.98
N LYS D 404 -9.18 32.78 -36.51
CA LYS D 404 -9.64 33.05 -37.90
C LYS D 404 -10.53 34.29 -37.86
N ALA D 405 -9.96 35.44 -38.25
CA ALA D 405 -10.70 36.71 -38.43
C ALA D 405 -11.67 36.56 -39.61
N GLU D 406 -12.86 37.19 -39.53
CA GLU D 406 -13.87 37.16 -40.62
C GLU D 406 -13.23 37.75 -41.88
N GLY D 407 -13.50 37.14 -43.04
CA GLY D 407 -12.99 37.59 -44.34
C GLY D 407 -11.67 36.94 -44.66
N MET D 408 -11.06 36.25 -43.69
CA MET D 408 -9.87 35.39 -43.94
C MET D 408 -10.34 34.07 -44.58
N GLU D 409 -9.49 33.44 -45.39
CA GLU D 409 -9.72 32.07 -45.90
C GLU D 409 -8.46 31.24 -45.70
N ASP D 410 -8.61 29.91 -45.74
CA ASP D 410 -7.51 28.91 -45.55
C ASP D 410 -6.49 29.16 -46.66
N PHE D 411 -5.20 29.22 -46.29
CA PHE D 411 -4.07 29.01 -47.21
C PHE D 411 -4.00 27.51 -47.53
N SER D 412 -3.68 27.18 -48.79
CA SER D 412 -3.40 25.80 -49.30
C SER D 412 -2.74 25.90 -50.66
N ARG D 413 -2.09 24.81 -51.11
CA ARG D 413 -1.52 24.68 -52.48
C ARG D 413 -2.40 25.39 -53.51
N ALA D 414 -3.72 25.14 -53.45
CA ALA D 414 -4.75 25.50 -54.46
C ALA D 414 -5.29 26.94 -54.27
N ASN D 415 -5.17 27.52 -53.07
CA ASN D 415 -5.67 28.89 -52.74
C ASN D 415 -4.58 29.63 -51.98
N PRO D 416 -3.39 29.86 -52.57
CA PRO D 416 -2.23 30.35 -51.83
C PRO D 416 -2.32 31.83 -51.41
N LEU D 417 -3.31 32.57 -51.89
CA LEU D 417 -3.70 33.91 -51.35
C LEU D 417 -4.03 33.80 -49.85
N GLY D 418 -4.77 32.74 -49.49
CA GLY D 418 -5.42 32.48 -48.18
C GLY D 418 -4.59 32.91 -46.98
N ARG D 419 -5.20 33.70 -46.09
CA ARG D 419 -4.48 34.47 -45.04
C ARG D 419 -4.48 33.73 -43.69
N TYR D 420 -5.20 32.60 -43.56
CA TYR D 420 -5.21 31.77 -42.33
C TYR D 420 -4.45 30.46 -42.58
N LEU D 421 -3.76 29.96 -41.54
CA LEU D 421 -2.79 28.81 -41.58
C LEU D 421 -3.16 27.75 -40.52
N HIS D 422 -3.70 26.61 -40.95
CA HIS D 422 -3.90 25.42 -40.09
C HIS D 422 -2.53 24.75 -40.01
N PHE D 423 -1.97 24.68 -38.80
CA PHE D 423 -0.62 24.14 -38.51
C PHE D 423 -0.69 22.67 -38.10
N GLY D 424 -1.92 22.19 -37.85
CA GLY D 424 -2.20 20.92 -37.16
C GLY D 424 -1.61 20.95 -35.78
N VAL D 425 -1.31 19.78 -35.21
CA VAL D 425 -0.88 19.63 -33.80
C VAL D 425 0.64 19.61 -33.75
N ARG D 426 1.19 20.75 -34.18
CA ARG D 426 2.64 21.00 -34.37
C ARG D 426 2.93 22.40 -33.82
N GLU D 427 3.04 22.55 -32.49
CA GLU D 427 3.18 23.90 -31.86
C GLU D 427 4.55 24.46 -32.24
N HIS D 428 5.55 23.61 -32.12
CA HIS D 428 6.99 23.92 -32.26
C HIS D 428 7.17 24.48 -33.68
N ALA D 429 6.85 23.66 -34.68
CA ALA D 429 6.82 24.09 -36.09
C ALA D 429 6.05 25.41 -36.22
N MET D 430 4.88 25.56 -35.61
CA MET D 430 4.08 26.81 -35.73
C MET D 430 4.96 27.99 -35.32
N GLY D 431 5.69 27.84 -34.23
CA GLY D 431 6.56 28.91 -33.68
C GLY D 431 7.58 29.33 -34.70
N ALA D 432 8.44 28.39 -35.08
CA ALA D 432 9.57 28.53 -36.02
C ALA D 432 9.08 29.05 -37.38
N ILE D 433 7.88 28.64 -37.80
CA ILE D 433 7.27 29.05 -39.10
C ILE D 433 6.69 30.46 -38.97
N LEU D 434 6.14 30.82 -37.79
CA LEU D 434 5.66 32.20 -37.51
C LEU D 434 6.90 33.10 -37.54
N ASN D 435 7.98 32.65 -36.91
CA ASN D 435 9.29 33.34 -36.96
C ASN D 435 9.62 33.58 -38.42
N GLY D 436 9.91 32.50 -39.16
CA GLY D 436 10.18 32.51 -40.61
C GLY D 436 9.36 33.59 -41.32
N LEU D 437 8.05 33.58 -41.13
CA LEU D 437 7.09 34.49 -41.81
C LEU D 437 7.37 35.95 -41.45
N ASN D 438 7.94 36.17 -40.25
CA ASN D 438 8.18 37.52 -39.67
C ASN D 438 9.61 37.97 -40.03
N LEU D 439 10.60 37.06 -40.05
CA LEU D 439 12.00 37.32 -40.51
C LEU D 439 12.05 37.78 -41.98
N HIS D 440 11.04 37.45 -42.79
CA HIS D 440 11.10 37.61 -44.26
C HIS D 440 10.79 39.04 -44.66
N GLY D 441 9.71 39.62 -44.13
CA GLY D 441 9.19 40.92 -44.57
C GLY D 441 8.07 40.71 -45.56
N GLY D 442 7.12 41.65 -45.59
CA GLY D 442 5.83 41.54 -46.29
C GLY D 442 4.70 41.27 -45.30
N TYR D 443 4.99 40.46 -44.26
CA TYR D 443 3.96 39.81 -43.42
C TYR D 443 4.14 40.16 -41.94
N ARG D 444 3.03 40.37 -41.24
CA ARG D 444 2.96 40.23 -39.76
C ARG D 444 1.99 39.10 -39.41
N ALA D 445 2.46 38.09 -38.68
CA ALA D 445 1.77 36.79 -38.52
C ALA D 445 1.80 36.32 -37.05
N TYR D 446 0.62 35.84 -36.60
CA TYR D 446 0.30 35.31 -35.25
C TYR D 446 -0.36 33.93 -35.36
N GLY D 447 -0.04 33.04 -34.44
CA GLY D 447 -0.66 31.71 -34.30
C GLY D 447 -1.07 31.42 -32.87
N GLY D 448 -2.21 30.74 -32.70
CA GLY D 448 -2.79 30.31 -31.42
C GLY D 448 -2.47 28.86 -31.05
N THR D 449 -2.29 28.61 -29.74
CA THR D 449 -2.55 27.32 -29.05
C THR D 449 -3.18 27.66 -27.69
N PHE D 450 -3.23 26.68 -26.76
CA PHE D 450 -3.55 26.89 -25.33
C PHE D 450 -2.22 27.22 -24.68
N LEU D 451 -2.21 28.04 -23.64
CA LEU D 451 -0.98 28.54 -22.96
C LEU D 451 -0.11 27.38 -22.48
N VAL D 452 -0.75 26.29 -22.04
CA VAL D 452 -0.03 25.12 -21.46
C VAL D 452 0.89 24.54 -22.56
N PHE D 453 0.46 24.57 -23.82
CA PHE D 453 1.18 24.00 -24.97
C PHE D 453 2.28 24.96 -25.43
N SER D 454 2.31 26.18 -24.88
CA SER D 454 3.50 27.06 -25.00
C SER D 454 4.76 26.22 -24.72
N ASP D 455 4.64 25.26 -23.79
CA ASP D 455 5.71 24.31 -23.35
C ASP D 455 6.27 23.53 -24.57
N TYR D 456 5.47 23.30 -25.62
CA TYR D 456 5.89 22.47 -26.79
C TYR D 456 6.86 23.27 -27.65
N MET D 457 6.66 24.59 -27.73
CA MET D 457 7.20 25.49 -28.77
C MET D 457 8.17 26.48 -28.15
N ARG D 458 8.69 26.16 -26.97
CA ARG D 458 9.46 27.07 -26.10
C ARG D 458 10.73 27.57 -26.79
N PRO D 459 11.51 26.71 -27.45
CA PRO D 459 12.84 27.11 -27.93
C PRO D 459 12.81 28.01 -29.19
N ALA D 460 11.66 28.12 -29.81
CA ALA D 460 11.37 29.08 -30.91
C ALA D 460 10.69 30.35 -30.36
N ILE D 461 10.12 30.29 -29.15
CA ILE D 461 9.72 31.53 -28.43
C ILE D 461 11.03 32.23 -28.04
N ARG D 462 11.97 31.47 -27.47
CA ARG D 462 13.28 32.02 -27.13
C ARG D 462 13.85 32.66 -28.42
N LEU D 463 13.92 31.90 -29.51
CA LEU D 463 14.58 32.37 -30.77
C LEU D 463 14.00 33.71 -31.22
N ALA D 464 12.69 33.93 -31.12
CA ALA D 464 12.01 35.21 -31.45
C ALA D 464 12.53 36.32 -30.50
N ALA D 465 12.51 36.06 -29.21
CA ALA D 465 13.10 36.92 -28.17
C ALA D 465 14.56 37.21 -28.52
N LEU D 466 15.36 36.22 -28.94
CA LEU D 466 16.82 36.41 -29.21
C LEU D 466 17.01 37.29 -30.44
N MET D 467 16.34 36.96 -31.55
CA MET D 467 16.60 37.55 -32.89
C MET D 467 15.98 38.95 -32.99
N GLY D 468 14.96 39.23 -32.18
CA GLY D 468 14.18 40.48 -32.18
C GLY D 468 12.99 40.42 -33.14
N VAL D 469 12.45 39.22 -33.35
CA VAL D 469 11.35 39.02 -34.34
C VAL D 469 10.04 39.21 -33.59
N PRO D 470 9.21 40.17 -34.00
CA PRO D 470 8.00 40.50 -33.27
C PRO D 470 6.87 39.50 -33.48
N THR D 471 7.11 38.19 -33.32
CA THR D 471 6.05 37.15 -33.44
C THR D 471 4.99 37.38 -32.35
N VAL D 472 3.72 37.27 -32.70
CA VAL D 472 2.57 37.39 -31.76
C VAL D 472 2.03 35.98 -31.50
N PHE D 473 2.38 35.39 -30.36
CA PHE D 473 1.86 34.09 -29.88
C PHE D 473 0.55 34.33 -29.12
N VAL D 474 -0.55 33.73 -29.56
CA VAL D 474 -1.89 33.84 -28.91
C VAL D 474 -2.12 32.58 -28.08
N PHE D 475 -2.35 32.74 -26.77
CA PHE D 475 -2.42 31.63 -25.82
C PHE D 475 -3.73 31.71 -25.04
N THR D 476 -4.76 30.97 -25.45
CA THR D 476 -6.07 30.97 -24.76
C THR D 476 -6.06 29.96 -23.61
N HIS D 477 -7.22 29.62 -23.06
CA HIS D 477 -7.36 28.73 -21.88
C HIS D 477 -6.19 28.99 -20.92
N ASP D 478 -6.04 30.23 -20.47
CA ASP D 478 -4.87 30.73 -19.70
C ASP D 478 -4.83 30.28 -18.23
N SER D 479 -5.80 29.56 -17.70
CA SER D 479 -5.75 29.17 -16.26
C SER D 479 -6.71 28.02 -15.91
N ILE D 480 -6.76 27.65 -14.63
CA ILE D 480 -7.68 26.61 -14.07
C ILE D 480 -9.13 26.94 -14.43
N ALA D 481 -9.43 28.21 -14.69
CA ALA D 481 -10.79 28.69 -15.08
C ALA D 481 -11.28 28.01 -16.37
N LEU D 482 -10.39 27.36 -17.13
CA LEU D 482 -10.78 26.71 -18.43
C LEU D 482 -11.69 25.52 -18.13
N GLY D 483 -11.57 24.93 -16.96
CA GLY D 483 -12.59 24.01 -16.41
C GLY D 483 -12.20 22.55 -16.61
N GLU D 484 -13.10 21.82 -17.29
CA GLU D 484 -13.24 20.34 -17.20
C GLU D 484 -12.04 19.60 -17.81
N ASP D 485 -11.28 20.22 -18.73
CA ASP D 485 -10.11 19.58 -19.36
C ASP D 485 -9.09 19.17 -18.28
N GLY D 486 -8.89 19.99 -17.24
CA GLY D 486 -8.16 19.58 -16.03
C GLY D 486 -6.65 19.84 -16.06
N PRO D 487 -5.90 19.22 -15.13
CA PRO D 487 -4.56 19.66 -14.79
C PRO D 487 -3.51 19.61 -15.92
N THR D 488 -3.73 18.80 -16.95
CA THR D 488 -2.77 18.68 -18.06
C THR D 488 -2.95 19.87 -19.02
N HIS D 489 -4.11 20.51 -19.03
CA HIS D 489 -4.45 21.62 -19.95
C HIS D 489 -4.36 22.97 -19.20
N GLN D 490 -4.22 22.92 -17.87
CA GLN D 490 -4.34 24.09 -16.99
C GLN D 490 -2.97 24.71 -16.74
N PRO D 491 -2.71 25.94 -17.23
CA PRO D 491 -1.49 26.67 -16.90
C PRO D 491 -1.29 26.86 -15.40
N VAL D 492 -0.04 26.89 -14.97
CA VAL D 492 0.33 27.27 -13.58
C VAL D 492 1.62 28.10 -13.66
N GLU D 493 2.74 27.46 -14.05
CA GLU D 493 4.12 28.07 -14.08
C GLU D 493 4.31 28.97 -15.31
N HIS D 494 3.41 28.90 -16.29
CA HIS D 494 3.55 29.43 -17.68
C HIS D 494 3.79 30.95 -17.70
N LEU D 495 2.93 31.71 -17.01
CA LEU D 495 3.02 33.19 -16.97
C LEU D 495 4.42 33.63 -16.53
N MET D 496 4.92 33.11 -15.42
CA MET D 496 6.24 33.52 -14.91
C MET D 496 7.36 32.91 -15.75
N SER D 497 7.21 31.68 -16.24
CA SER D 497 8.26 31.04 -17.06
C SER D 497 8.49 31.90 -18.31
N LEU D 498 7.43 32.49 -18.86
CA LEU D 498 7.54 33.39 -20.04
C LEU D 498 8.06 34.79 -19.60
N ARG D 499 7.45 35.41 -18.59
CA ARG D 499 7.90 36.72 -18.02
C ARG D 499 9.41 36.71 -17.75
N ALA D 500 10.01 35.61 -17.33
CA ALA D 500 11.45 35.55 -17.01
C ALA D 500 12.33 35.61 -18.28
N MET D 501 11.72 35.50 -19.48
CA MET D 501 12.49 35.46 -20.76
C MET D 501 12.76 36.89 -21.21
N PRO D 502 14.03 37.31 -21.39
CA PRO D 502 14.34 38.58 -22.02
C PRO D 502 13.65 38.83 -23.37
N ASN D 503 13.21 40.06 -23.59
CA ASN D 503 12.59 40.57 -24.84
C ASN D 503 11.34 39.74 -25.18
N LEU D 504 10.51 39.43 -24.18
CA LEU D 504 9.15 38.88 -24.39
C LEU D 504 8.17 39.73 -23.57
N PHE D 505 7.24 40.39 -24.25
CA PHE D 505 6.05 41.02 -23.63
C PHE D 505 5.02 39.91 -23.36
N VAL D 506 4.52 39.87 -22.14
CA VAL D 506 3.43 38.96 -21.72
C VAL D 506 2.24 39.84 -21.30
N ILE D 507 1.20 39.87 -22.13
CA ILE D 507 0.03 40.75 -21.92
C ILE D 507 -1.18 39.90 -21.56
N ARG D 508 -1.86 40.22 -20.46
CA ARG D 508 -3.01 39.43 -19.93
C ARG D 508 -4.21 40.36 -19.79
N PRO D 509 -4.89 40.70 -20.91
CA PRO D 509 -6.04 41.60 -20.89
C PRO D 509 -7.07 41.16 -19.84
N ALA D 510 -7.44 42.10 -18.97
CA ALA D 510 -8.50 41.94 -17.94
C ALA D 510 -9.86 41.63 -18.58
N ASP D 511 -10.15 42.18 -19.77
CA ASP D 511 -11.52 42.21 -20.32
C ASP D 511 -11.47 42.46 -21.82
N ALA D 512 -12.64 42.46 -22.46
CA ALA D 512 -12.82 42.56 -23.93
C ALA D 512 -12.22 43.87 -24.49
N TYR D 513 -12.32 45.00 -23.74
CA TYR D 513 -11.80 46.33 -24.12
C TYR D 513 -10.28 46.36 -23.89
N GLU D 514 -9.79 45.92 -22.73
CA GLU D 514 -8.33 45.74 -22.50
C GLU D 514 -7.72 44.87 -23.63
N THR D 515 -8.44 43.82 -24.07
CA THR D 515 -8.00 42.89 -25.16
C THR D 515 -7.75 43.64 -26.46
N PHE D 516 -8.62 44.58 -26.83
CA PHE D 516 -8.40 45.45 -28.01
C PHE D 516 -7.01 46.11 -27.90
N TYR D 517 -6.79 46.92 -26.87
CA TYR D 517 -5.54 47.70 -26.69
C TYR D 517 -4.32 46.75 -26.64
N ALA D 518 -4.49 45.54 -26.09
CA ALA D 518 -3.45 44.47 -26.04
C ALA D 518 -2.91 44.17 -27.45
N TRP D 519 -3.81 43.82 -28.36
CA TRP D 519 -3.54 43.59 -29.81
C TRP D 519 -2.83 44.81 -30.39
N LEU D 520 -3.30 46.03 -30.05
CA LEU D 520 -2.66 47.30 -30.46
C LEU D 520 -1.20 47.32 -29.96
N VAL D 521 -0.95 47.09 -28.66
CA VAL D 521 0.44 47.05 -28.15
C VAL D 521 1.23 46.08 -29.00
N ALA D 522 0.70 44.88 -29.16
CA ALA D 522 1.39 43.73 -29.80
C ALA D 522 1.88 44.13 -31.21
N LEU D 523 0.96 44.67 -32.01
CA LEU D 523 1.22 45.09 -33.42
C LEU D 523 2.27 46.22 -33.44
N ARG D 524 2.09 47.25 -32.61
CA ARG D 524 2.97 48.45 -32.55
C ARG D 524 4.36 48.10 -31.99
N ARG D 525 4.52 46.96 -31.30
CA ARG D 525 5.84 46.49 -30.77
C ARG D 525 6.60 45.74 -31.87
N LYS D 526 7.83 46.15 -32.20
CA LYS D 526 8.66 45.51 -33.25
C LYS D 526 9.94 44.94 -32.65
N GLU D 527 10.29 45.29 -31.40
CA GLU D 527 11.63 44.97 -30.80
C GLU D 527 11.76 43.45 -30.58
N GLY D 528 10.63 42.75 -30.45
CA GLY D 528 10.60 41.29 -30.25
C GLY D 528 9.19 40.74 -30.06
N PRO D 529 9.07 39.44 -29.69
CA PRO D 529 7.76 38.80 -29.62
C PRO D 529 6.88 39.27 -28.44
N THR D 530 5.58 39.06 -28.62
CA THR D 530 4.51 39.39 -27.66
C THR D 530 3.62 38.15 -27.51
N ALA D 531 3.46 37.63 -26.29
CA ALA D 531 2.43 36.63 -25.96
C ALA D 531 1.15 37.33 -25.45
N LEU D 532 0.00 37.13 -26.13
CA LEU D 532 -1.33 37.63 -25.70
C LEU D 532 -2.03 36.47 -24.98
N VAL D 533 -2.24 36.59 -23.68
CA VAL D 533 -2.78 35.50 -22.81
C VAL D 533 -4.27 35.75 -22.53
N LEU D 534 -5.16 34.91 -23.07
CA LEU D 534 -6.65 35.09 -23.12
C LEU D 534 -7.39 33.98 -22.35
N THR D 535 -8.66 34.22 -22.00
CA THR D 535 -9.47 33.32 -21.14
C THR D 535 -10.30 32.40 -22.04
N ARG D 536 -10.67 31.23 -21.53
CA ARG D 536 -11.72 30.37 -22.14
C ARG D 536 -13.09 30.89 -21.66
N GLN D 537 -13.28 30.94 -20.34
CA GLN D 537 -14.53 31.33 -19.66
C GLN D 537 -14.76 32.83 -19.90
N ALA D 538 -16.03 33.26 -19.76
CA ALA D 538 -16.52 34.64 -19.96
C ALA D 538 -16.12 35.49 -18.77
N VAL D 539 -15.64 36.73 -18.99
CA VAL D 539 -15.36 37.70 -17.90
C VAL D 539 -16.27 38.92 -18.05
N PRO D 540 -16.54 39.65 -16.93
CA PRO D 540 -17.32 40.90 -16.99
C PRO D 540 -16.60 42.00 -17.78
N LEU D 541 -17.36 42.94 -18.34
CA LEU D 541 -16.84 44.11 -19.12
C LEU D 541 -16.37 45.20 -18.16
N LEU D 542 -15.35 45.96 -18.57
CA LEU D 542 -14.96 47.26 -17.94
C LEU D 542 -15.37 48.43 -18.85
N SER D 543 -14.92 49.64 -18.49
CA SER D 543 -15.05 50.89 -19.29
C SER D 543 -14.00 50.91 -20.39
N PRO D 544 -14.37 51.22 -21.65
CA PRO D 544 -13.39 51.47 -22.70
C PRO D 544 -12.38 52.57 -22.33
N GLU D 545 -12.80 53.53 -21.50
CA GLU D 545 -11.98 54.66 -20.97
C GLU D 545 -10.86 54.09 -20.10
N LYS D 546 -11.22 53.30 -19.08
CA LYS D 546 -10.27 52.79 -18.07
C LYS D 546 -9.31 51.78 -18.71
N ALA D 547 -9.85 50.84 -19.50
CA ALA D 547 -9.10 49.80 -20.24
C ALA D 547 -7.91 50.39 -20.99
N ARG D 548 -8.05 51.61 -21.51
CA ARG D 548 -7.01 52.28 -22.33
C ARG D 548 -5.68 52.32 -21.56
N GLY D 549 -5.74 52.25 -20.23
CA GLY D 549 -4.55 52.26 -19.34
C GLY D 549 -3.58 51.13 -19.66
N LEU D 550 -4.09 49.99 -20.13
CA LEU D 550 -3.28 48.82 -20.59
C LEU D 550 -2.05 49.31 -21.33
N LEU D 551 -2.16 50.38 -22.13
CA LEU D 551 -1.06 50.97 -22.96
C LEU D 551 0.15 51.32 -22.10
N ARG D 552 -0.07 51.49 -20.79
CA ARG D 552 0.97 51.82 -19.77
C ARG D 552 1.39 50.55 -19.03
N GLY D 553 0.76 49.41 -19.32
CA GLY D 553 1.15 48.10 -18.79
C GLY D 553 0.54 47.87 -17.42
N GLY D 554 0.54 48.89 -16.58
CA GLY D 554 -0.15 48.90 -15.29
C GLY D 554 -0.85 50.22 -15.07
N TYR D 555 -2.06 50.20 -14.52
CA TYR D 555 -2.84 51.44 -14.27
C TYR D 555 -3.83 51.23 -13.13
N VAL D 556 -4.08 52.31 -12.39
CA VAL D 556 -5.06 52.35 -11.27
C VAL D 556 -6.45 52.20 -11.93
N LEU D 557 -7.20 51.14 -11.60
CA LEU D 557 -8.46 50.81 -12.32
C LEU D 557 -9.64 51.44 -11.57
N GLU D 558 -9.91 51.00 -10.35
CA GLU D 558 -10.88 51.65 -9.44
C GLU D 558 -10.08 52.15 -8.24
N ASP D 559 -9.84 53.46 -8.19
CA ASP D 559 -9.12 54.12 -7.05
C ASP D 559 -10.12 54.37 -5.92
N VAL D 560 -9.60 54.85 -4.80
CA VAL D 560 -10.41 55.24 -3.60
C VAL D 560 -9.76 56.48 -2.99
N GLU D 561 -10.45 57.08 -2.01
CA GLU D 561 -9.97 58.25 -1.22
C GLU D 561 -9.03 57.75 -0.11
N GLU D 562 -7.82 58.34 -0.04
CA GLU D 562 -6.77 58.07 0.98
C GLU D 562 -6.67 56.57 1.20
N PRO D 563 -6.18 55.80 0.20
CA PRO D 563 -6.21 54.33 0.23
C PRO D 563 -5.29 53.69 1.28
N GLN D 564 -5.74 52.62 1.94
CA GLN D 564 -4.97 51.90 3.00
C GLN D 564 -3.97 50.89 2.37
N GLY D 565 -4.17 50.54 1.09
CA GLY D 565 -3.36 49.54 0.34
C GLY D 565 -3.88 49.28 -1.06
N VAL D 566 -3.30 48.31 -1.76
CA VAL D 566 -3.54 48.05 -3.20
C VAL D 566 -3.72 46.53 -3.44
N LEU D 567 -4.76 46.21 -4.22
CA LEU D 567 -4.96 44.87 -4.85
C LEU D 567 -4.47 44.97 -6.30
N VAL D 568 -3.42 44.22 -6.64
CA VAL D 568 -2.78 44.19 -8.00
C VAL D 568 -3.07 42.83 -8.63
N ALA D 569 -3.70 42.84 -9.80
CA ALA D 569 -4.21 41.64 -10.49
C ALA D 569 -3.87 41.71 -11.98
N THR D 570 -3.99 40.58 -12.66
CA THR D 570 -3.77 40.42 -14.12
C THR D 570 -4.93 39.61 -14.65
N GLY D 571 -5.35 39.92 -15.88
CA GLY D 571 -6.35 39.14 -16.60
C GLY D 571 -7.57 38.93 -15.75
N SER D 572 -8.19 37.75 -15.84
CA SER D 572 -9.48 37.39 -15.19
C SER D 572 -9.44 37.77 -13.70
N GLU D 573 -8.28 37.80 -13.05
CA GLU D 573 -8.19 37.96 -11.56
C GLU D 573 -8.39 39.43 -11.18
N VAL D 574 -8.25 40.34 -12.16
CA VAL D 574 -8.64 41.77 -12.07
C VAL D 574 -10.10 41.88 -11.61
N HIS D 575 -11.01 41.07 -12.14
CA HIS D 575 -12.45 41.06 -11.74
C HIS D 575 -12.63 40.53 -10.31
N LEU D 576 -11.92 39.48 -9.94
CA LEU D 576 -11.91 38.93 -8.55
C LEU D 576 -11.38 39.99 -7.57
N ALA D 577 -10.43 40.82 -7.97
CA ALA D 577 -9.81 41.84 -7.09
C ALA D 577 -10.85 42.92 -6.74
N LEU D 578 -11.65 43.37 -7.73
CA LEU D 578 -12.76 44.37 -7.58
C LEU D 578 -13.81 43.87 -6.58
N ARG D 579 -14.31 42.64 -6.77
CA ARG D 579 -15.29 41.99 -5.86
C ARG D 579 -14.71 42.00 -4.43
N ALA D 580 -13.40 41.81 -4.30
CA ALA D 580 -12.68 41.79 -2.99
C ALA D 580 -12.60 43.22 -2.43
N GLN D 581 -12.46 44.20 -3.31
CA GLN D 581 -12.39 45.66 -3.01
C GLN D 581 -13.74 46.09 -2.45
N ALA D 582 -14.83 45.79 -3.18
CA ALA D 582 -16.24 46.10 -2.82
C ALA D 582 -16.63 45.39 -1.51
N LEU D 583 -15.87 44.36 -1.09
CA LEU D 583 -16.13 43.60 0.16
C LEU D 583 -15.28 44.18 1.29
N LEU D 584 -14.15 44.78 0.95
CA LEU D 584 -13.28 45.47 1.93
C LEU D 584 -13.98 46.76 2.40
N ARG D 585 -14.78 47.42 1.54
CA ARG D 585 -15.66 48.56 1.93
C ARG D 585 -16.80 48.06 2.85
N GLU D 586 -17.54 47.02 2.45
CA GLU D 586 -18.56 46.33 3.30
C GLU D 586 -18.08 46.27 4.75
N LYS D 587 -16.79 46.03 4.99
CA LYS D 587 -16.17 45.94 6.35
C LYS D 587 -15.60 47.30 6.78
N GLY D 588 -15.42 48.24 5.84
CA GLY D 588 -14.98 49.63 6.11
C GLY D 588 -13.51 49.86 5.81
N VAL D 589 -12.96 49.21 4.78
CA VAL D 589 -11.53 49.32 4.36
C VAL D 589 -11.51 49.76 2.90
N ARG D 590 -10.56 50.63 2.55
CA ARG D 590 -10.41 51.23 1.20
C ARG D 590 -9.05 50.79 0.62
N VAL D 591 -9.09 50.04 -0.48
CA VAL D 591 -7.90 49.66 -1.30
C VAL D 591 -8.21 49.96 -2.77
N ARG D 592 -7.23 50.50 -3.50
CA ARG D 592 -7.34 50.67 -4.97
C ARG D 592 -7.15 49.28 -5.61
N VAL D 593 -7.64 49.12 -6.84
CA VAL D 593 -7.40 47.94 -7.68
C VAL D 593 -6.67 48.41 -8.94
N VAL D 594 -5.49 47.83 -9.18
CA VAL D 594 -4.53 48.12 -10.29
C VAL D 594 -4.52 46.94 -11.28
N SER D 595 -4.87 47.16 -12.54
CA SER D 595 -4.73 46.17 -13.63
C SER D 595 -3.27 46.18 -14.08
N LEU D 596 -2.62 45.02 -14.07
CA LEU D 596 -1.20 44.81 -14.50
C LEU D 596 -1.12 43.89 -15.72
N PRO D 597 -1.72 44.27 -16.89
CA PRO D 597 -1.72 43.40 -18.06
C PRO D 597 -0.31 42.97 -18.53
N SER D 598 0.73 43.75 -18.24
CA SER D 598 2.12 43.45 -18.64
C SER D 598 3.14 44.10 -17.68
N PHE D 599 4.02 43.27 -17.10
CA PHE D 599 5.16 43.69 -16.24
C PHE D 599 6.18 44.41 -17.10
N GLU D 600 6.31 43.94 -18.33
CA GLU D 600 7.32 44.46 -19.28
C GLU D 600 6.96 45.92 -19.61
N LEU D 601 5.77 46.14 -20.16
CA LEU D 601 5.34 47.46 -20.67
C LEU D 601 5.31 48.43 -19.49
N PHE D 602 4.91 47.93 -18.32
CA PHE D 602 4.89 48.64 -17.01
C PHE D 602 6.30 49.01 -16.54
N ALA D 603 7.22 48.06 -16.39
CA ALA D 603 8.64 48.33 -16.00
C ALA D 603 9.33 49.35 -16.91
N ALA D 604 8.87 49.55 -18.16
CA ALA D 604 9.40 50.54 -19.16
C ALA D 604 8.72 51.91 -19.05
N GLN D 605 7.72 52.06 -18.18
CA GLN D 605 7.12 53.37 -17.78
C GLN D 605 8.08 54.09 -16.82
N PRO D 606 8.11 55.44 -16.77
CA PRO D 606 8.97 56.18 -15.84
C PRO D 606 8.66 55.94 -14.35
N GLU D 607 9.71 55.93 -13.52
CA GLU D 607 9.61 55.61 -12.06
C GLU D 607 8.42 56.37 -11.45
N ALA D 608 8.38 57.69 -11.67
CA ALA D 608 7.28 58.61 -11.30
C ALA D 608 5.92 57.94 -11.48
N TYR D 609 5.65 57.44 -12.69
CA TYR D 609 4.39 56.74 -13.06
C TYR D 609 4.13 55.52 -12.16
N ARG D 610 5.15 54.69 -11.93
CA ARG D 610 5.00 53.38 -11.24
C ARG D 610 4.77 53.62 -9.75
N LYS D 611 5.40 54.65 -9.18
CA LYS D 611 5.26 54.97 -7.73
C LYS D 611 3.87 55.61 -7.54
N GLU D 612 3.38 56.35 -8.54
CA GLU D 612 1.98 56.84 -8.51
C GLU D 612 1.00 55.65 -8.57
N VAL D 613 1.32 54.61 -9.34
CA VAL D 613 0.46 53.39 -9.50
C VAL D 613 0.60 52.52 -8.25
N LEU D 614 1.81 52.35 -7.69
CA LEU D 614 2.03 51.43 -6.54
C LEU D 614 2.67 52.18 -5.38
N PRO D 615 1.99 53.18 -4.78
CA PRO D 615 2.63 54.08 -3.82
C PRO D 615 3.43 53.30 -2.77
N PRO D 616 4.77 53.45 -2.74
CA PRO D 616 5.59 52.72 -1.77
C PRO D 616 5.18 53.05 -0.32
N GLY D 617 5.44 52.12 0.61
CA GLY D 617 4.97 52.23 2.01
C GLY D 617 3.62 51.56 2.21
N LEU D 618 2.71 51.68 1.23
CA LEU D 618 1.38 50.98 1.25
C LEU D 618 1.62 49.48 1.14
N PRO D 619 0.87 48.61 1.86
CA PRO D 619 0.93 47.17 1.63
C PRO D 619 0.19 46.81 0.33
N VAL D 620 0.69 45.83 -0.43
CA VAL D 620 0.08 45.38 -1.72
C VAL D 620 -0.16 43.86 -1.66
N VAL D 621 -1.38 43.42 -2.00
CA VAL D 621 -1.69 42.00 -2.36
C VAL D 621 -1.83 41.85 -3.89
N ALA D 622 -1.18 40.84 -4.47
CA ALA D 622 -1.36 40.40 -5.89
C ALA D 622 -2.36 39.25 -5.96
N VAL D 623 -3.17 39.22 -7.02
CA VAL D 623 -4.10 38.10 -7.34
C VAL D 623 -3.83 37.64 -8.78
N GLU D 624 -3.56 36.33 -8.97
CA GLU D 624 -3.27 35.73 -10.29
C GLU D 624 -3.37 34.19 -10.20
N ALA D 625 -4.22 33.58 -11.03
CA ALA D 625 -4.39 32.11 -11.06
C ALA D 625 -3.16 31.48 -11.71
N GLY D 626 -1.99 31.62 -11.07
CA GLY D 626 -0.69 31.17 -11.60
C GLY D 626 0.32 30.99 -10.48
N ALA D 627 1.53 30.57 -10.80
CA ALA D 627 2.61 30.31 -9.82
C ALA D 627 2.88 31.61 -9.08
N SER D 628 3.39 31.54 -7.85
CA SER D 628 3.51 32.74 -6.96
C SER D 628 4.84 33.42 -7.20
N LEU D 629 5.87 32.64 -7.57
CA LEU D 629 7.28 33.10 -7.56
C LEU D 629 7.39 34.23 -8.58
N GLY D 630 7.92 35.39 -8.13
CA GLY D 630 8.07 36.61 -8.94
C GLY D 630 7.12 37.73 -8.51
N TRP D 631 6.01 37.40 -7.85
CA TRP D 631 5.01 38.42 -7.44
C TRP D 631 5.55 39.27 -6.28
N GLU D 632 6.54 38.76 -5.55
CA GLU D 632 7.30 39.48 -4.48
C GLU D 632 7.99 40.72 -5.07
N ARG D 633 8.13 40.83 -6.39
CA ARG D 633 8.64 42.07 -7.05
C ARG D 633 7.70 43.25 -6.76
N TYR D 634 6.38 43.03 -6.69
CA TYR D 634 5.39 44.12 -6.53
C TYR D 634 4.59 43.97 -5.23
N ALA D 635 4.28 42.74 -4.79
CA ALA D 635 3.28 42.45 -3.74
C ALA D 635 3.99 41.92 -2.49
N HIS D 636 3.41 42.19 -1.32
CA HIS D 636 3.87 41.70 0.02
C HIS D 636 3.22 40.34 0.28
N LYS D 637 1.99 40.18 -0.21
CA LYS D 637 1.20 38.93 -0.15
C LYS D 637 0.68 38.65 -1.56
N VAL D 638 0.71 37.39 -1.97
CA VAL D 638 0.14 36.94 -3.27
C VAL D 638 -1.01 35.96 -2.99
N VAL D 639 -2.11 36.09 -3.71
CA VAL D 639 -3.14 35.01 -3.81
C VAL D 639 -2.88 34.29 -5.14
N ALA D 640 -2.20 33.15 -5.08
CA ALA D 640 -1.64 32.42 -6.23
C ALA D 640 -2.04 30.93 -6.19
N LEU D 641 -1.47 30.14 -7.09
CA LEU D 641 -1.68 28.68 -7.22
C LEU D 641 -0.31 28.06 -7.49
N ASP D 642 0.20 27.34 -6.50
CA ASP D 642 1.53 26.72 -6.52
C ASP D 642 1.30 25.22 -6.42
N ARG D 643 0.33 24.74 -7.18
CA ARG D 643 0.01 23.29 -7.33
C ARG D 643 -0.71 23.11 -8.67
N PHE D 644 -0.68 21.92 -9.22
CA PHE D 644 -1.44 21.58 -10.45
C PHE D 644 -2.93 21.66 -10.14
N GLY D 645 -3.74 21.68 -11.19
CA GLY D 645 -5.16 22.02 -11.12
C GLY D 645 -6.06 20.82 -10.93
N ALA D 646 -7.25 20.83 -11.53
CA ALA D 646 -8.25 19.76 -11.32
C ALA D 646 -9.28 19.78 -12.43
N SER D 647 -9.81 18.59 -12.76
CA SER D 647 -10.90 18.40 -13.73
C SER D 647 -12.19 18.67 -12.97
N ALA D 648 -12.75 19.87 -13.20
CA ALA D 648 -13.97 20.40 -12.52
C ALA D 648 -14.52 21.54 -13.35
N PRO D 649 -15.86 21.74 -13.38
CA PRO D 649 -16.45 22.85 -14.10
C PRO D 649 -16.03 24.19 -13.48
N TYR D 650 -16.12 25.23 -14.31
CA TYR D 650 -16.07 26.65 -13.89
C TYR D 650 -17.48 27.13 -13.58
N PRO D 651 -17.72 27.92 -12.49
CA PRO D 651 -16.66 28.46 -11.63
C PRO D 651 -16.24 27.68 -10.36
N GLU D 652 -16.85 26.51 -10.08
CA GLU D 652 -16.49 25.71 -8.87
C GLU D 652 -14.96 25.54 -8.78
N VAL D 653 -14.27 25.14 -9.86
CA VAL D 653 -12.81 24.82 -9.84
C VAL D 653 -12.02 26.02 -9.30
N TYR D 654 -12.38 27.21 -9.76
CA TYR D 654 -11.68 28.50 -9.50
C TYR D 654 -11.75 28.80 -7.99
N GLU D 655 -12.93 28.56 -7.41
CA GLU D 655 -13.28 28.93 -6.01
C GLU D 655 -12.56 27.97 -5.06
N ARG D 656 -12.72 26.67 -5.28
CA ARG D 656 -12.21 25.61 -4.36
C ARG D 656 -10.67 25.57 -4.38
N LEU D 657 -10.03 26.04 -5.44
CA LEU D 657 -8.55 26.17 -5.46
C LEU D 657 -8.14 27.56 -4.97
N GLY D 658 -9.05 28.31 -4.33
CA GLY D 658 -8.74 29.45 -3.44
C GLY D 658 -8.81 30.82 -4.09
N PHE D 659 -9.54 30.98 -5.20
CA PHE D 659 -9.74 32.27 -5.92
C PHE D 659 -11.17 32.80 -5.64
N THR D 660 -11.40 33.14 -4.37
CA THR D 660 -12.65 33.70 -3.80
C THR D 660 -12.43 35.17 -3.47
N PRO D 661 -13.48 36.02 -3.45
CA PRO D 661 -13.31 37.41 -3.02
C PRO D 661 -12.86 37.46 -1.54
N GLU D 662 -13.31 36.48 -0.76
CA GLU D 662 -13.06 36.38 0.70
C GLU D 662 -11.57 36.16 0.95
N ARG D 663 -10.97 35.19 0.28
CA ARG D 663 -9.53 34.81 0.43
C ARG D 663 -8.62 36.02 0.16
N VAL D 664 -9.00 36.86 -0.82
CA VAL D 664 -8.24 38.07 -1.25
C VAL D 664 -8.33 39.13 -0.13
N ALA D 665 -9.54 39.32 0.39
CA ALA D 665 -9.86 40.18 1.57
C ALA D 665 -9.03 39.71 2.78
N GLU D 666 -9.24 38.46 3.24
CA GLU D 666 -8.46 37.85 4.36
C GLU D 666 -6.99 38.18 4.14
N ALA D 667 -6.54 38.10 2.88
CA ALA D 667 -5.11 38.25 2.49
C ALA D 667 -4.65 39.67 2.84
N PHE D 668 -5.39 40.68 2.43
CA PHE D 668 -5.03 42.11 2.65
C PHE D 668 -5.15 42.46 4.14
N LEU D 669 -6.27 42.08 4.75
CA LEU D 669 -6.53 42.32 6.20
C LEU D 669 -5.40 41.71 7.04
N SER D 670 -4.57 40.82 6.48
CA SER D 670 -3.44 40.19 7.21
C SER D 670 -2.24 41.14 7.18
N LEU D 671 -2.20 42.08 6.23
CA LEU D 671 -1.08 43.03 6.05
C LEU D 671 -1.27 44.26 6.96
N VAL D 672 -2.54 44.56 7.29
CA VAL D 672 -2.97 45.77 8.07
C VAL D 672 -3.70 45.33 9.35
#